data_6U0N
#
_entry.id   6U0N
#
_cell.length_a   1.00
_cell.length_b   1.00
_cell.length_c   1.00
_cell.angle_alpha   90.00
_cell.angle_beta   90.00
_cell.angle_gamma   90.00
#
_symmetry.space_group_name_H-M   'P 1'
#
loop_
_entity.id
_entity.type
_entity.pdbx_description
1 polymer 'Envelope glycoprotein gp120'
2 polymer 'T-cell surface glycoprotein CD4'
3 polymer 'E51 Fab heavy chain'
4 polymer 'E51 Fab light chain'
5 polymer 'Envelope glycoprotein gp41'
6 branched 2-acetamido-2-deoxy-beta-D-glucopyranose-(1-4)-2-acetamido-2-deoxy-beta-D-glucopyranose
7 branched alpha-D-mannopyranose-(1-2)-alpha-D-mannopyranose-(1-3)-beta-D-mannopyranose-(1-4)-2-acetamido-2-deoxy-beta-D-glucopyranose-(1-4)-2-acetamido-2-deoxy-beta-D-glucopyranose
8 non-polymer 2-acetamido-2-deoxy-beta-D-glucopyranose
#
loop_
_entity_poly.entity_id
_entity_poly.type
_entity_poly.pdbx_seq_one_letter_code
_entity_poly.pdbx_strand_id
1 'polypeptide(L)'
;NLWVTVYYGVPVWKDAETTLFCASDAKAYETEKHNVWATHACVPTDPNPQEIHLENVTEEFNMWKNNMVEQMHTDIISLW
DQSLKPCVKLTPLCVTLQCTNVTNNITDDMRGELKNCSFNMTTELRDKKQKVYSLFYRLDVVQINENQGNRSNNSNKEYR
LINCNTSAITQACPKVSFEPIPIHYCAPAGFAILKCKDKKFNGTGPCPSVSTVQCTHGIKPVVSTQLLLNGSLAEEEVMI
RSENITNNAKNILVQFNTPVQINCTRPNNNTRKSIRIGPGQAFYATGDIIGDIRQAHCNVSKATWNETLGKVVKQLRKHF
GNNTIIRFANSSGGDLEVTTHSFNCGGEFFYCNTSGLFNSTWISNTSVQGSNSTGSNDSITLPCRIKQIINMWQRIGQAM
YAPPIQGVIRCVSNITGLILTRDGGSTNSTTETFRPGGGDMRDNWRSELYKYKVVKIEPLGVAPTRCKRRVVGRRRRRR
;
A,B,C
2 'polypeptide(L)'
;KKVVLGKKGDTVELTCTASQKKSIQFHWKNSNQIKILGNQGSFLTKGPSKLNDRADSRRSLWDQGNFPLIIKNLKIEDSD
TYICEVEDQKEEVQLLVFGLTANSDTHLLQGQSLTLTLESPPGSSPSVQCRSPRGKNIQGGKTLSVSQLELQDSGTWTCT
VLQNQKKVEFKIDIVVLAFQKAIDGRHHHHHH
;
D,E,F
3 'polypeptide(L)'
;EVQLVQSGAEVNKPGSSVKVSCQASGATLNSHAFSWVRQAPGQGLEWMAGIIPIFGSSHYAQKFRGRVTISADESTRTVY
LHLRGLRSDDTAVYYCASNSIAGVAAAGD(TYS)AD(TYS)DGGYYYDMDVWGQGTTVTVSSASTKGPSVFPLAPSSKST
SGGTAALGCLVKDYFPEPVTVSWNSGALTSGVHTFPAVLQSSGLYSLSSVVTVPSSSLGTQTYICNVNHKPSNTKVDKRV
EPK
;
H,I,P
4 'polypeptide(L)'
;QSILTQPPSVSAAPGQKVTISCSGSSSNIGNNDVSWYQQFPGTVPKLVIYENNERPSGIPDRFSGSKSGTSATLGITGLQ
TGDEADYYCGTWDSSLSAVVFGGGSKVTVLGQPKAAPSVTLFPPSSEELQANKATLVCLISDFYPGAVTVAWKADSSPVK
AGVETTTPSKQSNNKYAASSYLSLTPEQWKSHRSYSCQVTHEGSTVEKTVAPT
;
J,L,Q
5 'polypeptide(L)'
;AVGIGAVFLGFLGAAGSTMGAASMTLTVQARNLLSGIVQQQSNLLRAPEAQQHLLKLTVWGIKQLQARVLAVERYLRDQQ
LLGIWGCSGKLICCTNVPWNSSWSNRNLSEIWDNMTWLQWDKEISNYTQIIYGLLEESQNQQEKNEQDLLALD
;
X,Y,Z
#
loop_
_chem_comp.id
_chem_comp.type
_chem_comp.name
_chem_comp.formula
BMA D-saccharide, beta linking beta-D-mannopyranose 'C6 H12 O6'
MAN D-saccharide, alpha linking alpha-D-mannopyranose 'C6 H12 O6'
NAG D-saccharide, beta linking 2-acetamido-2-deoxy-beta-D-glucopyranose 'C8 H15 N O6'
#
# COMPACT_ATOMS: atom_id res chain seq x y z
N ASN A 1 -33.12 16.94 54.37
CA ASN A 1 -33.91 15.71 54.27
C ASN A 1 -33.80 15.09 52.89
N LEU A 2 -33.83 15.93 51.86
CA LEU A 2 -33.69 15.47 50.47
C LEU A 2 -32.22 15.53 50.07
N TRP A 3 -31.76 14.49 49.39
CA TRP A 3 -30.33 14.25 49.16
C TRP A 3 -30.04 14.23 47.66
N VAL A 4 -28.81 14.58 47.31
CA VAL A 4 -28.40 14.72 45.92
C VAL A 4 -28.14 13.35 45.33
N THR A 5 -28.77 13.05 44.19
CA THR A 5 -28.47 11.85 43.44
C THR A 5 -27.52 12.19 42.30
N VAL A 6 -27.06 11.16 41.60
CA VAL A 6 -26.33 11.33 40.35
C VAL A 6 -26.90 10.36 39.32
N TYR A 7 -27.10 10.84 38.11
CA TYR A 7 -27.61 10.04 37.01
C TYR A 7 -26.65 10.10 35.84
N TYR A 8 -26.55 9.00 35.11
CA TYR A 8 -25.69 8.93 33.94
C TYR A 8 -26.53 8.55 32.73
N GLY A 9 -26.68 9.47 31.79
CA GLY A 9 -27.45 9.20 30.61
C GLY A 9 -28.66 10.10 30.51
N VAL A 10 -28.54 11.31 31.03
CA VAL A 10 -29.66 12.23 31.03
C VAL A 10 -29.67 12.99 29.71
N PRO A 11 -30.82 13.17 29.10
CA PRO A 11 -30.86 13.89 27.82
C PRO A 11 -30.69 15.40 27.98
N VAL A 12 -29.45 15.84 28.15
CA VAL A 12 -29.14 17.26 28.26
C VAL A 12 -28.14 17.58 27.15
N TRP A 13 -28.22 18.79 26.60
CA TRP A 13 -27.21 19.24 25.66
C TRP A 13 -26.95 20.72 25.82
N LYS A 14 -25.77 21.14 25.34
CA LYS A 14 -25.37 22.53 25.28
C LYS A 14 -25.18 22.90 23.82
N ASP A 15 -24.61 24.08 23.58
CA ASP A 15 -24.35 24.54 22.22
C ASP A 15 -22.84 24.74 22.08
N ALA A 16 -22.18 23.72 21.56
CA ALA A 16 -20.72 23.76 21.42
C ALA A 16 -20.34 24.02 19.97
N GLU A 17 -19.04 24.19 19.75
CA GLU A 17 -18.48 24.67 18.50
C GLU A 17 -17.29 23.81 18.10
N THR A 18 -17.49 22.49 18.04
CA THR A 18 -16.43 21.54 17.75
C THR A 18 -15.98 21.62 16.29
N THR A 19 -15.04 20.76 15.90
CA THR A 19 -14.55 20.74 14.53
C THR A 19 -14.91 19.43 13.84
N LEU A 20 -16.04 19.43 13.14
CA LEU A 20 -16.51 18.25 12.44
C LEU A 20 -15.74 18.03 11.14
N PHE A 21 -15.88 16.83 10.57
CA PHE A 21 -15.21 16.49 9.33
C PHE A 21 -16.18 16.48 8.14
N CYS A 22 -15.84 15.69 7.12
CA CYS A 22 -16.67 15.58 5.93
C CYS A 22 -17.18 14.16 5.74
N ALA A 23 -16.26 13.21 5.69
CA ALA A 23 -16.59 11.79 5.51
C ALA A 23 -17.53 11.57 4.34
N SER A 24 -17.05 11.86 3.14
CA SER A 24 -17.84 11.69 1.92
C SER A 24 -17.70 10.28 1.36
N ASP A 25 -18.27 10.06 0.18
CA ASP A 25 -18.21 8.76 -0.49
C ASP A 25 -17.29 8.79 -1.70
N ALA A 26 -15.98 8.86 -1.45
CA ALA A 26 -15.01 8.89 -2.52
C ALA A 26 -14.65 7.48 -2.95
N LYS A 27 -14.00 7.38 -4.12
CA LYS A 27 -13.74 6.07 -4.70
C LYS A 27 -12.29 5.61 -4.58
N ALA A 28 -11.35 6.54 -4.34
CA ALA A 28 -9.93 6.27 -4.09
C ALA A 28 -9.21 5.60 -5.26
N TYR A 29 -9.78 5.63 -6.45
CA TYR A 29 -9.05 5.34 -7.68
C TYR A 29 -9.28 6.38 -8.76
N GLU A 30 -10.29 7.24 -8.61
CA GLU A 30 -10.64 8.21 -9.62
C GLU A 30 -9.62 9.35 -9.63
N THR A 31 -9.77 10.23 -10.62
CA THR A 31 -9.05 11.49 -10.66
C THR A 31 -10.03 12.60 -11.01
N GLU A 32 -11.17 12.60 -10.33
CA GLU A 32 -12.16 13.65 -10.49
C GLU A 32 -11.75 14.96 -9.84
N LYS A 33 -10.66 14.94 -9.06
CA LYS A 33 -10.03 16.04 -8.31
C LYS A 33 -10.89 16.52 -7.14
N HIS A 34 -12.10 15.98 -6.98
CA HIS A 34 -12.78 15.91 -5.71
C HIS A 34 -12.52 14.58 -5.03
N ASN A 35 -12.58 13.49 -5.81
CA ASN A 35 -12.19 12.17 -5.32
C ASN A 35 -10.71 12.06 -5.02
N VAL A 36 -9.89 12.99 -5.49
CA VAL A 36 -8.51 13.08 -5.02
C VAL A 36 -8.47 13.76 -3.66
N TRP A 37 -9.34 14.74 -3.44
CA TRP A 37 -9.36 15.41 -2.15
C TRP A 37 -10.22 14.68 -1.15
N ALA A 38 -11.37 14.15 -1.56
CA ALA A 38 -12.24 13.47 -0.61
C ALA A 38 -11.70 12.12 -0.17
N THR A 39 -10.71 11.57 -0.85
CA THR A 39 -10.09 10.35 -0.39
C THR A 39 -9.01 10.60 0.64
N HIS A 40 -8.58 11.85 0.83
CA HIS A 40 -7.51 12.15 1.76
C HIS A 40 -8.01 12.81 3.04
N ALA A 41 -8.98 13.70 2.95
CA ALA A 41 -9.40 14.47 4.10
C ALA A 41 -10.76 14.04 4.61
N CYS A 42 -11.35 13.01 4.00
CA CYS A 42 -12.71 12.61 4.35
C CYS A 42 -12.79 11.10 4.43
N VAL A 43 -13.38 10.59 5.52
CA VAL A 43 -13.40 9.16 5.83
C VAL A 43 -14.51 8.52 4.99
N PRO A 44 -14.69 7.20 4.98
CA PRO A 44 -15.88 6.65 4.31
C PRO A 44 -17.14 6.92 5.12
N THR A 45 -18.27 6.83 4.44
CA THR A 45 -19.55 7.10 5.07
C THR A 45 -19.95 5.95 5.98
N ASP A 46 -21.11 6.10 6.63
CA ASP A 46 -21.66 5.03 7.43
C ASP A 46 -22.87 4.46 6.70
N PRO A 47 -22.90 3.16 6.42
CA PRO A 47 -23.98 2.63 5.58
C PRO A 47 -25.30 2.43 6.30
N ASN A 48 -25.28 2.27 7.62
CA ASN A 48 -26.49 2.14 8.43
C ASN A 48 -26.52 3.31 9.40
N PRO A 49 -26.92 4.49 8.94
CA PRO A 49 -26.81 5.68 9.79
C PRO A 49 -27.86 5.70 10.87
N GLN A 50 -27.57 6.44 11.94
CA GLN A 50 -28.45 6.56 13.08
C GLN A 50 -29.28 7.82 12.96
N GLU A 51 -30.58 7.70 13.23
CA GLU A 51 -31.47 8.85 13.17
C GLU A 51 -32.56 8.64 14.21
N ILE A 52 -32.51 9.43 15.27
CA ILE A 52 -33.41 9.28 16.41
C ILE A 52 -34.37 10.45 16.39
N HIS A 53 -35.65 10.16 16.12
CA HIS A 53 -36.67 11.19 16.27
C HIS A 53 -36.89 11.50 17.74
N LEU A 54 -37.37 12.71 18.02
CA LEU A 54 -37.49 13.16 19.38
C LEU A 54 -38.95 13.40 19.74
N GLU A 55 -39.15 13.66 21.04
CA GLU A 55 -40.45 13.98 21.63
C GLU A 55 -40.80 15.44 21.42
N ASN A 56 -41.72 15.96 22.22
CA ASN A 56 -42.11 17.36 22.11
C ASN A 56 -40.98 18.28 22.56
N VAL A 57 -40.05 18.59 21.66
CA VAL A 57 -38.95 19.47 21.96
C VAL A 57 -38.86 20.55 20.88
N THR A 58 -38.80 21.81 21.30
CA THR A 58 -38.68 22.94 20.40
C THR A 58 -37.32 23.58 20.60
N GLU A 59 -36.39 23.28 19.70
CA GLU A 59 -35.06 23.86 19.76
C GLU A 59 -35.04 25.19 19.02
N GLU A 60 -34.32 26.15 19.59
CA GLU A 60 -34.20 27.47 18.99
C GLU A 60 -33.03 27.42 18.02
N PHE A 61 -33.31 27.08 16.77
CA PHE A 61 -32.29 27.02 15.75
C PHE A 61 -31.79 28.42 15.39
N ASN A 62 -30.76 28.45 14.55
CA ASN A 62 -30.32 29.67 13.91
C ASN A 62 -29.69 29.27 12.60
N MET A 63 -29.68 30.20 11.67
CA MET A 63 -29.20 29.94 10.32
C MET A 63 -28.14 30.91 9.87
N TRP A 64 -28.04 32.08 10.49
CA TRP A 64 -27.14 33.11 10.05
C TRP A 64 -25.97 33.34 11.00
N LYS A 65 -25.96 32.66 12.14
CA LYS A 65 -24.80 32.59 13.01
C LYS A 65 -24.38 31.14 13.22
N ASN A 66 -24.67 30.30 12.24
CA ASN A 66 -24.25 28.91 12.28
C ASN A 66 -22.75 28.81 12.04
N ASN A 67 -22.10 27.89 12.75
CA ASN A 67 -20.67 27.73 12.66
C ASN A 67 -20.26 26.41 12.02
N MET A 68 -21.20 25.68 11.42
CA MET A 68 -20.81 24.64 10.49
C MET A 68 -20.42 25.21 9.15
N VAL A 69 -20.78 26.46 8.90
CA VAL A 69 -20.51 27.10 7.62
C VAL A 69 -19.05 27.51 7.54
N GLU A 70 -18.49 28.01 8.64
CA GLU A 70 -17.07 28.33 8.67
C GLU A 70 -16.19 27.09 8.68
N GLN A 71 -16.75 25.91 8.90
CA GLN A 71 -16.02 24.66 8.71
C GLN A 71 -16.42 23.96 7.44
N MET A 72 -17.21 24.61 6.60
CA MET A 72 -17.35 24.22 5.20
C MET A 72 -16.69 25.21 4.27
N HIS A 73 -16.70 26.49 4.61
CA HIS A 73 -15.98 27.48 3.83
C HIS A 73 -14.48 27.32 3.93
N THR A 74 -13.98 26.60 4.92
CA THR A 74 -12.55 26.31 4.97
C THR A 74 -12.20 25.09 4.13
N ASP A 75 -12.98 24.02 4.22
CA ASP A 75 -12.66 22.79 3.52
C ASP A 75 -13.01 22.83 2.04
N ILE A 76 -13.57 23.92 1.54
CA ILE A 76 -13.73 24.09 0.10
C ILE A 76 -12.71 25.07 -0.47
N ILE A 77 -12.30 26.07 0.30
CA ILE A 77 -11.10 26.83 -0.02
C ILE A 77 -9.89 25.90 -0.03
N SER A 78 -9.82 24.99 0.94
CA SER A 78 -8.77 23.98 0.95
C SER A 78 -9.06 22.80 0.05
N LEU A 79 -10.12 22.85 -0.73
CA LEU A 79 -10.29 21.95 -1.87
C LEU A 79 -9.79 22.59 -3.14
N TRP A 80 -10.31 23.78 -3.44
CA TRP A 80 -10.02 24.45 -4.70
C TRP A 80 -8.57 24.87 -4.81
N ASP A 81 -7.90 25.09 -3.69
CA ASP A 81 -6.48 25.44 -3.73
C ASP A 81 -5.60 24.25 -4.07
N GLN A 82 -6.11 23.02 -3.94
CA GLN A 82 -5.39 21.83 -4.34
C GLN A 82 -6.06 21.10 -5.48
N SER A 83 -7.10 21.69 -6.06
CA SER A 83 -7.82 21.06 -7.16
C SER A 83 -7.67 21.84 -8.45
N LEU A 84 -8.03 23.13 -8.45
CA LEU A 84 -7.88 23.97 -9.63
C LEU A 84 -6.66 24.84 -9.41
N LYS A 85 -5.50 24.23 -9.59
CA LYS A 85 -4.25 24.96 -9.48
C LYS A 85 -4.08 25.83 -10.72
N PRO A 86 -3.99 27.13 -10.57
CA PRO A 86 -3.95 28.00 -11.74
C PRO A 86 -2.54 28.11 -12.31
N CYS A 87 -2.36 29.00 -13.28
CA CYS A 87 -1.05 29.27 -13.82
C CYS A 87 -0.44 30.54 -13.27
N VAL A 88 -1.21 31.59 -13.10
CA VAL A 88 -0.71 32.84 -12.51
C VAL A 88 -1.74 33.33 -11.50
N LYS A 89 -1.33 33.48 -10.25
CA LYS A 89 -2.10 34.22 -9.26
C LYS A 89 -1.54 35.62 -9.10
N LEU A 90 -2.37 36.52 -8.57
CA LEU A 90 -1.88 37.85 -8.18
C LEU A 90 -2.55 38.20 -6.85
N THR A 91 -1.93 37.81 -5.75
CA THR A 91 -2.47 38.07 -4.43
C THR A 91 -1.72 39.21 -3.79
N PRO A 92 -2.38 40.27 -3.36
CA PRO A 92 -1.66 41.41 -2.78
C PRO A 92 -1.09 41.09 -1.41
N LEU A 93 -0.11 41.90 -1.00
CA LEU A 93 0.52 41.75 0.31
C LEU A 93 0.22 42.93 1.22
N CYS A 94 0.62 44.14 0.83
CA CYS A 94 0.31 45.42 1.48
C CYS A 94 0.77 45.43 2.94
N VAL A 95 2.08 45.39 3.11
CA VAL A 95 2.70 45.43 4.43
C VAL A 95 2.70 46.88 4.93
N THR A 96 2.35 47.07 6.19
CA THR A 96 2.32 48.38 6.82
C THR A 96 3.72 48.98 6.94
N ARG A 160 -3.59 55.99 7.10
CA ARG A 160 -3.86 56.43 5.74
C ARG A 160 -2.56 56.68 4.97
N LEU A 161 -1.49 56.03 5.42
CA LEU A 161 -0.17 56.12 4.77
C LEU A 161 0.30 54.69 4.54
N ILE A 162 -0.09 54.11 3.41
CA ILE A 162 0.21 52.71 3.12
C ILE A 162 0.21 52.53 1.61
N ASN A 163 0.97 51.52 1.15
CA ASN A 163 1.01 51.15 -0.26
C ASN A 163 1.19 49.64 -0.35
N CYS A 164 0.65 49.05 -1.41
CA CYS A 164 0.50 47.61 -1.51
C CYS A 164 1.22 47.08 -2.74
N ASN A 165 2.04 46.05 -2.56
CA ASN A 165 2.62 45.31 -3.66
C ASN A 165 1.77 44.09 -3.96
N THR A 166 1.83 43.63 -5.21
CA THR A 166 1.07 42.47 -5.68
C THR A 166 2.04 41.42 -6.17
N SER A 167 2.01 40.24 -5.54
CA SER A 167 2.92 39.18 -5.91
C SER A 167 2.41 38.45 -7.16
N ALA A 168 3.17 37.46 -7.61
CA ALA A 168 2.76 36.68 -8.79
C ALA A 168 3.32 35.27 -8.64
N ILE A 169 2.53 34.39 -8.06
CA ILE A 169 2.91 32.99 -7.92
C ILE A 169 2.59 32.26 -9.21
N THR A 170 3.37 31.23 -9.54
CA THR A 170 3.21 30.51 -10.80
C THR A 170 3.37 29.02 -10.53
N GLN A 171 2.26 28.31 -10.47
CA GLN A 171 2.30 26.88 -10.28
C GLN A 171 2.43 26.19 -11.63
N ALA A 172 2.41 24.86 -11.63
CA ALA A 172 2.33 24.07 -12.85
C ALA A 172 0.88 23.68 -13.04
N CYS A 173 0.28 24.13 -14.14
CA CYS A 173 -1.16 24.04 -14.33
C CYS A 173 -1.57 23.07 -15.43
N PRO A 174 -2.04 21.88 -15.10
CA PRO A 174 -2.64 21.02 -16.12
C PRO A 174 -4.14 21.25 -16.25
N LYS A 175 -4.80 20.46 -17.08
CA LYS A 175 -6.25 20.53 -17.23
C LYS A 175 -6.86 19.39 -16.44
N VAL A 176 -7.38 19.71 -15.25
CA VAL A 176 -7.89 18.72 -14.32
C VAL A 176 -9.39 18.64 -14.47
N SER A 177 -9.93 17.42 -14.47
CA SER A 177 -11.37 17.24 -14.44
C SER A 177 -11.90 17.64 -13.06
N PHE A 178 -13.15 18.11 -13.02
CA PHE A 178 -13.64 18.78 -11.82
C PHE A 178 -15.16 18.68 -11.81
N GLU A 179 -15.68 17.74 -11.03
CA GLU A 179 -17.10 17.67 -10.77
C GLU A 179 -17.32 17.50 -9.28
N PRO A 180 -18.32 18.16 -8.71
CA PRO A 180 -18.52 18.08 -7.26
C PRO A 180 -19.26 16.81 -6.87
N ILE A 181 -18.85 16.24 -5.73
CA ILE A 181 -19.46 15.02 -5.20
C ILE A 181 -20.18 15.36 -3.90
N PRO A 182 -21.16 14.58 -3.45
CA PRO A 182 -21.80 14.88 -2.16
C PRO A 182 -20.89 14.59 -0.99
N ILE A 183 -20.69 15.60 -0.14
CA ILE A 183 -19.82 15.53 1.02
C ILE A 183 -20.66 15.76 2.27
N HIS A 184 -20.68 14.79 3.17
CA HIS A 184 -21.42 14.91 4.42
C HIS A 184 -20.62 15.76 5.39
N TYR A 185 -21.10 15.92 6.63
CA TYR A 185 -20.31 16.61 7.65
C TYR A 185 -20.64 15.99 8.99
N CYS A 186 -19.89 14.97 9.39
CA CYS A 186 -20.14 14.28 10.65
C CYS A 186 -19.22 14.81 11.76
N ALA A 187 -19.57 14.49 13.00
CA ALA A 187 -18.79 14.93 14.16
C ALA A 187 -18.24 13.73 14.93
N PRO A 188 -17.30 14.00 15.85
CA PRO A 188 -16.67 12.96 16.67
C PRO A 188 -17.57 12.54 17.84
N ALA A 189 -17.16 11.50 18.55
CA ALA A 189 -17.93 11.00 19.69
C ALA A 189 -18.04 12.05 20.78
N GLY A 190 -19.22 12.15 21.38
CA GLY A 190 -19.46 13.11 22.44
C GLY A 190 -20.30 14.28 21.98
N PHE A 191 -20.66 14.28 20.70
CA PHE A 191 -21.45 15.35 20.12
C PHE A 191 -22.67 14.79 19.37
N ALA A 192 -23.45 15.68 18.77
CA ALA A 192 -24.62 15.28 18.03
C ALA A 192 -25.01 16.43 17.12
N ILE A 193 -25.70 16.09 16.03
CA ILE A 193 -26.21 17.10 15.11
C ILE A 193 -27.72 17.01 15.11
N LEU A 194 -28.36 18.03 15.66
CA LEU A 194 -29.81 18.10 15.59
C LEU A 194 -30.23 18.52 14.19
N LYS A 195 -31.47 18.20 13.84
CA LYS A 195 -31.95 18.36 12.48
C LYS A 195 -33.40 18.77 12.53
N CYS A 196 -33.74 19.86 11.85
CA CYS A 196 -35.08 20.43 11.90
C CYS A 196 -35.92 19.84 10.78
N LYS A 197 -36.90 19.03 11.12
CA LYS A 197 -37.75 18.39 10.13
C LYS A 197 -39.01 19.20 9.82
N ASP A 198 -39.09 20.44 10.29
CA ASP A 198 -40.21 21.31 9.97
C ASP A 198 -40.14 21.72 8.51
N LYS A 199 -41.17 21.36 7.74
CA LYS A 199 -41.21 21.66 6.32
C LYS A 199 -41.73 23.05 6.00
N LYS A 200 -41.79 23.94 6.98
CA LYS A 200 -42.19 25.33 6.77
C LYS A 200 -41.25 26.26 7.52
N PHE A 201 -39.96 25.91 7.54
CA PHE A 201 -39.01 26.53 8.45
C PHE A 201 -38.54 27.87 7.89
N ASN A 202 -38.71 28.94 8.68
CA ASN A 202 -38.23 30.25 8.29
C ASN A 202 -36.73 30.34 8.26
N GLY A 203 -36.04 29.46 8.97
CA GLY A 203 -34.59 29.51 9.06
C GLY A 203 -34.12 29.75 10.48
N THR A 204 -34.77 30.67 11.17
CA THR A 204 -34.50 30.96 12.56
C THR A 204 -35.69 30.55 13.42
N GLY A 205 -35.60 30.85 14.71
CA GLY A 205 -36.71 30.62 15.61
C GLY A 205 -36.92 29.17 15.97
N PRO A 206 -37.92 28.91 16.82
CA PRO A 206 -38.12 27.55 17.35
C PRO A 206 -38.65 26.55 16.35
N CYS A 207 -37.86 25.53 16.05
CA CYS A 207 -38.29 24.44 15.18
C CYS A 207 -38.95 23.37 16.02
N PRO A 208 -40.19 22.98 15.72
CA PRO A 208 -40.89 22.05 16.61
C PRO A 208 -40.58 20.57 16.40
N SER A 209 -40.26 20.18 15.17
CA SER A 209 -40.03 18.76 14.87
C SER A 209 -38.53 18.45 14.75
N VAL A 210 -37.82 18.59 15.87
CA VAL A 210 -36.38 18.38 15.85
C VAL A 210 -36.09 16.90 15.92
N SER A 211 -35.27 16.40 15.00
CA SER A 211 -34.75 15.05 15.06
C SER A 211 -33.29 15.10 15.47
N THR A 212 -32.68 13.93 15.69
CA THR A 212 -31.27 13.86 16.09
C THR A 212 -30.51 12.88 15.20
N VAL A 213 -29.55 13.40 14.45
CA VAL A 213 -28.74 12.57 13.55
C VAL A 213 -27.28 12.99 13.59
N GLN A 214 -26.41 12.11 13.10
CA GLN A 214 -24.97 12.38 13.07
C GLN A 214 -24.63 13.49 12.10
N CYS A 215 -24.60 13.17 10.81
CA CYS A 215 -24.28 14.14 9.78
C CYS A 215 -25.47 14.39 8.86
N THR A 216 -25.36 15.40 8.00
CA THR A 216 -26.43 15.74 7.07
C THR A 216 -26.33 14.95 5.77
N HIS A 217 -27.13 15.34 4.78
CA HIS A 217 -27.13 14.68 3.49
C HIS A 217 -25.92 15.08 2.65
N GLY A 218 -25.65 14.31 1.60
CA GLY A 218 -24.53 14.58 0.72
C GLY A 218 -24.63 15.95 0.09
N ILE A 219 -24.00 16.93 0.74
CA ILE A 219 -24.01 18.30 0.24
C ILE A 219 -22.94 18.53 -0.82
N LYS A 220 -23.37 18.76 -2.05
CA LYS A 220 -22.45 19.00 -3.15
C LYS A 220 -21.99 20.45 -3.15
N PRO A 221 -20.68 20.67 -2.96
CA PRO A 221 -20.12 22.01 -2.92
C PRO A 221 -20.13 22.69 -4.28
N VAL A 222 -21.31 23.11 -4.73
CA VAL A 222 -21.48 23.69 -6.05
C VAL A 222 -21.33 25.19 -5.91
N VAL A 223 -20.18 25.70 -6.34
CA VAL A 223 -19.91 27.12 -6.32
C VAL A 223 -20.63 27.78 -7.48
N SER A 224 -21.39 28.83 -7.19
CA SER A 224 -22.11 29.57 -8.22
C SER A 224 -22.39 30.97 -7.69
N THR A 225 -22.74 31.86 -8.61
CA THR A 225 -23.34 33.14 -8.25
C THR A 225 -24.61 33.31 -9.05
N GLN A 226 -25.53 34.11 -8.51
CA GLN A 226 -26.86 34.46 -9.04
C GLN A 226 -27.85 33.30 -9.05
N LEU A 227 -27.39 32.09 -8.80
CA LEU A 227 -28.22 30.89 -8.78
C LEU A 227 -27.53 29.89 -7.87
N LEU A 228 -28.20 28.78 -7.61
CA LEU A 228 -27.71 27.74 -6.70
C LEU A 228 -27.93 26.40 -7.40
N LEU A 229 -26.96 25.97 -8.17
CA LEU A 229 -27.15 24.77 -8.97
C LEU A 229 -27.03 23.52 -8.11
N ASN A 230 -27.70 22.46 -8.56
CA ASN A 230 -27.58 21.09 -8.08
C ASN A 230 -27.89 20.90 -6.61
N GLY A 231 -28.55 21.85 -5.96
CA GLY A 231 -28.82 21.78 -4.54
C GLY A 231 -29.96 20.85 -4.21
N SER A 232 -30.58 21.10 -3.06
CA SER A 232 -31.67 20.27 -2.58
C SER A 232 -32.95 21.07 -2.54
N LEU A 233 -34.05 20.36 -2.76
CA LEU A 233 -35.36 20.97 -3.00
C LEU A 233 -36.17 21.04 -1.72
N ALA A 234 -37.02 22.06 -1.64
CA ALA A 234 -37.91 22.19 -0.50
C ALA A 234 -38.98 21.11 -0.53
N GLU A 235 -39.64 20.93 0.61
CA GLU A 235 -40.59 19.82 0.73
C GLU A 235 -41.93 20.16 0.08
N GLU A 236 -42.54 21.27 0.49
CA GLU A 236 -43.89 21.60 0.02
C GLU A 236 -43.92 22.85 -0.85
N GLU A 237 -43.49 23.99 -0.33
CA GLU A 237 -43.62 25.25 -1.03
C GLU A 237 -42.26 25.94 -1.10
N VAL A 238 -42.21 26.99 -1.93
CA VAL A 238 -41.01 27.80 -2.06
C VAL A 238 -40.74 28.54 -0.77
N MET A 239 -39.56 28.35 -0.21
CA MET A 239 -39.16 29.01 1.03
C MET A 239 -38.36 30.26 0.72
N ILE A 240 -38.48 31.25 1.59
CA ILE A 240 -37.78 32.52 1.43
C ILE A 240 -37.16 32.88 2.77
N ARG A 241 -35.83 32.94 2.82
CA ARG A 241 -35.08 33.08 4.05
C ARG A 241 -34.18 34.29 3.99
N SER A 242 -34.14 35.06 5.08
CA SER A 242 -33.19 36.15 5.20
C SER A 242 -32.98 36.43 6.68
N GLU A 243 -31.82 37.02 6.98
CA GLU A 243 -31.49 37.35 8.37
C GLU A 243 -32.37 38.48 8.87
N ASN A 244 -32.68 39.44 8.01
CA ASN A 244 -33.57 40.54 8.35
C ASN A 244 -34.10 41.07 7.03
N ILE A 245 -35.35 40.69 6.70
CA ILE A 245 -36.02 41.30 5.56
C ILE A 245 -36.30 42.75 5.92
N THR A 246 -36.23 43.64 4.90
CA THR A 246 -36.24 45.10 5.01
C THR A 246 -34.99 45.62 5.75
N ASN A 247 -33.87 44.93 5.58
CA ASN A 247 -32.56 45.50 5.86
C ASN A 247 -31.89 46.03 4.61
N ASN A 248 -32.33 45.55 3.43
CA ASN A 248 -31.94 46.01 2.09
C ASN A 248 -30.49 45.66 1.74
N ALA A 249 -29.74 45.10 2.68
CA ALA A 249 -28.36 44.69 2.46
C ALA A 249 -28.14 43.24 2.83
N LYS A 250 -29.20 42.47 3.04
CA LYS A 250 -29.12 41.05 3.33
C LYS A 250 -29.64 40.28 2.15
N ASN A 251 -28.89 39.26 1.74
CA ASN A 251 -29.23 38.52 0.54
C ASN A 251 -30.37 37.56 0.82
N ILE A 252 -31.49 37.77 0.14
CA ILE A 252 -32.65 36.92 0.26
C ILE A 252 -32.39 35.59 -0.42
N LEU A 253 -32.09 34.56 0.36
CA LEU A 253 -32.04 33.23 -0.20
C LEU A 253 -33.45 32.78 -0.57
N VAL A 254 -33.55 32.01 -1.64
CA VAL A 254 -34.81 31.47 -2.13
C VAL A 254 -34.53 30.03 -2.55
N GLN A 255 -35.32 29.10 -2.06
CA GLN A 255 -35.24 27.73 -2.53
C GLN A 255 -36.37 27.48 -3.53
N PHE A 256 -36.27 26.36 -4.24
CA PHE A 256 -37.31 25.94 -5.15
C PHE A 256 -37.91 24.62 -4.69
N ASN A 257 -39.19 24.44 -4.95
CA ASN A 257 -39.84 23.15 -4.74
C ASN A 257 -39.87 22.31 -6.01
N THR A 258 -39.12 22.70 -7.04
CA THR A 258 -39.05 21.98 -8.30
C THR A 258 -37.72 22.28 -8.97
N PRO A 259 -37.15 21.33 -9.71
CA PRO A 259 -35.92 21.63 -10.43
C PRO A 259 -36.21 22.35 -11.74
N VAL A 260 -35.47 23.44 -11.99
CA VAL A 260 -35.49 24.14 -13.26
C VAL A 260 -34.26 23.73 -14.04
N GLN A 261 -34.39 22.72 -14.90
CA GLN A 261 -33.23 22.17 -15.56
C GLN A 261 -32.64 23.15 -16.56
N ILE A 262 -31.33 23.08 -16.74
CA ILE A 262 -30.60 24.07 -17.52
C ILE A 262 -29.50 23.36 -18.31
N ASN A 263 -29.64 23.33 -19.62
CA ASN A 263 -28.63 22.77 -20.51
C ASN A 263 -27.72 23.92 -20.93
N CYS A 264 -26.42 23.76 -20.70
CA CYS A 264 -25.51 24.88 -20.85
C CYS A 264 -24.22 24.31 -21.42
N THR A 265 -23.97 24.54 -22.71
CA THR A 265 -22.99 23.76 -23.45
C THR A 265 -22.13 24.61 -24.35
N ARG A 266 -20.99 24.04 -24.74
CA ARG A 266 -20.08 24.62 -25.71
C ARG A 266 -20.03 23.69 -26.92
N PRO A 267 -20.53 24.11 -28.08
CA PRO A 267 -20.57 23.18 -29.22
C PRO A 267 -19.25 23.11 -29.95
N ASN A 268 -19.22 22.39 -31.06
CA ASN A 268 -18.03 22.33 -31.91
C ASN A 268 -18.15 23.28 -33.08
N ASP A 292 -15.19 30.31 -32.65
CA ASP A 292 -14.85 30.89 -31.36
C ASP A 292 -14.98 29.85 -30.26
N ILE A 293 -13.86 29.53 -29.61
CA ILE A 293 -13.87 28.49 -28.59
C ILE A 293 -14.48 28.96 -27.28
N ARG A 294 -14.56 30.27 -27.04
CA ARG A 294 -15.23 30.81 -25.87
C ARG A 294 -16.62 31.32 -26.26
N GLN A 295 -17.50 30.38 -26.57
CA GLN A 295 -18.87 30.72 -26.94
C GLN A 295 -19.79 29.63 -26.42
N ALA A 296 -20.80 30.02 -25.65
CA ALA A 296 -21.68 29.03 -25.04
C ALA A 296 -23.09 29.60 -24.90
N HIS A 297 -24.05 28.94 -25.50
CA HIS A 297 -25.45 29.23 -25.21
C HIS A 297 -25.87 28.41 -24.01
N CYS A 298 -27.07 28.69 -23.49
CA CYS A 298 -27.47 28.08 -22.23
C CYS A 298 -28.98 27.96 -22.22
N ASN A 299 -29.49 26.78 -22.59
CA ASN A 299 -30.91 26.60 -22.81
C ASN A 299 -31.63 26.32 -21.50
N VAL A 300 -32.66 27.11 -21.22
CA VAL A 300 -33.58 26.87 -20.11
C VAL A 300 -35.00 27.13 -20.61
N SER A 301 -35.93 26.25 -20.26
CA SER A 301 -37.27 26.28 -20.83
C SER A 301 -38.08 27.44 -20.28
N LYS A 302 -38.79 28.15 -21.17
CA LYS A 302 -39.64 29.25 -20.76
C LYS A 302 -40.96 28.80 -20.14
N ALA A 303 -41.32 27.52 -20.30
CA ALA A 303 -42.51 27.00 -19.63
C ALA A 303 -42.24 26.76 -18.15
N THR A 304 -41.20 25.99 -17.86
CA THR A 304 -40.89 25.65 -16.47
C THR A 304 -40.32 26.81 -15.68
N TRP A 305 -39.81 27.84 -16.36
CA TRP A 305 -39.27 28.97 -15.62
C TRP A 305 -40.33 30.00 -15.27
N ASN A 306 -41.29 30.22 -16.15
CA ASN A 306 -42.31 31.22 -15.89
C ASN A 306 -43.27 30.78 -14.79
N GLU A 307 -43.50 29.48 -14.67
CA GLU A 307 -44.23 28.95 -13.52
C GLU A 307 -43.42 29.12 -12.24
N THR A 308 -42.14 28.73 -12.28
CA THR A 308 -41.34 28.68 -11.06
C THR A 308 -40.93 30.08 -10.59
N LEU A 309 -40.79 31.02 -11.52
CA LEU A 309 -40.67 32.41 -11.10
C LEU A 309 -42.00 32.98 -10.63
N GLY A 310 -43.12 32.38 -11.04
CA GLY A 310 -44.40 32.85 -10.55
C GLY A 310 -44.70 32.40 -9.14
N LYS A 311 -44.19 31.24 -8.73
CA LYS A 311 -44.40 30.77 -7.36
C LYS A 311 -43.67 31.64 -6.36
N VAL A 312 -42.56 32.25 -6.76
CA VAL A 312 -41.79 33.11 -5.87
C VAL A 312 -42.55 34.41 -5.60
N VAL A 313 -43.31 34.89 -6.58
CA VAL A 313 -44.06 36.13 -6.42
C VAL A 313 -45.21 35.97 -5.42
N LYS A 314 -45.76 34.77 -5.30
CA LYS A 314 -46.71 34.50 -4.23
C LYS A 314 -46.05 34.61 -2.87
N GLN A 315 -44.94 33.89 -2.68
CA GLN A 315 -44.20 33.87 -1.42
C GLN A 315 -43.49 35.19 -1.13
N LEU A 316 -43.33 36.07 -2.12
CA LEU A 316 -42.75 37.38 -1.85
C LEU A 316 -43.79 38.38 -1.40
N ARG A 317 -45.03 38.28 -1.88
CA ARG A 317 -46.06 39.19 -1.43
C ARG A 317 -46.59 38.84 -0.04
N LYS A 318 -46.20 37.68 0.49
CA LYS A 318 -46.54 37.34 1.86
C LYS A 318 -45.88 38.27 2.86
N HIS A 319 -44.67 38.72 2.56
CA HIS A 319 -43.93 39.63 3.43
C HIS A 319 -44.01 41.07 2.97
N PHE A 320 -44.79 41.37 1.91
CA PHE A 320 -44.68 42.67 1.28
C PHE A 320 -46.00 43.35 0.92
N GLY A 321 -47.14 42.88 1.41
CA GLY A 321 -48.35 43.68 1.45
C GLY A 321 -49.48 43.25 0.53
N ASN A 322 -49.27 42.28 -0.37
CA ASN A 322 -50.29 41.68 -1.23
C ASN A 322 -50.94 42.69 -2.19
N ASN A 323 -50.28 43.83 -2.44
CA ASN A 323 -50.77 44.78 -3.43
C ASN A 323 -49.66 45.46 -4.22
N THR A 324 -48.41 45.12 -4.00
CA THR A 324 -47.28 45.82 -4.59
C THR A 324 -46.78 45.09 -5.83
N ILE A 325 -46.22 45.85 -6.76
CA ILE A 325 -45.68 45.28 -7.99
C ILE A 325 -44.26 44.81 -7.73
N ILE A 326 -43.92 43.65 -8.28
CA ILE A 326 -42.63 43.01 -8.06
C ILE A 326 -41.89 42.97 -9.39
N ARG A 327 -40.74 43.61 -9.45
CA ARG A 327 -40.01 43.80 -10.69
C ARG A 327 -38.64 43.13 -10.59
N PHE A 328 -38.36 42.23 -11.52
CA PHE A 328 -37.10 41.50 -11.56
C PHE A 328 -36.18 42.16 -12.58
N ALA A 329 -35.19 42.91 -12.09
CA ALA A 329 -34.18 43.49 -12.97
C ALA A 329 -33.09 42.46 -13.25
N ASN A 330 -32.03 42.85 -13.95
CA ASN A 330 -31.03 41.88 -14.35
C ASN A 330 -29.84 41.83 -13.39
N SER A 331 -29.16 42.95 -13.17
CA SER A 331 -28.12 43.14 -12.15
C SER A 331 -27.84 44.63 -12.10
N SER A 332 -26.81 45.02 -11.33
CA SER A 332 -26.37 46.41 -11.32
C SER A 332 -24.88 46.42 -10.96
N GLY A 333 -24.03 46.50 -11.97
CA GLY A 333 -22.62 46.76 -11.76
C GLY A 333 -21.87 45.64 -11.05
N GLY A 334 -20.67 46.00 -10.62
CA GLY A 334 -19.82 45.06 -9.92
C GLY A 334 -18.94 44.27 -10.86
N ASP A 335 -18.31 43.25 -10.29
CA ASP A 335 -17.43 42.40 -11.06
C ASP A 335 -18.24 41.46 -11.94
N LEU A 336 -17.56 40.81 -12.87
CA LEU A 336 -18.25 39.94 -13.81
C LEU A 336 -18.70 38.64 -13.17
N GLU A 337 -18.16 38.29 -12.01
CA GLU A 337 -18.56 37.05 -11.38
C GLU A 337 -19.88 37.19 -10.63
N VAL A 338 -20.19 38.39 -10.14
CA VAL A 338 -21.42 38.61 -9.39
C VAL A 338 -22.53 39.18 -10.26
N THR A 339 -22.21 39.74 -11.42
CA THR A 339 -23.22 40.32 -12.29
C THR A 339 -23.73 39.33 -13.32
N THR A 340 -23.11 38.15 -13.41
CA THR A 340 -23.51 37.11 -14.33
C THR A 340 -23.44 35.78 -13.61
N HIS A 341 -24.19 34.79 -14.10
CA HIS A 341 -24.27 33.49 -13.46
C HIS A 341 -22.97 32.75 -13.70
N SER A 342 -22.00 33.06 -12.86
CA SER A 342 -20.68 32.45 -12.95
C SER A 342 -20.70 31.09 -12.27
N PHE A 343 -20.22 30.08 -12.97
CA PHE A 343 -20.10 28.76 -12.37
C PHE A 343 -18.90 28.06 -12.98
N ASN A 344 -18.81 26.76 -12.79
CA ASN A 344 -17.73 25.97 -13.32
C ASN A 344 -18.31 24.72 -13.94
N CYS A 345 -17.65 24.21 -14.98
CA CYS A 345 -18.19 23.07 -15.72
C CYS A 345 -17.01 22.31 -16.34
N GLY A 346 -16.56 21.27 -15.67
CA GLY A 346 -15.43 20.50 -16.15
C GLY A 346 -14.11 21.23 -16.15
N GLY A 347 -13.93 22.17 -15.23
CA GLY A 347 -12.72 22.95 -15.16
C GLY A 347 -12.77 24.28 -15.89
N GLU A 348 -13.77 24.49 -16.74
CA GLU A 348 -13.87 25.70 -17.55
C GLU A 348 -14.83 26.67 -16.87
N PHE A 349 -14.36 27.89 -16.61
CA PHE A 349 -15.12 28.87 -15.85
C PHE A 349 -16.09 29.61 -16.77
N PHE A 350 -17.33 29.12 -16.83
CA PHE A 350 -18.37 29.74 -17.62
C PHE A 350 -18.79 31.06 -16.99
N TYR A 351 -19.38 31.94 -17.80
CA TYR A 351 -19.90 33.23 -17.32
C TYR A 351 -21.18 33.54 -18.09
N CYS A 352 -22.32 33.13 -17.56
CA CYS A 352 -23.58 33.20 -18.30
C CYS A 352 -24.33 34.48 -17.97
N ASN A 353 -24.77 35.18 -19.02
CA ASN A 353 -25.54 36.41 -18.90
C ASN A 353 -27.00 36.05 -18.71
N THR A 354 -27.57 36.44 -17.57
CA THR A 354 -28.93 36.11 -17.21
C THR A 354 -29.84 37.33 -17.24
N SER A 355 -29.67 38.21 -18.22
CA SER A 355 -30.57 39.35 -18.34
C SER A 355 -31.92 38.92 -18.89
N GLY A 356 -31.96 37.85 -19.67
CA GLY A 356 -33.21 37.35 -20.21
C GLY A 356 -33.81 36.26 -19.35
N LEU A 357 -33.53 36.31 -18.06
CA LEU A 357 -34.07 35.38 -17.08
C LEU A 357 -34.85 36.07 -15.98
N PHE A 358 -34.38 37.22 -15.51
CA PHE A 358 -35.12 38.08 -14.60
C PHE A 358 -35.37 39.38 -15.35
N ASN A 359 -36.51 39.47 -16.03
CA ASN A 359 -36.83 40.66 -16.81
C ASN A 359 -38.25 41.15 -16.66
N SER A 360 -39.15 40.36 -16.07
CA SER A 360 -40.57 40.67 -16.10
C SER A 360 -40.93 41.73 -15.07
N THR A 361 -42.21 42.03 -14.96
CA THR A 361 -42.73 42.94 -13.94
C THR A 361 -44.14 42.49 -13.61
N TRP A 362 -44.37 42.09 -12.36
CA TRP A 362 -45.57 41.36 -11.97
C TRP A 362 -46.57 42.29 -11.31
N ILE A 363 -47.84 42.14 -11.70
CA ILE A 363 -48.93 42.93 -11.17
C ILE A 363 -49.88 41.99 -10.43
N SER A 364 -50.79 42.58 -9.66
CA SER A 364 -51.74 41.82 -8.85
C SER A 364 -52.80 41.15 -9.71
N ASP A 378 -40.08 29.50 -26.08
CA ASP A 378 -40.07 28.15 -25.54
C ASP A 378 -38.88 27.89 -24.64
N SER A 379 -37.69 28.22 -25.14
CA SER A 379 -36.45 28.00 -24.39
C SER A 379 -35.55 29.21 -24.57
N ILE A 380 -35.20 29.86 -23.48
CA ILE A 380 -34.35 31.04 -23.54
C ILE A 380 -32.91 30.58 -23.70
N THR A 381 -32.14 31.30 -24.51
CA THR A 381 -30.72 31.09 -24.63
C THR A 381 -29.99 32.22 -23.90
N LEU A 382 -28.90 31.88 -23.25
CA LEU A 382 -28.13 32.83 -22.47
C LEU A 382 -26.69 32.87 -22.97
N PRO A 383 -26.17 34.05 -23.30
CA PRO A 383 -24.85 34.15 -23.94
C PRO A 383 -23.66 34.01 -22.98
N CYS A 384 -23.29 32.77 -22.69
CA CYS A 384 -22.17 32.52 -21.80
C CYS A 384 -20.84 32.65 -22.54
N ARG A 385 -19.84 33.13 -21.83
CA ARG A 385 -18.52 33.41 -22.37
C ARG A 385 -17.51 32.80 -21.41
N ILE A 386 -16.88 31.69 -21.83
CA ILE A 386 -15.83 31.08 -21.02
C ILE A 386 -14.67 32.05 -20.88
N LYS A 387 -14.24 32.28 -19.65
CA LYS A 387 -13.18 33.24 -19.40
C LYS A 387 -11.96 32.53 -18.85
N GLN A 388 -10.83 33.22 -18.93
CA GLN A 388 -9.56 32.69 -18.46
C GLN A 388 -8.88 33.55 -17.41
N ILE A 389 -9.25 34.83 -17.30
CA ILE A 389 -8.71 35.68 -16.25
C ILE A 389 -9.84 36.05 -15.31
N ILE A 390 -10.01 35.26 -14.26
CA ILE A 390 -11.14 35.39 -13.35
C ILE A 390 -10.67 36.00 -12.05
N ASN A 391 -11.63 36.40 -11.22
CA ASN A 391 -11.36 36.73 -9.84
C ASN A 391 -11.54 35.49 -8.98
N MET A 392 -10.84 35.47 -7.86
CA MET A 392 -10.95 34.36 -6.94
C MET A 392 -12.04 34.64 -5.93
N TRP A 393 -12.78 33.60 -5.56
CA TRP A 393 -13.74 33.73 -4.47
C TRP A 393 -13.15 33.35 -3.13
N GLN A 394 -12.04 32.61 -3.11
CA GLN A 394 -11.35 32.25 -1.88
C GLN A 394 -10.83 33.49 -1.20
N ARG A 395 -9.92 34.18 -1.87
CA ARG A 395 -9.30 35.38 -1.33
C ARG A 395 -9.44 36.50 -2.35
N ILE A 396 -8.77 37.61 -2.11
CA ILE A 396 -8.79 38.73 -3.03
C ILE A 396 -7.60 38.59 -3.97
N GLY A 397 -7.87 38.55 -5.27
CA GLY A 397 -6.80 38.48 -6.25
C GLY A 397 -7.14 37.66 -7.47
N GLN A 398 -6.69 38.10 -8.63
CA GLN A 398 -7.07 37.48 -9.88
C GLN A 398 -6.35 36.15 -10.09
N ALA A 399 -6.85 35.37 -11.04
CA ALA A 399 -6.25 34.12 -11.42
C ALA A 399 -6.32 33.99 -12.93
N MET A 400 -5.27 33.45 -13.54
CA MET A 400 -5.19 33.28 -14.98
C MET A 400 -4.95 31.82 -15.29
N TYR A 401 -5.81 31.24 -16.10
CA TYR A 401 -5.81 29.80 -16.28
C TYR A 401 -5.33 29.42 -17.68
N ALA A 402 -5.39 28.13 -17.96
CA ALA A 402 -5.01 27.56 -19.23
C ALA A 402 -6.08 27.87 -20.28
N PRO A 403 -5.77 27.73 -21.57
CA PRO A 403 -6.83 27.83 -22.58
C PRO A 403 -7.74 26.63 -22.50
N PRO A 404 -9.00 26.77 -22.93
CA PRO A 404 -9.97 25.68 -22.76
C PRO A 404 -9.65 24.49 -23.64
N ILE A 405 -10.27 23.36 -23.29
CA ILE A 405 -9.97 22.09 -23.95
C ILE A 405 -10.62 22.04 -25.32
N GLN A 406 -10.18 21.10 -26.14
CA GLN A 406 -10.80 20.84 -27.43
C GLN A 406 -11.86 19.76 -27.26
N GLY A 407 -13.03 19.97 -27.85
CA GLY A 407 -14.13 19.05 -27.76
C GLY A 407 -15.36 19.72 -27.22
N VAL A 408 -16.40 18.93 -27.06
CA VAL A 408 -17.67 19.43 -26.55
C VAL A 408 -17.58 19.51 -25.02
N ILE A 409 -18.26 20.50 -24.45
CA ILE A 409 -18.30 20.73 -23.01
C ILE A 409 -19.76 20.81 -22.61
N ARG A 410 -20.20 19.91 -21.74
CA ARG A 410 -21.60 19.82 -21.37
C ARG A 410 -21.78 19.61 -19.87
N CYS A 411 -22.80 20.26 -19.31
CA CYS A 411 -23.21 20.08 -17.92
C CYS A 411 -24.68 20.46 -17.78
N VAL A 412 -25.51 19.45 -17.55
CA VAL A 412 -26.94 19.64 -17.33
C VAL A 412 -27.21 19.61 -15.82
N SER A 413 -27.73 20.71 -15.30
CA SER A 413 -27.88 20.90 -13.87
C SER A 413 -29.30 21.31 -13.53
N ASN A 414 -29.62 21.32 -12.24
CA ASN A 414 -30.91 21.79 -11.75
C ASN A 414 -30.73 23.09 -11.01
N ILE A 415 -31.35 24.16 -11.50
CA ILE A 415 -31.40 25.38 -10.70
C ILE A 415 -32.39 25.16 -9.57
N THR A 416 -31.88 24.93 -8.37
CA THR A 416 -32.74 24.72 -7.21
C THR A 416 -32.60 25.86 -6.21
N GLY A 417 -32.23 27.04 -6.66
CA GLY A 417 -32.07 28.12 -5.71
C GLY A 417 -31.99 29.46 -6.40
N LEU A 418 -31.98 30.49 -5.58
CA LEU A 418 -31.85 31.86 -6.04
C LEU A 418 -31.22 32.66 -4.92
N ILE A 419 -30.52 33.72 -5.28
CA ILE A 419 -30.08 34.73 -4.32
C ILE A 419 -30.53 36.06 -4.92
N LEU A 420 -31.71 36.52 -4.54
CA LEU A 420 -32.17 37.82 -4.99
C LEU A 420 -31.65 38.88 -4.02
N THR A 421 -32.02 40.14 -4.27
CA THR A 421 -31.65 41.24 -3.39
C THR A 421 -32.59 42.38 -3.70
N ARG A 422 -33.24 42.93 -2.68
CA ARG A 422 -34.13 44.05 -2.90
C ARG A 422 -33.33 45.33 -3.09
N ASP A 423 -34.00 46.34 -3.64
CA ASP A 423 -33.45 47.69 -3.78
C ASP A 423 -34.49 48.64 -3.19
N GLY A 424 -34.42 48.84 -1.88
CA GLY A 424 -35.45 49.56 -1.17
C GLY A 424 -35.46 51.05 -1.44
N GLY A 425 -36.44 51.52 -2.19
CA GLY A 425 -36.54 52.93 -2.53
C GLY A 425 -37.75 53.60 -1.94
N SER A 426 -38.28 54.61 -2.65
CA SER A 426 -39.45 55.33 -2.19
C SER A 426 -40.38 55.65 -3.35
N THR A 430 -45.88 51.55 -3.57
CA THR A 430 -44.83 51.59 -4.56
C THR A 430 -44.28 50.19 -4.81
N THR A 431 -43.60 50.01 -5.94
CA THR A 431 -43.13 48.71 -6.38
C THR A 431 -41.77 48.39 -5.77
N GLU A 432 -41.41 47.10 -5.85
CA GLU A 432 -40.14 46.61 -5.33
C GLU A 432 -39.33 46.00 -6.47
N THR A 433 -38.05 46.36 -6.53
CA THR A 433 -37.14 45.92 -7.57
C THR A 433 -36.23 44.84 -7.01
N PHE A 434 -36.39 43.61 -7.48
CA PHE A 434 -35.64 42.45 -6.97
C PHE A 434 -34.57 42.08 -7.99
N ARG A 435 -33.39 42.67 -7.84
CA ARG A 435 -32.32 42.27 -8.73
C ARG A 435 -31.48 41.19 -8.06
N PRO A 436 -31.04 40.17 -8.78
CA PRO A 436 -30.32 39.06 -8.16
C PRO A 436 -28.88 39.44 -7.82
N GLY A 437 -28.21 38.53 -7.15
CA GLY A 437 -26.85 38.77 -6.72
C GLY A 437 -26.26 37.51 -6.13
N GLY A 438 -25.18 37.67 -5.40
CA GLY A 438 -24.51 36.54 -4.79
C GLY A 438 -23.07 36.90 -4.45
N GLY A 439 -22.21 35.90 -4.49
CA GLY A 439 -20.79 36.16 -4.40
C GLY A 439 -20.12 35.77 -3.11
N ASP A 440 -20.74 36.08 -1.97
CA ASP A 440 -20.27 35.54 -0.71
C ASP A 440 -20.64 34.08 -0.68
N MET A 441 -19.64 33.20 -0.83
CA MET A 441 -19.94 31.81 -1.11
C MET A 441 -20.45 31.06 0.10
N ARG A 442 -20.39 31.65 1.28
CA ARG A 442 -21.02 31.06 2.46
C ARG A 442 -22.52 30.91 2.28
N ASP A 443 -23.15 31.84 1.55
CA ASP A 443 -24.57 31.78 1.29
C ASP A 443 -24.96 30.61 0.40
N ASN A 444 -24.03 30.08 -0.40
CA ASN A 444 -24.33 28.87 -1.15
C ASN A 444 -24.50 27.69 -0.21
N TRP A 445 -23.62 27.57 0.77
CA TRP A 445 -23.62 26.45 1.69
C TRP A 445 -24.45 26.70 2.92
N ARG A 446 -24.80 27.96 3.18
CA ARG A 446 -25.80 28.28 4.20
C ARG A 446 -27.17 27.74 3.82
N SER A 447 -27.45 27.63 2.53
CA SER A 447 -28.74 27.13 2.08
C SER A 447 -28.83 25.62 2.10
N GLU A 448 -27.78 24.92 2.50
CA GLU A 448 -27.85 23.48 2.68
C GLU A 448 -27.54 23.03 4.09
N LEU A 449 -26.80 23.81 4.86
CA LEU A 449 -26.65 23.60 6.30
C LEU A 449 -27.64 24.42 7.10
N TYR A 450 -28.82 24.65 6.55
CA TYR A 450 -29.77 25.56 7.15
C TYR A 450 -30.60 24.92 8.25
N LYS A 451 -30.73 23.59 8.22
CA LYS A 451 -31.54 22.87 9.19
C LYS A 451 -30.67 22.01 10.10
N TYR A 452 -29.50 22.50 10.48
CA TYR A 452 -28.60 21.70 11.30
C TYR A 452 -27.98 22.55 12.39
N LYS A 453 -27.76 21.91 13.54
CA LYS A 453 -27.18 22.54 14.71
C LYS A 453 -26.29 21.51 15.39
N VAL A 454 -25.18 21.96 15.95
CA VAL A 454 -24.20 21.08 16.57
C VAL A 454 -24.29 21.27 18.08
N VAL A 455 -24.65 20.20 18.79
CA VAL A 455 -24.80 20.23 20.23
C VAL A 455 -23.83 19.25 20.85
N LYS A 456 -23.63 19.39 22.15
CA LYS A 456 -22.72 18.56 22.91
C LYS A 456 -23.50 17.85 24.00
N ILE A 457 -23.48 16.51 23.98
CA ILE A 457 -24.20 15.74 24.97
C ILE A 457 -23.46 15.81 26.30
N GLU A 458 -24.20 16.09 27.37
CA GLU A 458 -23.63 16.23 28.72
C GLU A 458 -24.36 15.33 29.69
N PRO A 459 -24.19 14.02 29.57
CA PRO A 459 -25.04 13.10 30.33
C PRO A 459 -24.60 12.86 31.77
N LEU A 460 -24.76 13.86 32.62
CA LEU A 460 -24.37 13.71 34.03
C LEU A 460 -25.29 14.60 34.86
N GLY A 461 -26.39 14.02 35.34
CA GLY A 461 -27.40 14.78 36.03
C GLY A 461 -27.26 14.68 37.54
N VAL A 462 -27.63 15.76 38.22
CA VAL A 462 -27.65 15.81 39.68
C VAL A 462 -28.99 16.35 40.18
N ALA A 463 -29.90 15.45 40.49
CA ALA A 463 -31.21 15.84 40.94
C ALA A 463 -31.41 15.46 42.40
N PRO A 464 -32.20 16.21 43.17
CA PRO A 464 -32.48 15.80 44.55
C PRO A 464 -33.55 14.74 44.60
N THR A 465 -33.33 13.76 45.47
CA THR A 465 -34.31 12.72 45.78
C THR A 465 -34.24 12.51 47.29
N ARG A 466 -34.90 11.47 47.81
CA ARG A 466 -34.89 11.18 49.23
C ARG A 466 -34.16 9.87 49.51
N CYS A 467 -33.02 9.68 48.85
CA CYS A 467 -32.23 8.47 49.02
C CYS A 467 -31.42 8.52 50.32
N LYS A 468 -30.59 7.50 50.48
CA LYS A 468 -29.57 7.47 51.51
C LYS A 468 -28.47 6.53 51.07
N ARG A 469 -27.24 6.85 51.47
CA ARG A 469 -26.04 6.05 51.24
C ARG A 469 -25.75 5.73 49.78
N TRP B 3 -1.27 0.89 58.30
CA TRP B 3 -2.46 1.03 57.44
C TRP B 3 -2.09 1.78 56.17
N VAL B 4 -2.06 1.06 55.04
CA VAL B 4 -1.57 1.61 53.78
C VAL B 4 -2.74 2.19 52.99
N THR B 5 -2.41 3.08 52.05
CA THR B 5 -3.39 3.73 51.19
C THR B 5 -2.92 3.59 49.74
N VAL B 6 -3.66 2.80 48.95
CA VAL B 6 -3.33 2.63 47.54
C VAL B 6 -3.74 3.86 46.76
N TYR B 7 -2.91 4.27 45.81
CA TYR B 7 -3.19 5.42 44.96
C TYR B 7 -3.20 4.98 43.49
N TYR B 8 -3.85 5.76 42.64
CA TYR B 8 -3.85 5.49 41.21
C TYR B 8 -3.73 6.80 40.42
N GLY B 9 -2.80 7.65 40.81
CA GLY B 9 -2.55 8.82 40.02
C GLY B 9 -1.12 9.28 40.08
N VAL B 10 -0.26 8.45 40.65
CA VAL B 10 1.07 8.90 41.03
C VAL B 10 1.95 9.03 39.80
N PRO B 11 2.78 10.04 39.73
CA PRO B 11 3.80 10.15 38.66
C PRO B 11 5.07 9.38 39.04
N VAL B 12 4.99 8.07 38.94
CA VAL B 12 6.08 7.19 39.32
C VAL B 12 6.44 6.35 38.11
N TRP B 13 7.69 6.44 37.68
CA TRP B 13 8.19 5.59 36.62
C TRP B 13 9.36 4.74 37.10
N LYS B 14 9.38 3.50 36.64
CA LYS B 14 10.49 2.58 36.87
C LYS B 14 11.61 2.88 35.88
N ASP B 15 12.56 1.96 35.73
CA ASP B 15 13.57 2.05 34.67
C ASP B 15 13.66 0.64 34.09
N ALA B 16 12.89 0.39 33.05
CA ALA B 16 12.71 -0.96 32.54
C ALA B 16 13.46 -1.15 31.22
N GLU B 17 13.50 -2.40 30.79
CA GLU B 17 14.23 -2.82 29.61
C GLU B 17 13.26 -3.45 28.63
N THR B 18 13.34 -3.05 27.38
CA THR B 18 12.45 -3.58 26.36
C THR B 18 13.17 -3.63 25.03
N THR B 19 12.44 -4.05 24.00
CA THR B 19 12.99 -4.18 22.65
C THR B 19 12.55 -2.99 21.80
N LEU B 20 13.46 -2.04 21.61
CA LEU B 20 13.17 -0.86 20.84
C LEU B 20 13.12 -1.18 19.35
N PHE B 21 12.61 -0.25 18.57
CA PHE B 21 12.55 -0.41 17.13
C PHE B 21 13.28 0.72 16.45
N CYS B 22 13.99 0.40 15.37
CA CYS B 22 14.80 1.37 14.67
C CYS B 22 13.91 2.28 13.83
N ALA B 23 14.45 3.43 13.45
CA ALA B 23 13.75 4.39 12.61
C ALA B 23 14.79 5.19 11.85
N SER B 24 14.92 4.94 10.56
CA SER B 24 15.97 5.54 9.77
C SER B 24 15.38 6.29 8.59
N ASP B 25 16.11 7.32 8.15
CA ASP B 25 15.70 8.16 7.03
C ASP B 25 16.13 7.52 5.71
N ALA B 26 15.45 6.42 5.37
CA ALA B 26 15.85 5.57 4.26
C ALA B 26 15.49 6.23 2.93
N LYS B 27 15.80 5.51 1.84
CA LYS B 27 15.56 6.07 0.51
C LYS B 27 14.78 5.12 -0.38
N ALA B 28 14.94 3.81 -0.16
CA ALA B 28 14.21 2.71 -0.79
C ALA B 28 14.47 2.53 -2.29
N TYR B 29 15.34 3.33 -2.89
CA TYR B 29 15.81 3.06 -4.24
C TYR B 29 17.32 2.85 -4.32
N GLU B 30 18.08 3.48 -3.43
CA GLU B 30 19.53 3.35 -3.44
C GLU B 30 19.96 1.97 -3.01
N THR B 31 21.04 1.48 -3.60
CA THR B 31 21.52 0.12 -3.36
C THR B 31 22.77 0.15 -2.48
N GLU B 32 23.02 1.28 -1.82
CA GLU B 32 23.96 1.33 -0.71
C GLU B 32 23.53 0.37 0.38
N LYS B 33 24.49 -0.41 0.90
CA LYS B 33 24.14 -1.56 1.72
C LYS B 33 23.62 -1.18 3.10
N HIS B 34 23.82 0.06 3.55
CA HIS B 34 23.10 0.54 4.72
C HIS B 34 21.68 0.92 4.36
N ASN B 35 21.50 1.54 3.19
CA ASN B 35 20.20 2.03 2.74
C ASN B 35 19.34 0.96 2.15
N VAL B 36 19.75 -0.31 2.19
CA VAL B 36 18.87 -1.42 1.85
C VAL B 36 18.47 -2.19 3.10
N TRP B 37 19.23 -2.09 4.18
CA TRP B 37 18.82 -2.64 5.46
C TRP B 37 17.86 -1.71 6.17
N ALA B 38 18.08 -0.39 6.04
CA ALA B 38 17.24 0.60 6.69
C ALA B 38 15.86 0.72 6.08
N THR B 39 15.61 0.12 4.92
CA THR B 39 14.24 0.00 4.44
C THR B 39 13.61 -1.30 4.89
N HIS B 40 14.42 -2.23 5.34
CA HIS B 40 13.93 -3.57 5.66
C HIS B 40 13.59 -3.73 7.13
N ALA B 41 14.31 -3.05 8.02
CA ALA B 41 14.11 -3.20 9.45
C ALA B 41 14.01 -1.85 10.14
N CYS B 42 13.55 -0.82 9.44
CA CYS B 42 13.33 0.48 10.05
C CYS B 42 12.10 1.13 9.45
N VAL B 43 11.31 1.78 10.31
CA VAL B 43 10.18 2.61 9.89
C VAL B 43 10.75 3.97 9.52
N PRO B 44 10.02 4.85 8.81
CA PRO B 44 10.56 6.18 8.53
C PRO B 44 10.63 7.09 9.74
N THR B 45 11.10 8.32 9.55
CA THR B 45 11.24 9.26 10.64
C THR B 45 9.87 9.75 11.07
N ASP B 46 9.69 9.92 12.39
CA ASP B 46 8.46 10.45 12.96
C ASP B 46 8.20 11.86 12.42
N PRO B 47 7.07 12.10 11.75
CA PRO B 47 6.87 13.39 11.07
C PRO B 47 6.57 14.53 12.03
N ASN B 48 5.89 14.20 13.14
CA ASN B 48 5.63 15.16 14.20
C ASN B 48 6.35 14.68 15.45
N PRO B 49 7.62 15.06 15.66
CA PRO B 49 8.31 14.67 16.89
C PRO B 49 8.12 15.71 17.98
N GLN B 50 7.93 15.21 19.20
CA GLN B 50 7.59 16.05 20.34
C GLN B 50 8.58 15.82 21.46
N GLU B 51 9.22 16.87 21.93
CA GLU B 51 10.17 16.80 23.03
C GLU B 51 9.62 17.64 24.19
N ILE B 52 8.79 17.01 25.02
CA ILE B 52 8.25 17.67 26.20
C ILE B 52 9.36 17.81 27.23
N HIS B 53 9.51 19.01 27.79
CA HIS B 53 10.53 19.29 28.80
C HIS B 53 9.90 19.15 30.18
N LEU B 54 10.37 18.16 30.94
CA LEU B 54 9.89 17.98 32.30
C LEU B 54 10.37 19.14 33.18
N GLU B 55 9.62 19.41 34.25
CA GLU B 55 9.73 20.70 34.90
C GLU B 55 10.93 20.79 35.85
N ASN B 56 10.91 20.02 36.93
CA ASN B 56 11.96 20.15 37.94
C ASN B 56 12.34 18.79 38.52
N VAL B 57 12.54 17.80 37.66
CA VAL B 57 12.90 16.46 38.10
C VAL B 57 14.37 16.22 37.77
N THR B 58 15.10 15.64 38.72
CA THR B 58 16.48 15.20 38.52
C THR B 58 16.55 13.70 38.73
N GLU B 59 17.15 13.00 37.76
CA GLU B 59 17.19 11.55 37.75
C GLU B 59 18.63 11.08 37.66
N GLU B 60 18.98 10.08 38.47
CA GLU B 60 20.33 9.53 38.49
C GLU B 60 20.50 8.59 37.32
N PHE B 61 21.08 9.10 36.24
CA PHE B 61 21.34 8.28 35.06
C PHE B 61 22.46 7.28 35.32
N ASN B 62 22.67 6.41 34.36
CA ASN B 62 23.90 5.64 34.28
C ASN B 62 24.19 5.38 32.81
N MET B 63 25.47 5.40 32.47
CA MET B 63 25.92 5.29 31.10
C MET B 63 26.41 3.91 30.76
N TRP B 64 27.03 3.23 31.71
CA TRP B 64 27.77 2.02 31.45
C TRP B 64 26.93 0.76 31.64
N LYS B 65 25.71 0.90 32.14
CA LYS B 65 24.79 -0.22 32.28
C LYS B 65 23.50 0.04 31.53
N ASN B 66 23.61 0.79 30.44
CA ASN B 66 22.46 1.07 29.58
C ASN B 66 22.03 -0.20 28.84
N ASN B 67 20.78 -0.22 28.42
CA ASN B 67 20.26 -1.34 27.64
C ASN B 67 19.99 -0.96 26.20
N MET B 68 20.20 0.29 25.81
CA MET B 68 20.12 0.60 24.39
C MET B 68 21.42 0.24 23.67
N VAL B 69 22.56 0.31 24.38
CA VAL B 69 23.85 0.05 23.75
C VAL B 69 24.16 -1.43 23.62
N GLU B 70 23.32 -2.30 24.17
CA GLU B 70 23.35 -3.72 23.85
C GLU B 70 22.15 -4.11 23.01
N GLN B 71 21.21 -3.20 22.83
CA GLN B 71 20.18 -3.29 21.81
C GLN B 71 20.68 -2.80 20.48
N MET B 72 21.55 -1.80 20.49
CA MET B 72 22.16 -1.31 19.26
C MET B 72 23.17 -2.31 18.73
N HIS B 73 23.93 -2.95 19.61
CA HIS B 73 24.97 -3.88 19.21
C HIS B 73 24.42 -5.14 18.58
N THR B 74 23.15 -5.47 18.85
CA THR B 74 22.54 -6.62 18.21
C THR B 74 22.19 -6.36 16.76
N ASP B 75 22.02 -5.10 16.38
CA ASP B 75 21.54 -4.77 15.03
C ASP B 75 22.64 -4.40 14.07
N ILE B 76 23.73 -3.78 14.53
CA ILE B 76 24.87 -3.58 13.65
C ILE B 76 25.73 -4.83 13.52
N ILE B 77 25.59 -5.78 14.44
CA ILE B 77 26.03 -7.13 14.14
C ILE B 77 25.16 -7.73 13.05
N SER B 78 23.86 -7.49 13.11
CA SER B 78 22.93 -7.93 12.08
C SER B 78 22.96 -7.07 10.83
N LEU B 79 23.65 -5.94 10.85
CA LEU B 79 23.81 -5.13 9.66
C LEU B 79 25.04 -5.53 8.86
N TRP B 80 26.12 -5.92 9.54
CA TRP B 80 27.34 -6.30 8.87
C TRP B 80 27.36 -7.78 8.51
N ASP B 81 26.22 -8.46 8.54
CA ASP B 81 26.09 -9.81 8.02
C ASP B 81 25.33 -9.88 6.71
N GLN B 82 24.48 -8.88 6.42
CA GLN B 82 23.91 -8.75 5.10
C GLN B 82 24.73 -7.85 4.21
N SER B 83 25.37 -6.84 4.78
CA SER B 83 26.09 -5.86 3.97
C SER B 83 27.40 -6.42 3.44
N LEU B 84 28.31 -6.77 4.34
CA LEU B 84 29.65 -7.18 3.96
C LEU B 84 29.79 -8.67 4.19
N LYS B 85 29.40 -9.46 3.19
CA LYS B 85 29.55 -10.91 3.25
C LYS B 85 30.92 -11.28 2.72
N PRO B 86 31.85 -11.72 3.55
CA PRO B 86 33.18 -12.04 3.06
C PRO B 86 33.19 -13.35 2.30
N CYS B 87 34.25 -13.55 1.53
CA CYS B 87 34.37 -14.74 0.71
C CYS B 87 34.75 -15.95 1.55
N VAL B 88 35.65 -15.75 2.51
CA VAL B 88 36.13 -16.81 3.39
C VAL B 88 36.02 -16.31 4.81
N LYS B 89 35.34 -17.06 5.67
CA LYS B 89 35.12 -16.67 7.05
C LYS B 89 35.37 -17.87 7.93
N LEU B 90 36.19 -17.70 8.97
CA LEU B 90 36.65 -18.80 9.82
C LEU B 90 36.24 -18.54 11.27
N THR B 91 35.06 -18.95 11.62
CA THR B 91 34.66 -18.81 13.01
C THR B 91 35.12 -20.00 13.82
N PRO B 92 35.85 -19.81 14.91
CA PRO B 92 36.34 -20.95 15.70
C PRO B 92 35.25 -21.64 16.50
N LEU B 93 34.54 -22.56 15.87
CA LEU B 93 33.71 -23.50 16.60
C LEU B 93 34.59 -24.44 17.43
N CYS B 94 34.16 -24.71 18.66
CA CYS B 94 34.95 -25.55 19.54
C CYS B 94 34.07 -26.60 20.20
N VAL B 95 34.71 -27.66 20.67
CA VAL B 95 34.03 -28.77 21.33
C VAL B 95 34.95 -29.44 22.34
N ILE B 162 41.45 -27.74 23.68
CA ILE B 162 42.29 -27.33 22.56
C ILE B 162 41.62 -27.72 21.24
N ASN B 163 40.64 -28.62 21.32
CA ASN B 163 39.97 -29.17 20.14
C ASN B 163 38.89 -28.21 19.66
N CYS B 164 39.34 -27.12 19.05
CA CYS B 164 38.46 -26.13 18.42
C CYS B 164 38.61 -26.22 16.91
N ASN B 165 37.55 -26.62 16.23
CA ASN B 165 37.59 -26.81 14.79
C ASN B 165 37.29 -25.49 14.10
N THR B 166 38.30 -24.94 13.41
CA THR B 166 38.13 -23.66 12.73
C THR B 166 37.25 -23.84 11.51
N SER B 167 35.94 -23.73 11.72
CA SER B 167 34.93 -24.07 10.72
C SER B 167 34.92 -23.02 9.62
N ALA B 168 35.53 -23.35 8.48
CA ALA B 168 35.52 -22.46 7.33
C ALA B 168 34.13 -22.39 6.72
N ILE B 169 33.90 -21.35 5.91
CA ILE B 169 32.63 -21.16 5.24
C ILE B 169 32.90 -20.35 3.98
N THR B 170 31.97 -20.39 3.03
CA THR B 170 32.13 -19.66 1.79
C THR B 170 30.75 -19.27 1.24
N GLN B 171 30.73 -18.15 0.52
CA GLN B 171 29.50 -17.60 -0.03
C GLN B 171 29.88 -16.67 -1.18
N ALA B 172 28.86 -16.05 -1.77
CA ALA B 172 29.12 -15.01 -2.74
C ALA B 172 29.66 -13.76 -2.04
N CYS B 173 30.43 -12.97 -2.78
CA CYS B 173 31.04 -11.76 -2.22
C CYS B 173 31.29 -10.73 -3.31
N PRO B 174 30.28 -9.93 -3.66
CA PRO B 174 30.50 -8.83 -4.59
C PRO B 174 30.85 -7.55 -3.87
N LYS B 175 31.54 -6.67 -4.58
CA LYS B 175 31.88 -5.37 -4.03
C LYS B 175 30.64 -4.49 -3.96
N VAL B 176 30.48 -3.79 -2.84
CA VAL B 176 29.29 -3.00 -2.56
C VAL B 176 29.71 -1.62 -2.07
N SER B 177 28.72 -0.75 -1.93
CA SER B 177 28.92 0.58 -1.37
C SER B 177 28.63 0.56 0.12
N PHE B 178 29.16 1.56 0.83
CA PHE B 178 29.11 1.52 2.28
C PHE B 178 29.30 2.93 2.83
N GLU B 179 28.27 3.47 3.46
CA GLU B 179 28.38 4.73 4.16
C GLU B 179 27.42 4.70 5.34
N PRO B 180 27.79 5.27 6.48
CA PRO B 180 26.86 5.32 7.61
C PRO B 180 25.80 6.39 7.42
N ILE B 181 24.53 5.98 7.56
CA ILE B 181 23.41 6.91 7.55
C ILE B 181 22.91 7.07 8.98
N PRO B 182 22.34 8.21 9.36
CA PRO B 182 21.81 8.35 10.71
C PRO B 182 20.61 7.46 10.95
N ILE B 183 20.57 6.86 12.13
CA ILE B 183 19.50 5.96 12.54
C ILE B 183 19.01 6.38 13.91
N HIS B 184 17.70 6.62 14.03
CA HIS B 184 17.08 6.93 15.31
C HIS B 184 16.56 5.64 15.96
N TYR B 185 16.71 5.57 17.27
CA TYR B 185 16.22 4.44 18.07
C TYR B 185 15.00 4.90 18.86
N CYS B 186 13.82 4.48 18.41
CA CYS B 186 12.60 4.96 19.03
C CYS B 186 12.20 4.04 20.18
N ALA B 187 11.07 4.36 20.83
CA ALA B 187 10.54 3.63 21.96
C ALA B 187 9.16 3.08 21.65
N PRO B 188 8.82 1.88 22.09
CA PRO B 188 7.52 1.31 21.75
C PRO B 188 6.38 1.92 22.54
N ALA B 189 5.20 1.31 22.43
CA ALA B 189 4.04 1.79 23.16
C ALA B 189 4.21 1.57 24.66
N GLY B 190 4.00 2.62 25.44
CA GLY B 190 3.98 2.50 26.87
C GLY B 190 5.27 2.88 27.56
N PHE B 191 6.34 3.13 26.81
CA PHE B 191 7.64 3.47 27.36
C PHE B 191 8.00 4.88 26.94
N ALA B 192 9.03 5.44 27.56
CA ALA B 192 9.49 6.78 27.25
C ALA B 192 10.99 6.74 27.04
N ILE B 193 11.56 7.87 26.65
CA ILE B 193 13.01 8.03 26.58
C ILE B 193 13.35 9.37 27.19
N LEU B 194 14.18 9.37 28.22
CA LEU B 194 14.43 10.55 29.03
C LEU B 194 15.76 11.17 28.62
N LYS B 195 15.71 12.25 27.83
CA LYS B 195 16.91 12.91 27.39
C LYS B 195 17.54 13.70 28.54
N CYS B 196 18.87 13.68 28.61
CA CYS B 196 19.62 14.46 29.60
C CYS B 196 20.02 15.79 28.96
N LYS B 197 19.08 16.72 28.98
CA LYS B 197 19.27 18.02 28.32
C LYS B 197 20.12 18.91 29.23
N ASP B 198 21.42 18.66 29.22
CA ASP B 198 22.37 19.44 30.00
C ASP B 198 23.60 19.68 29.13
N LYS B 199 24.71 20.09 29.75
CA LYS B 199 25.94 20.31 29.02
C LYS B 199 27.18 19.74 29.68
N LYS B 200 27.18 19.54 31.00
CA LYS B 200 28.34 19.06 31.73
C LYS B 200 28.14 17.67 32.33
N PHE B 201 27.30 16.85 31.69
CA PHE B 201 26.89 15.57 32.23
C PHE B 201 28.02 14.56 32.04
N ASN B 202 28.60 14.08 33.15
CA ASN B 202 29.76 13.21 33.11
C ASN B 202 29.40 11.73 33.00
N GLY B 203 28.22 11.42 32.48
CA GLY B 203 27.81 10.04 32.21
C GLY B 203 27.11 9.32 33.34
N THR B 204 27.52 9.57 34.57
CA THR B 204 26.93 8.94 35.74
C THR B 204 26.58 10.01 36.76
N GLY B 205 25.39 9.92 37.34
CA GLY B 205 24.97 10.86 38.34
C GLY B 205 23.72 11.61 37.95
N PRO B 206 23.27 12.51 38.81
CA PRO B 206 21.98 13.17 38.57
C PRO B 206 22.00 14.23 37.48
N CYS B 207 21.34 13.94 36.37
CA CYS B 207 21.11 14.98 35.37
C CYS B 207 20.04 15.93 35.87
N PRO B 208 20.25 17.24 35.77
CA PRO B 208 19.35 18.18 36.45
C PRO B 208 18.09 18.55 35.68
N SER B 209 18.14 18.51 34.35
CA SER B 209 17.09 19.08 33.51
C SER B 209 16.57 18.06 32.51
N VAL B 210 16.19 16.90 33.01
CA VAL B 210 15.83 15.74 32.20
C VAL B 210 14.54 15.96 31.43
N SER B 211 14.65 16.21 30.13
CA SER B 211 13.48 16.27 29.27
C SER B 211 13.06 14.87 28.85
N THR B 212 11.99 14.77 28.07
CA THR B 212 11.55 13.49 27.54
C THR B 212 11.26 13.62 26.05
N VAL B 213 11.33 12.49 25.36
CA VAL B 213 11.31 12.44 23.89
C VAL B 213 11.02 10.99 23.53
N GLN B 214 10.46 10.77 22.32
CA GLN B 214 10.18 9.39 21.94
C GLN B 214 11.36 8.73 21.23
N CYS B 215 12.03 9.42 20.31
CA CYS B 215 13.11 8.84 19.55
C CYS B 215 14.39 9.66 19.76
N THR B 216 15.53 8.97 19.68
CA THR B 216 16.82 9.62 19.86
C THR B 216 17.18 10.42 18.62
N HIS B 217 18.34 11.07 18.66
CA HIS B 217 18.77 11.86 17.52
C HIS B 217 19.32 10.95 16.43
N GLY B 218 19.78 11.55 15.34
CA GLY B 218 20.33 10.77 14.25
C GLY B 218 21.69 10.21 14.60
N ILE B 219 21.77 8.90 14.83
CA ILE B 219 23.01 8.23 15.20
C ILE B 219 23.44 7.36 14.04
N LYS B 220 24.67 7.57 13.57
CA LYS B 220 25.17 6.86 12.41
C LYS B 220 26.11 5.75 12.84
N PRO B 221 25.87 4.50 12.45
CA PRO B 221 26.65 3.36 12.95
C PRO B 221 28.02 3.25 12.29
N VAL B 222 28.90 4.18 12.59
CA VAL B 222 30.25 4.17 12.05
C VAL B 222 31.17 3.40 13.00
N VAL B 223 31.74 2.32 12.51
CA VAL B 223 32.54 1.40 13.31
C VAL B 223 34.01 1.75 13.12
N SER B 224 34.67 2.12 14.20
CA SER B 224 36.08 2.45 14.12
C SER B 224 36.71 2.28 15.48
N THR B 225 38.03 2.07 15.49
CA THR B 225 38.80 2.05 16.72
C THR B 225 39.74 3.24 16.75
N GLN B 226 40.10 3.64 17.98
CA GLN B 226 41.05 4.69 18.34
C GLN B 226 40.54 6.11 18.06
N LEU B 227 39.43 6.25 17.33
CA LEU B 227 38.94 7.56 16.93
C LEU B 227 37.47 7.42 16.58
N LEU B 228 36.61 8.04 17.39
CA LEU B 228 35.17 8.01 17.13
C LEU B 228 34.89 8.96 15.98
N LEU B 229 34.84 8.39 14.78
CA LEU B 229 34.59 9.17 13.58
C LEU B 229 33.12 9.60 13.50
N ASN B 230 32.91 10.76 12.88
CA ASN B 230 31.60 11.23 12.40
C ASN B 230 30.54 11.38 13.50
N GLY B 231 30.92 11.38 14.77
CA GLY B 231 29.95 11.47 15.83
C GLY B 231 29.66 12.90 16.22
N SER B 232 28.64 13.05 17.06
CA SER B 232 28.22 14.38 17.51
C SER B 232 29.20 14.93 18.53
N LEU B 233 29.24 16.24 18.64
CA LEU B 233 30.24 16.95 19.42
C LEU B 233 29.59 17.73 20.54
N ALA B 234 30.33 17.90 21.64
CA ALA B 234 29.79 18.58 22.80
C ALA B 234 29.72 20.08 22.56
N GLU B 235 28.57 20.67 22.93
CA GLU B 235 28.39 22.11 22.79
C GLU B 235 29.18 22.88 23.84
N GLU B 236 29.41 22.27 24.99
CA GLU B 236 30.23 22.84 26.05
C GLU B 236 31.68 22.42 25.82
N GLU B 237 32.51 22.50 26.85
CA GLU B 237 33.92 22.11 26.76
C GLU B 237 34.06 20.60 26.58
N VAL B 238 35.32 20.16 26.45
CA VAL B 238 35.62 18.78 26.06
C VAL B 238 35.30 17.84 27.22
N MET B 239 34.37 16.92 26.99
CA MET B 239 33.92 16.02 28.04
C MET B 239 34.88 14.85 28.18
N ILE B 240 35.01 14.37 29.41
CA ILE B 240 35.83 13.20 29.72
C ILE B 240 34.99 12.32 30.63
N ARG B 241 34.72 11.09 30.20
CA ARG B 241 33.84 10.21 30.95
C ARG B 241 34.39 8.80 30.97
N SER B 242 34.56 8.24 32.15
CA SER B 242 34.89 6.84 32.31
C SER B 242 34.06 6.28 33.44
N GLU B 243 33.88 4.95 33.43
CA GLU B 243 33.02 4.30 34.41
C GLU B 243 33.60 4.41 35.81
N ASN B 244 34.90 4.16 35.94
CA ASN B 244 35.65 4.43 37.15
C ASN B 244 37.00 4.93 36.68
N ILE B 245 37.24 6.23 36.82
CA ILE B 245 38.58 6.71 36.54
C ILE B 245 39.50 6.29 37.68
N THR B 246 40.81 6.26 37.39
CA THR B 246 41.82 5.59 38.21
C THR B 246 41.45 4.13 38.48
N ASN B 247 41.09 3.43 37.40
CA ASN B 247 40.97 1.99 37.40
C ASN B 247 42.05 1.31 36.56
N ASN B 248 42.52 2.00 35.52
CA ASN B 248 43.55 1.53 34.58
C ASN B 248 43.12 0.25 33.84
N ALA B 249 41.82 0.05 33.71
CA ALA B 249 41.28 -1.02 32.89
C ALA B 249 40.05 -0.60 32.12
N LYS B 250 39.59 0.63 32.31
CA LYS B 250 38.42 1.16 31.61
C LYS B 250 38.87 2.27 30.66
N ASN B 251 38.24 2.33 29.50
CA ASN B 251 38.60 3.34 28.52
C ASN B 251 38.05 4.69 28.94
N ILE B 252 38.65 5.74 28.39
CA ILE B 252 38.37 7.12 28.79
C ILE B 252 37.88 7.86 27.55
N LEU B 253 36.56 7.91 27.37
CA LEU B 253 35.97 8.38 26.12
C LEU B 253 35.97 9.90 26.10
N VAL B 254 37.04 10.46 25.53
CA VAL B 254 37.09 11.89 25.29
C VAL B 254 36.14 12.23 24.15
N GLN B 255 35.53 13.40 24.21
CA GLN B 255 34.63 13.85 23.14
C GLN B 255 34.94 15.29 22.81
N PHE B 256 35.13 15.56 21.52
CA PHE B 256 35.57 16.88 21.09
C PHE B 256 34.44 17.90 21.10
N ASN B 257 34.81 19.17 21.22
CA ASN B 257 33.89 20.27 21.08
C ASN B 257 33.94 20.91 19.70
N THR B 258 34.95 20.59 18.89
CA THR B 258 35.04 21.05 17.52
C THR B 258 35.41 19.87 16.63
N PRO B 259 34.89 19.84 15.39
CA PRO B 259 35.18 18.71 14.50
C PRO B 259 36.55 18.84 13.85
N VAL B 260 37.50 18.04 14.33
CA VAL B 260 38.79 17.93 13.66
C VAL B 260 38.59 17.22 12.33
N GLN B 261 39.08 17.80 11.25
CA GLN B 261 38.86 17.19 9.96
C GLN B 261 40.03 16.29 9.60
N ILE B 262 39.74 15.28 8.78
CA ILE B 262 40.73 14.30 8.35
C ILE B 262 40.39 13.81 6.95
N ASN B 263 41.32 13.99 6.03
CA ASN B 263 41.22 13.40 4.69
C ASN B 263 41.89 12.04 4.71
N CYS B 264 41.33 11.10 3.95
CA CYS B 264 41.85 9.73 3.88
C CYS B 264 41.65 9.22 2.46
N THR B 265 42.68 9.38 1.64
CA THR B 265 42.59 9.14 0.21
C THR B 265 43.48 7.99 -0.20
N ARG B 266 42.94 7.09 -0.99
CA ARG B 266 43.81 6.20 -1.74
C ARG B 266 44.11 6.86 -3.08
N PRO B 267 45.39 6.99 -3.47
CA PRO B 267 45.71 7.75 -4.69
C PRO B 267 45.36 6.99 -5.96
N ASN B 268 45.64 7.59 -7.11
CA ASN B 268 45.23 7.03 -8.39
C ASN B 268 46.39 6.52 -9.24
N ASN B 269 47.64 6.70 -8.81
CA ASN B 269 48.77 6.15 -9.54
C ASN B 269 48.80 4.63 -9.38
N ASN B 270 48.63 3.91 -10.47
CA ASN B 270 48.55 2.45 -10.46
C ASN B 270 49.92 1.81 -10.68
N THR B 271 50.88 2.22 -9.84
CA THR B 271 52.32 1.84 -9.82
C THR B 271 52.99 1.54 -11.17
N ASP B 292 51.58 1.15 -5.42
CA ASP B 292 50.88 -0.04 -4.95
C ASP B 292 49.38 0.20 -4.91
N ILE B 293 48.61 -0.88 -4.95
CA ILE B 293 47.15 -0.76 -4.93
C ILE B 293 46.66 -0.51 -3.51
N ARG B 294 47.15 -1.29 -2.55
CA ARG B 294 46.68 -1.23 -1.18
C ARG B 294 47.67 -0.41 -0.35
N GLN B 295 47.60 0.91 -0.53
CA GLN B 295 48.43 1.83 0.25
C GLN B 295 47.79 3.21 0.17
N ALA B 296 47.52 3.81 1.32
CA ALA B 296 46.89 5.12 1.35
C ALA B 296 47.56 6.00 2.40
N HIS B 297 47.35 7.30 2.26
CA HIS B 297 47.86 8.28 3.20
C HIS B 297 46.69 9.11 3.71
N CYS B 298 46.79 9.55 4.96
CA CYS B 298 45.72 10.34 5.56
C CYS B 298 46.27 11.63 6.14
N ASN B 299 45.67 12.74 5.74
CA ASN B 299 46.16 14.06 6.09
C ASN B 299 45.24 14.69 7.12
N VAL B 300 45.79 15.03 8.28
CA VAL B 300 45.09 15.77 9.32
C VAL B 300 45.85 17.07 9.54
N SER B 301 45.11 18.17 9.74
CA SER B 301 45.72 19.49 9.82
C SER B 301 46.53 19.64 11.10
N LYS B 302 47.72 20.22 10.97
CA LYS B 302 48.58 20.46 12.11
C LYS B 302 48.09 21.61 12.97
N ALA B 303 47.31 22.53 12.41
CA ALA B 303 46.81 23.65 13.20
C ALA B 303 45.69 23.20 14.11
N THR B 304 44.79 22.35 13.62
CA THR B 304 43.63 21.94 14.41
C THR B 304 44.02 20.90 15.45
N TRP B 305 44.91 19.97 15.11
CA TRP B 305 45.20 18.86 16.02
C TRP B 305 46.04 19.30 17.22
N ASN B 306 46.97 20.22 17.02
CA ASN B 306 47.72 20.71 18.18
C ASN B 306 46.88 21.61 19.06
N GLU B 307 45.81 22.19 18.54
CA GLU B 307 44.94 23.02 19.35
C GLU B 307 43.85 22.21 20.04
N THR B 308 43.31 21.18 19.38
CA THR B 308 42.25 20.39 19.98
C THR B 308 42.78 19.52 21.11
N LEU B 309 43.93 18.89 20.90
CA LEU B 309 44.57 18.13 21.97
C LEU B 309 45.13 19.06 23.04
N GLY B 310 45.35 20.33 22.72
CA GLY B 310 45.64 21.32 23.75
C GLY B 310 44.47 21.60 24.68
N LYS B 311 43.24 21.36 24.20
CA LYS B 311 42.09 21.44 25.08
C LYS B 311 41.94 20.20 25.94
N VAL B 312 42.31 19.04 25.41
CA VAL B 312 42.11 17.77 26.11
C VAL B 312 43.06 17.65 27.29
N VAL B 313 44.30 18.15 27.15
CA VAL B 313 45.28 18.03 28.21
C VAL B 313 44.93 18.93 29.39
N LYS B 314 44.13 19.98 29.18
CA LYS B 314 43.72 20.84 30.29
C LYS B 314 42.70 20.14 31.16
N GLN B 315 41.61 19.66 30.56
CA GLN B 315 40.54 19.01 31.31
C GLN B 315 40.90 17.60 31.76
N LEU B 316 42.00 17.03 31.26
CA LEU B 316 42.50 15.80 31.84
C LEU B 316 43.19 16.06 33.16
N ARG B 317 43.70 17.28 33.35
CA ARG B 317 44.23 17.70 34.64
C ARG B 317 43.14 18.15 35.60
N LYS B 318 41.86 18.07 35.19
CA LYS B 318 40.76 18.36 36.10
C LYS B 318 40.44 17.15 36.98
N HIS B 319 40.30 15.98 36.36
CA HIS B 319 40.12 14.73 37.09
C HIS B 319 41.43 14.20 37.67
N PHE B 320 42.54 14.82 37.34
CA PHE B 320 43.85 14.49 37.87
C PHE B 320 44.41 15.72 38.60
N GLY B 321 45.69 15.65 38.95
CA GLY B 321 46.34 16.77 39.60
C GLY B 321 46.55 17.96 38.67
N ASN B 322 47.06 19.03 39.25
CA ASN B 322 47.30 20.27 38.50
C ASN B 322 48.67 20.32 37.85
N ASN B 323 49.67 19.63 38.40
CA ASN B 323 51.02 19.65 37.84
C ASN B 323 51.50 18.26 37.44
N THR B 324 50.62 17.44 36.87
CA THR B 324 51.03 16.15 36.34
C THR B 324 51.51 16.31 34.91
N ILE B 325 52.62 15.66 34.60
CA ILE B 325 53.23 15.75 33.26
C ILE B 325 52.76 14.51 32.50
N ILE B 326 51.67 14.66 31.77
CA ILE B 326 51.06 13.54 31.06
C ILE B 326 51.81 13.28 29.76
N ARG B 327 51.92 12.00 29.41
CA ARG B 327 52.72 11.55 28.27
C ARG B 327 51.82 10.80 27.30
N PHE B 328 51.55 11.41 26.15
CA PHE B 328 50.89 10.68 25.08
C PHE B 328 51.88 9.71 24.44
N ALA B 329 51.34 8.65 23.84
CA ALA B 329 52.21 7.57 23.41
C ALA B 329 51.58 6.84 22.23
N ASN B 330 52.40 5.99 21.60
CA ASN B 330 51.87 5.03 20.65
C ASN B 330 51.06 3.97 21.37
N SER B 331 50.14 3.36 20.63
CA SER B 331 49.43 2.19 21.14
C SER B 331 50.40 1.06 21.40
N SER B 332 50.04 0.19 22.34
CA SER B 332 50.99 -0.80 22.84
C SER B 332 51.20 -1.93 21.85
N GLY B 333 50.12 -2.59 21.46
CA GLY B 333 50.25 -3.72 20.57
C GLY B 333 48.94 -4.44 20.34
N GLY B 334 48.96 -5.76 20.46
CA GLY B 334 47.75 -6.52 20.26
C GLY B 334 47.50 -6.77 18.78
N ASP B 335 46.22 -6.74 18.43
CA ASP B 335 45.83 -6.97 17.04
C ASP B 335 46.06 -5.71 16.21
N LEU B 336 45.85 -5.85 14.91
CA LEU B 336 46.00 -4.69 14.04
C LEU B 336 44.82 -3.73 14.18
N GLU B 337 43.67 -4.23 14.61
CA GLU B 337 42.48 -3.40 14.66
C GLU B 337 42.48 -2.43 15.82
N VAL B 338 43.25 -2.69 16.87
CA VAL B 338 43.31 -1.78 18.00
C VAL B 338 44.66 -1.09 18.14
N THR B 339 45.72 -1.62 17.52
CA THR B 339 46.97 -0.89 17.49
C THR B 339 46.87 0.32 16.58
N THR B 340 46.03 0.23 15.55
CA THR B 340 45.96 1.21 14.49
C THR B 340 44.52 1.60 14.25
N HIS B 341 44.32 2.85 13.85
CA HIS B 341 42.98 3.40 13.65
C HIS B 341 42.37 2.77 12.41
N SER B 342 41.49 1.81 12.61
CA SER B 342 40.86 1.08 11.53
C SER B 342 39.43 1.54 11.32
N PHE B 343 39.00 1.52 10.07
CA PHE B 343 37.64 1.88 9.70
C PHE B 343 37.34 1.25 8.35
N ASN B 344 36.24 1.66 7.73
CA ASN B 344 35.84 1.11 6.43
C ASN B 344 35.34 2.25 5.57
N CYS B 345 36.06 2.56 4.50
CA CYS B 345 35.80 3.71 3.64
C CYS B 345 35.31 3.21 2.29
N GLY B 346 33.99 3.05 2.17
CA GLY B 346 33.42 2.63 0.90
C GLY B 346 33.60 1.17 0.55
N GLY B 347 33.68 0.30 1.54
CA GLY B 347 33.79 -1.12 1.30
C GLY B 347 35.17 -1.70 1.49
N GLU B 348 36.18 -0.86 1.66
CA GLU B 348 37.56 -1.30 1.82
C GLU B 348 38.05 -0.88 3.20
N PHE B 349 38.56 -1.83 3.97
CA PHE B 349 38.88 -1.62 5.38
C PHE B 349 40.26 -0.99 5.52
N PHE B 350 40.30 0.31 5.78
CA PHE B 350 41.56 1.01 5.95
C PHE B 350 42.18 0.66 7.29
N TYR B 351 43.50 0.79 7.38
CA TYR B 351 44.24 0.57 8.64
C TYR B 351 45.33 1.63 8.73
N CYS B 352 45.04 2.73 9.42
CA CYS B 352 45.95 3.86 9.44
C CYS B 352 47.08 3.69 10.44
N ASN B 353 47.78 4.78 10.79
CA ASN B 353 48.97 4.67 11.63
C ASN B 353 49.11 5.99 12.39
N THR B 354 48.59 6.02 13.61
CA THR B 354 48.48 7.24 14.39
C THR B 354 49.66 7.45 15.33
N SER B 355 50.85 6.97 14.97
CA SER B 355 52.01 7.17 15.83
C SER B 355 52.45 8.63 15.82
N GLY B 356 52.27 9.32 14.70
CA GLY B 356 52.55 10.74 14.66
C GLY B 356 51.45 11.61 15.19
N LEU B 357 50.30 11.01 15.52
CA LEU B 357 49.16 11.74 16.05
C LEU B 357 49.17 11.85 17.56
N PHE B 358 49.92 10.98 18.24
CA PHE B 358 50.08 11.00 19.69
C PHE B 358 51.58 10.91 19.94
N ASN B 359 52.26 12.05 19.88
CA ASN B 359 53.71 12.09 19.93
C ASN B 359 54.19 13.27 20.76
N SER B 360 53.55 13.52 21.89
CA SER B 360 53.84 14.75 22.62
C SER B 360 53.61 14.56 24.11
N THR B 361 54.60 14.95 24.90
CA THR B 361 54.50 15.01 26.35
C THR B 361 54.22 16.45 26.76
N TRP B 362 53.20 16.65 27.59
CA TRP B 362 52.67 17.98 27.87
C TRP B 362 53.01 18.41 29.29
N ILE B 363 53.27 19.71 29.45
CA ILE B 363 53.88 20.27 30.65
C ILE B 363 53.01 21.42 31.15
N SER B 364 53.51 22.09 32.19
CA SER B 364 52.91 23.26 32.85
C SER B 364 51.49 23.00 33.35
N ASP B 378 51.20 23.14 8.54
CA ASP B 378 51.60 21.85 7.99
C ASP B 378 50.44 20.86 7.99
N SER B 379 50.76 19.58 7.85
CA SER B 379 49.75 18.52 7.84
C SER B 379 50.45 17.20 8.16
N ILE B 380 49.99 16.53 9.22
CA ILE B 380 50.54 15.21 9.54
C ILE B 380 50.03 14.22 8.50
N THR B 381 50.87 13.27 8.12
CA THR B 381 50.51 12.27 7.12
C THR B 381 50.50 10.90 7.79
N LEU B 382 49.33 10.26 7.75
CA LEU B 382 49.15 8.96 8.37
C LEU B 382 49.39 7.87 7.33
N PRO B 383 50.42 7.06 7.47
CA PRO B 383 50.66 6.02 6.47
C PRO B 383 49.71 4.85 6.66
N CYS B 384 48.66 4.78 5.85
CA CYS B 384 47.64 3.78 6.04
C CYS B 384 47.86 2.61 5.09
N ARG B 385 46.98 1.62 5.15
CA ARG B 385 47.08 0.43 4.32
C ARG B 385 45.72 -0.24 4.29
N ILE B 386 45.22 -0.53 3.10
CA ILE B 386 44.04 -1.35 2.98
C ILE B 386 44.42 -2.80 3.24
N LYS B 387 43.74 -3.42 4.19
CA LYS B 387 43.96 -4.83 4.47
C LYS B 387 42.85 -5.66 3.84
N GLN B 388 43.10 -6.95 3.74
CA GLN B 388 42.18 -7.87 3.10
C GLN B 388 41.89 -9.12 3.91
N ILE B 389 42.75 -9.49 4.85
CA ILE B 389 42.49 -10.56 5.80
C ILE B 389 42.36 -9.91 7.16
N ILE B 390 41.13 -9.70 7.61
CA ILE B 390 40.85 -8.91 8.81
C ILE B 390 40.28 -9.81 9.88
N ASN B 391 40.44 -9.37 11.12
CA ASN B 391 39.65 -9.93 12.20
C ASN B 391 38.27 -9.28 12.19
N MET B 392 37.32 -9.94 12.81
CA MET B 392 35.97 -9.41 12.88
C MET B 392 35.72 -8.86 14.28
N TRP B 393 34.95 -7.77 14.34
CA TRP B 393 34.48 -7.26 15.61
C TRP B 393 33.15 -7.85 16.03
N GLN B 394 32.42 -8.48 15.11
CA GLN B 394 31.10 -9.02 15.43
C GLN B 394 31.21 -10.22 16.36
N ARG B 395 32.17 -11.08 16.10
CA ARG B 395 32.43 -12.23 16.94
C ARG B 395 33.93 -12.52 16.87
N ILE B 396 34.32 -13.69 17.33
CA ILE B 396 35.68 -14.13 17.14
C ILE B 396 35.79 -14.78 15.77
N GLY B 397 36.88 -14.52 15.06
CA GLY B 397 37.13 -15.19 13.80
C GLY B 397 37.53 -14.26 12.68
N GLN B 398 38.44 -14.74 11.84
CA GLN B 398 38.99 -13.96 10.75
C GLN B 398 38.07 -14.03 9.54
N ALA B 399 38.27 -13.09 8.62
CA ALA B 399 37.46 -13.04 7.42
C ALA B 399 38.29 -12.44 6.29
N MET B 400 38.08 -12.93 5.08
CA MET B 400 38.84 -12.51 3.91
C MET B 400 37.90 -11.92 2.87
N TYR B 401 38.32 -10.83 2.23
CA TYR B 401 37.48 -10.11 1.29
C TYR B 401 38.13 -10.03 -0.09
N ALA B 402 37.42 -9.40 -1.01
CA ALA B 402 37.89 -9.20 -2.37
C ALA B 402 38.98 -8.13 -2.40
N PRO B 403 39.79 -8.08 -3.46
CA PRO B 403 40.79 -6.99 -3.59
C PRO B 403 40.11 -5.65 -3.82
N PRO B 404 40.80 -4.54 -3.57
CA PRO B 404 40.15 -3.23 -3.68
C PRO B 404 39.81 -2.86 -5.11
N ILE B 405 38.93 -1.86 -5.23
CA ILE B 405 38.43 -1.41 -6.53
C ILE B 405 39.45 -0.48 -7.17
N GLN B 406 39.24 -0.16 -8.45
CA GLN B 406 40.28 0.44 -9.29
C GLN B 406 40.46 1.92 -9.02
N GLY B 407 39.37 2.68 -9.00
CA GLY B 407 39.46 4.13 -9.01
C GLY B 407 39.92 4.72 -7.69
N VAL B 408 39.82 6.04 -7.61
CA VAL B 408 40.25 6.76 -6.42
C VAL B 408 39.26 6.52 -5.29
N ILE B 409 39.78 6.31 -4.08
CA ILE B 409 38.98 6.04 -2.89
C ILE B 409 39.32 7.11 -1.87
N ARG B 410 38.32 7.86 -1.42
CA ARG B 410 38.57 8.88 -0.42
C ARG B 410 37.34 9.07 0.45
N CYS B 411 37.57 9.56 1.66
CA CYS B 411 36.49 9.92 2.58
C CYS B 411 37.01 10.94 3.57
N VAL B 412 36.56 12.18 3.43
CA VAL B 412 36.91 13.25 4.37
C VAL B 412 35.99 13.15 5.58
N SER B 413 36.58 13.24 6.78
CA SER B 413 35.81 12.87 7.96
C SER B 413 35.86 13.90 9.09
N ASN B 414 35.26 13.52 10.22
CA ASN B 414 35.01 14.39 11.36
C ASN B 414 35.31 13.68 12.67
N ILE B 415 36.57 13.31 12.92
CA ILE B 415 36.94 12.71 14.21
C ILE B 415 36.48 13.60 15.36
N THR B 416 35.58 13.06 16.17
CA THR B 416 34.95 13.73 17.30
C THR B 416 34.95 12.80 18.50
N GLY B 417 36.09 12.19 18.75
CA GLY B 417 36.19 11.28 19.87
C GLY B 417 37.60 10.77 19.98
N LEU B 418 37.92 10.28 21.18
CA LEU B 418 39.28 9.84 21.47
C LEU B 418 39.19 8.82 22.59
N ILE B 419 39.17 7.54 22.21
CA ILE B 419 39.05 6.47 23.20
C ILE B 419 40.47 6.17 23.66
N LEU B 420 40.91 6.91 24.69
CA LEU B 420 42.24 6.72 25.24
C LEU B 420 42.23 5.57 26.24
N THR B 421 43.39 5.29 26.82
CA THR B 421 43.56 4.25 27.83
C THR B 421 44.81 4.59 28.62
N ARG B 422 44.72 4.54 29.95
CA ARG B 422 45.83 4.92 30.81
C ARG B 422 46.65 3.69 31.19
N ASP B 423 47.72 3.93 31.95
CA ASP B 423 48.47 2.88 32.62
C ASP B 423 49.00 3.44 33.93
N GLY B 424 48.97 2.60 34.97
CA GLY B 424 49.33 3.04 36.31
C GLY B 424 50.79 3.39 36.50
N ASN B 428 56.58 4.32 40.16
CA ASN B 428 56.21 5.25 39.10
C ASN B 428 55.09 6.18 39.56
N SER B 429 55.30 7.48 39.39
CA SER B 429 54.33 8.48 39.78
C SER B 429 54.57 9.74 38.96
N THR B 430 53.94 10.84 39.39
CA THR B 430 54.05 12.24 38.88
C THR B 430 53.92 12.38 37.36
N THR B 431 53.29 11.41 36.70
CA THR B 431 53.09 11.44 35.26
C THR B 431 51.89 10.56 34.93
N GLU B 432 51.52 10.54 33.66
CA GLU B 432 50.46 9.65 33.19
C GLU B 432 50.70 9.32 31.74
N THR B 433 50.60 8.04 31.41
CA THR B 433 50.79 7.57 30.04
C THR B 433 49.42 7.30 29.42
N PHE B 434 49.11 7.99 28.33
CA PHE B 434 47.78 7.96 27.73
C PHE B 434 47.87 7.44 26.30
N ARG B 435 47.84 6.19 26.16
CA ARG B 435 47.88 5.61 24.84
C ARG B 435 46.47 5.32 24.34
N PRO B 436 46.25 5.34 23.03
CA PRO B 436 44.89 5.15 22.52
C PRO B 436 44.42 3.71 22.63
N GLY B 437 43.11 3.54 22.54
CA GLY B 437 42.49 2.24 22.73
C GLY B 437 41.31 2.02 21.83
N GLY B 438 40.19 1.60 22.39
CA GLY B 438 39.01 1.30 21.61
C GLY B 438 39.09 -0.09 21.00
N GLY B 439 37.93 -0.56 20.55
CA GLY B 439 37.87 -1.87 19.93
C GLY B 439 36.69 -2.66 20.41
N ASP B 440 36.35 -2.52 21.68
CA ASP B 440 35.07 -3.02 22.19
C ASP B 440 34.01 -2.10 21.65
N MET B 441 33.18 -2.60 20.74
CA MET B 441 32.35 -1.70 19.95
C MET B 441 31.19 -1.10 20.73
N ARG B 442 30.93 -1.56 21.96
CA ARG B 442 29.90 -0.92 22.75
C ARG B 442 30.31 0.48 23.18
N ASP B 443 31.62 0.74 23.30
CA ASP B 443 32.10 2.08 23.58
C ASP B 443 31.94 3.00 22.39
N ASN B 444 31.81 2.45 21.19
CA ASN B 444 31.63 3.26 20.00
C ASN B 444 30.22 3.82 19.87
N TRP B 445 29.26 3.33 20.66
CA TRP B 445 27.91 3.85 20.62
C TRP B 445 27.41 4.37 21.95
N ARG B 446 27.97 3.93 23.07
CA ARG B 446 27.66 4.61 24.32
C ARG B 446 28.38 5.94 24.44
N SER B 447 29.28 6.27 23.50
CA SER B 447 29.72 7.64 23.35
C SER B 447 28.65 8.51 22.72
N GLU B 448 27.64 7.92 22.09
CA GLU B 448 26.58 8.66 21.43
C GLU B 448 25.19 8.41 22.00
N LEU B 449 25.03 7.42 22.87
CA LEU B 449 23.78 7.17 23.58
C LEU B 449 23.97 7.35 25.08
N TYR B 450 24.68 8.40 25.48
CA TYR B 450 24.91 8.59 26.90
C TYR B 450 23.81 9.38 27.57
N LYS B 451 23.16 10.27 26.82
CA LYS B 451 22.09 11.09 27.39
C LYS B 451 20.71 10.51 27.12
N TYR B 452 20.56 9.20 27.11
CA TYR B 452 19.26 8.60 26.88
C TYR B 452 19.05 7.47 27.87
N LYS B 453 17.78 7.20 28.17
CA LYS B 453 17.39 6.20 29.16
C LYS B 453 15.95 5.81 28.89
N VAL B 454 15.68 4.52 28.89
CA VAL B 454 14.34 4.01 28.61
C VAL B 454 13.67 3.66 29.94
N VAL B 455 12.44 4.14 30.13
CA VAL B 455 11.68 3.93 31.35
C VAL B 455 10.29 3.46 30.97
N LYS B 456 9.51 3.13 32.00
CA LYS B 456 8.07 2.92 31.83
C LYS B 456 7.37 3.48 33.05
N ILE B 457 6.18 4.02 32.85
CA ILE B 457 5.48 4.78 33.88
C ILE B 457 4.55 3.85 34.62
N GLU B 458 4.77 3.71 35.93
CA GLU B 458 4.00 2.79 36.77
C GLU B 458 3.15 3.58 37.76
N PRO B 459 1.88 3.81 37.48
CA PRO B 459 1.10 4.74 38.29
C PRO B 459 0.33 4.10 39.43
N LEU B 460 0.99 3.39 40.35
CA LEU B 460 0.26 2.73 41.42
C LEU B 460 1.17 2.63 42.65
N GLY B 461 1.00 3.54 43.60
CA GLY B 461 1.79 3.54 44.81
C GLY B 461 0.96 3.18 46.04
N VAL B 462 1.67 2.84 47.12
CA VAL B 462 1.01 2.57 48.39
C VAL B 462 1.61 3.41 49.52
N ALA B 463 1.13 4.63 49.67
CA ALA B 463 1.75 5.58 50.58
C ALA B 463 1.31 5.34 52.03
N PRO B 464 2.09 5.79 53.00
CA PRO B 464 1.63 5.81 54.40
C PRO B 464 0.72 7.01 54.68
N THR B 465 -0.50 6.73 55.14
CA THR B 465 -1.34 7.74 55.79
C THR B 465 -1.96 7.24 57.08
N ARG B 466 -2.07 5.92 57.26
CA ARG B 466 -2.60 5.25 58.46
C ARG B 466 -4.05 5.67 58.74
N CYS B 467 -4.87 5.45 57.72
CA CYS B 467 -6.31 5.60 57.74
C CYS B 467 -6.98 4.35 58.27
N LYS B 468 -8.30 4.23 58.11
CA LYS B 468 -9.03 3.02 58.51
C LYS B 468 -10.26 2.83 57.65
N LEU C 2 -26.63 -24.53 45.00
CA LEU C 2 -26.90 -23.52 46.00
C LEU C 2 -27.44 -22.24 45.37
N TRP C 3 -26.60 -21.23 45.23
CA TRP C 3 -27.01 -19.92 44.75
C TRP C 3 -26.35 -19.62 43.42
N VAL C 4 -26.99 -18.76 42.62
CA VAL C 4 -26.43 -18.37 41.33
C VAL C 4 -25.26 -17.42 41.57
N THR C 5 -24.09 -17.79 41.06
CA THR C 5 -22.97 -16.87 41.05
C THR C 5 -22.51 -16.66 39.62
N VAL C 6 -21.83 -15.55 39.37
CA VAL C 6 -21.52 -15.11 38.01
C VAL C 6 -20.02 -14.86 37.89
N TYR C 7 -19.40 -15.47 36.88
CA TYR C 7 -17.97 -15.34 36.65
C TYR C 7 -17.71 -14.56 35.39
N TYR C 8 -16.63 -13.80 35.38
CA TYR C 8 -16.18 -13.12 34.17
C TYR C 8 -14.78 -13.59 33.80
N GLY C 9 -14.52 -13.65 32.50
CA GLY C 9 -13.26 -14.15 32.00
C GLY C 9 -13.22 -15.63 31.80
N VAL C 10 -14.37 -16.30 31.78
CA VAL C 10 -14.46 -17.74 31.74
C VAL C 10 -14.07 -18.24 30.35
N PRO C 11 -13.26 -19.32 30.24
CA PRO C 11 -12.87 -19.82 28.90
C PRO C 11 -13.89 -20.70 28.18
N VAL C 12 -14.92 -20.07 27.62
CA VAL C 12 -15.90 -20.77 26.82
C VAL C 12 -16.14 -20.02 25.51
N TRP C 13 -16.52 -20.78 24.49
CA TRP C 13 -16.88 -20.27 23.18
C TRP C 13 -18.03 -21.09 22.64
N LYS C 14 -18.89 -20.47 21.82
CA LYS C 14 -20.00 -21.26 21.31
C LYS C 14 -19.79 -21.79 19.90
N ASP C 15 -19.91 -20.90 18.91
CA ASP C 15 -19.94 -21.19 17.48
C ASP C 15 -20.17 -19.87 16.76
N ALA C 16 -19.97 -19.86 15.45
CA ALA C 16 -20.12 -18.61 14.72
C ALA C 16 -20.51 -18.89 13.28
N GLU C 17 -21.03 -17.86 12.63
CA GLU C 17 -21.37 -17.91 11.21
C GLU C 17 -21.02 -16.58 10.57
N THR C 18 -19.85 -16.07 10.89
CA THR C 18 -19.43 -14.77 10.37
C THR C 18 -18.98 -14.88 8.93
N THR C 19 -18.57 -13.74 8.37
CA THR C 19 -18.07 -13.66 7.00
C THR C 19 -16.56 -13.47 7.07
N LEU C 20 -15.81 -14.53 6.79
CA LEU C 20 -14.36 -14.48 6.84
C LEU C 20 -13.80 -13.70 5.66
N PHE C 21 -12.69 -13.01 5.88
CA PHE C 21 -11.99 -12.32 4.82
C PHE C 21 -10.77 -13.12 4.41
N CYS C 22 -10.41 -13.05 3.14
CA CYS C 22 -9.43 -13.95 2.53
C CYS C 22 -8.10 -13.26 2.31
N ALA C 23 -6.99 -14.01 2.48
CA ALA C 23 -5.68 -13.38 2.40
C ALA C 23 -5.02 -13.47 1.04
N SER C 24 -4.54 -14.66 0.63
CA SER C 24 -4.02 -14.92 -0.71
C SER C 24 -2.93 -13.97 -1.21
N ASP C 25 -1.71 -14.08 -0.69
CA ASP C 25 -0.57 -13.26 -1.12
C ASP C 25 -0.31 -13.30 -2.63
N ALA C 26 -0.50 -12.17 -3.30
CA ALA C 26 -0.46 -12.09 -4.76
C ALA C 26 0.72 -11.23 -5.20
N LYS C 27 0.79 -10.97 -6.50
CA LYS C 27 1.91 -10.26 -7.10
C LYS C 27 1.57 -8.87 -7.61
N ALA C 28 0.31 -8.64 -8.00
CA ALA C 28 -0.32 -7.36 -8.38
C ALA C 28 0.13 -6.80 -9.72
N TYR C 29 1.11 -7.41 -10.40
CA TYR C 29 1.42 -6.97 -11.76
C TYR C 29 1.28 -8.05 -12.81
N GLU C 30 1.25 -9.33 -12.45
CA GLU C 30 1.05 -10.39 -13.43
C GLU C 30 -0.39 -10.34 -13.96
N THR C 31 -0.52 -10.59 -15.26
CA THR C 31 -1.81 -10.56 -15.92
C THR C 31 -2.57 -11.89 -15.82
N GLU C 32 -2.07 -12.82 -15.00
CA GLU C 32 -2.84 -14.02 -14.69
C GLU C 32 -4.12 -13.64 -13.97
N LYS C 33 -5.13 -14.47 -14.14
CA LYS C 33 -6.47 -14.03 -13.73
C LYS C 33 -6.73 -14.20 -12.25
N HIS C 34 -5.93 -15.00 -11.55
CA HIS C 34 -6.03 -15.02 -10.09
C HIS C 34 -5.28 -13.86 -9.47
N ASN C 35 -4.10 -13.55 -9.99
CA ASN C 35 -3.29 -12.46 -9.46
C ASN C 35 -3.88 -11.08 -9.74
N VAL C 36 -4.85 -10.98 -10.64
CA VAL C 36 -5.61 -9.75 -10.81
C VAL C 36 -6.90 -9.80 -10.00
N TRP C 37 -7.32 -10.97 -9.54
CA TRP C 37 -8.44 -11.07 -8.61
C TRP C 37 -7.98 -11.02 -7.17
N ALA C 38 -6.83 -11.61 -6.86
CA ALA C 38 -6.31 -11.65 -5.50
C ALA C 38 -5.64 -10.36 -5.08
N THR C 39 -5.78 -9.29 -5.86
CA THR C 39 -5.56 -7.95 -5.37
C THR C 39 -6.84 -7.13 -5.37
N HIS C 40 -7.88 -7.62 -6.04
CA HIS C 40 -9.14 -6.92 -6.04
C HIS C 40 -9.87 -7.06 -4.72
N ALA C 41 -9.96 -8.29 -4.20
CA ALA C 41 -10.74 -8.57 -3.01
C ALA C 41 -9.95 -9.45 -2.05
N CYS C 42 -8.73 -9.01 -1.73
CA CYS C 42 -7.87 -9.77 -0.83
C CYS C 42 -7.00 -8.78 -0.05
N VAL C 43 -5.95 -9.28 0.58
CA VAL C 43 -5.15 -8.51 1.53
C VAL C 43 -3.75 -9.11 1.49
N PRO C 44 -2.69 -8.43 1.90
CA PRO C 44 -1.41 -9.13 2.06
C PRO C 44 -1.49 -10.20 3.13
N THR C 45 -0.73 -11.27 2.94
CA THR C 45 -0.82 -12.37 3.90
C THR C 45 -0.12 -11.99 5.20
N ASP C 46 -0.45 -12.72 6.25
CA ASP C 46 -0.16 -12.28 7.61
C ASP C 46 1.32 -12.40 7.94
N PRO C 47 2.01 -11.29 8.20
CA PRO C 47 3.40 -11.39 8.63
C PRO C 47 3.48 -11.73 10.11
N ASN C 48 4.36 -12.67 10.44
CA ASN C 48 4.51 -13.31 11.74
C ASN C 48 3.19 -13.84 12.26
N PRO C 49 2.68 -14.94 11.72
CA PRO C 49 1.44 -15.51 12.26
C PRO C 49 1.71 -16.24 13.57
N GLN C 50 0.67 -16.34 14.39
CA GLN C 50 0.76 -16.98 15.69
C GLN C 50 -0.28 -18.08 15.78
N GLU C 51 0.11 -19.20 16.40
CA GLU C 51 -0.78 -20.34 16.58
C GLU C 51 -0.49 -20.95 17.94
N ILE C 52 -1.49 -21.00 18.80
CA ILE C 52 -1.36 -21.51 20.16
C ILE C 52 -2.02 -22.88 20.23
N HIS C 53 -1.35 -23.82 20.89
CA HIS C 53 -1.95 -25.12 21.17
C HIS C 53 -2.73 -25.04 22.48
N LEU C 54 -3.94 -25.55 22.49
CA LEU C 54 -4.80 -25.52 23.65
C LEU C 54 -4.82 -26.91 24.27
N GLU C 55 -4.17 -27.07 25.42
CA GLU C 55 -3.98 -28.39 26.00
C GLU C 55 -5.27 -28.93 26.61
N ASN C 56 -5.44 -30.25 26.49
CA ASN C 56 -6.53 -31.02 27.08
C ASN C 56 -7.92 -30.61 26.57
N VAL C 57 -7.99 -30.02 25.38
CA VAL C 57 -9.27 -29.63 24.81
C VAL C 57 -9.69 -30.69 23.81
N THR C 58 -10.79 -31.36 24.09
CA THR C 58 -11.46 -32.21 23.13
C THR C 58 -12.63 -31.45 22.52
N GLU C 59 -12.92 -31.71 21.25
CA GLU C 59 -13.95 -30.96 20.57
C GLU C 59 -14.59 -31.77 19.46
N GLU C 60 -15.91 -31.81 19.47
CA GLU C 60 -16.71 -32.41 18.40
C GLU C 60 -16.65 -31.49 17.20
N PHE C 61 -15.74 -31.77 16.27
CA PHE C 61 -15.68 -31.05 15.01
C PHE C 61 -16.79 -31.52 14.09
N ASN C 62 -16.91 -30.88 12.94
CA ASN C 62 -17.75 -31.39 11.86
C ASN C 62 -17.20 -30.91 10.53
N MET C 63 -17.47 -31.70 9.50
CA MET C 63 -16.98 -31.43 8.15
C MET C 63 -18.10 -31.12 7.17
N TRP C 64 -19.27 -31.72 7.35
CA TRP C 64 -20.37 -31.61 6.42
C TRP C 64 -21.34 -30.50 6.77
N LYS C 65 -21.08 -29.74 7.83
CA LYS C 65 -21.96 -28.63 8.19
C LYS C 65 -21.15 -27.37 8.48
N ASN C 66 -20.00 -27.22 7.85
CA ASN C 66 -19.16 -26.05 8.02
C ASN C 66 -19.77 -24.87 7.27
N ASN C 67 -19.42 -23.66 7.73
CA ASN C 67 -19.79 -22.44 7.02
C ASN C 67 -18.57 -21.58 6.72
N MET C 68 -17.40 -22.19 6.59
CA MET C 68 -16.35 -21.58 5.82
C MET C 68 -16.38 -22.09 4.38
N VAL C 69 -17.09 -23.18 4.17
CA VAL C 69 -17.21 -23.78 2.85
C VAL C 69 -18.08 -22.90 1.96
N GLU C 70 -19.21 -22.43 2.48
CA GLU C 70 -20.07 -21.56 1.72
C GLU C 70 -19.47 -20.17 1.52
N GLN C 71 -18.52 -19.77 2.35
CA GLN C 71 -17.77 -18.57 2.08
C GLN C 71 -16.58 -18.83 1.17
N MET C 72 -16.40 -20.07 0.75
CA MET C 72 -15.45 -20.38 -0.32
C MET C 72 -16.15 -20.63 -1.64
N HIS C 73 -17.27 -21.34 -1.61
CA HIS C 73 -17.98 -21.67 -2.83
C HIS C 73 -18.62 -20.44 -3.47
N THR C 74 -18.85 -19.37 -2.71
CA THR C 74 -19.34 -18.13 -3.28
C THR C 74 -18.26 -17.06 -3.35
N ASP C 75 -17.00 -17.43 -3.17
CA ASP C 75 -15.87 -16.57 -3.51
C ASP C 75 -15.00 -17.21 -4.57
N ILE C 76 -15.37 -18.38 -5.06
CA ILE C 76 -14.78 -18.98 -6.24
C ILE C 76 -15.72 -18.88 -7.43
N ILE C 77 -17.03 -18.97 -7.18
CA ILE C 77 -18.03 -18.54 -8.15
C ILE C 77 -17.80 -17.09 -8.55
N SER C 78 -17.50 -16.24 -7.57
CA SER C 78 -17.15 -14.86 -7.88
C SER C 78 -15.74 -14.72 -8.44
N LEU C 79 -14.93 -15.76 -8.39
CA LEU C 79 -13.62 -15.71 -9.01
C LEU C 79 -13.68 -16.11 -10.47
N TRP C 80 -14.54 -17.06 -10.81
CA TRP C 80 -14.66 -17.53 -12.18
C TRP C 80 -15.67 -16.74 -13.00
N ASP C 81 -16.24 -15.67 -12.44
CA ASP C 81 -17.08 -14.77 -13.20
C ASP C 81 -16.34 -13.54 -13.67
N GLN C 82 -15.19 -13.24 -13.08
CA GLN C 82 -14.34 -12.15 -13.53
C GLN C 82 -13.11 -12.65 -14.26
N SER C 83 -12.99 -13.95 -14.46
CA SER C 83 -11.77 -14.51 -15.01
C SER C 83 -12.01 -15.39 -16.22
N LEU C 84 -13.10 -16.15 -16.24
CA LEU C 84 -13.45 -17.02 -17.36
C LEU C 84 -14.79 -16.55 -17.88
N LYS C 85 -14.75 -15.55 -18.76
CA LYS C 85 -15.96 -14.97 -19.32
C LYS C 85 -16.28 -15.70 -20.61
N PRO C 86 -17.35 -16.47 -20.68
CA PRO C 86 -17.66 -17.20 -21.91
C PRO C 86 -18.24 -16.28 -22.96
N CYS C 87 -18.10 -16.70 -24.21
CA CYS C 87 -18.60 -15.90 -25.32
C CYS C 87 -20.12 -15.97 -25.39
N VAL C 88 -20.68 -17.17 -25.33
CA VAL C 88 -22.12 -17.38 -25.32
C VAL C 88 -22.45 -18.21 -24.09
N LYS C 89 -23.48 -17.82 -23.35
CA LYS C 89 -23.76 -18.41 -22.05
C LYS C 89 -25.27 -18.64 -21.95
N LEU C 90 -25.68 -19.90 -22.04
CA LEU C 90 -27.12 -20.23 -22.15
C LEU C 90 -27.71 -20.57 -20.78
N THR C 91 -27.70 -19.59 -19.88
CA THR C 91 -28.32 -19.85 -18.59
C THR C 91 -29.84 -19.80 -18.70
N PRO C 92 -30.54 -20.72 -18.05
CA PRO C 92 -32.01 -20.66 -18.05
C PRO C 92 -32.52 -19.53 -17.16
N LEU C 93 -33.66 -18.97 -17.56
CA LEU C 93 -34.35 -17.96 -16.75
C LEU C 93 -35.84 -18.08 -17.08
N CYS C 94 -36.58 -18.78 -16.23
CA CYS C 94 -37.97 -19.07 -16.54
C CYS C 94 -38.78 -19.09 -15.25
N VAL C 95 -40.09 -18.92 -15.40
CA VAL C 95 -41.02 -18.94 -14.28
C VAL C 95 -42.21 -19.82 -14.59
N ILE C 162 -44.08 -25.99 -16.68
CA ILE C 162 -43.61 -27.02 -17.61
C ILE C 162 -42.78 -26.40 -18.72
N ASN C 163 -43.36 -25.44 -19.43
CA ASN C 163 -42.64 -24.77 -20.51
C ASN C 163 -41.75 -23.68 -19.93
N CYS C 164 -40.48 -23.65 -20.37
CA CYS C 164 -39.52 -22.67 -19.89
C CYS C 164 -38.72 -22.11 -21.06
N ASN C 165 -38.05 -20.98 -20.80
CA ASN C 165 -37.22 -20.32 -21.78
C ASN C 165 -35.78 -20.26 -21.30
N THR C 166 -34.84 -20.29 -22.24
CA THR C 166 -33.42 -20.22 -21.96
C THR C 166 -32.85 -18.93 -22.56
N SER C 167 -32.15 -18.16 -21.74
CA SER C 167 -31.59 -16.90 -22.18
C SER C 167 -30.24 -17.14 -22.86
N ALA C 168 -29.57 -16.05 -23.23
CA ALA C 168 -28.24 -16.13 -23.85
C ALA C 168 -27.54 -14.80 -23.63
N ILE C 169 -26.48 -14.81 -22.85
CA ILE C 169 -25.73 -13.60 -22.55
C ILE C 169 -24.44 -13.66 -23.37
N THR C 170 -23.87 -12.49 -23.66
CA THR C 170 -22.68 -12.42 -24.48
C THR C 170 -21.78 -11.29 -23.99
N GLN C 171 -20.55 -11.64 -23.63
CA GLN C 171 -19.57 -10.67 -23.19
C GLN C 171 -18.34 -10.75 -24.09
N ALA C 172 -17.48 -9.73 -23.97
CA ALA C 172 -16.20 -9.75 -24.66
C ALA C 172 -15.32 -10.82 -24.02
N CYS C 173 -14.87 -11.79 -24.83
CA CYS C 173 -14.24 -13.00 -24.32
C CYS C 173 -12.84 -13.20 -24.89
N PRO C 174 -11.83 -12.63 -24.25
CA PRO C 174 -10.45 -12.91 -24.65
C PRO C 174 -9.86 -14.06 -23.83
N LYS C 175 -8.72 -14.56 -24.30
CA LYS C 175 -8.03 -15.65 -23.64
C LYS C 175 -6.98 -15.10 -22.68
N VAL C 176 -7.00 -15.58 -21.43
CA VAL C 176 -6.08 -15.11 -20.40
C VAL C 176 -5.54 -16.31 -19.65
N SER C 177 -4.39 -16.10 -19.02
CA SER C 177 -3.74 -17.17 -18.27
C SER C 177 -4.52 -17.46 -16.99
N PHE C 178 -4.36 -18.67 -16.48
CA PHE C 178 -5.21 -19.10 -15.38
C PHE C 178 -4.46 -20.16 -14.55
N GLU C 179 -3.75 -19.70 -13.53
CA GLU C 179 -2.98 -20.57 -12.65
C GLU C 179 -3.38 -20.28 -11.22
N PRO C 180 -4.01 -21.24 -10.52
CA PRO C 180 -4.52 -20.95 -9.18
C PRO C 180 -3.42 -20.82 -8.14
N ILE C 181 -3.56 -19.81 -7.30
CA ILE C 181 -2.58 -19.48 -6.25
C ILE C 181 -3.21 -19.87 -4.91
N PRO C 182 -2.44 -20.07 -3.84
CA PRO C 182 -3.08 -20.41 -2.57
C PRO C 182 -3.75 -19.22 -1.92
N ILE C 183 -4.92 -19.47 -1.34
CA ILE C 183 -5.75 -18.45 -0.70
C ILE C 183 -5.95 -18.84 0.76
N HIS C 184 -5.56 -17.95 1.67
CA HIS C 184 -5.78 -18.17 3.11
C HIS C 184 -7.07 -17.47 3.54
N TYR C 185 -7.86 -18.16 4.37
CA TYR C 185 -9.12 -17.64 4.89
C TYR C 185 -8.94 -17.17 6.31
N CYS C 186 -8.58 -15.90 6.48
CA CYS C 186 -8.34 -15.41 7.82
C CYS C 186 -9.66 -15.11 8.53
N ALA C 187 -9.57 -14.92 9.86
CA ALA C 187 -10.69 -14.68 10.75
C ALA C 187 -10.88 -13.18 10.97
N PRO C 188 -12.12 -12.69 11.02
CA PRO C 188 -12.32 -11.26 11.23
C PRO C 188 -12.11 -10.86 12.68
N ALA C 189 -12.34 -9.59 12.99
CA ALA C 189 -12.15 -9.12 14.35
C ALA C 189 -13.24 -9.68 15.26
N GLY C 190 -12.84 -10.38 16.32
CA GLY C 190 -13.77 -10.86 17.32
C GLY C 190 -13.96 -12.36 17.35
N PHE C 191 -13.43 -13.08 16.37
CA PHE C 191 -13.56 -14.53 16.29
C PHE C 191 -12.17 -15.15 16.27
N ALA C 192 -12.15 -16.49 16.25
CA ALA C 192 -10.91 -17.22 16.10
C ALA C 192 -11.23 -18.55 15.42
N ILE C 193 -10.25 -19.10 14.73
CA ILE C 193 -10.42 -20.37 14.04
C ILE C 193 -9.70 -21.47 14.81
N LEU C 194 -10.42 -22.53 15.12
CA LEU C 194 -9.79 -23.71 15.72
C LEU C 194 -9.03 -24.48 14.65
N LYS C 195 -8.31 -25.52 15.05
CA LYS C 195 -7.54 -26.31 14.10
C LYS C 195 -7.38 -27.72 14.64
N CYS C 196 -8.09 -28.67 14.04
CA CYS C 196 -8.03 -30.07 14.46
C CYS C 196 -6.72 -30.68 14.00
N LYS C 197 -5.74 -30.71 14.90
CA LYS C 197 -4.40 -31.19 14.57
C LYS C 197 -4.22 -32.68 14.80
N ASP C 198 -5.30 -33.41 15.04
CA ASP C 198 -5.23 -34.86 15.20
C ASP C 198 -4.89 -35.49 13.85
N LYS C 199 -3.74 -36.15 13.78
CA LYS C 199 -3.20 -36.65 12.52
C LYS C 199 -3.87 -37.94 12.02
N LYS C 200 -4.97 -38.36 12.63
CA LYS C 200 -5.72 -39.52 12.17
C LYS C 200 -7.22 -39.21 12.23
N PHE C 201 -7.59 -38.03 11.73
CA PHE C 201 -8.92 -37.49 11.93
C PHE C 201 -9.95 -38.19 11.06
N ASN C 202 -11.07 -38.58 11.67
CA ASN C 202 -12.18 -39.17 10.94
C ASN C 202 -12.95 -38.14 10.13
N GLY C 203 -12.76 -36.86 10.41
CA GLY C 203 -13.50 -35.82 9.73
C GLY C 203 -14.60 -35.25 10.61
N THR C 204 -15.32 -36.11 11.31
CA THR C 204 -16.40 -35.74 12.20
C THR C 204 -16.11 -36.28 13.60
N GLY C 205 -17.06 -36.11 14.51
CA GLY C 205 -16.92 -36.58 15.87
C GLY C 205 -15.91 -35.78 16.66
N PRO C 206 -15.52 -36.30 17.82
CA PRO C 206 -14.56 -35.57 18.67
C PRO C 206 -13.15 -35.60 18.11
N CYS C 207 -12.47 -34.47 18.20
CA CYS C 207 -11.09 -34.34 17.75
C CYS C 207 -10.23 -33.97 18.94
N PRO C 208 -9.38 -34.87 19.44
CA PRO C 208 -8.74 -34.63 20.76
C PRO C 208 -7.61 -33.63 20.75
N SER C 209 -7.02 -33.30 19.61
CA SER C 209 -5.94 -32.32 19.54
C SER C 209 -6.45 -31.11 18.78
N VAL C 210 -6.62 -30.00 19.50
CA VAL C 210 -7.27 -28.80 18.97
C VAL C 210 -6.40 -27.60 19.32
N SER C 211 -6.04 -26.81 18.31
CA SER C 211 -5.28 -25.59 18.50
C SER C 211 -6.02 -24.43 17.86
N THR C 212 -5.73 -23.22 18.32
CA THR C 212 -6.29 -22.02 17.73
C THR C 212 -5.32 -21.43 16.72
N VAL C 213 -5.87 -20.67 15.77
CA VAL C 213 -5.09 -20.11 14.68
C VAL C 213 -5.88 -18.92 14.13
N GLN C 214 -5.16 -17.95 13.59
CA GLN C 214 -5.79 -16.74 13.06
C GLN C 214 -6.27 -16.93 11.63
N CYS C 215 -5.38 -17.33 10.73
CA CYS C 215 -5.72 -17.61 9.34
C CYS C 215 -5.77 -19.12 9.14
N THR C 216 -5.93 -19.54 7.89
CA THR C 216 -5.79 -20.94 7.51
C THR C 216 -4.61 -21.11 6.57
N HIS C 217 -4.36 -22.36 6.17
CA HIS C 217 -3.20 -22.67 5.35
C HIS C 217 -3.44 -22.34 3.89
N GLY C 218 -2.59 -22.85 3.01
CA GLY C 218 -2.70 -22.54 1.60
C GLY C 218 -3.68 -23.40 0.83
N ILE C 219 -4.98 -23.13 0.96
CA ILE C 219 -5.96 -23.84 0.16
C ILE C 219 -5.98 -23.22 -1.23
N LYS C 220 -5.89 -24.08 -2.26
CA LYS C 220 -5.89 -23.63 -3.65
C LYS C 220 -7.24 -23.90 -4.28
N PRO C 221 -7.79 -22.95 -5.03
CA PRO C 221 -9.07 -23.17 -5.72
C PRO C 221 -8.91 -24.01 -6.98
N VAL C 222 -8.61 -25.29 -6.80
CA VAL C 222 -8.33 -26.20 -7.90
C VAL C 222 -9.61 -26.98 -8.20
N VAL C 223 -10.37 -26.45 -9.14
CA VAL C 223 -11.63 -27.05 -9.54
C VAL C 223 -11.35 -28.28 -10.39
N SER C 224 -11.94 -29.41 -10.01
CA SER C 224 -11.75 -30.67 -10.71
C SER C 224 -12.84 -31.63 -10.27
N THR C 225 -13.18 -32.56 -11.15
CA THR C 225 -14.05 -33.66 -10.79
C THR C 225 -13.29 -34.96 -10.90
N GLN C 226 -13.82 -35.98 -10.23
CA GLN C 226 -13.27 -37.34 -10.20
C GLN C 226 -11.81 -37.41 -9.75
N LEU C 227 -11.17 -36.27 -9.55
CA LEU C 227 -9.78 -36.25 -9.13
C LEU C 227 -9.35 -34.96 -8.45
N LEU C 228 -9.21 -35.00 -7.13
CA LEU C 228 -8.76 -33.84 -6.37
C LEU C 228 -7.33 -33.57 -6.84
N LEU C 229 -7.00 -32.32 -7.12
CA LEU C 229 -5.67 -32.03 -7.62
C LEU C 229 -4.99 -31.03 -6.69
N ASN C 230 -3.65 -31.07 -6.69
CA ASN C 230 -2.77 -30.06 -6.12
C ASN C 230 -2.95 -29.76 -4.63
N GLY C 231 -3.74 -30.55 -3.91
CA GLY C 231 -4.05 -30.25 -2.53
C GLY C 231 -2.96 -30.71 -1.57
N SER C 232 -3.25 -30.54 -0.29
CA SER C 232 -2.33 -31.00 0.74
C SER C 232 -2.62 -32.45 1.08
N LEU C 233 -1.56 -33.21 1.35
CA LEU C 233 -1.67 -34.66 1.20
C LEU C 233 -2.30 -35.38 2.39
N ALA C 234 -1.55 -35.52 3.48
CA ALA C 234 -1.93 -36.31 4.65
C ALA C 234 -0.88 -36.17 5.73
N GLU C 235 -1.02 -36.94 6.81
CA GLU C 235 0.03 -37.07 7.81
C GLU C 235 0.60 -38.49 7.85
N GLU C 236 -0.23 -39.50 8.09
CA GLU C 236 0.27 -40.85 8.28
C GLU C 236 -0.25 -41.82 7.23
N GLU C 237 -1.56 -41.98 7.10
CA GLU C 237 -2.15 -43.01 6.25
C GLU C 237 -3.09 -42.36 5.25
N VAL C 238 -3.72 -43.20 4.43
CA VAL C 238 -4.82 -42.76 3.58
C VAL C 238 -6.07 -42.65 4.45
N MET C 239 -6.68 -41.46 4.48
CA MET C 239 -7.90 -41.22 5.24
C MET C 239 -9.12 -41.39 4.35
N ILE C 240 -10.15 -42.02 4.88
CA ILE C 240 -11.40 -42.21 4.18
C ILE C 240 -12.48 -41.50 4.99
N ARG C 241 -13.13 -40.52 4.36
CA ARG C 241 -14.09 -39.66 5.03
C ARG C 241 -15.45 -39.76 4.37
N SER C 242 -16.50 -39.72 5.19
CA SER C 242 -17.87 -39.78 4.71
C SER C 242 -18.78 -39.20 5.77
N GLU C 243 -19.94 -38.71 5.34
CA GLU C 243 -20.93 -38.23 6.28
C GLU C 243 -21.60 -39.40 6.96
N ASN C 244 -22.28 -40.21 6.17
CA ASN C 244 -22.83 -41.48 6.62
C ASN C 244 -22.40 -42.48 5.56
N ILE C 245 -21.28 -43.17 5.82
CA ILE C 245 -20.91 -44.28 4.97
C ILE C 245 -21.92 -45.40 5.19
N THR C 246 -21.98 -46.31 4.21
CA THR C 246 -23.06 -47.28 4.03
C THR C 246 -24.42 -46.56 3.96
N ASN C 247 -24.53 -45.68 2.96
CA ASN C 247 -25.79 -45.06 2.58
C ASN C 247 -26.06 -45.07 1.09
N ASN C 248 -25.02 -45.26 0.26
CA ASN C 248 -25.11 -45.32 -1.21
C ASN C 248 -25.66 -44.03 -1.81
N ALA C 249 -25.47 -42.91 -1.13
CA ALA C 249 -25.84 -41.62 -1.67
C ALA C 249 -24.86 -40.51 -1.30
N LYS C 250 -23.77 -40.82 -0.61
CA LYS C 250 -22.83 -39.81 -0.15
C LYS C 250 -21.45 -40.10 -0.72
N ASN C 251 -20.74 -39.05 -1.11
CA ASN C 251 -19.41 -39.21 -1.66
C ASN C 251 -18.43 -39.58 -0.57
N ILE C 252 -17.31 -40.15 -0.99
CA ILE C 252 -16.31 -40.74 -0.09
C ILE C 252 -14.98 -40.07 -0.43
N LEU C 253 -14.66 -38.98 0.26
CA LEU C 253 -13.50 -38.17 -0.08
C LEU C 253 -12.22 -38.85 0.40
N VAL C 254 -11.81 -39.87 -0.34
CA VAL C 254 -10.54 -40.54 -0.06
C VAL C 254 -9.39 -39.57 -0.35
N GLN C 255 -8.54 -39.37 0.64
CA GLN C 255 -7.37 -38.52 0.48
C GLN C 255 -6.14 -39.38 0.24
N PHE C 256 -5.06 -38.76 -0.23
CA PHE C 256 -3.85 -39.47 -0.61
C PHE C 256 -2.68 -38.98 0.22
N ASN C 257 -1.87 -39.93 0.70
CA ASN C 257 -0.64 -39.62 1.43
C ASN C 257 0.60 -39.62 0.54
N THR C 258 0.41 -39.56 -0.78
CA THR C 258 1.50 -39.47 -1.74
C THR C 258 0.99 -38.82 -3.03
N PRO C 259 1.72 -37.87 -3.60
CA PRO C 259 1.23 -37.24 -4.83
C PRO C 259 1.49 -38.07 -6.06
N VAL C 260 0.47 -38.73 -6.58
CA VAL C 260 0.58 -39.47 -7.84
C VAL C 260 0.59 -38.45 -8.97
N GLN C 261 1.77 -38.22 -9.54
CA GLN C 261 1.92 -37.16 -10.53
C GLN C 261 1.21 -37.50 -11.84
N ILE C 262 0.91 -36.48 -12.61
CA ILE C 262 0.17 -36.64 -13.85
C ILE C 262 0.63 -35.55 -14.82
N ASN C 263 0.82 -35.93 -16.07
CA ASN C 263 1.39 -35.05 -17.10
C ASN C 263 0.33 -34.81 -18.16
N CYS C 264 -0.44 -33.74 -18.01
CA CYS C 264 -1.58 -33.46 -18.87
C CYS C 264 -1.15 -32.46 -19.93
N THR C 265 -0.66 -32.99 -21.05
CA THR C 265 -0.07 -32.19 -22.11
C THR C 265 -0.85 -32.38 -23.40
N ARG C 266 -0.94 -31.31 -24.18
CA ARG C 266 -1.25 -31.53 -25.57
C ARG C 266 -0.01 -31.21 -26.41
N PRO C 267 0.18 -31.90 -27.53
CA PRO C 267 1.39 -31.63 -28.33
C PRO C 267 1.25 -30.39 -29.19
N ASN C 268 2.25 -30.11 -30.02
CA ASN C 268 2.11 -29.03 -31.00
C ASN C 268 1.29 -29.48 -32.20
N ASN C 269 1.67 -30.59 -32.82
CA ASN C 269 0.93 -31.15 -33.94
C ASN C 269 1.14 -32.66 -34.04
N ASP C 292 -4.27 -33.38 -34.74
CA ASP C 292 -5.47 -32.67 -34.29
C ASP C 292 -5.09 -31.48 -33.41
N ILE C 293 -6.06 -30.61 -33.16
CA ILE C 293 -5.86 -29.45 -32.30
C ILE C 293 -6.53 -29.63 -30.95
N ARG C 294 -7.75 -30.16 -30.92
CA ARG C 294 -8.44 -30.45 -29.67
C ARG C 294 -8.27 -31.93 -29.33
N GLN C 295 -7.05 -32.25 -28.91
CA GLN C 295 -6.70 -33.63 -28.55
C GLN C 295 -5.50 -33.59 -27.65
N ALA C 296 -5.63 -34.14 -26.45
CA ALA C 296 -4.54 -34.19 -25.49
C ALA C 296 -4.50 -35.57 -24.85
N HIS C 297 -3.43 -35.81 -24.09
CA HIS C 297 -3.28 -37.09 -23.41
C HIS C 297 -2.54 -36.85 -22.10
N CYS C 298 -2.86 -37.67 -21.10
CA CYS C 298 -2.29 -37.51 -19.77
C CYS C 298 -1.60 -38.77 -19.30
N ASN C 299 -0.54 -38.59 -18.53
CA ASN C 299 0.41 -39.65 -18.22
C ASN C 299 0.47 -39.88 -16.72
N VAL C 300 -0.16 -40.96 -16.28
CA VAL C 300 -0.06 -41.40 -14.89
C VAL C 300 0.84 -42.63 -14.86
N SER C 301 1.77 -42.65 -13.91
CA SER C 301 2.78 -43.69 -13.84
C SER C 301 2.19 -44.94 -13.20
N LYS C 302 2.21 -46.05 -13.95
CA LYS C 302 1.78 -47.32 -13.41
C LYS C 302 2.77 -47.80 -12.34
N ALA C 303 2.26 -48.66 -11.45
CA ALA C 303 2.92 -49.29 -10.28
C ALA C 303 3.25 -48.29 -9.18
N THR C 304 3.04 -46.99 -9.39
CA THR C 304 2.85 -46.04 -8.31
C THR C 304 1.39 -45.67 -8.13
N TRP C 305 0.59 -45.83 -9.19
CA TRP C 305 -0.85 -45.83 -9.02
C TRP C 305 -1.34 -47.18 -8.51
N ASN C 306 -0.67 -48.26 -8.90
CA ASN C 306 -1.10 -49.59 -8.49
C ASN C 306 -0.83 -49.84 -7.01
N GLU C 307 0.21 -49.20 -6.47
CA GLU C 307 0.40 -49.26 -5.02
C GLU C 307 -0.46 -48.24 -4.29
N THR C 308 -0.89 -47.17 -4.96
CA THR C 308 -1.74 -46.18 -4.32
C THR C 308 -3.16 -46.68 -4.22
N LEU C 309 -3.64 -47.38 -5.25
CA LEU C 309 -4.83 -48.19 -5.09
C LEU C 309 -4.63 -49.36 -4.15
N GLY C 310 -3.37 -49.77 -3.93
CA GLY C 310 -3.10 -50.78 -2.92
C GLY C 310 -3.20 -50.26 -1.50
N LYS C 311 -2.92 -48.98 -1.29
CA LYS C 311 -3.05 -48.41 0.04
C LYS C 311 -4.51 -48.15 0.39
N VAL C 312 -5.32 -47.77 -0.60
CA VAL C 312 -6.69 -47.37 -0.33
C VAL C 312 -7.55 -48.57 0.00
N VAL C 313 -7.29 -49.72 -0.63
CA VAL C 313 -8.11 -50.90 -0.37
C VAL C 313 -7.85 -51.53 0.99
N LYS C 314 -6.84 -51.09 1.72
CA LYS C 314 -6.71 -51.49 3.12
C LYS C 314 -7.77 -50.79 3.97
N GLN C 315 -7.85 -49.47 3.87
CA GLN C 315 -8.83 -48.71 4.66
C GLN C 315 -10.24 -48.95 4.18
N LEU C 316 -10.44 -49.29 2.90
CA LEU C 316 -11.75 -49.72 2.45
C LEU C 316 -12.12 -51.06 3.05
N ARG C 317 -11.13 -51.91 3.31
CA ARG C 317 -11.36 -53.17 3.99
C ARG C 317 -11.54 -53.01 5.48
N LYS C 318 -11.27 -51.81 6.02
CA LYS C 318 -11.45 -51.56 7.44
C LYS C 318 -12.90 -51.22 7.76
N HIS C 319 -13.47 -50.27 7.03
CA HIS C 319 -14.85 -49.84 7.27
C HIS C 319 -15.86 -50.87 6.80
N PHE C 320 -15.45 -51.85 6.02
CA PHE C 320 -16.27 -52.99 5.64
C PHE C 320 -15.62 -54.25 6.20
N GLY C 321 -16.14 -55.40 5.80
CA GLY C 321 -15.59 -56.67 6.23
C GLY C 321 -14.30 -57.01 5.50
N ASN C 322 -13.81 -58.23 5.78
CA ASN C 322 -12.63 -58.73 5.11
C ASN C 322 -12.95 -59.58 3.90
N ASN C 323 -14.19 -60.05 3.77
CA ASN C 323 -14.63 -60.84 2.63
C ASN C 323 -15.18 -59.97 1.50
N THR C 324 -14.87 -58.68 1.49
CA THR C 324 -15.33 -57.77 0.45
C THR C 324 -14.30 -57.74 -0.67
N ILE C 325 -14.68 -58.21 -1.85
CA ILE C 325 -13.82 -58.17 -3.03
C ILE C 325 -14.00 -56.78 -3.63
N ILE C 326 -13.11 -55.87 -3.24
CA ILE C 326 -13.22 -54.45 -3.61
C ILE C 326 -12.99 -54.30 -5.10
N ARG C 327 -13.99 -53.75 -5.79
CA ARG C 327 -14.00 -53.67 -7.24
C ARG C 327 -14.15 -52.22 -7.68
N PHE C 328 -13.36 -51.80 -8.65
CA PHE C 328 -13.53 -50.52 -9.30
C PHE C 328 -14.14 -50.72 -10.68
N ALA C 329 -14.74 -49.66 -11.21
CA ALA C 329 -15.45 -49.75 -12.48
C ALA C 329 -15.49 -48.37 -13.12
N ASN C 330 -16.08 -48.31 -14.31
CA ASN C 330 -16.22 -47.03 -14.99
C ASN C 330 -17.37 -46.25 -14.39
N SER C 331 -17.46 -44.97 -14.73
CA SER C 331 -18.60 -44.18 -14.30
C SER C 331 -19.85 -44.66 -15.03
N SER C 332 -20.98 -44.58 -14.35
CA SER C 332 -22.20 -45.18 -14.87
C SER C 332 -22.82 -44.36 -15.99
N GLY C 333 -22.54 -43.08 -16.06
CA GLY C 333 -23.06 -42.25 -17.13
C GLY C 333 -23.26 -40.83 -16.65
N GLY C 334 -24.04 -40.09 -17.43
CA GLY C 334 -24.44 -38.75 -17.02
C GLY C 334 -23.77 -37.64 -17.78
N ASP C 335 -23.52 -36.53 -17.09
CA ASP C 335 -22.87 -35.39 -17.70
C ASP C 335 -21.42 -35.72 -18.01
N LEU C 336 -20.89 -35.07 -19.04
CA LEU C 336 -19.54 -35.36 -19.49
C LEU C 336 -18.46 -34.88 -18.55
N GLU C 337 -18.79 -34.01 -17.60
CA GLU C 337 -17.82 -33.53 -16.64
C GLU C 337 -17.76 -34.38 -15.38
N VAL C 338 -18.62 -35.38 -15.24
CA VAL C 338 -18.53 -36.31 -14.13
C VAL C 338 -18.17 -37.72 -14.56
N THR C 339 -18.40 -38.09 -15.82
CA THR C 339 -17.95 -39.38 -16.31
C THR C 339 -16.53 -39.34 -16.81
N THR C 340 -15.93 -38.15 -16.89
CA THR C 340 -14.54 -37.97 -17.25
C THR C 340 -13.92 -36.96 -16.29
N HIS C 341 -12.62 -37.12 -16.04
CA HIS C 341 -11.88 -36.24 -15.15
C HIS C 341 -11.74 -34.88 -15.80
N SER C 342 -12.65 -33.98 -15.48
CA SER C 342 -12.63 -32.64 -16.04
C SER C 342 -11.86 -31.67 -15.16
N PHE C 343 -11.15 -30.77 -15.81
CA PHE C 343 -10.34 -29.73 -15.17
C PHE C 343 -9.94 -28.76 -16.27
N ASN C 344 -9.07 -27.82 -15.96
CA ASN C 344 -8.53 -26.96 -17.00
C ASN C 344 -7.06 -26.68 -16.73
N CYS C 345 -6.35 -26.32 -17.80
CA CYS C 345 -4.93 -26.03 -17.72
C CYS C 345 -4.62 -24.93 -18.73
N GLY C 346 -4.30 -23.74 -18.22
CA GLY C 346 -3.99 -22.61 -19.05
C GLY C 346 -5.18 -21.86 -19.61
N GLY C 347 -6.37 -22.42 -19.53
CA GLY C 347 -7.56 -21.75 -20.04
C GLY C 347 -8.52 -22.70 -20.69
N GLU C 348 -8.01 -23.81 -21.22
CA GLU C 348 -8.81 -24.78 -21.96
C GLU C 348 -9.23 -25.92 -21.04
N PHE C 349 -10.49 -26.32 -21.15
CA PHE C 349 -11.10 -27.26 -20.20
C PHE C 349 -10.90 -28.68 -20.70
N PHE C 350 -9.89 -29.38 -20.18
CA PHE C 350 -9.62 -30.74 -20.60
C PHE C 350 -10.72 -31.66 -20.07
N TYR C 351 -10.92 -32.77 -20.78
CA TYR C 351 -11.94 -33.76 -20.39
C TYR C 351 -11.30 -35.14 -20.50
N CYS C 352 -10.67 -35.59 -19.44
CA CYS C 352 -9.81 -36.76 -19.49
C CYS C 352 -10.56 -38.04 -19.13
N ASN C 353 -10.48 -39.02 -20.01
CA ASN C 353 -10.91 -40.39 -19.73
C ASN C 353 -10.20 -40.93 -18.50
N THR C 354 -10.92 -41.72 -17.69
CA THR C 354 -10.31 -42.39 -16.56
C THR C 354 -10.77 -43.84 -16.46
N SER C 355 -10.82 -44.55 -17.58
CA SER C 355 -11.23 -45.95 -17.53
C SER C 355 -10.09 -46.86 -17.15
N GLY C 356 -8.84 -46.46 -17.41
CA GLY C 356 -7.70 -47.30 -17.10
C GLY C 356 -7.09 -46.99 -15.75
N LEU C 357 -7.86 -46.39 -14.86
CA LEU C 357 -7.44 -46.12 -13.50
C LEU C 357 -8.36 -46.75 -12.47
N PHE C 358 -9.66 -46.73 -12.69
CA PHE C 358 -10.60 -47.41 -11.81
C PHE C 358 -11.23 -48.55 -12.59
N ASN C 359 -10.49 -49.65 -12.68
CA ASN C 359 -11.00 -50.89 -13.27
C ASN C 359 -10.13 -52.01 -12.71
N SER C 360 -10.63 -52.71 -11.70
CA SER C 360 -9.82 -53.67 -10.98
C SER C 360 -10.75 -54.58 -10.18
N THR C 361 -10.14 -55.60 -9.58
CA THR C 361 -10.84 -56.51 -8.67
C THR C 361 -9.82 -56.97 -7.65
N TRP C 362 -10.00 -56.59 -6.39
CA TRP C 362 -9.00 -56.80 -5.35
C TRP C 362 -9.50 -57.87 -4.39
N ILE C 363 -8.94 -59.07 -4.54
CA ILE C 363 -9.29 -60.20 -3.68
C ILE C 363 -8.50 -60.10 -2.38
N SER C 364 -8.90 -60.89 -1.38
CA SER C 364 -8.24 -60.87 -0.09
C SER C 364 -7.36 -62.11 0.09
N ASP C 378 5.57 -48.25 -19.89
CA ASP C 378 5.52 -48.22 -18.43
C ASP C 378 4.34 -47.39 -17.93
N SER C 379 4.31 -46.11 -18.31
CA SER C 379 3.26 -45.23 -17.84
C SER C 379 1.93 -45.51 -18.55
N ILE C 380 0.85 -45.15 -17.88
CA ILE C 380 -0.49 -45.26 -18.45
C ILE C 380 -0.82 -43.96 -19.16
N THR C 381 -1.41 -44.06 -20.34
CA THR C 381 -1.89 -42.89 -21.07
C THR C 381 -3.38 -42.72 -20.84
N LEU C 382 -3.85 -41.50 -21.09
CA LEU C 382 -5.25 -41.13 -20.84
C LEU C 382 -5.80 -40.38 -22.03
N PRO C 383 -6.71 -40.95 -22.80
CA PRO C 383 -7.18 -40.28 -24.03
C PRO C 383 -8.10 -39.10 -23.75
N CYS C 384 -7.49 -37.95 -23.50
CA CYS C 384 -8.22 -36.77 -23.10
C CYS C 384 -8.82 -36.06 -24.32
N ARG C 385 -9.45 -34.91 -24.07
CA ARG C 385 -10.05 -34.08 -25.10
C ARG C 385 -9.94 -32.63 -24.63
N ILE C 386 -10.45 -31.73 -25.46
CA ILE C 386 -10.60 -30.33 -25.09
C ILE C 386 -11.98 -29.89 -25.55
N LYS C 387 -12.77 -29.34 -24.66
CA LYS C 387 -14.11 -28.93 -25.00
C LYS C 387 -14.19 -27.41 -25.12
N GLN C 388 -15.19 -26.95 -25.87
CA GLN C 388 -15.54 -25.54 -25.93
C GLN C 388 -16.96 -25.28 -25.47
N ILE C 389 -17.81 -26.29 -25.40
CA ILE C 389 -19.19 -26.17 -24.98
C ILE C 389 -19.34 -27.01 -23.72
N ILE C 390 -19.21 -26.36 -22.57
CA ILE C 390 -19.13 -27.03 -21.27
C ILE C 390 -20.34 -26.68 -20.44
N ASN C 391 -20.73 -27.60 -19.57
CA ASN C 391 -21.66 -27.31 -18.49
C ASN C 391 -20.87 -26.69 -17.34
N MET C 392 -21.16 -25.44 -17.00
CA MET C 392 -20.37 -24.88 -15.93
C MET C 392 -20.89 -25.37 -14.58
N TRP C 393 -20.01 -25.32 -13.59
CA TRP C 393 -20.28 -25.88 -12.28
C TRP C 393 -20.92 -24.88 -11.32
N GLN C 394 -20.90 -23.59 -11.67
CA GLN C 394 -21.42 -22.56 -10.79
C GLN C 394 -22.93 -22.63 -10.68
N ARG C 395 -23.60 -22.61 -11.82
CA ARG C 395 -25.03 -22.70 -11.92
C ARG C 395 -25.35 -23.72 -13.00
N ILE C 396 -26.61 -23.78 -13.40
CA ILE C 396 -27.02 -24.65 -14.48
C ILE C 396 -27.04 -23.83 -15.75
N GLY C 397 -26.66 -24.46 -16.87
CA GLY C 397 -26.60 -23.74 -18.12
C GLY C 397 -25.25 -23.78 -18.78
N GLN C 398 -25.24 -24.02 -20.09
CA GLN C 398 -24.00 -24.26 -20.80
C GLN C 398 -23.25 -22.96 -21.09
N ALA C 399 -21.93 -23.03 -21.08
CA ALA C 399 -21.09 -21.95 -21.57
C ALA C 399 -20.57 -22.31 -22.96
N MET C 400 -19.93 -21.34 -23.59
CA MET C 400 -19.35 -21.54 -24.92
C MET C 400 -18.13 -20.66 -25.03
N TYR C 401 -16.97 -21.26 -25.28
CA TYR C 401 -15.71 -20.57 -25.14
C TYR C 401 -15.01 -20.42 -26.48
N ALA C 402 -13.86 -19.74 -26.43
CA ALA C 402 -13.05 -19.44 -27.60
C ALA C 402 -12.39 -20.71 -28.13
N PRO C 403 -11.85 -20.68 -29.36
CA PRO C 403 -10.96 -21.77 -29.80
C PRO C 403 -9.73 -21.86 -28.94
N PRO C 404 -9.10 -23.03 -28.85
CA PRO C 404 -7.94 -23.20 -27.97
C PRO C 404 -6.72 -22.44 -28.47
N ILE C 405 -5.76 -22.28 -27.55
CA ILE C 405 -4.51 -21.60 -27.89
C ILE C 405 -3.66 -22.49 -28.79
N GLN C 406 -2.68 -21.87 -29.46
CA GLN C 406 -1.99 -22.54 -30.57
C GLN C 406 -0.98 -23.57 -30.09
N GLY C 407 0.04 -23.13 -29.35
CA GLY C 407 1.21 -23.95 -29.10
C GLY C 407 1.01 -25.03 -28.05
N VAL C 408 2.11 -25.40 -27.41
CA VAL C 408 2.07 -26.46 -26.40
C VAL C 408 1.60 -25.88 -25.08
N ILE C 409 0.71 -26.60 -24.40
CA ILE C 409 0.25 -26.25 -23.07
C ILE C 409 0.23 -27.48 -22.17
N ARG C 410 1.31 -27.66 -21.41
CA ARG C 410 1.41 -28.74 -20.45
C ARG C 410 1.03 -28.24 -19.07
N CYS C 411 0.66 -29.17 -18.20
CA CYS C 411 0.45 -28.86 -16.79
C CYS C 411 0.81 -30.05 -15.94
N VAL C 412 1.78 -29.87 -15.06
CA VAL C 412 2.15 -30.86 -14.07
C VAL C 412 1.32 -30.64 -12.81
N SER C 413 0.76 -31.70 -12.27
CA SER C 413 -0.10 -31.57 -11.10
C SER C 413 -0.07 -32.87 -10.31
N ASN C 414 -0.55 -32.78 -9.08
CA ASN C 414 -0.49 -33.87 -8.11
C ASN C 414 -1.91 -34.35 -7.80
N ILE C 415 -2.20 -35.60 -8.12
CA ILE C 415 -3.51 -36.15 -7.79
C ILE C 415 -3.50 -36.50 -6.31
N THR C 416 -3.84 -35.55 -5.46
CA THR C 416 -3.90 -35.80 -4.02
C THR C 416 -5.34 -35.99 -3.55
N GLY C 417 -6.05 -36.93 -4.14
CA GLY C 417 -7.42 -37.14 -3.69
C GLY C 417 -8.19 -38.07 -4.59
N LEU C 418 -9.32 -38.53 -4.06
CA LEU C 418 -10.28 -39.32 -4.80
C LEU C 418 -11.66 -38.99 -4.27
N ILE C 419 -12.64 -39.03 -5.15
CA ILE C 419 -14.05 -38.90 -4.77
C ILE C 419 -14.74 -40.12 -5.36
N LEU C 420 -14.84 -41.18 -4.59
CA LEU C 420 -15.47 -42.39 -5.08
C LEU C 420 -16.97 -42.31 -4.76
N THR C 421 -17.71 -43.37 -5.06
CA THR C 421 -19.12 -43.48 -4.72
C THR C 421 -19.46 -44.96 -4.74
N ARG C 422 -20.20 -45.43 -3.73
CA ARG C 422 -20.53 -46.85 -3.64
C ARG C 422 -21.61 -47.22 -4.65
N ASP C 423 -21.94 -48.51 -4.66
CA ASP C 423 -23.10 -49.04 -5.39
C ASP C 423 -23.58 -50.26 -4.61
N GLY C 424 -24.54 -50.04 -3.71
CA GLY C 424 -24.95 -51.08 -2.79
C GLY C 424 -26.09 -51.94 -3.29
N GLY C 425 -25.76 -53.13 -3.78
CA GLY C 425 -26.77 -54.05 -4.27
C GLY C 425 -27.25 -55.01 -3.21
N SER C 426 -27.32 -56.30 -3.55
CA SER C 426 -27.72 -57.33 -2.60
C SER C 426 -27.07 -58.66 -2.96
N THR C 430 -21.49 -58.02 -0.55
CA THR C 430 -21.27 -58.81 -1.75
C THR C 430 -19.93 -58.47 -2.39
N THR C 431 -19.91 -57.37 -3.16
CA THR C 431 -18.69 -56.95 -3.83
C THR C 431 -18.34 -55.51 -3.49
N GLU C 432 -19.37 -54.66 -3.40
CA GLU C 432 -19.27 -53.24 -3.03
C GLU C 432 -18.36 -52.48 -3.99
N THR C 433 -18.86 -52.32 -5.22
CA THR C 433 -18.13 -51.62 -6.27
C THR C 433 -18.06 -50.12 -5.97
N PHE C 434 -17.04 -49.46 -6.55
CA PHE C 434 -16.80 -48.03 -6.35
C PHE C 434 -16.64 -47.33 -7.70
N ARG C 435 -17.76 -46.94 -8.30
CA ARG C 435 -17.75 -46.21 -9.56
C ARG C 435 -17.73 -44.73 -9.25
N PRO C 436 -16.62 -44.03 -9.44
CA PRO C 436 -16.46 -42.69 -8.86
C PRO C 436 -17.30 -41.59 -9.48
N GLY C 437 -17.18 -40.39 -8.92
CA GLY C 437 -17.95 -39.24 -9.35
C GLY C 437 -17.40 -37.96 -8.77
N GLY C 438 -18.26 -36.98 -8.53
CA GLY C 438 -17.86 -35.68 -8.06
C GLY C 438 -18.51 -34.60 -8.88
N GLY C 439 -18.18 -33.36 -8.54
CA GLY C 439 -18.73 -32.23 -9.28
C GLY C 439 -19.37 -31.19 -8.39
N ASP C 440 -19.95 -31.62 -7.28
CA ASP C 440 -20.44 -30.70 -6.27
C ASP C 440 -19.23 -30.09 -5.61
N MET C 441 -18.86 -28.88 -6.03
CA MET C 441 -17.54 -28.33 -5.79
C MET C 441 -17.24 -28.05 -4.33
N ARG C 442 -18.25 -28.02 -3.46
CA ARG C 442 -17.98 -27.95 -2.04
C ARG C 442 -17.26 -29.19 -1.53
N ASP C 443 -17.41 -30.33 -2.20
CA ASP C 443 -16.63 -31.52 -1.85
C ASP C 443 -15.16 -31.34 -2.15
N ASN C 444 -14.83 -30.53 -3.15
CA ASN C 444 -13.43 -30.21 -3.41
C ASN C 444 -12.86 -29.27 -2.35
N TRP C 445 -13.70 -28.59 -1.58
CA TRP C 445 -13.24 -27.72 -0.51
C TRP C 445 -13.73 -28.15 0.86
N ARG C 446 -14.52 -29.21 0.95
CA ARG C 446 -14.68 -29.88 2.23
C ARG C 446 -13.44 -30.67 2.58
N SER C 447 -12.77 -31.21 1.59
CA SER C 447 -11.55 -31.99 1.78
C SER C 447 -10.31 -31.13 1.96
N GLU C 448 -10.47 -29.81 2.13
CA GLU C 448 -9.36 -28.95 2.49
C GLU C 448 -9.67 -28.01 3.64
N LEU C 449 -10.93 -27.77 3.94
CA LEU C 449 -11.33 -26.97 5.10
C LEU C 449 -11.94 -27.85 6.19
N TYR C 450 -11.56 -29.12 6.21
CA TYR C 450 -12.14 -30.06 7.16
C TYR C 450 -11.61 -29.87 8.57
N LYS C 451 -10.36 -29.45 8.70
CA LYS C 451 -9.70 -29.42 9.98
C LYS C 451 -9.91 -28.11 10.73
N TYR C 452 -10.73 -27.21 10.24
CA TYR C 452 -10.94 -25.93 10.90
C TYR C 452 -12.37 -25.79 11.38
N LYS C 453 -12.57 -24.82 12.26
CA LYS C 453 -13.89 -24.36 12.68
C LYS C 453 -13.75 -22.95 13.20
N VAL C 454 -14.73 -22.10 12.90
CA VAL C 454 -14.74 -20.72 13.34
C VAL C 454 -15.68 -20.61 14.55
N VAL C 455 -15.20 -19.98 15.62
CA VAL C 455 -15.92 -19.91 16.87
C VAL C 455 -15.81 -18.50 17.43
N LYS C 456 -16.66 -18.21 18.42
CA LYS C 456 -16.77 -16.88 19.01
C LYS C 456 -16.67 -17.01 20.52
N ILE C 457 -15.72 -16.29 21.12
CA ILE C 457 -15.50 -16.40 22.55
C ILE C 457 -16.58 -15.64 23.30
N GLU C 458 -17.34 -16.34 24.13
CA GLU C 458 -18.46 -15.77 24.89
C GLU C 458 -18.17 -15.92 26.37
N PRO C 459 -17.35 -15.03 26.96
CA PRO C 459 -16.81 -15.24 28.31
C PRO C 459 -17.65 -14.65 29.44
N LEU C 460 -18.82 -15.24 29.70
CA LEU C 460 -19.61 -14.85 30.87
C LEU C 460 -20.50 -16.03 31.24
N GLY C 461 -20.12 -16.74 32.30
CA GLY C 461 -20.83 -17.94 32.69
C GLY C 461 -21.28 -17.88 34.14
N VAL C 462 -22.25 -18.72 34.46
CA VAL C 462 -22.82 -18.79 35.80
C VAL C 462 -22.54 -20.16 36.40
N ALA C 463 -22.73 -20.27 37.70
CA ALA C 463 -22.34 -21.47 38.45
C ALA C 463 -23.19 -21.54 39.72
N PRO C 464 -23.40 -22.75 40.28
CA PRO C 464 -24.29 -22.87 41.45
C PRO C 464 -23.67 -22.83 42.84
N THR C 465 -22.45 -22.32 43.03
CA THR C 465 -21.83 -22.45 44.34
C THR C 465 -22.43 -21.47 45.35
N ARG C 466 -22.11 -21.69 46.63
CA ARG C 466 -22.75 -20.98 47.73
C ARG C 466 -22.02 -19.68 48.04
N CYS C 467 -22.78 -18.59 48.17
CA CYS C 467 -22.24 -17.26 48.44
C CYS C 467 -23.24 -16.49 49.28
N LYS C 468 -23.07 -15.17 49.33
CA LYS C 468 -24.01 -14.27 49.99
C LYS C 468 -23.91 -12.86 49.42
N LYS D 1 -19.45 63.88 14.10
CA LYS D 1 -19.82 63.53 12.73
C LYS D 1 -18.83 64.13 11.74
N LYS D 2 -18.25 63.30 10.90
CA LYS D 2 -17.27 63.75 9.92
C LYS D 2 -17.97 64.45 8.77
N VAL D 3 -17.18 65.22 8.00
CA VAL D 3 -17.67 65.90 6.81
C VAL D 3 -16.51 66.09 5.85
N VAL D 4 -16.82 66.14 4.56
CA VAL D 4 -15.82 66.35 3.50
C VAL D 4 -16.39 67.31 2.46
N LEU D 5 -15.49 67.94 1.72
CA LEU D 5 -15.83 68.86 0.66
C LEU D 5 -15.05 68.53 -0.60
N GLY D 6 -15.72 68.66 -1.75
CA GLY D 6 -15.06 68.58 -3.03
C GLY D 6 -15.48 69.75 -3.90
N LYS D 7 -14.80 69.91 -5.03
CA LYS D 7 -15.14 71.02 -5.93
C LYS D 7 -16.09 70.55 -7.03
N LYS D 8 -15.58 69.73 -7.96
CA LYS D 8 -16.32 69.10 -9.04
C LYS D 8 -15.42 68.12 -9.78
N GLY D 9 -15.91 66.91 -10.06
CA GLY D 9 -15.20 66.02 -10.93
C GLY D 9 -14.09 65.20 -10.29
N ASP D 10 -13.66 65.53 -9.07
CA ASP D 10 -12.49 64.89 -8.47
C ASP D 10 -12.86 63.52 -7.89
N THR D 11 -11.93 62.95 -7.15
CA THR D 11 -12.12 61.64 -6.52
C THR D 11 -11.97 61.79 -5.02
N VAL D 12 -12.97 61.33 -4.28
CA VAL D 12 -12.96 61.41 -2.84
C VAL D 12 -12.59 60.06 -2.26
N GLU D 13 -12.28 60.03 -0.96
CA GLU D 13 -11.92 58.80 -0.26
C GLU D 13 -12.72 58.78 1.04
N LEU D 14 -13.93 58.24 0.99
CA LEU D 14 -14.75 58.06 2.18
C LEU D 14 -14.49 56.67 2.72
N THR D 15 -13.97 56.58 3.93
CA THR D 15 -13.45 55.32 4.47
C THR D 15 -14.31 54.84 5.63
N CYS D 16 -14.69 53.56 5.59
CA CYS D 16 -15.04 52.86 6.82
C CYS D 16 -13.75 52.36 7.47
N THR D 17 -13.89 51.74 8.63
CA THR D 17 -12.76 51.11 9.30
C THR D 17 -13.32 50.02 10.21
N ALA D 18 -12.84 48.80 10.02
CA ALA D 18 -13.23 47.69 10.88
C ALA D 18 -12.29 47.63 12.09
N SER D 19 -12.36 46.55 12.86
CA SER D 19 -11.58 46.46 14.08
C SER D 19 -10.50 45.38 14.03
N GLN D 20 -10.58 44.42 13.11
CA GLN D 20 -9.73 43.26 13.14
C GLN D 20 -8.86 43.07 11.90
N LYS D 21 -9.15 43.78 10.81
CA LYS D 21 -8.49 43.64 9.51
C LYS D 21 -8.57 42.20 8.98
N LYS D 22 -9.80 41.72 8.82
CA LYS D 22 -9.98 40.40 8.23
C LYS D 22 -11.19 40.35 7.30
N SER D 23 -11.46 41.45 6.58
CA SER D 23 -12.38 41.52 5.44
C SER D 23 -13.82 41.18 5.81
N ILE D 24 -14.38 41.99 6.70
CA ILE D 24 -15.78 41.85 7.09
C ILE D 24 -16.64 42.47 5.99
N GLN D 25 -17.78 41.83 5.70
CA GLN D 25 -18.67 42.31 4.65
C GLN D 25 -19.29 43.65 5.03
N PHE D 26 -19.07 44.66 4.20
CA PHE D 26 -19.51 46.03 4.47
C PHE D 26 -20.52 46.46 3.43
N HIS D 27 -20.96 47.71 3.54
CA HIS D 27 -21.83 48.32 2.54
C HIS D 27 -21.63 49.83 2.55
N TRP D 28 -22.38 50.50 1.69
CA TRP D 28 -22.43 51.96 1.64
C TRP D 28 -23.81 52.34 1.13
N LYS D 29 -24.48 53.25 1.83
CA LYS D 29 -25.81 53.68 1.43
C LYS D 29 -25.89 55.19 1.54
N ASN D 30 -26.88 55.76 0.84
CA ASN D 30 -27.15 57.19 0.90
C ASN D 30 -28.15 57.48 2.00
N SER D 31 -28.70 58.70 2.00
CA SER D 31 -29.68 59.08 3.01
C SER D 31 -31.02 58.38 2.78
N ASN D 32 -31.39 58.16 1.52
CA ASN D 32 -32.64 57.49 1.19
C ASN D 32 -32.50 55.96 1.16
N GLN D 33 -31.36 55.44 1.61
CA GLN D 33 -31.07 54.01 1.73
C GLN D 33 -31.17 53.28 0.39
N ILE D 34 -30.33 53.71 -0.54
CA ILE D 34 -30.07 53.01 -1.79
C ILE D 34 -28.62 52.57 -1.75
N LYS D 35 -28.34 51.37 -2.24
CA LYS D 35 -27.00 50.81 -2.13
C LYS D 35 -26.04 51.48 -3.09
N ILE D 36 -24.81 51.68 -2.64
CA ILE D 36 -23.76 52.30 -3.44
C ILE D 36 -22.68 51.29 -3.79
N LEU D 37 -22.01 50.73 -2.79
CA LEU D 37 -21.02 49.69 -2.99
C LEU D 37 -21.36 48.50 -2.10
N GLY D 38 -20.42 47.59 -1.95
CA GLY D 38 -20.54 46.55 -0.97
C GLY D 38 -19.74 45.32 -1.31
N ASN D 39 -19.06 44.80 -0.29
CA ASN D 39 -18.37 43.53 -0.40
C ASN D 39 -19.40 42.42 -0.57
N GLN D 40 -19.08 41.46 -1.41
CA GLN D 40 -19.82 40.20 -1.46
C GLN D 40 -18.79 39.08 -1.49
N GLY D 41 -18.28 38.72 -0.32
CA GLY D 41 -17.26 37.69 -0.27
C GLY D 41 -15.89 38.28 -0.54
N SER D 42 -15.44 38.13 -1.77
CA SER D 42 -14.24 38.80 -2.24
C SER D 42 -14.47 39.49 -3.58
N PHE D 43 -15.72 39.53 -4.04
CA PHE D 43 -16.10 40.27 -5.22
C PHE D 43 -16.50 41.69 -4.82
N LEU D 44 -17.12 42.42 -5.73
CA LEU D 44 -17.59 43.78 -5.49
C LEU D 44 -18.96 43.90 -6.14
N THR D 45 -19.86 44.62 -5.49
CA THR D 45 -21.23 44.71 -5.99
C THR D 45 -21.76 46.11 -5.78
N LYS D 46 -22.04 46.80 -6.89
CA LYS D 46 -22.62 48.13 -6.83
C LYS D 46 -24.14 48.04 -6.77
N GLY D 47 -24.78 49.18 -6.58
CA GLY D 47 -26.20 49.23 -6.42
C GLY D 47 -26.87 50.10 -7.45
N PRO D 48 -28.17 49.95 -7.62
CA PRO D 48 -28.88 50.67 -8.69
C PRO D 48 -29.17 52.13 -8.35
N SER D 49 -28.10 52.89 -8.16
CA SER D 49 -28.18 54.31 -7.84
C SER D 49 -27.70 55.13 -9.02
N LYS D 50 -27.65 56.45 -8.82
CA LYS D 50 -27.13 57.34 -9.84
C LYS D 50 -25.61 57.23 -9.99
N LEU D 51 -24.93 56.69 -8.99
CA LEU D 51 -23.48 56.53 -8.98
C LEU D 51 -23.05 55.14 -9.46
N ASN D 52 -23.83 54.54 -10.35
CA ASN D 52 -23.70 53.12 -10.68
C ASN D 52 -22.41 52.79 -11.42
N ASP D 53 -21.80 53.74 -12.10
CA ASP D 53 -20.56 53.50 -12.81
C ASP D 53 -19.47 54.51 -12.46
N ARG D 54 -19.67 55.30 -11.41
CA ARG D 54 -18.68 56.29 -11.00
C ARG D 54 -18.17 56.04 -9.58
N ALA D 55 -18.32 54.81 -9.08
CA ALA D 55 -17.92 54.48 -7.72
C ALA D 55 -17.02 53.26 -7.74
N ASP D 56 -16.11 53.19 -6.78
CA ASP D 56 -15.12 52.11 -6.74
C ASP D 56 -14.57 52.00 -5.33
N SER D 57 -13.85 50.91 -5.09
CA SER D 57 -13.14 50.69 -3.84
C SER D 57 -11.80 50.03 -4.15
N ARG D 58 -10.83 50.24 -3.27
CA ARG D 58 -9.53 49.62 -3.43
C ARG D 58 -9.62 48.20 -2.90
N ARG D 59 -9.47 47.22 -3.80
CA ARG D 59 -9.67 45.83 -3.42
C ARG D 59 -8.53 45.28 -2.59
N SER D 60 -7.35 45.90 -2.63
CA SER D 60 -6.23 45.41 -1.84
C SER D 60 -6.32 45.82 -0.38
N LEU D 61 -7.12 46.83 -0.07
CA LEU D 61 -7.21 47.35 1.29
C LEU D 61 -8.27 46.65 2.13
N TRP D 62 -9.08 45.79 1.53
CA TRP D 62 -10.13 45.11 2.29
C TRP D 62 -9.55 44.11 3.28
N ASP D 63 -8.37 43.57 2.99
CA ASP D 63 -7.73 42.67 3.95
C ASP D 63 -7.11 43.41 5.12
N GLN D 64 -6.87 44.71 4.99
CA GLN D 64 -6.37 45.52 6.09
C GLN D 64 -7.48 46.30 6.78
N GLY D 65 -8.72 45.85 6.67
CA GLY D 65 -9.84 46.42 7.37
C GLY D 65 -10.51 47.62 6.73
N ASN D 66 -9.74 48.49 6.10
CA ASN D 66 -10.29 49.72 5.54
C ASN D 66 -11.10 49.42 4.28
N PHE D 67 -12.32 49.93 4.23
CA PHE D 67 -13.20 49.79 3.08
C PHE D 67 -13.53 51.17 2.54
N PRO D 68 -12.65 51.74 1.72
CA PRO D 68 -12.93 53.08 1.19
C PRO D 68 -14.00 53.06 0.11
N LEU D 69 -14.59 54.24 -0.11
CA LEU D 69 -15.48 54.50 -1.23
C LEU D 69 -14.88 55.61 -2.05
N ILE D 70 -14.56 55.32 -3.30
CA ILE D 70 -13.90 56.27 -4.18
C ILE D 70 -14.88 56.64 -5.29
N ILE D 71 -15.34 57.89 -5.27
CA ILE D 71 -16.32 58.37 -6.24
C ILE D 71 -15.59 59.27 -7.22
N LYS D 72 -15.46 58.81 -8.46
CA LYS D 72 -14.90 59.65 -9.51
C LYS D 72 -16.01 60.46 -10.17
N ASN D 73 -15.61 61.59 -10.76
CA ASN D 73 -16.48 62.51 -11.50
C ASN D 73 -17.63 63.02 -10.62
N LEU D 74 -17.24 63.79 -9.61
CA LEU D 74 -18.17 64.43 -8.69
C LEU D 74 -19.05 65.44 -9.42
N LYS D 75 -20.33 65.11 -9.59
CA LYS D 75 -21.30 66.02 -10.17
C LYS D 75 -21.89 66.88 -9.05
N ILE D 76 -22.99 67.57 -9.32
CA ILE D 76 -23.57 68.44 -8.30
C ILE D 76 -24.65 67.71 -7.51
N GLU D 77 -25.18 66.60 -8.04
CA GLU D 77 -26.30 65.92 -7.41
C GLU D 77 -25.90 65.00 -6.26
N ASP D 78 -24.63 64.64 -6.16
CA ASP D 78 -24.20 63.65 -5.17
C ASP D 78 -23.79 64.27 -3.84
N SER D 79 -24.21 65.49 -3.55
CA SER D 79 -23.95 66.11 -2.25
C SER D 79 -24.92 65.53 -1.24
N ASP D 80 -24.41 64.67 -0.36
CA ASP D 80 -25.27 63.87 0.50
C ASP D 80 -24.46 63.37 1.69
N THR D 81 -25.10 62.56 2.53
CA THR D 81 -24.43 61.79 3.56
C THR D 81 -24.39 60.32 3.14
N TYR D 82 -23.33 59.63 3.57
CA TYR D 82 -23.08 58.27 3.16
C TYR D 82 -22.72 57.43 4.37
N ILE D 83 -23.31 56.23 4.45
CA ILE D 83 -23.40 55.46 5.68
C ILE D 83 -22.80 54.08 5.46
N CYS D 84 -21.76 53.74 6.23
CA CYS D 84 -21.24 52.38 6.24
C CYS D 84 -22.20 51.46 6.99
N GLU D 85 -22.06 50.16 6.73
CA GLU D 85 -22.65 49.11 7.57
C GLU D 85 -21.62 47.99 7.64
N VAL D 86 -20.72 48.03 8.61
CA VAL D 86 -19.70 47.00 8.69
C VAL D 86 -20.21 45.79 9.44
N GLU D 87 -20.47 45.93 10.73
CA GLU D 87 -21.24 44.96 11.49
C GLU D 87 -22.51 45.59 12.05
N ASP D 88 -22.36 46.70 12.77
CA ASP D 88 -23.46 47.56 13.16
C ASP D 88 -23.11 49.03 13.08
N GLN D 89 -21.84 49.38 12.94
CA GLN D 89 -21.36 50.74 13.10
C GLN D 89 -21.70 51.56 11.87
N LYS D 90 -22.87 52.21 11.91
CA LYS D 90 -23.32 53.08 10.84
C LYS D 90 -22.54 54.39 10.92
N GLU D 91 -21.32 54.37 10.41
CA GLU D 91 -20.44 55.53 10.44
C GLU D 91 -20.82 56.47 9.31
N GLU D 92 -21.56 57.53 9.64
CA GLU D 92 -22.03 58.47 8.63
C GLU D 92 -20.96 59.49 8.29
N VAL D 93 -20.84 59.79 7.00
CA VAL D 93 -19.95 60.85 6.51
C VAL D 93 -20.71 61.64 5.47
N GLN D 94 -20.79 62.96 5.65
CA GLN D 94 -21.52 63.85 4.76
C GLN D 94 -20.58 64.50 3.76
N LEU D 95 -20.98 64.51 2.49
CA LEU D 95 -20.18 65.07 1.42
C LEU D 95 -20.94 66.20 0.73
N LEU D 96 -20.22 67.26 0.39
CA LEU D 96 -20.78 68.38 -0.35
C LEU D 96 -19.82 68.78 -1.45
N VAL D 97 -20.37 69.15 -2.61
CA VAL D 97 -19.56 69.58 -3.74
C VAL D 97 -19.58 71.09 -3.87
N LYS E 1 45.54 -18.17 47.03
CA LYS E 1 46.46 -17.87 45.94
C LYS E 1 47.04 -19.12 45.31
N LYS E 2 46.81 -19.29 44.02
CA LYS E 2 47.39 -20.40 43.28
C LYS E 2 48.79 -20.03 42.80
N VAL E 3 49.69 -21.01 42.80
CA VAL E 3 51.07 -20.80 42.39
C VAL E 3 51.38 -21.78 41.27
N VAL E 4 51.99 -21.28 40.20
CA VAL E 4 52.32 -22.09 39.03
C VAL E 4 53.84 -22.04 38.85
N LEU E 5 54.45 -23.21 38.68
CA LEU E 5 55.89 -23.35 38.53
C LEU E 5 56.25 -23.60 37.07
N GLY E 6 56.97 -22.67 36.47
CA GLY E 6 57.54 -22.88 35.15
C GLY E 6 59.04 -22.66 35.20
N LYS E 7 59.78 -23.52 34.50
CA LYS E 7 61.21 -23.61 34.79
C LYS E 7 62.00 -22.45 34.18
N LYS E 8 62.09 -22.40 32.85
CA LYS E 8 62.79 -21.31 32.16
C LYS E 8 62.53 -21.33 30.66
N GLY E 9 62.03 -20.23 30.12
CA GLY E 9 61.86 -20.09 28.68
C GLY E 9 60.68 -20.82 28.09
N ASP E 10 59.94 -21.61 28.87
CA ASP E 10 58.82 -22.38 28.35
C ASP E 10 57.58 -21.53 28.19
N THR E 11 56.44 -22.19 28.01
CA THR E 11 55.15 -21.51 27.93
C THR E 11 54.24 -22.07 29.00
N VAL E 12 53.64 -21.19 29.79
CA VAL E 12 52.71 -21.58 30.84
C VAL E 12 51.31 -21.18 30.40
N GLU E 13 50.30 -21.66 31.13
CA GLU E 13 48.91 -21.31 30.88
C GLU E 13 48.30 -20.90 32.22
N LEU E 14 48.46 -19.63 32.57
CA LEU E 14 47.88 -19.13 33.81
C LEU E 14 46.37 -18.97 33.61
N THR E 15 45.63 -20.03 33.90
CA THR E 15 44.22 -20.09 33.57
C THR E 15 43.39 -19.15 34.43
N CYS E 16 42.17 -18.91 33.96
CA CYS E 16 41.19 -18.03 34.59
C CYS E 16 39.86 -18.34 33.94
N THR E 17 38.80 -18.39 34.73
CA THR E 17 37.56 -18.99 34.26
C THR E 17 36.36 -18.14 34.63
N ALA E 18 35.46 -17.97 33.67
CA ALA E 18 34.19 -17.29 33.87
C ALA E 18 33.10 -18.31 34.16
N SER E 19 31.85 -17.85 34.15
CA SER E 19 30.69 -18.71 34.41
C SER E 19 29.71 -18.74 33.25
N GLN E 20 29.31 -17.57 32.74
CA GLN E 20 28.24 -17.48 31.75
C GLN E 20 28.68 -17.82 30.34
N LYS E 21 30.00 -17.90 30.09
CA LYS E 21 30.60 -18.33 28.82
C LYS E 21 30.15 -17.46 27.64
N LYS E 22 30.49 -16.17 27.70
CA LYS E 22 30.10 -15.28 26.62
C LYS E 22 31.16 -14.22 26.29
N SER E 23 32.42 -14.45 26.69
CA SER E 23 33.58 -13.62 26.31
C SER E 23 33.44 -12.19 26.81
N ILE E 24 33.23 -12.03 28.10
CA ILE E 24 33.16 -10.69 28.68
C ILE E 24 34.57 -10.15 28.85
N GLN E 25 34.68 -8.86 29.12
CA GLN E 25 35.98 -8.21 29.15
C GLN E 25 36.77 -8.61 30.38
N PHE E 26 38.06 -8.94 30.18
CA PHE E 26 38.95 -9.26 31.28
C PHE E 26 40.22 -8.44 31.15
N HIS E 27 41.20 -8.72 32.02
CA HIS E 27 42.49 -8.07 31.99
C HIS E 27 43.48 -8.94 32.75
N TRP E 28 44.74 -8.52 32.75
CA TRP E 28 45.77 -9.18 33.54
C TRP E 28 46.76 -8.11 33.99
N LYS E 29 46.85 -7.90 35.29
CA LYS E 29 47.76 -6.91 35.86
C LYS E 29 48.77 -7.61 36.75
N ASN E 30 49.56 -6.82 37.47
CA ASN E 30 50.58 -7.37 38.37
C ASN E 30 50.60 -6.51 39.64
N SER E 31 51.68 -6.62 40.40
CA SER E 31 51.75 -6.01 41.73
C SER E 31 51.78 -4.49 41.66
N ASN E 32 52.43 -3.93 40.63
CA ASN E 32 52.46 -2.49 40.47
C ASN E 32 51.29 -1.98 39.63
N GLN E 33 50.31 -2.84 39.35
CA GLN E 33 49.12 -2.55 38.54
C GLN E 33 49.50 -2.06 37.14
N ILE E 34 50.24 -2.90 36.42
CA ILE E 34 50.65 -2.64 35.06
C ILE E 34 50.01 -3.71 34.18
N LYS E 35 49.41 -3.29 33.07
CA LYS E 35 48.62 -4.21 32.25
C LYS E 35 49.52 -5.17 31.48
N ILE E 36 49.17 -6.46 31.50
CA ILE E 36 49.86 -7.45 30.69
C ILE E 36 49.09 -7.62 29.39
N LEU E 37 47.85 -8.07 29.50
CA LEU E 37 46.96 -8.29 28.37
C LEU E 37 45.76 -7.37 28.47
N GLY E 38 44.79 -7.62 27.60
CA GLY E 38 43.50 -7.00 27.72
C GLY E 38 42.59 -7.38 26.58
N ASN E 39 41.38 -7.81 26.92
CA ASN E 39 40.35 -8.02 25.92
C ASN E 39 39.69 -6.69 25.60
N GLN E 40 39.42 -6.47 24.32
CA GLN E 40 38.66 -5.30 23.88
C GLN E 40 37.65 -5.81 22.85
N GLY E 41 36.46 -6.18 23.32
CA GLY E 41 35.46 -6.70 22.42
C GLY E 41 35.81 -8.06 21.89
N SER E 42 36.19 -8.11 20.62
CA SER E 42 36.66 -9.34 20.01
C SER E 42 38.13 -9.31 19.63
N PHE E 43 38.84 -8.25 20.00
CA PHE E 43 40.25 -8.10 19.69
C PHE E 43 41.08 -8.35 20.95
N LEU E 44 42.37 -8.05 20.88
CA LEU E 44 43.27 -8.20 22.02
C LEU E 44 44.16 -6.98 22.11
N THR E 45 44.51 -6.59 23.34
CA THR E 45 45.24 -5.35 23.55
C THR E 45 46.25 -5.53 24.66
N LYS E 46 47.53 -5.35 24.37
CA LYS E 46 48.57 -5.46 25.39
C LYS E 46 48.64 -4.17 26.20
N GLY E 47 49.69 -4.05 27.00
CA GLY E 47 49.96 -2.86 27.75
C GLY E 47 51.44 -2.71 27.97
N PRO E 48 51.89 -1.54 28.40
CA PRO E 48 53.33 -1.30 28.52
C PRO E 48 53.97 -2.04 29.68
N SER E 49 54.14 -3.35 29.53
CA SER E 49 54.75 -4.19 30.55
C SER E 49 56.06 -4.77 30.04
N LYS E 50 56.67 -5.61 30.87
CA LYS E 50 57.88 -6.32 30.46
C LYS E 50 57.57 -7.45 29.48
N LEU E 51 56.32 -7.91 29.45
CA LEU E 51 55.89 -8.98 28.56
C LEU E 51 55.19 -8.43 27.32
N ASN E 52 55.70 -7.30 26.82
CA ASN E 52 55.08 -6.60 25.70
C ASN E 52 55.15 -7.41 24.42
N ASP E 53 56.23 -8.16 24.23
CA ASP E 53 56.41 -9.02 23.06
C ASP E 53 56.37 -10.49 23.46
N ARG E 54 55.96 -10.78 24.69
CA ARG E 54 56.03 -12.14 25.21
C ARG E 54 54.68 -12.70 25.61
N ALA E 55 53.59 -11.94 25.48
CA ALA E 55 52.30 -12.35 26.00
C ALA E 55 51.34 -12.63 24.86
N ASP E 56 50.49 -13.64 25.04
CA ASP E 56 49.49 -14.03 24.06
C ASP E 56 48.46 -14.91 24.76
N SER E 57 47.28 -15.00 24.16
CA SER E 57 46.19 -15.77 24.74
C SER E 57 45.52 -16.59 23.65
N ARG E 58 44.91 -17.70 24.06
CA ARG E 58 44.20 -18.57 23.14
C ARG E 58 42.86 -17.93 22.81
N ARG E 59 42.69 -17.52 21.55
CA ARG E 59 41.54 -16.71 21.18
C ARG E 59 40.27 -17.53 21.05
N SER E 60 40.39 -18.81 20.71
CA SER E 60 39.20 -19.62 20.46
C SER E 60 38.47 -20.02 21.74
N LEU E 61 39.12 -19.86 22.89
CA LEU E 61 38.55 -20.29 24.17
C LEU E 61 37.79 -19.20 24.89
N TRP E 62 37.79 -17.97 24.36
CA TRP E 62 37.11 -16.87 25.03
C TRP E 62 35.61 -17.05 25.03
N ASP E 63 35.06 -17.69 23.99
CA ASP E 63 33.61 -17.91 23.93
C ASP E 63 33.15 -18.95 24.93
N GLN E 64 34.04 -19.81 25.41
CA GLN E 64 33.70 -20.78 26.44
C GLN E 64 33.94 -20.28 27.85
N GLY E 65 34.54 -19.09 28.01
CA GLY E 65 34.75 -18.50 29.31
C GLY E 65 36.18 -18.55 29.78
N ASN E 66 36.99 -19.49 29.28
CA ASN E 66 38.36 -19.60 29.72
C ASN E 66 39.18 -18.48 29.10
N PHE E 67 39.82 -17.66 29.93
CA PHE E 67 40.59 -16.50 29.47
C PHE E 67 42.04 -16.63 29.93
N PRO E 68 42.80 -17.55 29.36
CA PRO E 68 44.15 -17.80 29.89
C PRO E 68 45.15 -16.75 29.41
N LEU E 69 46.32 -16.78 30.02
CA LEU E 69 47.47 -15.98 29.60
C LEU E 69 48.63 -16.93 29.37
N ILE E 70 49.28 -16.79 28.21
CA ILE E 70 50.37 -17.67 27.82
C ILE E 70 51.60 -16.80 27.58
N ILE E 71 52.58 -16.91 28.47
CA ILE E 71 53.83 -16.16 28.36
C ILE E 71 54.89 -17.07 27.75
N LYS E 72 55.57 -16.58 26.73
CA LYS E 72 56.72 -17.25 26.15
C LYS E 72 57.97 -16.48 26.51
N ASN E 73 59.12 -17.19 26.44
CA ASN E 73 60.44 -16.71 26.84
C ASN E 73 60.40 -16.22 28.29
N LEU E 74 60.21 -17.19 29.18
CA LEU E 74 60.12 -16.95 30.62
C LEU E 74 61.48 -16.55 31.15
N LYS E 75 61.68 -15.27 31.41
CA LYS E 75 62.92 -14.78 31.96
C LYS E 75 62.89 -14.92 33.49
N ILE E 76 63.86 -14.31 34.16
CA ILE E 76 63.97 -14.45 35.60
C ILE E 76 63.16 -13.40 36.36
N GLU E 77 62.99 -12.20 35.78
CA GLU E 77 62.37 -11.09 36.50
C GLU E 77 60.88 -10.96 36.21
N ASP E 78 60.19 -12.05 35.90
CA ASP E 78 58.74 -12.02 35.77
C ASP E 78 58.03 -12.64 36.96
N SER E 79 58.75 -12.96 38.03
CA SER E 79 58.15 -13.58 39.22
C SER E 79 57.30 -12.55 39.94
N ASP E 80 55.98 -12.73 39.90
CA ASP E 80 55.04 -11.91 40.63
C ASP E 80 53.73 -12.69 40.75
N THR E 81 52.68 -12.00 41.17
CA THR E 81 51.33 -12.53 41.12
C THR E 81 50.50 -11.69 40.17
N TYR E 82 49.51 -12.32 39.55
CA TYR E 82 48.79 -11.71 38.44
C TYR E 82 47.29 -11.71 38.75
N ILE E 83 46.61 -10.68 38.27
CA ILE E 83 45.25 -10.35 38.69
C ILE E 83 44.35 -10.44 37.47
N CYS E 84 43.53 -11.49 37.39
CA CYS E 84 42.61 -11.69 36.29
C CYS E 84 41.22 -11.21 36.72
N GLU E 85 40.74 -10.14 36.09
CA GLU E 85 39.50 -9.49 36.51
C GLU E 85 38.38 -9.83 35.51
N VAL E 86 37.65 -10.91 35.76
CA VAL E 86 36.65 -11.35 34.80
C VAL E 86 35.40 -10.48 34.87
N GLU E 87 34.68 -10.54 35.99
CA GLU E 87 33.56 -9.63 36.23
C GLU E 87 33.85 -8.76 37.44
N ASP E 88 34.08 -9.37 38.60
CA ASP E 88 34.76 -8.73 39.71
C ASP E 88 35.77 -9.63 40.39
N GLN E 89 35.77 -10.92 40.08
CA GLN E 89 36.53 -11.93 40.82
C GLN E 89 37.99 -11.86 40.41
N LYS E 90 38.77 -11.10 41.17
CA LYS E 90 40.21 -10.99 40.94
C LYS E 90 40.89 -12.26 41.45
N GLU E 91 40.93 -13.29 40.60
CA GLU E 91 41.52 -14.56 40.97
C GLU E 91 43.04 -14.44 40.83
N GLU E 92 43.73 -14.30 41.94
CA GLU E 92 45.18 -14.11 41.92
C GLU E 92 45.90 -15.43 41.64
N VAL E 93 46.95 -15.35 40.83
CA VAL E 93 47.79 -16.50 40.50
C VAL E 93 49.24 -16.03 40.53
N GLN E 94 50.07 -16.68 41.34
CA GLN E 94 51.46 -16.30 41.49
C GLN E 94 52.35 -17.16 40.58
N LEU E 95 53.48 -16.58 40.17
CA LEU E 95 54.37 -17.23 39.22
C LEU E 95 55.79 -17.25 39.77
N LEU E 96 56.45 -18.40 39.62
CA LEU E 96 57.83 -18.58 40.05
C LEU E 96 58.65 -19.18 38.93
N VAL E 97 59.80 -18.58 38.66
CA VAL E 97 60.79 -19.14 37.75
C VAL E 97 61.42 -20.39 38.39
N LYS F 1 -46.94 -41.43 -0.46
CA LYS F 1 -46.95 -42.51 -1.44
C LYS F 1 -48.07 -42.31 -2.45
N LYS F 2 -47.73 -42.40 -3.74
CA LYS F 2 -48.68 -42.17 -4.82
C LYS F 2 -48.54 -43.29 -5.84
N VAL F 3 -49.54 -43.39 -6.71
CA VAL F 3 -49.60 -44.40 -7.76
C VAL F 3 -49.60 -43.70 -9.11
N VAL F 4 -48.70 -44.10 -9.99
CA VAL F 4 -48.61 -43.56 -11.35
C VAL F 4 -48.58 -44.74 -12.32
N LEU F 5 -49.50 -44.75 -13.28
CA LEU F 5 -49.64 -45.84 -14.24
C LEU F 5 -49.23 -45.36 -15.63
N GLY F 6 -48.30 -46.09 -16.25
CA GLY F 6 -48.04 -45.94 -17.66
C GLY F 6 -48.01 -47.31 -18.30
N LYS F 7 -48.20 -47.35 -19.62
CA LYS F 7 -48.29 -48.64 -20.28
C LYS F 7 -46.94 -49.09 -20.85
N LYS F 8 -46.42 -48.36 -21.84
CA LYS F 8 -45.21 -48.77 -22.54
C LYS F 8 -44.72 -47.61 -23.40
N GLY F 9 -43.41 -47.44 -23.45
CA GLY F 9 -42.80 -46.52 -24.40
C GLY F 9 -42.74 -45.05 -24.04
N ASP F 10 -43.88 -44.48 -23.65
CA ASP F 10 -43.95 -43.04 -23.43
C ASP F 10 -43.21 -42.64 -22.14
N THR F 11 -42.97 -41.35 -22.02
CA THR F 11 -42.14 -40.80 -20.95
C THR F 11 -43.02 -40.49 -19.75
N VAL F 12 -42.83 -41.24 -18.67
CA VAL F 12 -43.50 -40.96 -17.40
C VAL F 12 -42.75 -39.86 -16.67
N GLU F 13 -43.36 -39.30 -15.64
CA GLU F 13 -42.74 -38.22 -14.87
C GLU F 13 -43.05 -38.44 -13.40
N LEU F 14 -42.01 -38.60 -12.60
CA LEU F 14 -42.13 -38.79 -11.15
C LEU F 14 -41.39 -37.65 -10.46
N THR F 15 -42.07 -36.94 -9.57
CA THR F 15 -41.58 -35.68 -9.07
C THR F 15 -41.57 -35.67 -7.55
N CYS F 16 -40.43 -35.30 -6.98
CA CYS F 16 -40.34 -34.86 -5.59
C CYS F 16 -39.99 -33.39 -5.60
N THR F 17 -40.80 -32.59 -4.92
CA THR F 17 -40.69 -31.14 -4.94
C THR F 17 -40.14 -30.66 -3.60
N ALA F 18 -39.02 -29.94 -3.65
CA ALA F 18 -38.41 -29.42 -2.44
C ALA F 18 -39.14 -28.18 -1.96
N SER F 19 -38.79 -27.75 -0.75
CA SER F 19 -39.45 -26.64 -0.08
C SER F 19 -38.53 -25.42 0.06
N GLN F 20 -37.57 -25.27 -0.84
CA GLN F 20 -36.64 -24.15 -0.76
C GLN F 20 -36.59 -23.37 -2.07
N LYS F 21 -36.72 -24.08 -3.19
CA LYS F 21 -36.53 -23.56 -4.55
C LYS F 21 -35.17 -22.89 -4.72
N LYS F 22 -34.10 -23.62 -4.32
CA LYS F 22 -32.76 -23.11 -4.55
C LYS F 22 -31.77 -24.23 -4.91
N SER F 23 -32.27 -25.31 -5.52
CA SER F 23 -31.47 -26.39 -6.12
C SER F 23 -30.59 -27.12 -5.09
N ILE F 24 -31.23 -27.66 -4.08
CA ILE F 24 -30.53 -28.51 -3.14
C ILE F 24 -30.29 -29.88 -3.76
N GLN F 25 -29.34 -30.62 -3.19
CA GLN F 25 -28.95 -31.90 -3.75
C GLN F 25 -29.99 -32.95 -3.44
N PHE F 26 -30.46 -33.64 -4.47
CA PHE F 26 -31.42 -34.72 -4.32
C PHE F 26 -30.78 -36.02 -4.81
N HIS F 27 -31.58 -37.07 -4.86
CA HIS F 27 -31.11 -38.38 -5.31
C HIS F 27 -32.33 -39.15 -5.78
N TRP F 28 -32.10 -40.36 -6.30
CA TRP F 28 -33.18 -41.30 -6.62
C TRP F 28 -32.67 -42.71 -6.38
N LYS F 29 -33.58 -43.61 -6.04
CA LYS F 29 -33.22 -44.98 -5.72
C LYS F 29 -34.36 -45.88 -6.16
N ASN F 30 -34.38 -47.10 -5.65
CA ASN F 30 -35.46 -48.05 -5.95
C ASN F 30 -35.65 -48.95 -4.74
N SER F 31 -36.30 -50.10 -4.94
CA SER F 31 -36.60 -51.02 -3.86
C SER F 31 -35.41 -51.85 -3.40
N ASN F 32 -34.24 -51.70 -4.03
CA ASN F 32 -33.04 -52.41 -3.61
C ASN F 32 -31.89 -51.46 -3.30
N GLN F 33 -32.19 -50.17 -3.15
CA GLN F 33 -31.22 -49.09 -2.91
C GLN F 33 -30.15 -49.02 -4.01
N ILE F 34 -30.57 -49.29 -5.25
CA ILE F 34 -29.72 -49.13 -6.41
C ILE F 34 -29.97 -47.75 -6.97
N LYS F 35 -28.90 -46.98 -7.18
CA LYS F 35 -29.02 -45.59 -7.61
C LYS F 35 -29.54 -45.50 -9.04
N ILE F 36 -30.30 -44.44 -9.30
CA ILE F 36 -30.88 -44.24 -10.63
C ILE F 36 -30.33 -42.95 -11.21
N LEU F 37 -30.72 -41.84 -10.58
CA LEU F 37 -30.37 -40.48 -10.97
C LEU F 37 -29.61 -39.81 -9.84
N GLY F 38 -29.49 -38.49 -9.93
CA GLY F 38 -29.01 -37.72 -8.81
C GLY F 38 -28.21 -36.50 -9.20
N ASN F 39 -28.56 -35.37 -8.59
CA ASN F 39 -27.78 -34.16 -8.71
C ASN F 39 -26.40 -34.38 -8.13
N GLN F 40 -25.41 -33.76 -8.75
CA GLN F 40 -24.10 -33.62 -8.13
C GLN F 40 -23.61 -32.23 -8.46
N GLY F 41 -23.99 -31.25 -7.65
CA GLY F 41 -23.62 -29.88 -7.92
C GLY F 41 -24.55 -29.22 -8.92
N SER F 42 -24.09 -29.16 -10.17
CA SER F 42 -24.90 -28.64 -11.26
C SER F 42 -24.91 -29.60 -12.44
N PHE F 43 -24.58 -30.86 -12.21
CA PHE F 43 -24.48 -31.88 -13.23
C PHE F 43 -25.51 -32.96 -12.98
N LEU F 44 -25.39 -34.07 -13.69
CA LEU F 44 -26.20 -35.25 -13.48
C LEU F 44 -25.29 -36.39 -13.06
N THR F 45 -25.89 -37.47 -12.55
CA THR F 45 -25.09 -38.62 -12.12
C THR F 45 -25.98 -39.86 -12.25
N LYS F 46 -25.66 -40.74 -13.18
CA LYS F 46 -26.46 -41.93 -13.40
C LYS F 46 -26.08 -43.01 -12.39
N GLY F 47 -26.61 -44.21 -12.57
CA GLY F 47 -26.32 -45.31 -11.71
C GLY F 47 -26.29 -46.62 -12.47
N PRO F 48 -25.76 -47.66 -11.87
CA PRO F 48 -25.60 -48.93 -12.60
C PRO F 48 -26.84 -49.82 -12.58
N SER F 49 -28.00 -49.25 -12.84
CA SER F 49 -29.24 -50.02 -12.86
C SER F 49 -29.48 -50.57 -14.26
N LYS F 50 -30.69 -51.06 -14.50
CA LYS F 50 -31.13 -51.46 -15.84
C LYS F 50 -31.83 -50.33 -16.57
N LEU F 51 -31.79 -49.12 -16.03
CA LEU F 51 -32.43 -47.94 -16.61
C LEU F 51 -31.40 -46.85 -16.87
N ASN F 52 -30.22 -47.26 -17.33
CA ASN F 52 -29.08 -46.35 -17.41
C ASN F 52 -29.16 -45.43 -18.61
N ASP F 53 -29.52 -45.96 -19.77
CA ASP F 53 -29.56 -45.19 -21.00
C ASP F 53 -30.93 -44.59 -21.29
N ARG F 54 -31.83 -44.59 -20.31
CA ARG F 54 -33.21 -44.19 -20.55
C ARG F 54 -33.65 -42.99 -19.73
N ALA F 55 -33.40 -42.99 -18.44
CA ALA F 55 -33.96 -41.97 -17.56
C ALA F 55 -33.15 -40.69 -17.61
N ASP F 56 -33.83 -39.56 -17.38
CA ASP F 56 -33.18 -38.25 -17.46
C ASP F 56 -34.02 -37.26 -16.68
N SER F 57 -33.41 -36.12 -16.35
CA SER F 57 -34.04 -35.08 -15.55
C SER F 57 -33.93 -33.74 -16.25
N ARG F 58 -34.99 -32.93 -16.13
CA ARG F 58 -35.01 -31.62 -16.76
C ARG F 58 -34.23 -30.63 -15.90
N ARG F 59 -33.11 -30.13 -16.44
CA ARG F 59 -32.16 -29.38 -15.64
C ARG F 59 -32.60 -27.96 -15.35
N SER F 60 -33.50 -27.40 -16.14
CA SER F 60 -33.92 -26.03 -15.89
C SER F 60 -34.85 -25.91 -14.69
N LEU F 61 -35.51 -26.99 -14.31
CA LEU F 61 -36.48 -26.96 -13.22
C LEU F 61 -35.85 -27.12 -11.85
N TRP F 62 -34.54 -27.32 -11.76
CA TRP F 62 -33.91 -27.56 -10.47
C TRP F 62 -33.85 -26.28 -9.63
N ASP F 63 -33.82 -25.12 -10.28
CA ASP F 63 -33.75 -23.86 -9.54
C ASP F 63 -35.05 -23.51 -8.84
N GLN F 64 -36.14 -24.20 -9.15
CA GLN F 64 -37.41 -23.99 -8.47
C GLN F 64 -37.77 -25.17 -7.56
N GLY F 65 -36.84 -26.06 -7.28
CA GLY F 65 -37.08 -27.17 -6.39
C GLY F 65 -37.70 -28.39 -7.01
N ASN F 66 -38.05 -28.34 -8.29
CA ASN F 66 -38.66 -29.48 -8.96
C ASN F 66 -37.57 -30.39 -9.51
N PHE F 67 -37.51 -31.62 -9.01
CA PHE F 67 -36.51 -32.61 -9.45
C PHE F 67 -37.26 -33.80 -10.06
N PRO F 68 -37.65 -33.71 -11.32
CA PRO F 68 -38.42 -34.79 -11.92
C PRO F 68 -37.60 -36.02 -12.26
N LEU F 69 -38.24 -36.98 -12.91
CA LEU F 69 -37.58 -38.17 -13.41
C LEU F 69 -38.32 -38.61 -14.65
N ILE F 70 -37.68 -38.52 -15.81
CA ILE F 70 -38.33 -38.75 -17.10
C ILE F 70 -37.80 -40.07 -17.64
N ILE F 71 -38.57 -41.13 -17.48
CA ILE F 71 -38.18 -42.47 -17.91
C ILE F 71 -38.83 -42.71 -19.27
N LYS F 72 -38.04 -42.63 -20.34
CA LYS F 72 -38.52 -42.98 -21.65
C LYS F 72 -38.28 -44.45 -21.92
N ASN F 73 -39.04 -44.99 -22.89
CA ASN F 73 -38.98 -46.38 -23.34
C ASN F 73 -39.26 -47.34 -22.18
N LEU F 74 -40.51 -47.29 -21.70
CA LEU F 74 -40.97 -48.14 -20.62
C LEU F 74 -40.90 -49.61 -20.98
N LYS F 75 -40.00 -50.35 -20.34
CA LYS F 75 -39.89 -51.78 -20.58
C LYS F 75 -40.95 -52.53 -19.78
N ILE F 76 -40.91 -53.87 -19.88
CA ILE F 76 -41.93 -54.70 -19.25
C ILE F 76 -41.71 -54.87 -17.75
N GLU F 77 -40.54 -54.50 -17.23
CA GLU F 77 -40.20 -54.71 -15.83
C GLU F 77 -40.12 -53.41 -15.05
N ASP F 78 -40.66 -52.32 -15.60
CA ASP F 78 -40.56 -50.99 -14.99
C ASP F 78 -41.67 -50.72 -13.97
N SER F 79 -42.25 -51.77 -13.39
CA SER F 79 -43.24 -51.62 -12.32
C SER F 79 -42.50 -51.84 -11.00
N ASP F 80 -41.96 -50.77 -10.45
CA ASP F 80 -41.27 -50.84 -9.17
C ASP F 80 -41.65 -49.58 -8.39
N THR F 81 -40.95 -49.30 -7.29
CA THR F 81 -41.22 -48.15 -6.44
C THR F 81 -39.92 -47.41 -6.19
N TYR F 82 -39.87 -46.15 -6.59
CA TYR F 82 -38.65 -45.35 -6.51
C TYR F 82 -38.83 -44.25 -5.47
N ILE F 83 -37.73 -43.90 -4.80
CA ILE F 83 -37.77 -42.94 -3.72
C ILE F 83 -36.95 -41.72 -4.10
N CYS F 84 -37.18 -40.63 -3.36
CA CYS F 84 -36.33 -39.45 -3.40
C CYS F 84 -35.62 -39.30 -2.07
N GLU F 85 -34.51 -38.58 -2.08
CA GLU F 85 -33.81 -38.20 -0.86
C GLU F 85 -33.44 -36.73 -1.02
N VAL F 86 -34.35 -35.83 -0.71
CA VAL F 86 -34.08 -34.42 -0.90
C VAL F 86 -33.45 -33.85 0.36
N GLU F 87 -34.22 -33.82 1.45
CA GLU F 87 -33.68 -33.57 2.77
C GLU F 87 -33.90 -34.78 3.67
N ASP F 88 -35.16 -35.13 3.92
CA ASP F 88 -35.55 -36.38 4.55
C ASP F 88 -36.77 -36.99 3.88
N GLN F 89 -37.33 -36.33 2.87
CA GLN F 89 -38.63 -36.68 2.31
C GLN F 89 -38.47 -37.90 1.41
N LYS F 90 -38.39 -39.07 2.03
CA LYS F 90 -38.31 -40.32 1.29
C LYS F 90 -39.71 -40.66 0.77
N GLU F 91 -40.04 -40.04 -0.36
CA GLU F 91 -41.38 -40.17 -0.96
C GLU F 91 -41.36 -41.31 -1.96
N GLU F 92 -41.71 -42.50 -1.48
CA GLU F 92 -41.76 -43.69 -2.33
C GLU F 92 -42.95 -43.59 -3.28
N VAL F 93 -42.67 -43.46 -4.57
CA VAL F 93 -43.69 -43.40 -5.60
C VAL F 93 -43.55 -44.64 -6.48
N GLN F 94 -44.65 -45.36 -6.68
CA GLN F 94 -44.63 -46.61 -7.42
C GLN F 94 -45.00 -46.39 -8.88
N LEU F 95 -44.70 -47.39 -9.69
CA LEU F 95 -45.02 -47.38 -11.11
C LEU F 95 -45.65 -48.70 -11.51
N LEU F 96 -46.33 -48.69 -12.65
CA LEU F 96 -46.86 -49.91 -13.25
C LEU F 96 -46.56 -49.90 -14.74
N VAL F 97 -46.70 -51.07 -15.36
CA VAL F 97 -46.43 -51.22 -16.79
C VAL F 97 -47.73 -51.51 -17.53
N VAL G 2 15.26 33.05 -12.45
CA VAL G 2 14.83 32.53 -13.74
C VAL G 2 15.86 32.89 -14.81
N GLN G 3 16.14 31.97 -15.72
CA GLN G 3 17.06 32.19 -16.83
C GLN G 3 16.58 31.38 -18.02
N LEU G 4 17.33 31.48 -19.12
CA LEU G 4 17.00 30.73 -20.33
C LEU G 4 18.29 30.24 -20.96
N VAL G 5 18.38 28.93 -21.16
CA VAL G 5 19.47 28.35 -21.93
C VAL G 5 18.93 27.87 -23.26
N GLN G 6 19.79 27.86 -24.26
CA GLN G 6 19.42 27.48 -25.61
C GLN G 6 20.02 26.12 -25.94
N SER G 7 19.81 25.69 -27.19
CA SER G 7 20.47 24.51 -27.71
C SER G 7 21.84 24.91 -28.24
N GLY G 8 22.59 23.92 -28.72
CA GLY G 8 23.91 24.19 -29.25
C GLY G 8 23.87 24.85 -30.61
N ALA G 9 25.03 25.32 -31.04
CA ALA G 9 25.17 25.92 -32.36
C ALA G 9 25.05 24.85 -33.44
N GLU G 10 24.65 25.29 -34.63
CA GLU G 10 24.44 24.36 -35.73
C GLU G 10 24.73 25.07 -37.05
N VAL G 11 25.34 24.33 -37.97
CA VAL G 11 25.59 24.81 -39.32
C VAL G 11 24.93 23.84 -40.29
N ASN G 12 24.49 24.36 -41.42
CA ASN G 12 23.73 23.54 -42.37
C ASN G 12 23.88 24.11 -43.77
N LYS G 13 23.58 23.26 -44.75
CA LYS G 13 23.59 23.66 -46.13
C LYS G 13 22.37 24.51 -46.45
N PRO G 14 22.46 25.36 -47.48
CA PRO G 14 21.25 26.09 -47.93
C PRO G 14 20.21 25.14 -48.49
N GLY G 15 18.99 25.26 -48.00
CA GLY G 15 17.90 24.39 -48.39
C GLY G 15 17.52 23.34 -47.38
N SER G 16 17.81 23.55 -46.10
CA SER G 16 17.52 22.58 -45.05
C SER G 16 16.80 23.27 -43.91
N SER G 17 16.50 22.50 -42.87
CA SER G 17 15.73 22.95 -41.73
C SER G 17 16.63 23.08 -40.51
N VAL G 18 16.04 23.58 -39.42
CA VAL G 18 16.74 23.77 -38.15
C VAL G 18 15.69 23.80 -37.06
N LYS G 19 16.02 23.26 -35.89
CA LYS G 19 15.15 23.25 -34.72
C LYS G 19 15.98 23.69 -33.51
N VAL G 20 16.03 24.99 -33.27
CA VAL G 20 16.79 25.54 -32.15
C VAL G 20 15.88 25.68 -30.94
N SER G 21 16.35 25.20 -29.79
CA SER G 21 15.54 25.12 -28.58
C SER G 21 15.82 26.30 -27.67
N CYS G 22 14.99 26.42 -26.63
CA CYS G 22 15.18 27.42 -25.58
C CYS G 22 14.57 26.83 -24.31
N GLN G 23 15.40 26.22 -23.48
CA GLN G 23 14.91 25.49 -22.32
C GLN G 23 14.58 26.46 -21.19
N ALA G 24 13.40 26.28 -20.59
CA ALA G 24 12.90 27.19 -19.57
C ALA G 24 13.33 26.73 -18.18
N SER G 25 13.67 27.71 -17.34
CA SER G 25 14.10 27.46 -15.97
C SER G 25 13.01 27.69 -14.94
N GLY G 26 11.88 28.29 -15.33
CA GLY G 26 10.79 28.53 -14.42
C GLY G 26 9.94 27.30 -14.19
N ALA G 27 8.77 27.53 -13.60
CA ALA G 27 7.88 26.42 -13.28
C ALA G 27 7.19 25.88 -14.53
N THR G 28 6.56 26.76 -15.30
CA THR G 28 5.88 26.35 -16.53
C THR G 28 5.94 27.49 -17.53
N LEU G 29 5.52 27.19 -18.76
CA LEU G 29 5.64 28.16 -19.84
C LEU G 29 4.59 29.25 -19.75
N ASN G 30 3.44 28.96 -19.15
CA ASN G 30 2.24 29.76 -19.35
C ASN G 30 2.31 31.14 -18.71
N SER G 31 3.24 31.38 -17.80
CA SER G 31 3.39 32.72 -17.27
C SER G 31 4.25 33.61 -18.15
N HIS G 32 4.82 33.07 -19.22
CA HIS G 32 5.77 33.81 -20.03
C HIS G 32 5.31 33.87 -21.48
N ALA G 33 5.77 34.89 -22.19
CA ALA G 33 5.47 35.09 -23.59
C ALA G 33 6.79 35.09 -24.36
N PHE G 34 7.00 34.07 -25.16
CA PHE G 34 8.29 33.84 -25.79
C PHE G 34 8.39 34.53 -27.13
N SER G 35 9.61 34.95 -27.47
CA SER G 35 9.86 35.68 -28.70
C SER G 35 11.27 35.37 -29.19
N TRP G 36 11.41 35.19 -30.50
CA TRP G 36 12.66 34.76 -31.13
C TRP G 36 13.18 35.88 -32.01
N VAL G 37 14.06 36.71 -31.47
CA VAL G 37 14.70 37.73 -32.26
C VAL G 37 16.06 37.22 -32.71
N ARG G 38 16.61 37.86 -33.74
CA ARG G 38 17.91 37.48 -34.30
C ARG G 38 18.76 38.72 -34.51
N GLN G 39 20.05 38.49 -34.71
CA GLN G 39 21.02 39.57 -34.88
C GLN G 39 21.95 39.21 -36.03
N ALA G 40 21.72 39.83 -37.18
CA ALA G 40 22.67 39.78 -38.28
C ALA G 40 23.97 40.44 -37.84
N PRO G 41 25.14 39.93 -38.26
CA PRO G 41 26.41 40.33 -37.63
C PRO G 41 26.80 41.75 -37.99
N GLY G 42 26.84 42.62 -36.97
CA GLY G 42 27.13 44.01 -37.16
C GLY G 42 25.94 44.89 -37.45
N GLN G 43 24.81 44.30 -37.84
CA GLN G 43 23.58 45.04 -38.12
C GLN G 43 22.70 45.05 -36.88
N GLY G 44 21.48 45.55 -37.05
CA GLY G 44 20.54 45.64 -35.96
C GLY G 44 19.86 44.31 -35.66
N LEU G 45 18.85 44.38 -34.79
CA LEU G 45 18.09 43.21 -34.43
C LEU G 45 16.85 43.09 -35.29
N GLU G 46 16.19 41.93 -35.20
CA GLU G 46 15.07 41.61 -36.06
C GLU G 46 14.13 40.70 -35.29
N TRP G 47 12.98 41.22 -34.86
CA TRP G 47 11.97 40.39 -34.25
C TRP G 47 11.36 39.49 -35.32
N MET G 48 11.66 38.20 -35.25
CA MET G 48 11.17 37.30 -36.28
C MET G 48 9.74 36.84 -35.97
N ALA G 49 9.56 36.19 -34.84
CA ALA G 49 8.29 35.54 -34.52
C ALA G 49 8.20 35.40 -33.01
N GLY G 50 7.21 34.61 -32.56
CA GLY G 50 7.02 34.42 -31.15
C GLY G 50 5.71 33.75 -30.79
N ILE G 51 5.65 33.12 -29.64
CA ILE G 51 4.47 32.39 -29.21
C ILE G 51 4.09 32.87 -27.81
N ILE G 52 2.79 32.86 -27.53
CA ILE G 52 2.26 33.04 -26.18
C ILE G 52 1.44 31.79 -25.87
N PRO G 53 1.89 30.91 -24.98
CA PRO G 53 1.24 29.61 -24.83
C PRO G 53 0.09 29.56 -23.84
N ILE G 54 -0.19 30.66 -23.12
CA ILE G 54 -1.37 30.68 -22.26
C ILE G 54 -2.61 31.08 -23.05
N PHE G 55 -2.45 31.65 -24.23
CA PHE G 55 -3.58 32.03 -25.06
C PHE G 55 -3.70 31.17 -26.30
N GLY G 56 -2.70 30.36 -26.63
CA GLY G 56 -2.67 29.64 -27.87
C GLY G 56 -2.24 30.46 -29.07
N SER G 57 -2.03 31.76 -28.91
CA SER G 57 -1.71 32.62 -30.03
C SER G 57 -0.25 32.43 -30.45
N SER G 58 0.06 32.96 -31.63
CA SER G 58 1.40 32.91 -32.19
C SER G 58 1.48 33.99 -33.25
N HIS G 59 2.61 34.68 -33.29
CA HIS G 59 2.79 35.79 -34.20
C HIS G 59 4.01 35.56 -35.07
N TYR G 60 3.99 36.16 -36.26
CA TYR G 60 5.13 36.14 -37.15
C TYR G 60 5.19 37.48 -37.86
N ALA G 61 6.41 37.90 -38.19
CA ALA G 61 6.55 39.06 -39.07
C ALA G 61 6.23 38.65 -40.50
N GLN G 62 5.92 39.65 -41.33
CA GLN G 62 5.59 39.37 -42.72
C GLN G 62 6.81 38.94 -43.53
N LYS G 63 8.01 39.36 -43.11
CA LYS G 63 9.24 38.95 -43.77
C LYS G 63 9.65 37.53 -43.43
N PHE G 64 8.99 36.90 -42.45
CA PHE G 64 9.33 35.55 -42.05
C PHE G 64 8.14 34.60 -42.10
N ARG G 65 6.97 35.09 -42.53
CA ARG G 65 5.76 34.27 -42.53
C ARG G 65 5.86 33.19 -43.60
N GLY G 66 5.56 31.95 -43.19
CA GLY G 66 5.66 30.81 -44.07
C GLY G 66 6.98 30.07 -44.00
N ARG G 67 8.05 30.75 -43.57
CA ARG G 67 9.34 30.09 -43.40
C ARG G 67 9.56 29.62 -41.97
N VAL G 68 9.10 30.40 -40.99
CA VAL G 68 9.35 30.16 -39.59
C VAL G 68 8.05 29.72 -38.93
N THR G 69 8.13 28.69 -38.09
CA THR G 69 7.01 28.24 -37.27
C THR G 69 7.50 28.00 -35.86
N ILE G 70 6.97 28.77 -34.90
CA ILE G 70 7.28 28.56 -33.49
C ILE G 70 6.41 27.44 -32.96
N SER G 71 7.00 26.55 -32.18
CA SER G 71 6.23 25.50 -31.51
C SER G 71 6.81 25.31 -30.11
N ALA G 72 5.95 25.31 -29.11
CA ALA G 72 6.38 25.15 -27.73
C ALA G 72 5.83 23.83 -27.19
N ASP G 73 6.60 23.22 -26.29
CA ASP G 73 6.21 21.96 -25.68
C ASP G 73 6.35 22.10 -24.17
N GLU G 74 5.22 22.03 -23.46
CA GLU G 74 5.18 22.31 -22.03
C GLU G 74 5.59 21.11 -21.19
N SER G 75 5.69 19.92 -21.79
CA SER G 75 6.11 18.75 -21.02
C SER G 75 7.59 18.82 -20.67
N THR G 76 8.39 19.50 -21.49
CA THR G 76 9.80 19.67 -21.22
C THR G 76 10.23 21.13 -21.14
N ARG G 77 9.28 22.06 -21.36
CA ARG G 77 9.49 23.51 -21.26
C ARG G 77 10.58 23.99 -22.22
N THR G 78 10.32 23.81 -23.51
CA THR G 78 11.19 24.31 -24.56
C THR G 78 10.37 25.02 -25.62
N VAL G 79 11.05 25.87 -26.39
CA VAL G 79 10.43 26.64 -27.46
C VAL G 79 11.17 26.29 -28.74
N TYR G 80 10.62 25.37 -29.53
CA TYR G 80 11.25 24.96 -30.78
C TYR G 80 10.96 25.99 -31.86
N LEU G 81 11.98 26.29 -32.66
CA LEU G 81 11.87 27.15 -33.83
C LEU G 81 12.18 26.31 -35.07
N HIS G 82 11.15 26.02 -35.85
CA HIS G 82 11.32 25.29 -37.11
C HIS G 82 11.38 26.31 -38.23
N LEU G 83 12.54 26.42 -38.86
CA LEU G 83 12.80 27.42 -39.89
C LEU G 83 13.21 26.67 -41.17
N ARG G 84 12.39 26.81 -42.20
CA ARG G 84 12.66 26.18 -43.49
C ARG G 84 13.00 27.25 -44.53
N GLY G 85 13.77 26.86 -45.53
CA GLY G 85 14.24 27.79 -46.52
C GLY G 85 15.50 28.49 -46.08
N LEU G 86 16.51 27.70 -45.72
CA LEU G 86 17.78 28.24 -45.28
C LEU G 86 18.55 28.86 -46.45
N ARG G 87 19.14 30.02 -46.20
CA ARG G 87 19.85 30.74 -47.25
C ARG G 87 20.94 31.60 -46.60
N SER G 88 21.55 32.48 -47.41
CA SER G 88 22.80 33.12 -47.02
C SER G 88 22.64 34.18 -45.95
N ASP G 89 21.52 34.90 -45.95
CA ASP G 89 21.31 35.97 -44.97
C ASP G 89 20.88 35.46 -43.60
N ASP G 90 20.72 34.16 -43.43
CA ASP G 90 20.44 33.55 -42.13
C ASP G 90 21.71 33.31 -41.32
N THR G 91 22.87 33.76 -41.79
CA THR G 91 24.12 33.63 -41.07
C THR G 91 24.12 34.66 -39.93
N ALA G 92 23.47 34.30 -38.84
CA ALA G 92 23.22 35.25 -37.77
C ALA G 92 23.09 34.50 -36.45
N VAL G 93 23.10 35.27 -35.36
CA VAL G 93 22.89 34.72 -34.02
C VAL G 93 21.44 35.01 -33.61
N TYR G 94 20.78 33.98 -33.07
CA TYR G 94 19.40 34.09 -32.62
C TYR G 94 19.35 34.29 -31.11
N TYR G 95 18.19 34.69 -30.62
CA TYR G 95 17.96 34.85 -29.19
C TYR G 95 16.51 34.54 -28.89
N CYS G 96 16.28 33.79 -27.82
CA CYS G 96 14.93 33.62 -27.29
C CYS G 96 14.73 34.54 -26.10
N ALA G 97 13.56 35.14 -26.02
CA ALA G 97 13.27 36.14 -25.00
C ALA G 97 11.99 35.76 -24.26
N SER G 98 11.76 36.44 -23.14
CA SER G 98 10.61 36.13 -22.30
C SER G 98 10.24 37.36 -21.49
N ASN G 99 8.95 37.52 -21.25
CA ASN G 99 8.46 38.53 -20.32
C ASN G 99 7.28 37.95 -19.56
N SER G 100 6.91 38.62 -18.47
CA SER G 100 5.80 38.17 -17.65
C SER G 100 4.48 38.48 -18.35
N ILE G 101 3.61 37.47 -18.47
CA ILE G 101 2.30 37.69 -19.05
C ILE G 101 1.32 38.25 -18.04
N ALA G 102 1.72 38.35 -16.77
CA ALA G 102 0.85 38.73 -15.66
C ALA G 102 0.36 40.18 -15.72
N GLY G 103 0.85 40.99 -16.65
CA GLY G 103 0.35 42.35 -16.75
C GLY G 103 -1.03 42.47 -17.36
N VAL G 104 -1.51 41.43 -18.06
CA VAL G 104 -2.80 41.51 -18.71
C VAL G 104 -3.94 41.13 -17.79
N ALA G 105 -3.65 40.70 -16.56
CA ALA G 105 -4.72 40.43 -15.61
C ALA G 105 -5.37 41.73 -15.15
N ALA G 106 -4.60 42.81 -15.09
CA ALA G 106 -5.12 44.13 -14.74
C ALA G 106 -5.70 44.87 -15.95
N ALA G 107 -6.01 44.17 -17.03
CA ALA G 107 -6.71 44.79 -18.14
C ALA G 107 -8.19 44.95 -17.81
N GLY G 108 -8.92 45.56 -18.73
CA GLY G 108 -10.33 45.83 -18.50
C GLY G 108 -11.19 44.58 -18.64
N ASP G 109 -11.09 43.69 -17.65
CA ASP G 109 -11.72 42.37 -17.62
C ASP G 109 -11.38 41.54 -18.85
N TYS G 110 -12.03 41.84 -19.96
CA TYS G 110 -11.80 41.11 -21.20
CB TYS G 110 -12.91 41.40 -22.18
CG TYS G 110 -14.09 40.53 -21.84
CD1 TYS G 110 -14.20 39.27 -22.40
CD2 TYS G 110 -15.05 41.01 -20.95
CE1 TYS G 110 -15.30 38.48 -22.08
CE2 TYS G 110 -16.14 40.21 -20.63
CZ TYS G 110 -16.26 38.94 -21.20
OH TYS G 110 -17.34 38.15 -20.88
S TYS G 110 -18.78 38.70 -20.95
O1 TYS G 110 -19.83 37.47 -21.17
O2 TYS G 110 -18.90 39.60 -22.07
O3 TYS G 110 -19.10 39.40 -19.75
C TYS G 110 -10.47 41.47 -21.79
O TYS G 110 -10.15 42.68 -21.94
N ALA G 111 -9.69 40.45 -22.14
CA ALA G 111 -8.42 40.66 -22.82
C ALA G 111 -8.63 40.65 -24.33
N ASP G 112 -7.64 40.12 -25.05
CA ASP G 112 -7.74 39.93 -26.48
C ASP G 112 -6.91 38.73 -26.85
N TYS G 113 -7.56 37.61 -27.14
CA TYS G 113 -6.87 36.34 -27.31
CB TYS G 113 -7.84 35.20 -27.07
CG TYS G 113 -8.34 35.20 -25.65
CD1 TYS G 113 -9.57 35.76 -25.34
CD2 TYS G 113 -7.58 34.62 -24.66
CE1 TYS G 113 -10.04 35.74 -24.04
CE2 TYS G 113 -8.05 34.60 -23.35
CZ TYS G 113 -9.26 35.17 -23.03
OH TYS G 113 -9.70 35.13 -21.74
S TYS G 113 -10.59 36.20 -21.10
O1 TYS G 113 -12.10 36.11 -21.70
O2 TYS G 113 -10.04 37.49 -21.33
O3 TYS G 113 -10.63 35.95 -19.70
C TYS G 113 -6.26 36.16 -28.68
O TYS G 113 -5.83 35.03 -28.99
N ASP G 114 -6.23 37.21 -29.48
CA ASP G 114 -5.55 37.17 -30.77
C ASP G 114 -4.52 38.28 -30.81
N GLY G 115 -4.60 39.17 -29.84
CA GLY G 115 -3.65 40.26 -29.76
C GLY G 115 -2.30 39.81 -29.23
N GLY G 116 -1.36 40.74 -29.24
CA GLY G 116 -0.01 40.45 -28.82
C GLY G 116 0.44 41.29 -27.66
N TYR G 117 1.07 40.67 -26.68
CA TYR G 117 1.52 41.38 -25.49
C TYR G 117 3.03 41.26 -25.34
N TYR G 118 3.77 41.48 -26.41
CA TYR G 118 5.23 41.39 -26.39
C TYR G 118 5.80 42.75 -26.05
N TYR G 119 6.36 42.86 -24.84
CA TYR G 119 6.98 44.09 -24.37
C TYR G 119 7.90 43.75 -23.22
N ASP G 120 8.98 44.52 -23.09
CA ASP G 120 9.77 44.63 -21.85
C ASP G 120 10.39 43.31 -21.42
N MET G 121 11.01 42.61 -22.38
CA MET G 121 11.62 41.33 -22.09
C MET G 121 13.03 41.50 -21.52
N ASP G 122 13.27 40.92 -20.33
CA ASP G 122 14.64 40.62 -19.90
C ASP G 122 14.66 39.26 -19.19
N VAL G 123 14.62 38.19 -19.97
CA VAL G 123 14.98 36.85 -19.51
C VAL G 123 15.89 36.33 -20.64
N TRP G 124 16.70 37.24 -21.20
CA TRP G 124 17.47 36.99 -22.43
C TRP G 124 18.40 35.78 -22.32
N GLY G 125 18.23 34.84 -23.23
CA GLY G 125 19.10 33.68 -23.28
C GLY G 125 20.47 34.01 -23.81
N GLN G 126 21.36 33.01 -23.79
CA GLN G 126 22.76 33.26 -24.12
C GLN G 126 23.00 33.39 -25.62
N GLY G 127 22.08 32.92 -26.46
CA GLY G 127 22.23 33.08 -27.89
C GLY G 127 22.71 31.85 -28.62
N THR G 128 22.18 31.62 -29.81
CA THR G 128 22.58 30.50 -30.66
C THR G 128 23.06 31.05 -32.00
N THR G 129 24.31 30.75 -32.34
CA THR G 129 24.92 31.19 -33.59
C THR G 129 24.71 30.11 -34.64
N VAL G 130 23.93 30.40 -35.67
CA VAL G 130 23.68 29.47 -36.76
C VAL G 130 24.04 30.16 -38.06
N THR G 131 25.02 29.60 -38.77
CA THR G 131 25.45 30.10 -40.07
C THR G 131 25.24 29.03 -41.12
N VAL G 132 24.74 29.45 -42.28
CA VAL G 132 24.50 28.53 -43.38
C VAL G 132 25.84 28.18 -44.05
N SER G 133 25.84 27.09 -44.82
CA SER G 133 27.03 26.68 -45.54
C SER G 133 27.13 27.43 -46.88
N VAL H 2 32.00 -30.76 -3.01
CA VAL H 2 32.57 -29.91 -4.04
C VAL H 2 33.23 -30.79 -5.10
N GLN H 3 33.18 -30.35 -6.36
CA GLN H 3 33.81 -31.06 -7.46
C GLN H 3 34.22 -30.04 -8.51
N LEU H 4 34.66 -30.54 -9.67
CA LEU H 4 35.16 -29.68 -10.73
C LEU H 4 34.73 -30.27 -12.07
N VAL H 5 33.77 -29.62 -12.73
CA VAL H 5 33.31 -30.06 -14.04
C VAL H 5 34.32 -29.64 -15.09
N GLN H 6 34.86 -30.61 -15.82
CA GLN H 6 35.76 -30.34 -16.93
C GLN H 6 34.98 -30.32 -18.24
N SER H 7 35.56 -29.67 -19.25
CA SER H 7 34.93 -29.57 -20.56
C SER H 7 35.20 -30.84 -21.37
N GLY H 8 34.92 -30.78 -22.67
CA GLY H 8 35.15 -31.91 -23.55
C GLY H 8 36.50 -31.85 -24.24
N ALA H 9 36.86 -32.96 -24.86
CA ALA H 9 38.15 -33.08 -25.55
C ALA H 9 38.17 -32.22 -26.81
N GLU H 10 39.37 -31.83 -27.21
CA GLU H 10 39.56 -30.85 -28.28
C GLU H 10 40.36 -31.46 -29.42
N VAL H 11 39.81 -31.36 -30.63
CA VAL H 11 40.54 -31.62 -31.86
C VAL H 11 40.95 -30.29 -32.45
N ASN H 12 42.20 -30.19 -32.91
CA ASN H 12 42.72 -28.90 -33.32
C ASN H 12 43.79 -29.07 -34.39
N LYS H 13 44.23 -27.95 -34.94
CA LYS H 13 45.31 -27.80 -35.90
C LYS H 13 46.35 -26.82 -35.35
N PRO H 14 47.63 -27.03 -35.63
CA PRO H 14 48.67 -26.20 -35.02
C PRO H 14 48.64 -24.76 -35.52
N GLY H 15 49.14 -23.86 -34.68
CA GLY H 15 49.07 -22.44 -34.93
C GLY H 15 47.85 -21.75 -34.39
N SER H 16 46.83 -22.51 -33.98
CA SER H 16 45.60 -21.94 -33.45
C SER H 16 45.70 -21.82 -31.93
N SER H 17 44.58 -21.52 -31.28
CA SER H 17 44.50 -21.41 -29.83
C SER H 17 43.48 -22.41 -29.29
N VAL H 18 43.54 -22.61 -27.98
CA VAL H 18 42.67 -23.57 -27.29
C VAL H 18 42.08 -22.87 -26.08
N LYS H 19 40.81 -23.16 -25.78
CA LYS H 19 40.12 -22.58 -24.63
C LYS H 19 39.40 -23.71 -23.89
N VAL H 20 40.05 -24.26 -22.87
CA VAL H 20 39.46 -25.31 -22.05
C VAL H 20 38.99 -24.71 -20.73
N SER H 21 37.74 -24.98 -20.38
CA SER H 21 37.12 -24.41 -19.19
C SER H 21 37.06 -25.43 -18.06
N CYS H 22 36.85 -24.93 -16.85
CA CYS H 22 36.69 -25.78 -15.67
C CYS H 22 35.72 -25.05 -14.74
N GLN H 23 34.45 -25.43 -14.83
CA GLN H 23 33.41 -24.81 -14.02
C GLN H 23 33.35 -25.47 -12.66
N ALA H 24 33.45 -24.67 -11.60
CA ALA H 24 33.46 -25.19 -10.25
C ALA H 24 32.05 -25.57 -9.80
N SER H 25 31.95 -26.09 -8.58
CA SER H 25 30.68 -26.50 -8.00
C SER H 25 30.30 -25.74 -6.75
N GLY H 26 31.23 -25.01 -6.13
CA GLY H 26 30.94 -24.25 -4.94
C GLY H 26 30.19 -22.96 -5.25
N ALA H 27 30.00 -22.17 -4.20
CA ALA H 27 29.26 -20.93 -4.36
C ALA H 27 30.08 -19.82 -5.01
N THR H 28 31.40 -19.94 -5.02
CA THR H 28 32.27 -18.94 -5.62
C THR H 28 33.59 -19.59 -5.98
N LEU H 29 34.48 -18.80 -6.57
CA LEU H 29 35.84 -19.23 -6.86
C LEU H 29 36.86 -18.64 -5.92
N ASN H 30 36.46 -17.70 -5.06
CA ASN H 30 37.43 -17.00 -4.22
C ASN H 30 37.98 -17.88 -3.11
N SER H 31 37.21 -18.88 -2.67
CA SER H 31 37.65 -19.75 -1.60
C SER H 31 38.62 -20.82 -2.06
N HIS H 32 38.93 -20.88 -3.36
CA HIS H 32 39.86 -21.87 -3.88
C HIS H 32 40.90 -21.18 -4.75
N ALA H 33 41.99 -21.90 -5.02
CA ALA H 33 43.06 -21.42 -5.89
C ALA H 33 43.28 -22.44 -6.99
N PHE H 34 42.89 -22.10 -8.21
CA PHE H 34 42.94 -23.06 -9.30
C PHE H 34 44.35 -23.16 -9.87
N SER H 35 44.63 -24.29 -10.52
CA SER H 35 45.92 -24.55 -11.11
C SER H 35 45.76 -25.57 -12.24
N TRP H 36 46.42 -25.30 -13.36
CA TRP H 36 46.33 -26.16 -14.55
C TRP H 36 47.60 -26.99 -14.70
N VAL H 37 47.45 -28.30 -14.70
CA VAL H 37 48.57 -29.19 -14.98
C VAL H 37 48.26 -29.95 -16.27
N ARG H 38 49.31 -30.47 -16.88
CA ARG H 38 49.19 -31.24 -18.11
C ARG H 38 50.01 -32.52 -17.98
N GLN H 39 49.69 -33.50 -18.84
CA GLN H 39 50.39 -34.78 -18.80
C GLN H 39 50.31 -35.41 -20.19
N ALA H 40 51.42 -35.34 -20.92
CA ALA H 40 51.54 -36.10 -22.15
C ALA H 40 51.58 -37.60 -21.83
N PRO H 41 51.05 -38.45 -22.71
CA PRO H 41 51.04 -39.89 -22.42
C PRO H 41 52.44 -40.47 -22.42
N GLY H 42 52.74 -41.28 -21.39
CA GLY H 42 54.06 -41.80 -21.18
C GLY H 42 54.93 -40.98 -20.25
N GLN H 43 54.64 -39.69 -20.08
CA GLN H 43 55.41 -38.81 -19.23
C GLN H 43 54.62 -38.44 -17.99
N GLY H 44 55.28 -37.70 -17.10
CA GLY H 44 54.67 -37.27 -15.86
C GLY H 44 53.80 -36.04 -16.04
N LEU H 45 53.49 -35.42 -14.91
CA LEU H 45 52.68 -34.20 -14.90
C LEU H 45 53.56 -32.99 -14.71
N GLU H 46 53.09 -31.85 -15.21
CA GLU H 46 53.81 -30.59 -15.07
C GLU H 46 52.80 -29.47 -14.88
N TRP H 47 53.00 -28.68 -13.83
CA TRP H 47 52.12 -27.53 -13.56
C TRP H 47 52.34 -26.46 -14.60
N MET H 48 51.29 -26.14 -15.36
CA MET H 48 51.40 -25.11 -16.37
C MET H 48 51.25 -23.71 -15.78
N ALA H 49 50.08 -23.42 -15.22
CA ALA H 49 49.78 -22.10 -14.67
C ALA H 49 48.68 -22.23 -13.63
N GLY H 50 48.55 -21.21 -12.82
CA GLY H 50 47.56 -21.20 -11.76
C GLY H 50 47.16 -19.79 -11.40
N ILE H 51 45.89 -19.61 -11.08
CA ILE H 51 45.33 -18.31 -10.78
C ILE H 51 44.69 -18.35 -9.41
N ILE H 52 44.79 -17.24 -8.68
CA ILE H 52 44.13 -17.08 -7.39
C ILE H 52 43.26 -15.83 -7.47
N PRO H 53 41.94 -15.95 -7.54
CA PRO H 53 41.10 -14.75 -7.74
C PRO H 53 40.86 -13.96 -6.47
N ILE H 54 41.05 -14.53 -5.28
CA ILE H 54 40.83 -13.77 -4.05
C ILE H 54 41.94 -12.74 -3.84
N PHE H 55 43.14 -13.01 -4.31
CA PHE H 55 44.22 -12.03 -4.24
C PHE H 55 44.41 -11.29 -5.53
N GLY H 56 43.70 -11.67 -6.59
CA GLY H 56 43.86 -11.06 -7.89
C GLY H 56 45.10 -11.48 -8.65
N SER H 57 45.94 -12.33 -8.08
CA SER H 57 47.22 -12.70 -8.68
C SER H 57 47.10 -13.99 -9.47
N SER H 58 47.89 -14.08 -10.51
CA SER H 58 48.04 -15.30 -11.31
C SER H 58 49.53 -15.60 -11.43
N HIS H 59 49.84 -16.79 -11.93
CA HIS H 59 51.23 -17.18 -12.08
C HIS H 59 51.39 -18.00 -13.35
N TYR H 60 52.65 -18.17 -13.77
CA TYR H 60 52.98 -18.95 -14.94
C TYR H 60 54.31 -19.66 -14.70
N ALA H 61 54.47 -20.81 -15.32
CA ALA H 61 55.76 -21.49 -15.30
C ALA H 61 56.73 -20.79 -16.25
N GLN H 62 57.99 -21.19 -16.17
CA GLN H 62 59.00 -20.62 -17.07
C GLN H 62 58.84 -21.14 -18.49
N LYS H 63 58.41 -22.39 -18.65
CA LYS H 63 58.27 -23.00 -19.96
C LYS H 63 57.09 -22.48 -20.74
N PHE H 64 56.09 -21.90 -20.06
CA PHE H 64 54.82 -21.59 -20.69
C PHE H 64 54.49 -20.10 -20.67
N ARG H 65 55.45 -19.25 -20.32
CA ARG H 65 55.16 -17.82 -20.25
C ARG H 65 55.02 -17.23 -21.65
N GLY H 66 54.19 -16.22 -21.77
CA GLY H 66 53.91 -15.58 -23.05
C GLY H 66 52.88 -16.28 -23.91
N ARG H 67 53.08 -17.58 -24.16
CA ARG H 67 52.14 -18.33 -24.98
C ARG H 67 50.84 -18.62 -24.24
N VAL H 68 50.87 -18.61 -22.92
CA VAL H 68 49.70 -18.92 -22.09
C VAL H 68 49.23 -17.66 -21.38
N THR H 69 47.95 -17.37 -21.50
CA THR H 69 47.27 -16.45 -20.60
C THR H 69 46.06 -17.17 -20.01
N ILE H 70 45.64 -16.72 -18.84
CA ILE H 70 44.64 -17.45 -18.06
C ILE H 70 43.67 -16.43 -17.46
N SER H 71 42.38 -16.74 -17.53
CA SER H 71 41.35 -15.87 -17.01
C SER H 71 40.29 -16.73 -16.31
N ALA H 72 39.65 -16.14 -15.31
CA ALA H 72 38.59 -16.79 -14.56
C ALA H 72 37.39 -15.87 -14.49
N ASP H 73 36.20 -16.44 -14.62
CA ASP H 73 34.96 -15.66 -14.63
C ASP H 73 34.25 -15.98 -13.31
N GLU H 74 34.23 -15.00 -12.41
CA GLU H 74 33.60 -15.19 -11.12
C GLU H 74 32.08 -15.10 -11.19
N SER H 75 31.55 -14.37 -12.18
CA SER H 75 30.11 -14.15 -12.26
C SER H 75 29.36 -15.43 -12.63
N THR H 76 30.00 -16.36 -13.33
CA THR H 76 29.39 -17.66 -13.62
C THR H 76 30.22 -18.82 -13.10
N ARG H 77 31.23 -18.52 -12.26
CA ARG H 77 32.00 -19.51 -11.50
C ARG H 77 32.75 -20.50 -12.40
N THR H 78 33.59 -19.96 -13.28
CA THR H 78 34.41 -20.81 -14.14
C THR H 78 35.78 -20.17 -14.34
N VAL H 79 36.70 -20.98 -14.83
CA VAL H 79 38.06 -20.55 -15.12
C VAL H 79 38.42 -21.05 -16.52
N TYR H 80 39.11 -20.22 -17.29
CA TYR H 80 39.49 -20.54 -18.65
C TYR H 80 41.00 -20.67 -18.76
N LEU H 81 41.44 -21.38 -19.80
CA LEU H 81 42.86 -21.57 -20.09
C LEU H 81 43.09 -21.30 -21.56
N HIS H 82 43.74 -20.19 -21.87
CA HIS H 82 44.13 -19.85 -23.24
C HIS H 82 45.60 -20.20 -23.46
N LEU H 83 45.91 -20.58 -24.70
CA LEU H 83 47.25 -21.05 -25.03
C LEU H 83 47.47 -20.86 -26.52
N ARG H 84 48.48 -20.06 -26.88
CA ARG H 84 48.82 -19.83 -28.27
C ARG H 84 50.09 -20.60 -28.64
N GLY H 85 50.36 -20.65 -29.93
CA GLY H 85 51.49 -21.40 -30.44
C GLY H 85 51.31 -22.90 -30.26
N LEU H 86 50.18 -23.42 -30.75
CA LEU H 86 49.87 -24.82 -30.58
C LEU H 86 50.75 -25.69 -31.46
N ARG H 87 51.17 -26.83 -30.92
CA ARG H 87 52.06 -27.75 -31.62
C ARG H 87 51.80 -29.16 -31.11
N SER H 88 52.39 -30.14 -31.81
CA SER H 88 51.98 -31.52 -31.67
C SER H 88 52.37 -32.14 -30.34
N ASP H 89 53.37 -31.59 -29.65
CA ASP H 89 53.77 -32.10 -28.35
C ASP H 89 52.82 -31.67 -27.23
N ASP H 90 51.85 -30.82 -27.52
CA ASP H 90 50.83 -30.44 -26.55
C ASP H 90 49.68 -31.43 -26.48
N THR H 91 49.73 -32.51 -27.26
CA THR H 91 48.74 -33.58 -27.18
C THR H 91 48.86 -34.27 -25.84
N ALA H 92 47.92 -33.99 -24.95
CA ALA H 92 48.05 -34.40 -23.56
C ALA H 92 46.67 -34.44 -22.91
N VAL H 93 46.63 -34.85 -21.66
CA VAL H 93 45.45 -34.71 -20.82
C VAL H 93 45.64 -33.46 -19.95
N TYR H 94 44.59 -32.67 -19.82
CA TYR H 94 44.66 -31.40 -19.11
C TYR H 94 43.73 -31.46 -17.90
N TYR H 95 44.22 -30.95 -16.78
CA TYR H 95 43.53 -31.02 -15.51
C TYR H 95 43.48 -29.64 -14.87
N CYS H 96 42.30 -29.24 -14.39
CA CYS H 96 42.21 -28.13 -13.46
C CYS H 96 42.30 -28.69 -12.04
N ALA H 97 43.11 -28.03 -11.22
CA ALA H 97 43.35 -28.48 -9.86
C ALA H 97 43.17 -27.30 -8.91
N SER H 98 42.33 -27.49 -7.90
CA SER H 98 42.01 -26.45 -6.93
C SER H 98 42.47 -26.86 -5.55
N ASN H 99 42.83 -25.88 -4.74
CA ASN H 99 43.23 -26.11 -3.36
C ASN H 99 42.61 -25.03 -2.48
N SER H 100 42.52 -25.34 -1.19
CA SER H 100 41.90 -24.42 -0.24
C SER H 100 42.81 -23.25 0.03
N ILE H 101 42.27 -22.03 -0.11
CA ILE H 101 43.05 -20.82 0.09
C ILE H 101 43.00 -20.34 1.54
N ALA H 102 42.14 -20.94 2.37
CA ALA H 102 41.91 -20.47 3.74
C ALA H 102 43.11 -20.65 4.66
N GLY H 103 44.15 -21.36 4.22
CA GLY H 103 45.33 -21.57 5.04
C GLY H 103 46.31 -20.41 5.03
N VAL H 104 45.94 -19.30 4.39
CA VAL H 104 46.76 -18.10 4.48
C VAL H 104 46.33 -17.23 5.65
N ALA H 105 45.14 -17.47 6.20
CA ALA H 105 44.59 -16.63 7.27
C ALA H 105 45.32 -16.80 8.60
N ALA H 106 46.23 -17.76 8.72
CA ALA H 106 47.22 -17.76 9.80
C ALA H 106 48.40 -16.88 9.37
N ALA H 107 48.13 -15.58 9.28
CA ALA H 107 49.00 -14.65 8.60
C ALA H 107 49.84 -13.86 9.60
N GLY H 108 51.06 -13.53 9.18
CA GLY H 108 51.92 -12.65 9.96
C GLY H 108 51.59 -11.21 9.71
N ASP H 109 50.48 -10.74 10.30
CA ASP H 109 49.92 -9.39 10.14
C ASP H 109 49.63 -9.07 8.67
N TYS H 110 50.67 -8.74 7.93
CA TYS H 110 50.52 -8.48 6.51
CB TYS H 110 51.44 -7.34 6.07
CG TYS H 110 51.06 -6.00 6.67
CD1 TYS H 110 49.76 -5.72 7.06
CD2 TYS H 110 52.04 -5.02 6.80
CE1 TYS H 110 49.43 -4.49 7.61
CE2 TYS H 110 51.71 -3.77 7.33
CZ TYS H 110 50.41 -3.51 7.75
OH TYS H 110 50.06 -2.29 8.27
S TYS H 110 50.92 -1.55 9.31
O1 TYS H 110 50.03 -0.36 9.99
O2 TYS H 110 52.04 -0.93 8.65
O3 TYS H 110 51.39 -2.47 10.30
C TYS H 110 50.84 -9.73 5.76
O TYS H 110 51.84 -10.40 6.08
N ALA H 111 50.02 -10.09 4.77
CA ALA H 111 50.27 -11.29 3.98
C ALA H 111 51.22 -10.99 2.82
N ASP H 112 51.25 -11.89 1.85
CA ASP H 112 52.09 -11.73 0.68
C ASP H 112 51.24 -11.85 -0.59
N TYS H 113 50.88 -10.72 -1.16
CA TYS H 113 49.95 -10.69 -2.27
CB TYS H 113 49.34 -9.32 -2.40
CG TYS H 113 48.47 -9.11 -1.19
CD1 TYS H 113 48.91 -8.33 -0.13
CD2 TYS H 113 47.24 -9.75 -1.14
CE1 TYS H 113 48.09 -8.17 0.99
CE2 TYS H 113 46.42 -9.59 -0.03
CZ TYS H 113 46.85 -8.80 1.04
OH TYS H 113 46.01 -8.67 2.12
S TYS H 113 46.43 -8.16 3.49
O1 TYS H 113 45.29 -8.28 4.36
O2 TYS H 113 46.87 -6.59 3.43
O3 TYS H 113 47.49 -8.95 4.03
C TYS H 113 50.62 -11.11 -3.54
O TYS H 113 49.92 -11.57 -4.47
N ASP H 114 51.92 -10.96 -3.62
CA ASP H 114 52.65 -11.33 -4.83
C ASP H 114 53.02 -12.80 -4.84
N GLY H 115 52.91 -13.45 -3.67
CA GLY H 115 53.34 -14.82 -3.53
C GLY H 115 52.35 -15.81 -4.12
N GLY H 116 52.66 -17.08 -3.92
CA GLY H 116 51.85 -18.16 -4.45
C GLY H 116 51.54 -19.22 -3.42
N TYR H 117 50.29 -19.64 -3.34
CA TYR H 117 49.83 -20.55 -2.30
C TYR H 117 49.30 -21.85 -2.88
N TYR H 118 49.83 -22.30 -4.02
CA TYR H 118 49.39 -23.55 -4.63
C TYR H 118 50.08 -24.70 -3.90
N TYR H 119 49.40 -25.27 -2.91
CA TYR H 119 49.90 -26.46 -2.25
C TYR H 119 48.71 -27.35 -1.92
N ASP H 120 48.96 -28.66 -1.95
CA ASP H 120 48.04 -29.68 -1.44
C ASP H 120 46.68 -29.65 -2.15
N MET H 121 46.69 -29.55 -3.47
CA MET H 121 45.45 -29.63 -4.22
C MET H 121 44.94 -31.07 -4.24
N ASP H 122 43.63 -31.22 -4.03
CA ASP H 122 43.04 -32.55 -3.95
C ASP H 122 41.69 -32.64 -4.64
N VAL H 123 41.25 -31.59 -5.33
CA VAL H 123 40.03 -31.62 -6.12
C VAL H 123 40.42 -31.33 -7.56
N TRP H 124 40.19 -32.31 -8.43
CA TRP H 124 40.65 -32.25 -9.81
C TRP H 124 39.46 -32.37 -10.75
N GLY H 125 39.68 -31.95 -11.99
CA GLY H 125 38.65 -32.05 -13.00
C GLY H 125 38.59 -33.44 -13.61
N GLN H 126 37.59 -33.62 -14.49
CA GLN H 126 37.42 -34.90 -15.17
C GLN H 126 38.51 -35.13 -16.20
N GLY H 127 39.05 -34.06 -16.76
CA GLY H 127 40.11 -34.17 -17.75
C GLY H 127 39.61 -33.92 -19.16
N THR H 128 40.48 -33.34 -19.98
CA THR H 128 40.22 -33.11 -21.39
C THR H 128 41.32 -33.77 -22.21
N THR H 129 41.21 -33.65 -23.52
CA THR H 129 42.28 -34.11 -24.42
C THR H 129 42.36 -33.13 -25.58
N VAL H 130 43.48 -32.42 -25.67
CA VAL H 130 43.70 -31.45 -26.74
C VAL H 130 44.57 -32.16 -27.78
N THR H 131 43.92 -32.81 -28.74
CA THR H 131 44.61 -33.44 -29.84
C THR H 131 44.84 -32.42 -30.96
N VAL H 132 46.02 -32.47 -31.55
CA VAL H 132 46.43 -31.50 -32.55
C VAL H 132 47.40 -32.17 -33.51
N SER H 133 47.26 -31.90 -34.81
CA SER H 133 48.11 -32.50 -35.83
C SER H 133 48.23 -31.61 -37.05
N GLN I 1 62.60 -32.86 -17.18
CA GLN I 1 61.92 -31.62 -16.83
C GLN I 1 61.81 -31.47 -15.32
N SER I 2 61.80 -32.60 -14.62
CA SER I 2 61.65 -32.63 -13.17
C SER I 2 62.94 -32.17 -12.51
N ILE I 3 62.88 -31.02 -11.84
CA ILE I 3 64.03 -30.56 -11.06
C ILE I 3 64.17 -31.34 -9.77
N LEU I 4 63.14 -32.06 -9.36
CA LEU I 4 63.23 -32.96 -8.22
C LEU I 4 63.64 -34.35 -8.68
N THR I 5 64.72 -34.86 -8.11
CA THR I 5 65.16 -36.21 -8.43
C THR I 5 64.23 -37.22 -7.78
N GLN I 6 63.63 -38.08 -8.61
CA GLN I 6 62.72 -39.09 -8.11
C GLN I 6 62.98 -40.37 -8.91
N PRO I 7 63.21 -41.50 -8.25
CA PRO I 7 63.43 -42.76 -8.96
C PRO I 7 62.16 -43.22 -9.65
N PRO I 8 62.26 -43.66 -10.91
CA PRO I 8 61.04 -43.96 -11.67
C PRO I 8 60.36 -45.26 -11.25
N SER I 9 61.10 -46.22 -10.70
CA SER I 9 60.49 -47.48 -10.33
C SER I 9 61.19 -48.06 -9.11
N VAL I 10 60.39 -48.55 -8.16
CA VAL I 10 60.87 -49.30 -7.01
C VAL I 10 60.20 -50.67 -7.02
N SER I 11 60.76 -51.59 -6.24
CA SER I 11 60.23 -52.93 -6.16
C SER I 11 60.35 -53.45 -4.74
N ALA I 12 59.29 -54.10 -4.26
CA ALA I 12 59.26 -54.68 -2.92
C ALA I 12 58.22 -55.78 -2.86
N ALA I 13 58.41 -56.69 -1.91
CA ALA I 13 57.46 -57.75 -1.66
C ALA I 13 56.19 -57.19 -1.01
N PRO I 14 55.07 -57.93 -1.09
CA PRO I 14 53.89 -57.53 -0.32
C PRO I 14 54.16 -57.60 1.18
N GLY I 15 53.72 -56.57 1.89
CA GLY I 15 53.99 -56.47 3.32
C GLY I 15 55.38 -55.96 3.64
N GLN I 16 55.86 -54.96 2.90
CA GLN I 16 57.20 -54.44 3.12
C GLN I 16 57.19 -52.92 3.26
N LYS I 17 58.38 -52.31 3.26
CA LYS I 17 58.54 -50.88 3.44
C LYS I 17 59.25 -50.30 2.23
N VAL I 18 58.54 -49.47 1.47
CA VAL I 18 59.15 -48.72 0.38
C VAL I 18 59.51 -47.33 0.90
N THR I 19 60.61 -46.79 0.40
CA THR I 19 61.08 -45.45 0.73
C THR I 19 61.10 -44.66 -0.58
N ILE I 20 59.97 -44.05 -0.92
CA ILE I 20 59.87 -43.32 -2.17
C ILE I 20 60.54 -41.97 -1.99
N SER I 21 61.84 -41.91 -2.30
CA SER I 21 62.60 -40.69 -2.09
C SER I 21 62.28 -39.67 -3.17
N CYS I 22 62.30 -38.40 -2.78
CA CYS I 22 62.09 -37.30 -3.71
C CYS I 22 62.93 -36.14 -3.19
N SER I 23 64.15 -36.03 -3.71
CA SER I 23 65.03 -34.97 -3.28
C SER I 23 64.75 -33.69 -4.06
N GLY I 24 65.20 -32.57 -3.53
CA GLY I 24 64.95 -31.29 -4.16
C GLY I 24 66.15 -30.38 -4.16
N SER I 25 65.95 -29.15 -3.69
CA SER I 25 67.02 -28.17 -3.59
C SER I 25 66.70 -27.25 -2.42
N SER I 26 67.36 -26.10 -2.37
CA SER I 26 67.12 -25.11 -1.33
C SER I 26 66.02 -24.12 -1.71
N SER I 27 65.16 -24.47 -2.66
CA SER I 27 64.06 -23.61 -3.06
C SER I 27 62.73 -24.33 -3.15
N ASN I 28 62.71 -25.65 -3.06
CA ASN I 28 61.47 -26.42 -3.11
C ASN I 28 61.23 -27.21 -1.83
N ILE I 29 62.23 -27.93 -1.35
CA ILE I 29 62.13 -28.68 -0.11
C ILE I 29 63.00 -28.07 0.98
N GLY I 30 64.08 -27.38 0.63
CA GLY I 30 64.92 -26.74 1.63
C GLY I 30 64.28 -25.55 2.32
N ASN I 31 63.20 -25.01 1.75
CA ASN I 31 62.49 -23.89 2.37
C ASN I 31 60.98 -24.03 2.35
N ASN I 32 60.39 -24.95 1.57
CA ASN I 32 58.95 -24.98 1.43
C ASN I 32 58.38 -26.37 1.71
N ASP I 33 57.10 -26.55 1.42
CA ASP I 33 56.37 -27.77 1.74
C ASP I 33 56.46 -28.76 0.59
N VAL I 34 56.01 -29.99 0.85
CA VAL I 34 56.03 -31.07 -0.13
C VAL I 34 54.73 -31.86 -0.01
N SER I 35 54.03 -32.01 -1.13
CA SER I 35 52.85 -32.85 -1.22
C SER I 35 53.22 -34.19 -1.83
N TRP I 36 52.22 -35.05 -2.01
CA TRP I 36 52.41 -36.36 -2.62
C TRP I 36 51.15 -36.76 -3.35
N TYR I 37 51.29 -37.47 -4.47
CA TYR I 37 50.15 -37.87 -5.28
C TYR I 37 50.32 -39.31 -5.75
N GLN I 38 49.20 -39.90 -6.15
CA GLN I 38 49.17 -41.27 -6.66
C GLN I 38 48.20 -41.31 -7.84
N GLN I 39 48.68 -41.75 -8.99
CA GLN I 39 47.89 -41.76 -10.21
C GLN I 39 47.84 -43.17 -10.78
N PHE I 40 46.66 -43.77 -10.78
CA PHE I 40 46.43 -44.98 -11.53
C PHE I 40 46.31 -44.64 -13.02
N PRO I 41 46.72 -45.54 -13.91
CA PRO I 41 46.69 -45.23 -15.36
C PRO I 41 45.26 -45.08 -15.88
N GLY I 42 45.03 -44.01 -16.62
CA GLY I 42 43.71 -43.65 -17.08
C GLY I 42 42.84 -42.93 -16.07
N THR I 43 43.35 -42.70 -14.87
CA THR I 43 42.59 -42.05 -13.80
C THR I 43 43.23 -40.72 -13.42
N VAL I 44 42.45 -39.91 -12.71
CA VAL I 44 42.92 -38.64 -12.16
C VAL I 44 43.78 -38.96 -10.94
N PRO I 45 44.75 -38.11 -10.57
CA PRO I 45 45.53 -38.38 -9.36
C PRO I 45 44.75 -38.11 -8.08
N LYS I 46 45.43 -38.28 -6.94
CA LYS I 46 44.79 -38.10 -5.65
C LYS I 46 45.87 -37.71 -4.64
N LEU I 47 45.60 -36.69 -3.85
CA LEU I 47 46.49 -36.30 -2.77
C LEU I 47 46.51 -37.39 -1.71
N VAL I 48 47.71 -37.74 -1.24
CA VAL I 48 47.90 -38.79 -0.25
C VAL I 48 48.64 -38.26 0.99
N ILE I 49 49.72 -37.51 0.79
CA ILE I 49 50.45 -36.88 1.88
C ILE I 49 50.53 -35.39 1.58
N TYR I 50 50.02 -34.57 2.50
CA TYR I 50 50.17 -33.13 2.40
C TYR I 50 50.81 -32.60 3.68
N GLU I 51 51.31 -31.36 3.59
CA GLU I 51 51.95 -30.62 4.69
C GLU I 51 53.17 -31.34 5.28
N ASN I 52 53.72 -32.28 4.51
CA ASN I 52 54.86 -33.18 4.78
C ASN I 52 54.58 -34.24 5.83
N ASN I 53 53.57 -34.06 6.68
CA ASN I 53 53.11 -35.06 7.65
C ASN I 53 51.62 -34.79 7.87
N GLU I 54 50.77 -35.45 7.09
CA GLU I 54 49.32 -35.41 7.25
C GLU I 54 48.72 -36.46 6.31
N ARG I 55 47.39 -36.54 6.32
CA ARG I 55 46.66 -37.45 5.46
C ARG I 55 45.23 -36.95 5.32
N PRO I 56 44.66 -36.94 4.12
CA PRO I 56 43.28 -36.51 3.95
C PRO I 56 42.33 -37.63 4.34
N SER I 57 41.04 -37.34 4.27
CA SER I 57 40.01 -38.33 4.57
C SER I 57 39.95 -39.37 3.46
N GLY I 58 39.52 -40.58 3.84
CA GLY I 58 39.43 -41.66 2.89
C GLY I 58 40.77 -42.20 2.45
N ILE I 59 41.65 -42.45 3.41
CA ILE I 59 42.99 -42.97 3.12
C ILE I 59 43.28 -44.13 4.05
N PRO I 60 44.07 -45.09 3.58
CA PRO I 60 44.67 -46.05 4.51
C PRO I 60 45.78 -45.39 5.31
N ASP I 61 46.09 -46.00 6.46
CA ASP I 61 47.22 -45.59 7.29
C ASP I 61 48.52 -46.25 6.84
N ARG I 62 48.53 -46.82 5.64
CA ARG I 62 49.75 -47.41 5.09
C ARG I 62 50.78 -46.33 4.78
N PHE I 63 50.35 -45.25 4.16
CA PHE I 63 51.26 -44.21 3.68
C PHE I 63 51.71 -43.31 4.83
N SER I 64 52.99 -42.93 4.81
CA SER I 64 53.53 -41.98 5.76
C SER I 64 54.62 -41.18 5.04
N GLY I 65 54.78 -39.93 5.47
CA GLY I 65 55.72 -39.02 4.85
C GLY I 65 56.83 -38.59 5.78
N SER I 66 57.73 -37.77 5.22
CA SER I 66 58.86 -37.24 5.97
C SER I 66 59.41 -36.03 5.23
N LYS I 67 60.10 -35.17 5.98
CA LYS I 67 60.83 -34.04 5.41
C LYS I 67 62.16 -33.93 6.15
N SER I 68 63.26 -34.16 5.44
CA SER I 68 64.60 -34.10 6.02
C SER I 68 65.45 -33.19 5.14
N GLY I 69 65.38 -31.89 5.38
CA GLY I 69 66.14 -30.90 4.65
C GLY I 69 65.84 -30.87 3.17
N THR I 70 66.81 -31.31 2.36
CA THR I 70 66.59 -31.43 0.93
C THR I 70 65.74 -32.64 0.59
N SER I 71 66.02 -33.77 1.23
CA SER I 71 65.28 -34.99 0.95
C SER I 71 63.90 -34.97 1.61
N ALA I 72 62.92 -35.55 0.93
CA ALA I 72 61.59 -35.76 1.46
C ALA I 72 61.05 -37.04 0.84
N THR I 73 60.54 -37.94 1.67
CA THR I 73 60.19 -39.27 1.22
C THR I 73 58.77 -39.64 1.64
N LEU I 74 58.24 -40.65 0.95
CA LEU I 74 56.94 -41.24 1.26
C LEU I 74 57.16 -42.71 1.60
N GLY I 75 56.59 -43.15 2.71
CA GLY I 75 56.77 -44.52 3.15
C GLY I 75 55.46 -45.26 3.32
N ILE I 76 55.35 -46.43 2.70
CA ILE I 76 54.15 -47.26 2.76
C ILE I 76 54.47 -48.52 3.56
N THR I 77 53.59 -48.85 4.50
CA THR I 77 53.72 -50.05 5.31
C THR I 77 52.57 -51.01 5.01
N GLY I 78 52.87 -52.31 5.06
CA GLY I 78 51.88 -53.33 4.74
C GLY I 78 51.45 -53.28 3.29
N LEU I 79 52.36 -53.63 2.38
CA LEU I 79 52.12 -53.45 0.96
C LEU I 79 51.12 -54.47 0.42
N GLN I 80 50.25 -54.02 -0.49
CA GLN I 80 49.31 -54.90 -1.15
C GLN I 80 49.44 -54.77 -2.67
N THR I 81 48.48 -55.35 -3.40
CA THR I 81 48.49 -55.31 -4.86
C THR I 81 47.67 -54.13 -5.39
N GLY I 82 46.51 -53.86 -4.78
CA GLY I 82 45.58 -52.84 -5.26
C GLY I 82 46.04 -51.41 -5.14
N ASP I 83 47.19 -51.14 -4.53
CA ASP I 83 47.75 -49.80 -4.43
C ASP I 83 48.99 -49.65 -5.30
N GLU I 84 48.96 -50.24 -6.49
CA GLU I 84 50.07 -50.21 -7.44
C GLU I 84 49.73 -49.21 -8.54
N ALA I 85 50.40 -48.06 -8.52
CA ALA I 85 50.09 -46.98 -9.45
C ALA I 85 51.33 -46.10 -9.61
N ASP I 86 51.16 -44.95 -10.24
CA ASP I 86 52.24 -43.99 -10.46
C ASP I 86 52.18 -42.91 -9.39
N TYR I 87 53.31 -42.69 -8.72
CA TYR I 87 53.36 -41.82 -7.56
C TYR I 87 54.23 -40.60 -7.85
N TYR I 88 53.76 -39.44 -7.41
CA TYR I 88 54.38 -38.17 -7.74
C TYR I 88 54.52 -37.31 -6.48
N CYS I 89 55.62 -36.55 -6.41
CA CYS I 89 55.83 -35.58 -5.35
C CYS I 89 55.68 -34.18 -5.93
N GLY I 90 54.97 -33.33 -5.21
CA GLY I 90 54.70 -31.98 -5.68
C GLY I 90 54.97 -30.95 -4.61
N THR I 91 55.37 -29.76 -5.05
CA THR I 91 55.86 -28.73 -4.15
C THR I 91 55.80 -27.39 -4.85
N TRP I 92 56.25 -26.35 -4.14
CA TRP I 92 56.42 -25.02 -4.70
C TRP I 92 57.89 -24.70 -4.75
N ASP I 93 58.37 -24.24 -5.91
CA ASP I 93 59.74 -23.82 -6.09
C ASP I 93 59.80 -22.31 -6.02
N SER I 94 60.42 -21.78 -4.98
CA SER I 94 60.39 -20.33 -4.75
C SER I 94 61.30 -19.58 -5.69
N SER I 95 62.35 -20.22 -6.20
CA SER I 95 63.28 -19.52 -7.08
C SER I 95 62.66 -19.29 -8.46
N LEU I 96 62.07 -20.33 -9.04
CA LEU I 96 61.42 -20.20 -10.34
C LEU I 96 60.02 -19.63 -10.25
N SER I 97 59.48 -19.49 -9.04
CA SER I 97 58.09 -19.07 -8.78
C SER I 97 57.11 -19.95 -9.54
N ALA I 98 57.24 -21.26 -9.36
CA ALA I 98 56.43 -22.20 -10.09
C ALA I 98 56.30 -23.50 -9.30
N VAL I 99 55.15 -24.13 -9.41
CA VAL I 99 54.95 -25.46 -8.86
C VAL I 99 55.63 -26.47 -9.77
N VAL I 100 56.49 -27.30 -9.21
CA VAL I 100 57.24 -28.28 -9.99
C VAL I 100 56.98 -29.67 -9.42
N PHE I 101 56.76 -30.62 -10.32
CA PHE I 101 56.39 -31.98 -9.99
C PHE I 101 57.56 -32.93 -10.13
N GLY I 102 57.46 -34.07 -9.45
CA GLY I 102 58.48 -35.09 -9.56
C GLY I 102 58.39 -35.86 -10.86
N GLY I 103 59.44 -36.63 -11.13
CA GLY I 103 59.49 -37.41 -12.37
C GLY I 103 58.54 -38.58 -12.39
N GLY I 104 58.12 -39.07 -11.24
CA GLY I 104 57.22 -40.20 -11.14
C GLY I 104 57.83 -41.35 -10.36
N SER I 105 56.96 -42.29 -9.99
CA SER I 105 57.38 -43.48 -9.24
C SER I 105 56.43 -44.60 -9.58
N LYS I 106 56.86 -45.51 -10.45
CA LYS I 106 56.08 -46.69 -10.81
C LYS I 106 56.42 -47.78 -9.79
N VAL I 107 55.68 -47.78 -8.68
CA VAL I 107 55.89 -48.78 -7.65
C VAL I 107 55.41 -50.13 -8.14
N THR I 108 56.24 -51.17 -7.94
CA THR I 108 55.93 -52.52 -8.36
C THR I 108 55.94 -53.42 -7.14
N VAL I 109 54.87 -54.17 -6.93
CA VAL I 109 54.72 -55.08 -5.80
C VAL I 109 54.79 -56.52 -6.32
N LEU I 110 55.50 -57.37 -5.60
CA LEU I 110 55.65 -58.77 -5.99
C LEU I 110 54.43 -59.58 -5.61
N GLN J 1 16.57 49.11 -42.52
CA GLN J 1 15.50 48.14 -42.38
C GLN J 1 14.66 48.46 -41.15
N SER J 2 15.21 49.26 -40.24
CA SER J 2 14.49 49.59 -39.02
C SER J 2 13.41 50.62 -39.31
N ILE J 3 12.18 50.30 -38.88
CA ILE J 3 11.06 51.24 -39.04
C ILE J 3 11.26 52.43 -38.11
N LEU J 4 11.64 52.18 -36.86
CA LEU J 4 12.00 53.24 -35.94
C LEU J 4 13.33 53.84 -36.38
N THR J 5 13.29 55.09 -36.84
CA THR J 5 14.52 55.76 -37.25
C THR J 5 15.38 56.09 -36.05
N GLN J 6 16.69 55.94 -36.21
CA GLN J 6 17.59 56.07 -35.08
C GLN J 6 18.94 56.57 -35.59
N PRO J 7 19.57 57.52 -34.89
CA PRO J 7 20.90 57.97 -35.29
C PRO J 7 21.92 56.89 -35.03
N PRO J 8 22.98 56.82 -35.84
CA PRO J 8 23.96 55.73 -35.69
C PRO J 8 24.91 55.91 -34.52
N SER J 9 25.18 57.15 -34.11
CA SER J 9 26.11 57.41 -33.02
C SER J 9 25.76 58.73 -32.35
N VAL J 10 25.92 58.76 -31.03
CA VAL J 10 25.72 59.96 -30.22
C VAL J 10 26.88 60.04 -29.23
N SER J 11 27.58 61.17 -29.20
CA SER J 11 28.77 61.30 -28.38
C SER J 11 28.81 62.65 -27.68
N ALA J 12 29.51 62.67 -26.55
CA ALA J 12 29.78 63.89 -25.78
C ALA J 12 30.98 63.63 -24.88
N ALA J 13 31.20 64.55 -23.94
CA ALA J 13 32.29 64.44 -22.98
C ALA J 13 31.92 63.44 -21.89
N PRO J 14 32.91 62.92 -21.14
CA PRO J 14 32.58 62.03 -20.01
C PRO J 14 31.82 62.76 -18.90
N GLY J 15 30.65 62.21 -18.55
CA GLY J 15 29.88 62.72 -17.45
C GLY J 15 28.85 63.77 -17.83
N GLN J 16 28.21 63.59 -18.99
CA GLN J 16 27.21 64.54 -19.47
C GLN J 16 25.95 63.79 -19.88
N LYS J 17 24.91 64.58 -20.15
CA LYS J 17 23.59 64.07 -20.49
C LYS J 17 23.40 64.11 -21.99
N VAL J 18 23.13 62.95 -22.59
CA VAL J 18 22.88 62.85 -24.02
C VAL J 18 21.47 62.31 -24.24
N THR J 19 20.91 62.61 -25.41
CA THR J 19 19.60 62.15 -25.80
C THR J 19 19.71 61.28 -27.06
N ILE J 20 18.90 60.23 -27.12
CA ILE J 20 18.83 59.34 -28.28
C ILE J 20 17.36 59.24 -28.66
N SER J 21 17.03 59.70 -29.86
CA SER J 21 15.65 59.76 -30.32
C SER J 21 15.31 58.55 -31.19
N CYS J 22 14.02 58.23 -31.20
CA CYS J 22 13.50 57.12 -32.00
C CYS J 22 12.15 57.56 -32.57
N SER J 23 12.17 58.08 -33.79
CA SER J 23 10.94 58.49 -34.45
C SER J 23 10.21 57.29 -35.03
N GLY J 24 8.89 57.30 -34.95
CA GLY J 24 8.08 56.21 -35.46
C GLY J 24 6.75 56.72 -35.95
N SER J 25 5.70 55.91 -35.77
CA SER J 25 4.38 56.26 -36.25
C SER J 25 3.36 56.20 -35.11
N SER J 26 2.08 56.33 -35.45
CA SER J 26 1.03 56.18 -34.45
C SER J 26 0.77 54.72 -34.11
N SER J 27 0.98 53.82 -35.07
CA SER J 27 0.66 52.41 -34.88
C SER J 27 1.68 51.66 -34.04
N ASN J 28 2.77 52.29 -33.63
CA ASN J 28 3.78 51.60 -32.84
C ASN J 28 4.28 52.37 -31.62
N ILE J 29 4.16 53.70 -31.59
CA ILE J 29 4.62 54.50 -30.47
C ILE J 29 3.48 55.29 -29.84
N GLY J 30 2.67 55.95 -30.68
CA GLY J 30 1.56 56.74 -30.15
C GLY J 30 0.44 55.91 -29.56
N ASN J 31 0.26 54.68 -30.05
CA ASN J 31 -0.77 53.78 -29.55
C ASN J 31 -0.17 52.58 -28.83
N ASN J 32 1.06 52.69 -28.36
CA ASN J 32 1.73 51.60 -27.69
C ASN J 32 2.79 52.17 -26.75
N ASP J 33 3.64 51.30 -26.23
CA ASP J 33 4.73 51.68 -25.36
C ASP J 33 6.03 51.07 -25.87
N VAL J 34 7.14 51.71 -25.54
CA VAL J 34 8.44 51.33 -26.06
C VAL J 34 9.30 50.79 -24.93
N SER J 35 10.42 50.18 -25.32
CA SER J 35 11.44 49.73 -24.38
C SER J 35 12.80 50.01 -25.02
N TRP J 36 13.86 49.80 -24.24
CA TRP J 36 15.21 50.03 -24.74
C TRP J 36 16.11 48.93 -24.22
N TYR J 37 17.09 48.54 -25.04
CA TYR J 37 18.03 47.49 -24.68
C TYR J 37 19.45 47.96 -24.90
N GLN J 38 20.37 47.40 -24.12
CA GLN J 38 21.78 47.75 -24.19
C GLN J 38 22.58 46.47 -24.43
N GLN J 39 23.45 46.50 -25.44
CA GLN J 39 24.23 45.33 -25.81
C GLN J 39 25.68 45.73 -26.00
N PHE J 40 26.54 45.24 -25.11
CA PHE J 40 27.96 45.30 -25.36
C PHE J 40 28.29 44.37 -26.53
N PRO J 41 29.26 44.73 -27.39
CA PRO J 41 29.46 43.99 -28.65
C PRO J 41 29.95 42.57 -28.42
N GLY J 42 29.21 41.61 -28.95
CA GLY J 42 29.48 40.21 -28.75
C GLY J 42 28.64 39.56 -27.66
N THR J 43 27.99 40.36 -26.82
CA THR J 43 27.19 39.84 -25.72
C THR J 43 25.70 39.86 -26.09
N VAL J 44 24.86 39.49 -25.13
CA VAL J 44 23.42 39.50 -25.30
C VAL J 44 22.91 40.89 -24.94
N PRO J 45 21.78 41.33 -25.48
CA PRO J 45 21.21 42.62 -25.05
C PRO J 45 20.61 42.50 -23.66
N LYS J 46 20.39 43.66 -23.04
CA LYS J 46 19.86 43.72 -21.69
C LYS J 46 18.95 44.94 -21.56
N LEU J 47 17.81 44.73 -20.89
CA LEU J 47 16.80 45.79 -20.76
C LEU J 47 17.29 46.89 -19.84
N VAL J 48 17.04 48.14 -20.22
CA VAL J 48 17.43 49.28 -19.40
C VAL J 48 16.23 50.16 -19.06
N ILE J 49 15.19 50.17 -19.89
CA ILE J 49 14.01 51.00 -19.69
C ILE J 49 12.79 50.22 -20.17
N TYR J 50 11.79 50.06 -19.30
CA TYR J 50 10.53 49.46 -19.68
C TYR J 50 9.38 50.41 -19.36
N GLU J 51 8.26 50.24 -20.08
CA GLU J 51 7.03 51.01 -19.92
C GLU J 51 7.23 52.51 -20.08
N ASN J 52 8.24 52.88 -20.88
CA ASN J 52 8.64 54.21 -21.33
C ASN J 52 9.24 55.11 -20.24
N ASN J 53 9.06 54.77 -18.96
CA ASN J 53 9.82 55.41 -17.88
C ASN J 53 9.81 54.47 -16.67
N GLU J 54 10.82 53.61 -16.59
CA GLU J 54 11.05 52.76 -15.42
C GLU J 54 12.44 52.16 -15.46
N ARG J 55 13.28 52.50 -14.49
CA ARG J 55 14.58 51.87 -14.37
C ARG J 55 14.45 50.62 -13.50
N PRO J 56 14.67 49.43 -14.04
CA PRO J 56 14.53 48.21 -13.22
C PRO J 56 15.70 47.99 -12.27
N SER J 57 15.70 46.85 -11.59
CA SER J 57 16.75 46.55 -10.62
C SER J 57 18.06 46.24 -11.33
N GLY J 58 19.15 46.75 -10.77
CA GLY J 58 20.48 46.63 -11.35
C GLY J 58 20.87 47.78 -12.25
N ILE J 59 19.90 48.38 -12.93
CA ILE J 59 20.19 49.53 -13.79
C ILE J 59 20.45 50.75 -12.91
N PRO J 60 21.51 51.52 -13.18
CA PRO J 60 21.73 52.76 -12.43
C PRO J 60 20.64 53.79 -12.71
N ASP J 61 20.43 54.68 -11.74
CA ASP J 61 19.33 55.62 -11.77
C ASP J 61 19.66 56.92 -12.52
N ARG J 62 20.64 56.90 -13.41
CA ARG J 62 20.94 58.07 -14.24
C ARG J 62 20.37 57.96 -15.64
N PHE J 63 19.69 56.87 -15.95
CA PHE J 63 18.99 56.73 -17.23
C PHE J 63 17.64 57.44 -17.16
N SER J 64 17.09 57.74 -18.33
CA SER J 64 15.76 58.35 -18.41
C SER J 64 15.13 58.00 -19.74
N GLY J 65 13.81 57.85 -19.72
CA GLY J 65 13.06 57.58 -20.93
C GLY J 65 11.88 58.52 -21.04
N SER J 66 11.41 58.69 -22.27
CA SER J 66 10.30 59.59 -22.52
C SER J 66 9.57 59.13 -23.78
N LYS J 67 8.33 59.59 -23.90
CA LYS J 67 7.51 59.31 -25.08
C LYS J 67 6.51 60.44 -25.23
N SER J 68 6.49 61.06 -26.40
CA SER J 68 5.62 62.22 -26.63
C SER J 68 5.30 62.29 -28.11
N GLY J 69 4.00 62.32 -28.43
CA GLY J 69 3.59 62.40 -29.81
C GLY J 69 3.81 61.12 -30.58
N THR J 70 4.80 61.13 -31.47
CA THR J 70 5.11 59.98 -32.30
C THR J 70 6.56 59.51 -32.19
N SER J 71 7.31 60.06 -31.25
N SER J 71 7.31 60.06 -31.25
CA SER J 71 8.73 59.72 -31.10
CA SER J 71 8.72 59.70 -31.11
C SER J 71 9.06 59.56 -29.63
C SER J 71 9.07 59.56 -29.62
N ALA J 72 9.80 58.50 -29.30
CA ALA J 72 10.23 58.22 -27.94
C ALA J 72 11.73 58.40 -27.83
N THR J 73 12.17 59.10 -26.79
CA THR J 73 13.58 59.46 -26.61
C THR J 73 14.14 58.82 -25.35
N LEU J 74 15.36 58.32 -25.45
CA LEU J 74 16.12 57.86 -24.29
C LEU J 74 16.99 59.01 -23.78
N GLY J 75 17.21 59.02 -22.48
CA GLY J 75 18.19 59.91 -21.88
C GLY J 75 19.11 59.15 -20.94
N ILE J 76 20.35 59.60 -20.89
CA ILE J 76 21.36 59.09 -19.97
C ILE J 76 22.36 60.19 -19.63
N THR J 77 22.56 60.43 -18.34
CA THR J 77 23.55 61.36 -17.85
C THR J 77 24.66 60.61 -17.12
N GLY J 78 25.78 61.28 -16.93
CA GLY J 78 26.95 60.64 -16.37
C GLY J 78 27.51 59.59 -17.31
N LEU J 79 27.98 60.03 -18.47
CA LEU J 79 28.48 59.12 -19.49
C LEU J 79 29.89 58.66 -19.13
N GLN J 80 30.12 57.35 -19.20
CA GLN J 80 31.40 56.75 -18.92
C GLN J 80 31.88 55.95 -20.13
N THR J 81 33.07 55.37 -20.01
CA THR J 81 33.62 54.55 -21.08
C THR J 81 32.99 53.16 -21.08
N GLY J 82 32.56 52.68 -19.91
CA GLY J 82 31.90 51.40 -19.81
C GLY J 82 30.47 51.38 -20.28
N ASP J 83 29.89 52.55 -20.56
CA ASP J 83 28.54 52.65 -21.09
C ASP J 83 28.51 52.63 -22.61
N GLU J 84 29.65 52.50 -23.26
CA GLU J 84 29.72 52.51 -24.71
C GLU J 84 29.15 51.20 -25.26
N ALA J 85 28.01 51.30 -25.92
CA ALA J 85 27.33 50.15 -26.50
C ALA J 85 26.46 50.66 -27.64
N ASP J 86 25.53 49.83 -28.11
CA ASP J 86 24.53 50.24 -29.07
C ASP J 86 23.14 49.90 -28.56
N TYR J 87 22.19 50.79 -28.80
CA TYR J 87 20.89 50.73 -28.18
C TYR J 87 19.81 50.44 -29.22
N TYR J 88 18.67 49.94 -28.75
CA TYR J 88 17.61 49.49 -29.64
C TYR J 88 16.26 49.82 -29.00
N CYS J 89 15.59 50.83 -29.52
CA CYS J 89 14.21 51.08 -29.11
C CYS J 89 13.30 50.04 -29.74
N GLY J 90 12.56 49.33 -28.90
CA GLY J 90 11.73 48.23 -29.37
C GLY J 90 10.33 48.34 -28.83
N THR J 91 9.36 48.10 -29.72
CA THR J 91 7.96 48.30 -29.37
C THR J 91 7.08 47.42 -30.25
N TRP J 92 5.90 47.11 -29.74
CA TRP J 92 4.90 46.42 -30.55
C TRP J 92 4.27 47.38 -31.53
N ASP J 93 3.97 46.88 -32.73
CA ASP J 93 3.27 47.65 -33.75
C ASP J 93 1.97 46.96 -34.11
N SER J 94 0.90 47.74 -34.22
CA SER J 94 -0.40 47.18 -34.56
C SER J 94 -0.56 46.91 -36.05
N SER J 95 0.08 47.72 -36.90
CA SER J 95 -0.13 47.60 -38.34
C SER J 95 0.55 46.36 -38.91
N LEU J 96 1.87 46.26 -38.74
CA LEU J 96 2.56 45.06 -39.20
C LEU J 96 2.30 43.84 -38.33
N SER J 97 1.70 44.03 -37.14
CA SER J 97 1.40 42.97 -36.17
C SER J 97 2.66 42.21 -35.76
N ALA J 98 3.72 42.97 -35.50
CA ALA J 98 4.99 42.40 -35.07
C ALA J 98 5.77 43.49 -34.33
N VAL J 99 6.74 43.05 -33.57
CA VAL J 99 7.59 43.98 -32.83
C VAL J 99 8.63 44.53 -33.79
N VAL J 100 8.89 45.84 -33.71
CA VAL J 100 9.93 46.46 -34.51
C VAL J 100 11.12 46.75 -33.60
N PHE J 101 12.24 47.16 -34.19
CA PHE J 101 13.42 47.48 -33.42
C PHE J 101 14.10 48.69 -34.06
N GLY J 102 14.91 49.36 -33.25
CA GLY J 102 15.63 50.52 -33.73
C GLY J 102 16.82 50.15 -34.60
N GLY J 103 17.43 51.17 -35.19
CA GLY J 103 18.59 50.95 -36.03
C GLY J 103 19.84 50.62 -35.23
N GLY J 104 20.12 51.43 -34.21
CA GLY J 104 21.29 51.22 -33.39
C GLY J 104 22.11 52.49 -33.24
N SER J 105 22.28 52.94 -32.00
CA SER J 105 23.03 54.15 -31.70
C SER J 105 24.31 53.75 -30.97
N LYS J 106 25.41 53.69 -31.72
CA LYS J 106 26.69 53.34 -31.14
C LYS J 106 27.20 54.51 -30.32
N VAL J 107 26.91 54.50 -29.01
CA VAL J 107 27.35 55.60 -28.16
C VAL J 107 28.85 55.47 -27.90
N THR J 108 29.55 56.57 -28.04
CA THR J 108 30.97 56.65 -27.73
C THR J 108 31.21 57.93 -26.94
N VAL J 109 32.39 58.02 -26.33
CA VAL J 109 32.69 59.08 -25.39
C VAL J 109 34.08 59.63 -25.70
N LEU J 110 34.23 60.95 -25.63
CA LEU J 110 35.51 61.59 -25.87
C LEU J 110 36.02 62.26 -24.60
N VAL K 2 -30.36 -5.43 -32.88
CA VAL K 2 -28.95 -5.60 -33.21
C VAL K 2 -28.66 -5.02 -34.60
N GLN K 3 -27.60 -4.23 -34.68
CA GLN K 3 -27.23 -3.55 -35.91
C GLN K 3 -26.10 -4.30 -36.60
N LEU K 4 -26.05 -4.16 -37.93
CA LEU K 4 -24.95 -4.72 -38.72
C LEU K 4 -24.74 -3.80 -39.92
N VAL K 5 -23.69 -2.98 -39.87
CA VAL K 5 -23.43 -1.99 -40.89
C VAL K 5 -22.21 -2.40 -41.69
N GLN K 6 -22.09 -1.85 -42.89
CA GLN K 6 -21.04 -2.16 -43.84
C GLN K 6 -20.25 -0.90 -44.16
N SER K 7 -19.41 -1.00 -45.19
CA SER K 7 -18.78 0.16 -45.79
C SER K 7 -19.65 0.66 -46.95
N GLY K 8 -19.13 1.61 -47.72
CA GLY K 8 -19.88 2.19 -48.82
C GLY K 8 -19.64 1.47 -50.14
N ALA K 9 -20.36 1.93 -51.15
CA ALA K 9 -20.26 1.37 -52.50
C ALA K 9 -18.91 1.71 -53.12
N GLU K 10 -18.43 0.82 -54.00
CA GLU K 10 -17.12 0.98 -54.60
C GLU K 10 -17.15 0.56 -56.06
N VAL K 11 -16.19 1.09 -56.81
CA VAL K 11 -15.97 0.73 -58.21
C VAL K 11 -14.64 -0.02 -58.28
N ASN K 12 -14.50 -0.88 -59.28
CA ASN K 12 -13.33 -1.74 -59.38
C ASN K 12 -12.84 -1.78 -60.82
N LYS K 13 -11.73 -2.49 -61.03
CA LYS K 13 -11.08 -2.67 -62.32
C LYS K 13 -10.63 -4.11 -62.42
N PRO K 14 -10.62 -4.69 -63.63
CA PRO K 14 -10.21 -6.10 -63.76
C PRO K 14 -8.71 -6.29 -63.52
N GLY K 15 -8.38 -6.93 -62.40
CA GLY K 15 -6.99 -7.12 -62.02
C GLY K 15 -6.70 -6.63 -60.63
N SER K 16 -7.56 -5.76 -60.11
CA SER K 16 -7.42 -5.21 -58.78
C SER K 16 -8.11 -6.12 -57.77
N SER K 17 -8.29 -5.64 -56.55
CA SER K 17 -9.01 -6.38 -55.53
C SER K 17 -10.08 -5.51 -54.88
N VAL K 18 -10.70 -6.00 -53.81
CA VAL K 18 -11.77 -5.28 -53.14
C VAL K 18 -11.58 -5.46 -51.63
N LYS K 19 -11.86 -4.39 -50.87
CA LYS K 19 -11.82 -4.42 -49.40
C LYS K 19 -13.13 -3.85 -48.89
N VAL K 20 -14.15 -4.71 -48.77
CA VAL K 20 -15.42 -4.32 -48.20
C VAL K 20 -15.53 -4.92 -46.80
N SER K 21 -16.04 -4.12 -45.87
CA SER K 21 -16.13 -4.51 -44.47
C SER K 21 -17.59 -4.65 -44.07
N CYS K 22 -17.77 -5.27 -42.90
CA CYS K 22 -19.10 -5.48 -42.33
C CYS K 22 -18.90 -5.53 -40.82
N GLN K 23 -19.19 -4.40 -40.15
CA GLN K 23 -18.84 -4.22 -38.75
C GLN K 23 -20.07 -4.41 -37.86
N ALA K 24 -19.86 -5.11 -36.74
CA ALA K 24 -20.96 -5.53 -35.89
C ALA K 24 -21.34 -4.45 -34.88
N SER K 25 -22.30 -4.79 -34.03
CA SER K 25 -22.76 -3.89 -32.98
C SER K 25 -22.67 -4.48 -31.58
N GLY K 26 -22.52 -5.79 -31.44
CA GLY K 26 -22.42 -6.42 -30.15
C GLY K 26 -21.05 -6.26 -29.51
N ALA K 27 -20.82 -7.05 -28.46
CA ALA K 27 -19.56 -6.96 -27.74
C ALA K 27 -18.43 -7.59 -28.55
N THR K 28 -18.66 -8.74 -29.15
CA THR K 28 -17.65 -9.41 -29.95
C THR K 28 -18.33 -10.11 -31.13
N LEU K 29 -17.49 -10.72 -31.96
CA LEU K 29 -17.96 -11.41 -33.16
C LEU K 29 -18.32 -12.86 -32.89
N ASN K 30 -17.81 -13.42 -31.79
CA ASN K 30 -17.84 -14.86 -31.57
C ASN K 30 -19.24 -15.39 -31.30
N SER K 31 -20.20 -14.52 -30.99
CA SER K 31 -21.57 -14.95 -30.79
C SER K 31 -22.36 -15.00 -32.07
N HIS K 32 -21.78 -14.65 -33.21
CA HIS K 32 -22.53 -14.58 -34.46
C HIS K 32 -21.74 -15.23 -35.58
N ALA K 33 -22.47 -15.79 -36.54
CA ALA K 33 -21.90 -16.51 -37.67
C ALA K 33 -22.16 -15.72 -38.93
N PHE K 34 -21.19 -14.89 -39.33
CA PHE K 34 -21.36 -14.03 -40.49
C PHE K 34 -21.32 -14.84 -41.79
N SER K 35 -21.93 -14.27 -42.82
CA SER K 35 -21.91 -14.84 -44.16
C SER K 35 -21.61 -13.71 -45.14
N TRP K 36 -21.64 -14.03 -46.44
CA TRP K 36 -21.43 -13.02 -47.47
C TRP K 36 -22.18 -13.48 -48.72
N VAL K 37 -23.30 -12.82 -48.99
CA VAL K 37 -24.14 -13.16 -50.12
C VAL K 37 -24.19 -11.97 -51.07
N ARG K 38 -24.35 -12.26 -52.35
CA ARG K 38 -24.45 -11.24 -53.38
C ARG K 38 -25.86 -11.22 -53.93
N GLN K 39 -26.11 -10.26 -54.83
CA GLN K 39 -27.37 -10.22 -55.56
C GLN K 39 -27.08 -9.62 -56.93
N ALA K 40 -26.95 -10.48 -57.93
CA ALA K 40 -26.84 -10.02 -59.31
C ALA K 40 -28.15 -9.37 -59.74
N PRO K 41 -28.10 -8.30 -60.53
CA PRO K 41 -29.33 -7.61 -60.93
C PRO K 41 -30.17 -8.47 -61.87
N GLY K 42 -31.46 -8.57 -61.56
CA GLY K 42 -32.38 -9.39 -62.32
C GLY K 42 -32.55 -10.80 -61.79
N GLN K 43 -31.55 -11.35 -61.13
CA GLN K 43 -31.59 -12.71 -60.59
C GLN K 43 -31.66 -12.66 -59.07
N GLY K 44 -31.61 -13.85 -58.47
CA GLY K 44 -31.71 -13.97 -57.02
C GLY K 44 -30.40 -13.71 -56.30
N LEU K 45 -30.12 -14.50 -55.27
CA LEU K 45 -28.90 -14.35 -54.48
C LEU K 45 -28.07 -15.62 -54.58
N GLU K 46 -26.81 -15.50 -54.15
CA GLU K 46 -25.86 -16.61 -54.17
C GLU K 46 -24.97 -16.50 -52.95
N TRP K 47 -24.87 -17.59 -52.19
CA TRP K 47 -24.00 -17.63 -51.03
C TRP K 47 -22.55 -17.77 -51.50
N MET K 48 -21.76 -16.72 -51.32
CA MET K 48 -20.37 -16.73 -51.79
C MET K 48 -19.43 -17.34 -50.75
N ALA K 49 -19.34 -16.73 -49.57
CA ALA K 49 -18.44 -17.21 -48.53
C ALA K 49 -19.12 -16.96 -47.19
N GLY K 50 -18.37 -17.20 -46.13
CA GLY K 50 -18.92 -17.08 -44.79
C GLY K 50 -17.95 -17.59 -43.74
N ILE K 51 -17.98 -16.99 -42.55
CA ILE K 51 -17.00 -17.29 -41.52
C ILE K 51 -17.76 -17.55 -40.21
N ILE K 52 -17.23 -18.47 -39.42
CA ILE K 52 -17.68 -18.68 -38.05
C ILE K 52 -16.47 -18.53 -37.15
N PRO K 53 -16.39 -17.47 -36.33
CA PRO K 53 -15.18 -17.24 -35.56
C PRO K 53 -15.10 -18.03 -34.26
N ILE K 54 -16.22 -18.52 -33.74
CA ILE K 54 -16.21 -19.26 -32.47
C ILE K 54 -15.55 -20.62 -32.64
N PHE K 55 -15.51 -21.15 -33.86
CA PHE K 55 -14.79 -22.39 -34.14
C PHE K 55 -13.56 -22.15 -35.00
N GLY K 56 -13.33 -20.93 -35.45
CA GLY K 56 -12.22 -20.64 -36.33
C GLY K 56 -12.36 -21.15 -37.75
N SER K 57 -13.54 -21.62 -38.13
CA SER K 57 -13.73 -22.21 -39.43
C SER K 57 -14.02 -21.13 -40.47
N SER K 58 -14.11 -21.54 -41.73
CA SER K 58 -14.53 -20.70 -42.83
C SER K 58 -15.02 -21.60 -43.94
N HIS K 59 -16.09 -21.19 -44.62
CA HIS K 59 -16.72 -21.99 -45.63
C HIS K 59 -16.83 -21.21 -46.93
N TYR K 60 -16.84 -21.94 -48.04
CA TYR K 60 -16.89 -21.34 -49.36
C TYR K 60 -17.91 -22.07 -50.22
N ALA K 61 -18.27 -21.44 -51.34
CA ALA K 61 -19.10 -22.09 -52.33
C ALA K 61 -18.22 -22.96 -53.24
N GLN K 62 -18.81 -23.48 -54.31
CA GLN K 62 -18.04 -24.28 -55.24
C GLN K 62 -17.21 -23.40 -56.16
N LYS K 63 -17.79 -22.28 -56.62
CA LYS K 63 -17.15 -21.46 -57.64
C LYS K 63 -16.08 -20.54 -57.07
N PHE K 64 -16.37 -19.89 -55.94
CA PHE K 64 -15.58 -18.76 -55.46
C PHE K 64 -14.38 -19.17 -54.62
N ARG K 65 -13.91 -20.42 -54.73
CA ARG K 65 -12.73 -20.82 -54.00
C ARG K 65 -11.48 -20.27 -54.67
N GLY K 66 -10.49 -19.92 -53.84
CA GLY K 66 -9.24 -19.35 -54.35
C GLY K 66 -9.27 -17.86 -54.62
N ARG K 67 -10.30 -17.37 -55.30
CA ARG K 67 -10.41 -15.95 -55.58
C ARG K 67 -10.78 -15.15 -54.33
N VAL K 68 -11.54 -15.77 -53.43
CA VAL K 68 -12.06 -15.09 -52.24
C VAL K 68 -11.25 -15.53 -51.02
N THR K 69 -10.66 -14.55 -50.34
CA THR K 69 -10.23 -14.72 -48.96
C THR K 69 -11.08 -13.83 -48.08
N ILE K 70 -11.33 -14.29 -46.85
CA ILE K 70 -12.27 -13.63 -45.95
C ILE K 70 -11.68 -13.66 -44.55
N SER K 71 -11.58 -12.48 -43.92
CA SER K 71 -10.95 -12.35 -42.62
C SER K 71 -11.84 -11.53 -41.71
N ALA K 72 -12.03 -12.01 -40.48
CA ALA K 72 -12.79 -11.30 -39.47
C ALA K 72 -11.81 -10.70 -38.47
N ASP K 73 -11.81 -9.38 -38.36
CA ASP K 73 -10.92 -8.70 -37.42
C ASP K 73 -11.51 -8.79 -36.03
N GLU K 74 -10.69 -9.25 -35.08
CA GLU K 74 -11.20 -9.57 -33.75
C GLU K 74 -11.43 -8.33 -32.89
N SER K 75 -10.71 -7.24 -33.16
CA SER K 75 -10.76 -6.09 -32.25
C SER K 75 -12.01 -5.26 -32.46
N THR K 76 -12.17 -4.66 -33.64
CA THR K 76 -13.22 -3.68 -33.88
C THR K 76 -14.52 -4.31 -34.37
N ARG K 77 -14.70 -5.62 -34.18
CA ARG K 77 -15.94 -6.35 -34.44
C ARG K 77 -16.38 -6.24 -35.90
N THR K 78 -15.44 -6.47 -36.82
CA THR K 78 -15.75 -6.39 -38.23
C THR K 78 -15.23 -7.62 -38.96
N VAL K 79 -15.80 -7.85 -40.13
CA VAL K 79 -15.40 -8.94 -41.02
C VAL K 79 -15.20 -8.37 -42.42
N TYR K 80 -14.11 -8.75 -43.05
CA TYR K 80 -13.78 -8.27 -44.38
C TYR K 80 -14.23 -9.27 -45.43
N LEU K 81 -14.12 -8.87 -46.69
CA LEU K 81 -14.41 -9.76 -47.81
C LEU K 81 -13.51 -9.30 -48.97
N HIS K 82 -12.50 -10.09 -49.28
CA HIS K 82 -11.57 -9.76 -50.35
C HIS K 82 -11.79 -10.73 -51.51
N LEU K 83 -11.63 -10.20 -52.73
CA LEU K 83 -11.89 -10.98 -53.93
C LEU K 83 -10.99 -10.46 -55.05
N ARG K 84 -10.36 -11.38 -55.77
CA ARG K 84 -9.52 -11.05 -56.92
C ARG K 84 -10.06 -11.75 -58.15
N GLY K 85 -9.60 -11.32 -59.31
CA GLY K 85 -10.13 -11.81 -60.57
C GLY K 85 -11.49 -11.21 -60.86
N LEU K 86 -11.57 -9.89 -60.75
CA LEU K 86 -12.84 -9.18 -60.90
C LEU K 86 -13.23 -9.13 -62.37
N ARG K 87 -14.23 -9.92 -62.74
CA ARG K 87 -14.78 -9.91 -64.08
C ARG K 87 -16.16 -9.26 -64.07
N SER K 88 -16.69 -9.02 -65.27
CA SER K 88 -17.90 -8.20 -65.42
C SER K 88 -19.15 -8.87 -64.89
N ASP K 89 -19.13 -10.18 -64.69
CA ASP K 89 -20.29 -10.87 -64.10
C ASP K 89 -20.46 -10.55 -62.62
N ASP K 90 -19.41 -10.07 -61.95
CA ASP K 90 -19.45 -9.77 -60.53
C ASP K 90 -20.06 -8.41 -60.21
N THR K 91 -20.61 -7.72 -61.20
CA THR K 91 -21.23 -6.42 -60.97
C THR K 91 -22.55 -6.59 -60.24
N ALA K 92 -22.51 -6.50 -58.91
CA ALA K 92 -23.68 -6.81 -58.09
C ALA K 92 -23.55 -6.07 -56.76
N VAL K 93 -24.56 -6.23 -55.92
CA VAL K 93 -24.56 -5.69 -54.57
C VAL K 93 -24.20 -6.82 -53.60
N TYR K 94 -23.36 -6.50 -52.62
CA TYR K 94 -22.84 -7.48 -51.67
C TYR K 94 -23.51 -7.28 -50.32
N TYR K 95 -23.93 -8.39 -49.71
CA TYR K 95 -24.70 -8.37 -48.46
C TYR K 95 -24.03 -9.25 -47.43
N CYS K 96 -23.85 -8.71 -46.22
N CYS K 96 -23.95 -8.74 -46.19
CA CYS K 96 -23.39 -9.49 -45.08
CA CYS K 96 -23.37 -9.43 -45.05
C CYS K 96 -24.56 -9.75 -44.16
C CYS K 96 -24.47 -9.71 -44.03
N ALA K 97 -24.66 -10.99 -43.68
CA ALA K 97 -25.78 -11.39 -42.83
C ALA K 97 -25.34 -12.49 -41.89
N SER K 98 -25.55 -12.26 -40.59
CA SER K 98 -25.18 -13.20 -39.55
C SER K 98 -26.42 -13.81 -38.93
N ASN K 99 -26.21 -14.69 -37.95
CA ASN K 99 -27.29 -15.29 -37.19
C ASN K 99 -26.74 -15.68 -35.82
N SER K 100 -27.54 -16.42 -35.05
CA SER K 100 -27.16 -16.79 -33.70
C SER K 100 -26.43 -18.13 -33.71
N ILE K 101 -25.23 -18.13 -33.12
CA ILE K 101 -24.46 -19.37 -32.97
C ILE K 101 -24.84 -20.13 -31.70
N ALA K 102 -25.77 -19.60 -30.91
CA ALA K 102 -26.15 -20.19 -29.63
C ALA K 102 -26.95 -21.47 -29.75
N GLY K 103 -27.36 -21.88 -30.95
CA GLY K 103 -28.06 -23.14 -31.09
C GLY K 103 -27.16 -24.35 -31.18
N VAL K 104 -25.87 -24.15 -31.44
CA VAL K 104 -24.95 -25.27 -31.54
C VAL K 104 -24.66 -25.89 -30.18
N ALA K 105 -24.80 -25.10 -29.10
CA ALA K 105 -24.52 -25.61 -27.76
C ALA K 105 -25.51 -26.68 -27.35
N ALA K 106 -26.78 -26.54 -27.74
CA ALA K 106 -27.82 -27.50 -27.39
C ALA K 106 -27.70 -28.83 -28.13
N ALA K 107 -26.76 -28.97 -29.06
CA ALA K 107 -26.48 -30.25 -29.65
C ALA K 107 -25.79 -31.16 -28.63
N GLY K 108 -25.91 -32.47 -28.86
CA GLY K 108 -25.44 -33.43 -27.88
C GLY K 108 -23.92 -33.55 -27.88
N ASP K 109 -23.30 -33.27 -26.74
CA ASP K 109 -21.86 -33.46 -26.48
C ASP K 109 -20.96 -32.73 -27.45
N TYS K 110 -20.03 -33.47 -28.06
CA TYS K 110 -19.12 -32.91 -29.04
CB TYS K 110 -17.91 -33.81 -29.30
CG TYS K 110 -17.65 -34.77 -28.17
CD1 TYS K 110 -16.91 -34.37 -27.06
CD2 TYS K 110 -18.12 -36.07 -28.24
CE1 TYS K 110 -16.66 -35.26 -26.02
CE2 TYS K 110 -17.88 -36.96 -27.21
CZ TYS K 110 -17.14 -36.56 -26.10
OH TYS K 110 -16.92 -37.44 -25.08
S TYS K 110 -15.82 -38.53 -25.13
O1 TYS K 110 -16.15 -39.54 -24.15
O2 TYS K 110 -15.76 -39.14 -26.41
O3 TYS K 110 -14.39 -37.86 -24.74
C TYS K 110 -19.88 -32.69 -30.32
O TYS K 110 -20.77 -33.48 -30.65
N ALA K 111 -19.52 -31.63 -31.04
CA ALA K 111 -20.20 -31.31 -32.30
C ALA K 111 -19.18 -31.27 -33.44
N ASP K 112 -19.66 -31.01 -34.65
CA ASP K 112 -18.78 -30.85 -35.79
C ASP K 112 -18.13 -29.48 -35.73
N TYS K 113 -16.81 -29.45 -35.66
CA TYS K 113 -16.11 -28.20 -35.45
CB TYS K 113 -14.99 -28.35 -34.43
CG TYS K 113 -15.49 -28.20 -33.01
CD1 TYS K 113 -16.76 -28.57 -32.62
CD2 TYS K 113 -14.62 -27.65 -32.08
CE1 TYS K 113 -17.17 -28.41 -31.30
CE2 TYS K 113 -15.01 -27.49 -30.75
CZ TYS K 113 -16.29 -27.87 -30.38
OH TYS K 113 -16.68 -27.71 -29.08
S TYS K 113 -16.56 -28.90 -28.14
O1 TYS K 113 -16.86 -28.45 -26.81
O2 TYS K 113 -17.48 -29.93 -28.51
O3 TYS K 113 -15.04 -29.47 -28.20
C TYS K 113 -15.55 -27.76 -36.76
O TYS K 113 -14.99 -26.65 -36.87
N ASP K 114 -15.68 -28.61 -37.76
CA ASP K 114 -15.28 -28.27 -39.11
C ASP K 114 -16.54 -28.06 -39.96
N GLY K 115 -17.68 -28.44 -39.39
CA GLY K 115 -18.94 -28.31 -40.06
C GLY K 115 -19.45 -26.88 -40.09
N GLY K 116 -20.66 -26.75 -40.62
CA GLY K 116 -21.27 -25.44 -40.78
C GLY K 116 -22.68 -25.41 -40.24
N TYR K 117 -23.01 -24.31 -39.59
CA TYR K 117 -24.32 -24.11 -38.98
C TYR K 117 -24.93 -22.80 -39.45
N TYR K 118 -24.82 -22.53 -40.75
CA TYR K 118 -25.40 -21.31 -41.32
C TYR K 118 -26.86 -21.55 -41.63
N TYR K 119 -27.75 -20.99 -40.81
CA TYR K 119 -29.17 -21.07 -41.05
C TYR K 119 -29.85 -19.88 -40.39
N ASP K 120 -30.91 -19.39 -41.04
CA ASP K 120 -31.85 -18.40 -40.52
C ASP K 120 -31.15 -17.07 -40.21
N MET K 121 -30.59 -16.47 -41.25
CA MET K 121 -29.93 -15.18 -41.11
C MET K 121 -30.96 -14.08 -40.83
N ASP K 122 -30.59 -13.14 -39.96
CA ASP K 122 -31.58 -12.22 -39.40
C ASP K 122 -31.14 -10.77 -39.48
N VAL K 123 -29.84 -10.52 -39.47
CA VAL K 123 -29.31 -9.19 -39.17
C VAL K 123 -28.63 -8.71 -40.46
N TRP K 124 -29.28 -8.98 -41.60
CA TRP K 124 -28.84 -8.58 -42.93
C TRP K 124 -28.44 -7.11 -43.02
N GLY K 125 -27.22 -6.85 -43.49
CA GLY K 125 -26.68 -5.51 -43.58
C GLY K 125 -27.32 -4.70 -44.70
N GLN K 126 -26.84 -3.47 -44.84
CA GLN K 126 -27.50 -2.53 -45.76
C GLN K 126 -27.16 -2.80 -47.21
N GLY K 127 -26.08 -3.52 -47.49
CA GLY K 127 -25.73 -3.83 -48.86
C GLY K 127 -24.73 -2.88 -49.48
N THR K 128 -23.62 -3.42 -49.98
CA THR K 128 -22.59 -2.65 -50.67
C THR K 128 -22.62 -3.02 -52.15
N THR K 129 -22.86 -2.03 -53.00
CA THR K 129 -22.93 -2.25 -54.43
C THR K 129 -21.55 -2.09 -55.04
N VAL K 130 -21.09 -3.11 -55.75
CA VAL K 130 -19.77 -3.11 -56.35
C VAL K 130 -19.93 -3.26 -57.86
N THR K 131 -18.97 -2.69 -58.59
CA THR K 131 -18.94 -2.78 -60.04
C THR K 131 -17.49 -2.70 -60.50
N VAL K 132 -17.21 -3.30 -61.65
CA VAL K 132 -15.86 -3.42 -62.18
C VAL K 132 -15.79 -2.72 -63.53
N SER K 133 -14.70 -1.98 -63.74
CA SER K 133 -14.50 -1.28 -65.00
C SER K 133 -13.02 -1.17 -65.34
N GLN L 1 -27.62 -20.36 -59.89
CA GLN L 1 -28.47 -21.33 -60.56
C GLN L 1 -29.26 -22.06 -59.49
N SER L 2 -30.48 -22.48 -59.82
CA SER L 2 -31.41 -23.05 -58.85
C SER L 2 -31.13 -24.55 -58.69
N ILE L 3 -30.28 -24.88 -57.72
CA ILE L 3 -30.17 -26.28 -57.30
C ILE L 3 -31.45 -26.71 -56.61
N LEU L 4 -32.01 -25.85 -55.76
CA LEU L 4 -33.38 -26.04 -55.30
C LEU L 4 -34.33 -25.54 -56.38
N THR L 5 -35.15 -26.44 -56.92
CA THR L 5 -36.07 -26.08 -57.99
C THR L 5 -37.23 -25.26 -57.46
N GLN L 6 -37.08 -23.96 -57.50
CA GLN L 6 -38.10 -23.00 -57.11
C GLN L 6 -38.84 -22.49 -58.35
N PRO L 7 -40.14 -22.22 -58.24
CA PRO L 7 -40.86 -21.60 -59.36
C PRO L 7 -40.39 -20.17 -59.56
N PRO L 8 -40.37 -19.69 -60.81
CA PRO L 8 -39.82 -18.35 -61.06
C PRO L 8 -40.71 -17.22 -60.58
N SER L 9 -42.02 -17.31 -60.82
CA SER L 9 -42.95 -16.27 -60.40
C SER L 9 -44.35 -16.85 -60.33
N VAL L 10 -45.10 -16.42 -59.31
CA VAL L 10 -46.49 -16.83 -59.13
C VAL L 10 -47.36 -15.59 -59.10
N SER L 11 -48.67 -15.82 -59.24
CA SER L 11 -49.63 -14.73 -59.29
C SER L 11 -50.96 -15.20 -58.72
N ALA L 12 -51.62 -14.33 -57.96
CA ALA L 12 -52.90 -14.65 -57.36
C ALA L 12 -53.64 -13.35 -57.06
N ALA L 13 -54.89 -13.51 -56.62
CA ALA L 13 -55.73 -12.39 -56.19
C ALA L 13 -55.34 -11.97 -54.77
N PRO L 14 -55.49 -10.69 -54.44
CA PRO L 14 -55.08 -10.21 -53.10
C PRO L 14 -56.02 -10.74 -52.02
N GLY L 15 -55.43 -11.33 -50.98
CA GLY L 15 -56.16 -11.93 -49.88
C GLY L 15 -56.34 -13.42 -49.99
N GLN L 16 -55.94 -14.02 -51.10
CA GLN L 16 -56.15 -15.44 -51.35
C GLN L 16 -54.96 -16.25 -50.86
N LYS L 17 -54.91 -17.52 -51.25
CA LYS L 17 -53.88 -18.45 -50.80
C LYS L 17 -52.99 -18.84 -51.98
N VAL L 18 -51.68 -18.74 -51.79
CA VAL L 18 -50.70 -19.14 -52.79
C VAL L 18 -49.57 -19.86 -52.06
N THR L 19 -49.04 -20.93 -52.67
CA THR L 19 -48.02 -21.76 -52.05
C THR L 19 -46.83 -21.88 -52.99
N ILE L 20 -45.66 -21.47 -52.51
CA ILE L 20 -44.41 -21.64 -53.25
C ILE L 20 -43.85 -23.01 -52.88
N SER L 21 -43.75 -23.89 -53.87
CA SER L 21 -43.30 -25.27 -53.65
C SER L 21 -41.83 -25.36 -54.06
N CYS L 22 -40.95 -25.02 -53.12
CA CYS L 22 -39.51 -25.14 -53.33
C CYS L 22 -39.08 -26.56 -52.98
N SER L 23 -38.74 -27.34 -54.01
CA SER L 23 -38.23 -28.68 -53.82
C SER L 23 -36.72 -28.69 -54.01
N GLY L 24 -36.08 -29.75 -53.52
CA GLY L 24 -34.65 -29.91 -53.67
C GLY L 24 -34.24 -31.35 -53.81
N SER L 25 -33.18 -31.73 -53.13
CA SER L 25 -32.69 -33.10 -53.10
C SER L 25 -32.86 -33.66 -51.70
N SER L 26 -32.32 -34.86 -51.47
CA SER L 26 -32.28 -35.43 -50.14
C SER L 26 -31.10 -34.92 -49.33
N SER L 27 -30.25 -34.08 -49.91
CA SER L 27 -29.09 -33.53 -49.22
C SER L 27 -29.27 -32.09 -48.77
N ASN L 28 -30.44 -31.49 -49.02
CA ASN L 28 -30.69 -30.12 -48.57
C ASN L 28 -32.05 -29.88 -47.95
N ILE L 29 -33.01 -30.78 -48.09
CA ILE L 29 -34.34 -30.61 -47.51
C ILE L 29 -34.59 -31.61 -46.39
N GLY L 30 -34.36 -32.90 -46.66
CA GLY L 30 -34.66 -33.93 -45.69
C GLY L 30 -33.70 -33.99 -44.52
N ASN L 31 -32.50 -33.43 -44.66
CA ASN L 31 -31.50 -33.49 -43.60
C ASN L 31 -30.91 -32.11 -43.31
N ASN L 32 -31.63 -31.05 -43.68
CA ASN L 32 -31.19 -29.69 -43.42
C ASN L 32 -32.38 -28.81 -43.16
N ASP L 33 -32.16 -27.75 -42.39
CA ASP L 33 -33.21 -26.78 -42.09
C ASP L 33 -33.28 -25.74 -43.19
N VAL L 34 -34.47 -25.47 -43.70
CA VAL L 34 -34.64 -24.51 -44.79
C VAL L 34 -35.19 -23.21 -44.22
N SER L 35 -35.09 -22.15 -45.01
CA SER L 35 -35.52 -20.84 -44.58
C SER L 35 -35.85 -20.02 -45.82
N TRP L 36 -36.61 -18.94 -45.60
CA TRP L 36 -37.13 -18.12 -46.68
C TRP L 36 -36.80 -16.66 -46.40
N TYR L 37 -36.66 -15.88 -47.46
CA TYR L 37 -36.30 -14.48 -47.35
C TYR L 37 -37.15 -13.65 -48.29
N GLN L 38 -37.52 -12.45 -47.84
CA GLN L 38 -38.42 -11.57 -48.57
C GLN L 38 -37.71 -10.26 -48.87
N GLN L 39 -37.72 -9.85 -50.13
CA GLN L 39 -37.03 -8.65 -50.57
C GLN L 39 -37.85 -7.95 -51.64
N PHE L 40 -38.35 -6.76 -51.32
CA PHE L 40 -38.83 -5.87 -52.36
C PHE L 40 -37.65 -5.40 -53.20
N PRO L 41 -37.83 -5.23 -54.53
CA PRO L 41 -36.71 -4.82 -55.38
C PRO L 41 -36.20 -3.43 -55.06
N GLY L 42 -34.99 -3.36 -54.53
CA GLY L 42 -34.42 -2.12 -54.04
C GLY L 42 -34.32 -2.04 -52.53
N THR L 43 -34.72 -3.07 -51.80
CA THR L 43 -34.68 -3.08 -50.35
C THR L 43 -33.72 -4.15 -49.85
N VAL L 44 -33.47 -4.11 -48.54
CA VAL L 44 -32.64 -5.12 -47.90
C VAL L 44 -33.47 -6.37 -47.65
N PRO L 45 -33.01 -7.55 -48.06
CA PRO L 45 -33.79 -8.78 -47.84
C PRO L 45 -33.90 -9.13 -46.37
N LYS L 46 -35.00 -9.78 -46.02
CA LYS L 46 -35.26 -10.16 -44.64
C LYS L 46 -36.06 -11.44 -44.61
N LEU L 47 -35.84 -12.23 -43.57
CA LEU L 47 -36.49 -13.52 -43.45
C LEU L 47 -37.94 -13.36 -42.99
N VAL L 48 -38.78 -14.33 -43.35
CA VAL L 48 -40.18 -14.27 -42.98
C VAL L 48 -40.58 -15.56 -42.25
N ILE L 49 -39.89 -16.66 -42.55
CA ILE L 49 -40.18 -17.97 -41.95
C ILE L 49 -38.85 -18.68 -41.77
N TYR L 50 -38.55 -19.09 -40.54
CA TYR L 50 -37.34 -19.87 -40.26
C TYR L 50 -37.73 -21.12 -39.48
N GLU L 51 -36.78 -22.07 -39.44
CA GLU L 51 -36.90 -23.35 -38.74
C GLU L 51 -38.10 -24.18 -39.20
N ASN L 52 -38.51 -23.95 -40.46
CA ASN L 52 -39.59 -24.57 -41.24
C ASN L 52 -41.00 -24.21 -40.77
N ASN L 53 -41.13 -23.73 -39.52
CA ASN L 53 -42.38 -23.15 -39.02
C ASN L 53 -42.05 -22.29 -37.78
N GLU L 54 -41.88 -20.99 -38.01
CA GLU L 54 -41.65 -19.99 -36.97
C GLU L 54 -41.70 -18.61 -37.61
N ARG L 55 -42.16 -17.64 -36.82
CA ARG L 55 -42.25 -16.27 -37.28
C ARG L 55 -41.53 -15.36 -36.30
N PRO L 56 -40.56 -14.56 -36.75
CA PRO L 56 -39.89 -13.63 -35.83
C PRO L 56 -40.76 -12.45 -35.43
N SER L 57 -40.24 -11.60 -34.55
CA SER L 57 -40.98 -10.42 -34.13
C SER L 57 -41.01 -9.39 -35.25
N GLY L 58 -42.21 -8.95 -35.61
CA GLY L 58 -42.42 -8.11 -36.77
C GLY L 58 -42.95 -8.82 -37.98
N ILE L 59 -43.26 -10.11 -37.85
CA ILE L 59 -43.78 -10.92 -38.95
C ILE L 59 -45.18 -11.37 -38.56
N PRO L 60 -46.18 -11.18 -39.41
CA PRO L 60 -47.54 -11.65 -39.08
C PRO L 60 -47.63 -13.17 -39.12
N ASP L 61 -48.67 -13.69 -38.48
CA ASP L 61 -48.93 -15.12 -38.46
C ASP L 61 -49.59 -15.63 -39.74
N ARG L 62 -49.85 -14.75 -40.71
CA ARG L 62 -50.40 -15.16 -41.99
C ARG L 62 -49.39 -15.90 -42.86
N PHE L 63 -48.11 -15.82 -42.54
CA PHE L 63 -47.08 -16.56 -43.24
C PHE L 63 -46.79 -17.85 -42.49
N SER L 64 -46.76 -18.97 -43.21
CA SER L 64 -46.43 -20.26 -42.63
C SER L 64 -45.75 -21.10 -43.71
N GLY L 65 -45.62 -22.40 -43.44
CA GLY L 65 -44.99 -23.28 -44.42
C GLY L 65 -44.82 -24.66 -43.85
N SER L 66 -43.99 -25.45 -44.54
CA SER L 66 -43.73 -26.83 -44.15
C SER L 66 -42.39 -27.26 -44.75
N LYS L 67 -41.97 -28.47 -44.39
CA LYS L 67 -40.75 -29.09 -44.93
C LYS L 67 -41.08 -30.58 -45.09
N SER L 68 -41.54 -30.95 -46.28
CA SER L 68 -42.08 -32.28 -46.54
C SER L 68 -41.11 -33.06 -47.42
N GLY L 69 -40.29 -33.88 -46.79
CA GLY L 69 -39.37 -34.76 -47.51
C GLY L 69 -38.27 -34.05 -48.25
N THR L 70 -38.37 -34.05 -49.58
CA THR L 70 -37.44 -33.34 -50.45
C THR L 70 -38.00 -32.00 -50.91
N SER L 71 -39.12 -31.57 -50.35
N SER L 71 -39.12 -31.57 -50.35
CA SER L 71 -39.76 -30.32 -50.74
CA SER L 71 -39.77 -30.32 -50.75
C SER L 71 -40.03 -29.46 -49.52
C SER L 71 -40.04 -29.47 -49.52
N ALA L 72 -40.15 -28.16 -49.75
CA ALA L 72 -40.45 -27.20 -48.70
C ALA L 72 -41.45 -26.20 -49.25
N THR L 73 -42.58 -26.06 -48.57
CA THR L 73 -43.68 -25.22 -49.03
C THR L 73 -43.76 -23.95 -48.21
N LEU L 74 -44.66 -23.06 -48.65
CA LEU L 74 -44.96 -21.82 -47.94
C LEU L 74 -46.46 -21.64 -47.83
N GLY L 75 -46.95 -21.54 -46.61
CA GLY L 75 -48.32 -21.16 -46.39
C GLY L 75 -48.46 -19.66 -46.30
N ILE L 76 -48.81 -19.02 -47.43
CA ILE L 76 -48.89 -17.57 -47.49
C ILE L 76 -50.34 -17.15 -47.65
N THR L 77 -51.02 -16.87 -46.54
CA THR L 77 -52.37 -16.35 -46.55
C THR L 77 -52.34 -14.83 -46.44
N GLY L 78 -53.45 -14.20 -46.83
CA GLY L 78 -53.60 -12.77 -46.70
C GLY L 78 -52.68 -11.96 -47.59
N LEU L 79 -52.89 -12.02 -48.91
CA LEU L 79 -52.06 -11.27 -49.83
C LEU L 79 -52.55 -9.84 -49.96
N GLN L 80 -51.61 -8.90 -49.97
CA GLN L 80 -51.91 -7.48 -50.14
C GLN L 80 -50.94 -6.89 -51.14
N THR L 81 -50.95 -5.56 -51.26
CA THR L 81 -50.00 -4.87 -52.13
C THR L 81 -48.60 -4.86 -51.53
N GLY L 82 -48.49 -4.74 -50.21
CA GLY L 82 -47.20 -4.63 -49.56
C GLY L 82 -46.40 -5.90 -49.39
N ASP L 83 -46.74 -6.94 -50.13
CA ASP L 83 -45.93 -8.15 -50.23
C ASP L 83 -45.42 -8.35 -51.66
N GLU L 84 -45.27 -7.24 -52.39
CA GLU L 84 -44.76 -7.27 -53.77
C GLU L 84 -43.26 -7.48 -53.72
N ALA L 85 -42.87 -8.75 -53.53
CA ALA L 85 -41.48 -9.07 -53.26
C ALA L 85 -41.12 -10.42 -53.87
N ASP L 86 -39.83 -10.62 -54.04
CA ASP L 86 -39.30 -11.91 -54.49
C ASP L 86 -38.97 -12.75 -53.27
N TYR L 87 -39.45 -13.99 -53.26
CA TYR L 87 -39.27 -14.89 -52.13
C TYR L 87 -38.32 -16.01 -52.52
N TYR L 88 -37.33 -16.25 -51.66
CA TYR L 88 -36.23 -17.15 -51.95
C TYR L 88 -36.27 -18.35 -51.01
N CYS L 89 -35.47 -19.36 -51.35
CA CYS L 89 -35.47 -20.65 -50.67
C CYS L 89 -34.02 -21.01 -50.36
N GLY L 90 -33.56 -20.63 -49.17
CA GLY L 90 -32.16 -20.79 -48.79
C GLY L 90 -31.99 -21.82 -47.68
N THR L 91 -31.00 -22.69 -47.86
CA THR L 91 -30.67 -23.71 -46.88
C THR L 91 -29.24 -24.17 -47.10
N TRP L 92 -28.72 -24.91 -46.13
CA TRP L 92 -27.40 -25.50 -46.22
C TRP L 92 -27.47 -26.80 -47.00
N ASP L 93 -26.44 -27.07 -47.79
CA ASP L 93 -26.29 -28.34 -48.50
C ASP L 93 -24.87 -28.82 -48.27
N SER L 94 -24.74 -29.93 -47.52
CA SER L 94 -23.41 -30.44 -47.18
C SER L 94 -22.73 -31.11 -48.36
N SER L 95 -23.50 -31.58 -49.35
CA SER L 95 -22.90 -32.21 -50.53
C SER L 95 -22.13 -31.20 -51.35
N LEU L 96 -22.69 -30.01 -51.56
CA LEU L 96 -21.92 -28.91 -52.12
C LEU L 96 -21.08 -28.20 -51.07
N SER L 97 -21.27 -28.54 -49.79
CA SER L 97 -20.55 -27.97 -48.65
C SER L 97 -20.70 -26.44 -48.58
N ALA L 98 -21.90 -25.96 -48.92
CA ALA L 98 -22.17 -24.54 -48.92
C ALA L 98 -23.66 -24.32 -48.78
N VAL L 99 -24.01 -23.11 -48.35
CA VAL L 99 -25.41 -22.69 -48.38
C VAL L 99 -25.81 -22.45 -49.83
N VAL L 100 -27.01 -22.90 -50.19
CA VAL L 100 -27.52 -22.73 -51.54
C VAL L 100 -28.91 -22.09 -51.45
N PHE L 101 -29.10 -21.00 -52.17
CA PHE L 101 -30.41 -20.38 -52.26
C PHE L 101 -31.19 -20.96 -53.43
N GLY L 102 -32.50 -20.71 -53.43
CA GLY L 102 -33.37 -21.17 -54.48
C GLY L 102 -33.37 -20.23 -55.67
N GLY L 103 -34.26 -20.53 -56.62
CA GLY L 103 -34.37 -19.72 -57.82
C GLY L 103 -35.08 -18.40 -57.64
N GLY L 104 -35.77 -18.20 -56.51
CA GLY L 104 -36.51 -16.98 -56.29
C GLY L 104 -37.89 -17.03 -56.91
N SER L 105 -38.91 -16.71 -56.13
CA SER L 105 -40.29 -16.74 -56.59
C SER L 105 -40.91 -15.38 -56.33
N LYS L 106 -41.34 -14.71 -57.40
CA LYS L 106 -41.92 -13.37 -57.31
C LYS L 106 -43.44 -13.50 -57.32
N VAL L 107 -44.06 -13.13 -56.22
CA VAL L 107 -45.52 -13.08 -56.14
C VAL L 107 -45.96 -11.69 -56.59
N THR L 108 -47.14 -11.62 -57.19
CA THR L 108 -47.74 -10.34 -57.55
C THR L 108 -49.24 -10.43 -57.36
N VAL L 109 -49.86 -9.29 -57.09
CA VAL L 109 -51.28 -9.20 -56.80
C VAL L 109 -51.93 -8.26 -57.82
N LEU L 110 -53.25 -8.16 -57.74
CA LEU L 110 -54.02 -7.33 -58.66
C LEU L 110 -54.39 -6.01 -58.01
N ALA M 1 -17.35 5.49 14.40
CA ALA M 1 -17.52 5.51 15.84
C ALA M 1 -18.57 4.51 16.27
N VAL M 2 -18.61 3.35 15.60
CA VAL M 2 -19.73 2.41 15.71
C VAL M 2 -19.86 1.77 17.09
N GLY M 3 -18.79 1.75 17.90
CA GLY M 3 -18.88 1.09 19.18
C GLY M 3 -19.61 1.86 20.25
N ILE M 4 -19.04 2.96 20.72
CA ILE M 4 -19.58 3.71 21.85
C ILE M 4 -19.85 5.12 21.36
N GLY M 5 -20.19 5.25 20.09
CA GLY M 5 -20.61 6.54 19.59
C GLY M 5 -22.11 6.57 19.44
N ALA M 6 -22.67 5.39 19.16
CA ALA M 6 -24.11 5.23 19.13
C ALA M 6 -24.73 5.22 20.51
N VAL M 7 -23.93 5.05 21.56
CA VAL M 7 -24.45 5.13 22.92
C VAL M 7 -24.78 6.57 23.27
N PHE M 8 -23.92 7.51 22.87
CA PHE M 8 -24.14 8.91 23.23
C PHE M 8 -25.32 9.51 22.48
N LEU M 9 -25.64 8.99 21.30
CA LEU M 9 -26.86 9.44 20.63
C LEU M 9 -28.10 8.85 21.29
N GLY M 10 -27.98 7.65 21.85
CA GLY M 10 -29.12 7.04 22.51
C GLY M 10 -29.48 7.66 23.84
N PHE M 11 -28.57 8.46 24.40
CA PHE M 11 -28.89 9.18 25.62
C PHE M 11 -29.95 10.24 25.35
N LEU M 12 -29.92 10.86 24.16
CA LEU M 12 -30.84 11.90 23.79
C LEU M 12 -32.15 11.38 23.22
N GLY M 13 -32.48 10.11 23.44
CA GLY M 13 -33.70 9.57 22.90
C GLY M 13 -34.94 10.15 23.57
N ALA M 14 -34.98 10.10 24.90
CA ALA M 14 -36.10 10.63 25.65
C ALA M 14 -35.86 12.05 26.10
N ALA M 15 -35.46 12.93 25.18
CA ALA M 15 -35.39 14.34 25.49
C ALA M 15 -36.77 14.96 25.31
N GLY M 16 -37.08 15.96 26.12
CA GLY M 16 -38.39 16.57 26.10
C GLY M 16 -39.48 15.79 26.82
N SER M 17 -39.24 14.53 27.16
CA SER M 17 -40.14 13.80 28.04
C SER M 17 -40.00 14.33 29.46
N THR M 18 -40.93 13.92 30.32
CA THR M 18 -40.89 14.39 31.69
C THR M 18 -39.76 13.71 32.46
N MET M 19 -39.40 14.32 33.59
CA MET M 19 -38.19 13.94 34.30
C MET M 19 -38.32 12.57 34.96
N GLY M 20 -39.53 12.18 35.33
CA GLY M 20 -39.72 10.87 35.92
C GLY M 20 -39.66 9.76 34.89
N ALA M 21 -40.27 9.96 33.73
CA ALA M 21 -40.30 8.95 32.69
C ALA M 21 -39.00 8.84 31.92
N ALA M 22 -38.13 9.84 32.02
CA ALA M 22 -36.83 9.77 31.37
C ALA M 22 -35.78 9.10 32.24
N SER M 23 -35.84 9.30 33.56
CA SER M 23 -34.92 8.64 34.47
C SER M 23 -35.31 7.20 34.76
N MET M 24 -36.54 6.81 34.46
CA MET M 24 -36.97 5.46 34.76
C MET M 24 -36.43 4.45 33.76
N THR M 25 -36.10 4.90 32.55
CA THR M 25 -35.69 4.00 31.47
C THR M 25 -34.19 4.03 31.22
N LEU M 26 -33.39 4.49 32.19
CA LEU M 26 -31.94 4.52 32.00
C LEU M 26 -31.34 3.13 32.01
N THR M 27 -31.80 2.28 32.95
CA THR M 27 -31.31 0.91 33.04
C THR M 27 -31.71 0.11 31.82
N VAL M 28 -32.89 0.39 31.27
CA VAL M 28 -33.42 -0.37 30.14
C VAL M 28 -32.63 -0.09 28.87
N GLN M 29 -32.31 1.17 28.61
CA GLN M 29 -31.74 1.53 27.32
C GLN M 29 -30.26 1.20 27.23
N ALA M 30 -29.51 1.30 28.34
CA ALA M 30 -28.06 1.18 28.27
C ALA M 30 -27.63 -0.25 28.01
N ARG M 31 -28.41 -1.22 28.47
CA ARG M 31 -28.17 -2.61 28.07
C ARG M 31 -28.47 -2.82 26.59
N ASN M 32 -29.40 -2.06 26.04
CA ASN M 32 -29.77 -2.18 24.63
C ASN M 32 -28.97 -1.26 23.73
N LEU M 33 -28.54 -0.09 24.23
CA LEU M 33 -27.76 0.82 23.40
C LEU M 33 -26.29 0.42 23.30
N LEU M 34 -25.77 -0.37 24.24
CA LEU M 34 -24.40 -0.85 24.12
C LEU M 34 -24.25 -2.00 23.14
N SER M 35 -25.35 -2.50 22.57
CA SER M 35 -25.32 -3.53 21.56
C SER M 35 -24.71 -3.02 20.26
N GLU M 49 -8.76 -3.19 -2.78
CA GLU M 49 -7.46 -3.30 -2.12
C GLU M 49 -6.33 -3.50 -3.12
N ALA M 50 -6.38 -2.73 -4.21
CA ALA M 50 -5.39 -2.80 -5.28
C ALA M 50 -4.11 -2.04 -4.93
N GLN M 51 -3.30 -1.73 -5.95
CA GLN M 51 -2.00 -1.10 -5.75
C GLN M 51 -2.13 0.29 -5.16
N GLN M 52 -2.85 1.19 -5.84
CA GLN M 52 -3.05 2.54 -5.33
C GLN M 52 -4.03 2.58 -4.18
N HIS M 53 -4.81 1.51 -3.99
CA HIS M 53 -5.83 1.51 -2.96
C HIS M 53 -5.24 1.37 -1.58
N LEU M 54 -4.23 0.51 -1.41
CA LEU M 54 -3.87 0.03 -0.09
C LEU M 54 -3.14 1.07 0.75
N LEU M 55 -2.56 2.08 0.12
CA LEU M 55 -1.95 3.16 0.88
C LEU M 55 -2.89 4.33 1.05
N LYS M 56 -4.10 4.22 0.52
CA LYS M 56 -5.20 5.13 0.83
C LYS M 56 -6.30 4.47 1.64
N LEU M 57 -6.53 3.16 1.44
CA LEU M 57 -7.48 2.40 2.24
C LEU M 57 -6.99 2.10 3.64
N THR M 58 -5.73 2.38 3.96
CA THR M 58 -5.27 2.26 5.32
C THR M 58 -5.54 3.52 6.11
N VAL M 59 -5.41 4.70 5.48
CA VAL M 59 -5.77 5.95 6.12
C VAL M 59 -7.28 6.04 6.33
N TRP M 60 -8.06 5.32 5.53
CA TRP M 60 -9.47 5.14 5.84
C TRP M 60 -9.71 4.11 6.94
N GLY M 61 -8.66 3.45 7.42
CA GLY M 61 -8.79 2.50 8.49
C GLY M 61 -8.25 3.08 9.78
N ILE M 62 -7.35 4.04 9.65
CA ILE M 62 -6.83 4.76 10.81
C ILE M 62 -7.80 5.85 11.24
N LYS M 63 -8.32 6.62 10.29
CA LYS M 63 -9.23 7.70 10.62
C LYS M 63 -10.58 7.18 11.11
N GLN M 64 -10.94 5.94 10.80
CA GLN M 64 -12.09 5.29 11.41
C GLN M 64 -11.75 4.65 12.74
N LEU M 65 -10.49 4.70 13.17
CA LEU M 65 -10.09 4.28 14.49
C LEU M 65 -9.55 5.42 15.34
N GLN M 66 -9.26 6.57 14.76
CA GLN M 66 -8.91 7.74 15.54
C GLN M 66 -10.13 8.44 16.10
N ALA M 67 -11.33 7.97 15.72
CA ALA M 67 -12.59 8.42 16.28
C ALA M 67 -13.30 7.35 17.07
N ARG M 68 -13.10 6.08 16.71
CA ARG M 68 -13.69 4.99 17.48
C ARG M 68 -13.02 4.84 18.83
N VAL M 69 -11.70 5.04 18.88
CA VAL M 69 -10.99 5.10 20.16
C VAL M 69 -11.40 6.36 20.92
N LEU M 70 -11.70 7.44 20.21
CA LEU M 70 -12.19 8.66 20.85
C LEU M 70 -13.56 8.48 21.48
N ALA M 71 -14.35 7.51 21.00
CA ALA M 71 -15.58 7.17 21.71
C ALA M 71 -15.31 6.36 22.96
N VAL M 72 -14.14 5.72 23.06
CA VAL M 72 -13.82 4.96 24.26
C VAL M 72 -13.32 5.87 25.35
N GLU M 73 -12.31 6.68 25.06
CA GLU M 73 -11.72 7.53 26.08
C GLU M 73 -12.52 8.79 26.36
N ARG M 74 -13.66 8.95 25.72
CA ARG M 74 -14.65 9.93 26.16
C ARG M 74 -15.65 9.30 27.11
N TYR M 75 -15.90 8.01 26.95
CA TYR M 75 -16.79 7.28 27.83
C TYR M 75 -16.11 6.93 29.15
N LEU M 76 -14.81 6.64 29.12
CA LEU M 76 -14.06 6.35 30.32
C LEU M 76 -13.62 7.60 31.06
N ARG M 77 -13.79 8.77 30.48
CA ARG M 77 -13.58 10.01 31.19
C ARG M 77 -14.82 10.44 31.96
N ASP M 78 -15.90 9.66 31.88
CA ASP M 78 -17.07 9.81 32.72
C ASP M 78 -17.08 8.82 33.87
N GLN M 79 -16.65 7.58 33.62
CA GLN M 79 -16.54 6.62 34.72
C GLN M 79 -15.38 6.97 35.64
N GLN M 80 -14.34 7.64 35.14
CA GLN M 80 -13.35 8.21 36.06
C GLN M 80 -13.93 9.38 36.84
N LEU M 81 -15.01 9.98 36.37
CA LEU M 81 -15.67 11.05 37.10
C LEU M 81 -16.73 10.53 38.05
N LEU M 82 -17.46 9.49 37.65
CA LEU M 82 -18.41 8.87 38.57
C LEU M 82 -17.69 8.15 39.70
N GLY M 83 -16.54 7.54 39.41
CA GLY M 83 -15.80 6.83 40.43
C GLY M 83 -15.21 7.72 41.51
N ILE M 84 -15.00 9.00 41.21
CA ILE M 84 -14.59 9.93 42.25
C ILE M 84 -15.74 10.18 43.22
N TRP M 85 -16.95 10.35 42.70
CA TRP M 85 -18.11 10.59 43.55
C TRP M 85 -18.74 9.27 44.00
N GLY M 86 -17.94 8.39 44.55
CA GLY M 86 -18.51 7.22 45.17
C GLY M 86 -18.81 6.13 44.15
N CYS M 87 -20.04 6.15 43.67
CA CYS M 87 -20.56 5.08 42.84
C CYS M 87 -19.95 5.11 41.44
N SER M 88 -19.30 4.02 41.06
CA SER M 88 -18.90 3.80 39.68
C SER M 88 -19.64 2.59 39.14
N GLY M 89 -20.09 2.70 37.90
CA GLY M 89 -20.85 1.64 37.27
C GLY M 89 -22.34 1.69 37.52
N LYS M 90 -22.79 2.43 38.51
CA LYS M 90 -24.21 2.56 38.79
C LYS M 90 -24.78 3.71 37.98
N LEU M 91 -25.90 3.47 37.31
CA LEU M 91 -26.55 4.52 36.56
C LEU M 91 -27.32 5.44 37.50
N ILE M 92 -28.31 4.89 38.19
CA ILE M 92 -29.01 5.60 39.25
C ILE M 92 -28.23 5.41 40.54
N CYS M 93 -27.84 6.50 41.16
CA CYS M 93 -27.00 6.42 42.34
C CYS M 93 -27.31 7.57 43.27
N CYS M 94 -27.32 7.28 44.57
CA CYS M 94 -27.70 8.22 45.60
C CYS M 94 -26.49 8.52 46.48
N THR M 95 -26.42 9.72 47.02
CA THR M 95 -25.20 10.18 47.67
C THR M 95 -25.50 10.82 49.01
N ASN M 96 -24.53 10.74 49.92
CA ASN M 96 -24.62 11.36 51.24
C ASN M 96 -24.12 12.80 51.18
N VAL M 97 -24.89 13.63 50.50
CA VAL M 97 -24.68 15.08 50.54
C VAL M 97 -26.06 15.73 50.57
N PRO M 98 -26.34 16.63 51.51
CA PRO M 98 -27.70 17.18 51.63
C PRO M 98 -27.96 18.23 50.58
N TRP M 99 -29.11 18.14 49.92
CA TRP M 99 -29.50 19.11 48.90
C TRP M 99 -29.85 20.43 49.56
N ASN M 100 -28.99 21.43 49.36
CA ASN M 100 -29.31 22.78 49.79
C ASN M 100 -30.52 23.30 49.02
N SER M 101 -31.39 24.03 49.72
CA SER M 101 -32.51 24.66 49.04
C SER M 101 -32.10 25.90 48.27
N SER M 102 -30.86 26.38 48.44
CA SER M 102 -30.39 27.54 47.72
C SER M 102 -30.08 27.23 46.26
N TRP M 103 -29.95 25.96 45.88
CA TRP M 103 -29.86 25.63 44.46
C TRP M 103 -31.18 25.95 43.77
N SER M 104 -32.24 25.28 44.19
CA SER M 104 -33.58 25.57 43.71
C SER M 104 -34.57 25.37 44.85
N ASN M 105 -35.50 26.30 44.97
CA ASN M 105 -36.51 26.26 46.02
C ASN M 105 -37.83 25.68 45.49
N ARG M 106 -37.76 24.42 45.06
CA ARG M 106 -38.90 23.73 44.47
C ARG M 106 -39.10 22.40 45.16
N ASN M 107 -40.36 22.07 45.45
CA ASN M 107 -40.66 20.79 46.03
C ASN M 107 -40.52 19.68 44.99
N LEU M 108 -40.37 18.44 45.47
CA LEU M 108 -40.19 17.31 44.58
C LEU M 108 -41.46 16.99 43.79
N SER M 109 -42.62 17.43 44.28
CA SER M 109 -43.83 17.34 43.48
C SER M 109 -43.78 18.26 42.28
N GLU M 110 -43.01 19.34 42.37
CA GLU M 110 -42.87 20.30 41.29
C GLU M 110 -41.71 19.97 40.35
N ILE M 111 -41.10 18.79 40.47
CA ILE M 111 -39.85 18.51 39.77
C ILE M 111 -39.92 17.27 38.90
N TRP M 112 -40.29 16.14 39.47
CA TRP M 112 -40.28 14.89 38.72
C TRP M 112 -41.59 14.65 37.98
N ASP M 113 -42.44 15.64 37.88
CA ASP M 113 -43.74 15.48 37.25
C ASP M 113 -44.00 16.47 36.13
N ASN M 114 -43.42 17.67 36.19
CA ASN M 114 -43.73 18.71 35.23
C ASN M 114 -42.47 19.38 34.71
N MET M 115 -41.38 18.64 34.55
CA MET M 115 -40.17 19.20 33.99
C MET M 115 -39.48 18.19 33.10
N THR M 116 -38.78 18.71 32.10
CA THR M 116 -37.88 17.94 31.26
C THR M 116 -36.44 18.22 31.67
N TRP M 117 -35.55 17.31 31.31
CA TRP M 117 -34.17 17.35 31.76
C TRP M 117 -33.40 18.56 31.24
N LEU M 118 -33.81 19.14 30.11
CA LEU M 118 -33.10 20.29 29.57
C LEU M 118 -33.29 21.52 30.45
N GLN M 119 -34.43 21.64 31.14
CA GLN M 119 -34.70 22.82 31.93
C GLN M 119 -33.83 22.88 33.18
N TRP M 120 -33.25 21.76 33.58
CA TRP M 120 -32.28 21.77 34.67
C TRP M 120 -30.97 22.43 34.30
N ASP M 121 -30.50 22.28 33.07
CA ASP M 121 -29.31 23.00 32.65
C ASP M 121 -29.53 24.51 32.60
N LYS M 122 -30.77 24.96 32.47
CA LYS M 122 -31.09 26.38 32.58
C LYS M 122 -31.46 26.78 34.00
N GLU M 123 -31.26 25.88 34.97
CA GLU M 123 -31.65 26.21 36.34
C GLU M 123 -30.54 26.01 37.37
N ILE M 124 -29.74 24.97 37.25
CA ILE M 124 -28.73 24.69 38.27
C ILE M 124 -27.32 24.83 37.72
N SER M 125 -27.16 25.25 36.47
CA SER M 125 -25.82 25.39 35.92
C SER M 125 -25.13 26.63 36.47
N ASN M 126 -25.87 27.52 37.12
CA ASN M 126 -25.24 28.53 37.96
C ASN M 126 -24.53 27.93 39.16
N TYR M 127 -24.91 26.71 39.56
CA TYR M 127 -24.39 26.08 40.76
C TYR M 127 -23.76 24.71 40.48
N THR M 128 -23.75 24.28 39.21
CA THR M 128 -23.42 22.90 38.90
C THR M 128 -21.94 22.57 39.04
N GLN M 129 -21.08 23.56 39.23
CA GLN M 129 -19.70 23.29 39.57
C GLN M 129 -19.47 23.24 41.08
N ILE M 130 -20.42 23.75 41.85
CA ILE M 130 -20.32 23.70 43.30
C ILE M 130 -20.76 22.33 43.81
N ILE M 131 -21.79 21.75 43.19
CA ILE M 131 -22.26 20.41 43.54
C ILE M 131 -21.19 19.37 43.24
N TYR M 132 -20.40 19.57 42.20
CA TYR M 132 -19.38 18.60 41.86
C TYR M 132 -18.21 18.62 42.84
N GLY M 133 -18.01 19.73 43.55
CA GLY M 133 -17.04 19.75 44.62
C GLY M 133 -17.56 19.12 45.90
N LEU M 134 -18.85 19.28 46.17
CA LEU M 134 -19.43 18.69 47.37
C LEU M 134 -19.55 17.17 47.25
N LEU M 135 -19.74 16.67 46.03
CA LEU M 135 -19.76 15.23 45.78
C LEU M 135 -18.37 14.62 45.84
N GLU M 136 -17.32 15.44 45.80
CA GLU M 136 -15.96 14.94 45.86
C GLU M 136 -15.56 14.55 47.28
N GLU M 137 -15.69 15.49 48.21
CA GLU M 137 -15.26 15.26 49.58
C GLU M 137 -16.16 14.29 50.32
N SER M 138 -17.45 14.24 49.95
CA SER M 138 -18.40 13.37 50.62
C SER M 138 -18.13 11.89 50.40
N GLN M 139 -17.42 11.55 49.32
CA GLN M 139 -16.94 10.19 49.12
C GLN M 139 -15.42 10.14 49.11
N ASN M 140 -14.76 11.16 49.67
CA ASN M 140 -13.32 11.15 49.88
C ASN M 140 -12.96 10.76 51.31
N GLN M 141 -13.49 11.51 52.28
CA GLN M 141 -13.25 11.18 53.67
C GLN M 141 -14.05 9.97 54.15
N GLN M 142 -15.24 9.75 53.60
CA GLN M 142 -16.04 8.60 53.98
C GLN M 142 -15.48 7.32 53.37
N GLY N 10 -6.52 6.97 29.41
CA GLY N 10 -5.14 7.35 29.58
C GLY N 10 -4.96 8.29 30.75
N PHE N 11 -4.06 7.94 31.66
CA PHE N 11 -3.88 8.69 32.91
C PHE N 11 -2.38 8.74 33.25
N LEU N 12 -1.72 9.81 32.84
CA LEU N 12 -0.30 10.02 33.11
C LEU N 12 -0.15 10.84 34.40
N GLY N 13 1.05 11.36 34.64
CA GLY N 13 1.33 12.16 35.80
C GLY N 13 1.54 13.63 35.46
N ALA N 14 1.95 14.39 36.48
CA ALA N 14 2.28 15.81 36.31
C ALA N 14 3.51 16.16 37.14
N ALA N 15 4.69 15.89 36.58
CA ALA N 15 6.00 16.42 36.96
C ALA N 15 6.53 15.99 38.33
N GLY N 16 5.72 15.30 39.14
CA GLY N 16 6.14 14.86 40.46
C GLY N 16 6.47 16.01 41.40
N SER N 17 7.72 15.99 41.87
CA SER N 17 8.46 17.09 42.47
C SER N 17 8.02 17.49 43.88
N THR N 18 6.93 16.91 44.40
CA THR N 18 6.52 17.05 45.80
C THR N 18 5.52 15.96 46.14
N MET N 19 5.74 15.22 47.23
CA MET N 19 4.81 14.17 47.62
C MET N 19 3.50 14.77 48.12
N GLY N 20 3.58 15.81 48.95
CA GLY N 20 2.36 16.39 49.52
C GLY N 20 1.53 17.16 48.51
N ALA N 21 2.19 17.92 47.64
CA ALA N 21 1.49 18.67 46.60
C ALA N 21 1.03 17.77 45.46
N ALA N 22 1.47 16.52 45.42
CA ALA N 22 0.92 15.57 44.46
C ALA N 22 -0.52 15.25 44.78
N SER N 23 -0.80 14.91 46.04
CA SER N 23 -2.12 14.43 46.45
C SER N 23 -3.20 15.51 46.36
N MET N 24 -2.82 16.77 46.32
CA MET N 24 -3.81 17.81 46.02
C MET N 24 -4.14 17.84 44.53
N THR N 25 -3.12 17.73 43.67
CA THR N 25 -3.31 17.78 42.24
C THR N 25 -3.45 16.41 41.59
N LEU N 26 -3.43 15.34 42.39
CA LEU N 26 -3.65 13.99 41.87
C LEU N 26 -5.09 13.82 41.38
N THR N 27 -6.02 14.54 42.01
CA THR N 27 -7.43 14.44 41.65
C THR N 27 -7.74 15.16 40.35
N VAL N 28 -7.15 16.34 40.15
CA VAL N 28 -7.56 17.26 39.09
C VAL N 28 -7.13 16.82 37.70
N GLN N 29 -6.33 15.76 37.59
CA GLN N 29 -5.99 15.22 36.27
C GLN N 29 -7.17 14.54 35.59
N ALA N 30 -8.23 14.17 36.34
CA ALA N 30 -9.48 13.73 35.74
C ALA N 30 -10.72 14.25 36.45
N ARG N 31 -10.59 15.15 37.41
CA ARG N 31 -11.76 15.67 38.13
C ARG N 31 -12.52 16.70 37.32
N ASN N 32 -11.88 17.33 36.35
CA ASN N 32 -12.53 18.31 35.48
C ASN N 32 -12.38 18.00 34.00
N LEU N 33 -11.19 17.59 33.56
CA LEU N 33 -10.94 17.25 32.17
C LEU N 33 -9.69 16.39 32.07
N GLU N 49 -3.03 16.96 4.63
CA GLU N 49 -2.83 17.81 3.46
C GLU N 49 -1.55 17.45 2.73
N ALA N 50 -0.79 16.51 3.31
CA ALA N 50 0.51 16.12 2.80
C ALA N 50 0.45 15.47 1.43
N GLN N 51 -0.16 14.28 1.36
CA GLN N 51 -0.45 13.50 0.15
C GLN N 51 0.80 13.08 -0.63
N GLN N 52 1.99 13.25 -0.07
CA GLN N 52 3.24 12.88 -0.73
C GLN N 52 3.98 11.77 -0.01
N HIS N 53 3.99 11.79 1.32
CA HIS N 53 4.54 10.71 2.13
C HIS N 53 3.38 10.01 2.83
N LEU N 54 2.90 8.93 2.21
CA LEU N 54 1.81 8.13 2.75
C LEU N 54 2.33 6.91 3.50
N LEU N 55 3.62 6.88 3.81
CA LEU N 55 4.18 5.92 4.75
C LEU N 55 4.74 6.60 5.98
N LYS N 56 5.12 7.88 5.89
CA LYS N 56 5.57 8.60 7.06
C LYS N 56 4.40 8.91 8.00
N LEU N 57 3.20 9.00 7.47
CA LEU N 57 2.03 9.29 8.28
C LEU N 57 1.20 8.07 8.61
N THR N 58 1.27 7.03 7.79
CA THR N 58 0.48 5.83 8.03
C THR N 58 1.14 4.89 9.01
N VAL N 59 2.46 4.82 9.00
CA VAL N 59 3.17 4.02 10.00
C VAL N 59 3.15 4.72 11.35
N TRP N 60 3.47 6.01 11.36
CA TRP N 60 3.42 6.78 12.60
C TRP N 60 2.01 7.21 12.99
N GLY N 61 0.99 6.78 12.24
CA GLY N 61 -0.37 7.03 12.65
C GLY N 61 -0.86 5.83 13.41
N ILE N 62 -0.25 4.67 13.15
CA ILE N 62 -0.58 3.48 13.93
C ILE N 62 0.19 3.46 15.24
N LYS N 63 1.47 3.82 15.20
CA LYS N 63 2.30 3.80 16.40
C LYS N 63 1.90 4.86 17.41
N GLN N 64 1.24 5.93 16.97
CA GLN N 64 0.66 6.91 17.87
C GLN N 64 -0.77 6.57 18.23
N LEU N 65 -1.32 5.51 17.65
CA LEU N 65 -2.63 5.00 18.02
C LEU N 65 -2.55 3.65 18.71
N GLN N 66 -1.48 2.88 18.49
CA GLN N 66 -1.20 1.75 19.36
C GLN N 66 -0.81 2.19 20.75
N ALA N 67 -0.36 3.42 20.93
CA ALA N 67 -0.03 3.94 22.24
C ALA N 67 -1.20 4.67 22.88
N ARG N 68 -2.37 4.62 22.27
CA ARG N 68 -3.59 5.12 22.88
C ARG N 68 -4.58 4.04 23.20
N VAL N 69 -4.43 2.84 22.63
CA VAL N 69 -5.22 1.71 23.07
C VAL N 69 -4.54 1.03 24.26
N LEU N 70 -3.20 1.08 24.30
CA LEU N 70 -2.49 0.55 25.45
C LEU N 70 -2.73 1.41 26.68
N ALA N 71 -2.84 2.73 26.50
CA ALA N 71 -3.17 3.60 27.62
C ALA N 71 -4.61 3.44 28.08
N VAL N 72 -5.45 2.76 27.31
CA VAL N 72 -6.79 2.40 27.77
C VAL N 72 -6.77 1.04 28.42
N GLU N 73 -6.07 0.07 27.81
CA GLU N 73 -6.05 -1.27 28.36
C GLU N 73 -5.16 -1.41 29.58
N ARG N 74 -4.22 -0.50 29.79
CA ARG N 74 -3.51 -0.50 31.06
C ARG N 74 -4.34 0.12 32.16
N TYR N 75 -5.32 0.95 31.82
CA TYR N 75 -6.21 1.48 32.83
C TYR N 75 -7.22 0.42 33.25
N LEU N 76 -7.73 -0.36 32.31
CA LEU N 76 -8.72 -1.38 32.64
C LEU N 76 -8.08 -2.57 33.33
N ARG N 77 -6.82 -2.86 33.05
CA ARG N 77 -6.11 -3.92 33.76
C ARG N 77 -5.58 -3.45 35.10
N ASP N 78 -5.68 -2.16 35.40
CA ASP N 78 -5.32 -1.64 36.71
C ASP N 78 -6.51 -1.21 37.54
N GLN N 79 -7.68 -1.03 36.92
CA GLN N 79 -8.90 -1.04 37.69
C GLN N 79 -9.34 -2.46 38.02
N GLN N 80 -8.72 -3.46 37.40
CA GLN N 80 -8.99 -4.84 37.76
C GLN N 80 -8.24 -5.25 39.02
N LEU N 81 -7.06 -4.69 39.24
CA LEU N 81 -6.35 -4.96 40.49
C LEU N 81 -7.04 -4.26 41.65
N LEU N 82 -7.43 -3.00 41.47
CA LEU N 82 -8.15 -2.30 42.52
C LEU N 82 -9.56 -2.86 42.72
N GLY N 83 -10.09 -3.58 41.74
CA GLY N 83 -11.31 -4.33 41.97
C GLY N 83 -11.10 -5.53 42.86
N ILE N 84 -9.90 -6.10 42.84
CA ILE N 84 -9.60 -7.23 43.72
C ILE N 84 -9.47 -6.74 45.16
N TRP N 85 -8.78 -5.62 45.37
CA TRP N 85 -8.54 -5.11 46.70
C TRP N 85 -9.66 -4.20 47.20
N GLY N 86 -10.83 -4.25 46.57
CA GLY N 86 -11.96 -3.44 46.97
C GLY N 86 -11.84 -1.96 46.71
N CYS N 87 -10.81 -1.51 45.98
CA CYS N 87 -10.52 -0.10 45.78
C CYS N 87 -10.91 0.39 44.39
N SER N 88 -11.86 -0.27 43.74
CA SER N 88 -12.17 -0.01 42.34
C SER N 88 -12.83 1.36 42.17
N GLY N 89 -12.19 2.23 41.40
CA GLY N 89 -12.77 3.51 41.04
C GLY N 89 -12.18 4.65 41.84
N LYS N 90 -11.95 4.43 43.13
CA LYS N 90 -11.42 5.48 43.98
C LYS N 90 -9.96 5.71 43.67
N LEU N 91 -9.59 6.98 43.46
CA LEU N 91 -8.20 7.33 43.24
C LEU N 91 -7.40 7.13 44.53
N ILE N 92 -7.83 7.74 45.61
CA ILE N 92 -7.17 7.64 46.91
C ILE N 92 -8.03 6.74 47.77
N CYS N 93 -7.75 5.45 47.75
CA CYS N 93 -8.53 4.54 48.58
C CYS N 93 -7.77 4.20 49.85
N CYS N 94 -8.51 3.75 50.84
CA CYS N 94 -7.98 3.43 52.15
C CYS N 94 -8.33 1.98 52.49
N THR N 95 -7.36 1.24 53.02
CA THR N 95 -7.56 -0.18 53.23
C THR N 95 -7.04 -0.62 54.59
N ASN N 96 -7.53 -1.77 55.03
CA ASN N 96 -7.28 -2.27 56.37
C ASN N 96 -6.21 -3.36 56.35
N VAL N 97 -5.00 -2.96 56.00
CA VAL N 97 -3.81 -3.81 56.13
C VAL N 97 -2.73 -2.99 56.83
N PRO N 98 -2.30 -3.36 58.03
CA PRO N 98 -1.46 -2.48 58.84
C PRO N 98 0.00 -2.49 58.38
N TRP N 99 0.71 -1.43 58.76
CA TRP N 99 2.14 -1.34 58.46
C TRP N 99 2.92 -2.35 59.29
N ASN N 100 3.62 -3.25 58.60
CA ASN N 100 4.73 -3.95 59.23
C ASN N 100 5.87 -2.96 59.44
N SER N 101 6.72 -3.28 60.41
CA SER N 101 7.88 -2.43 60.66
C SER N 101 9.00 -2.67 59.66
N SER N 102 8.98 -3.79 58.94
CA SER N 102 10.05 -4.18 58.05
C SER N 102 9.84 -3.69 56.62
N TRP N 103 9.10 -2.60 56.43
CA TRP N 103 8.89 -2.03 55.10
C TRP N 103 9.40 -0.60 55.05
N SER N 104 10.61 -0.39 55.59
CA SER N 104 11.34 0.89 55.59
C SER N 104 10.53 1.98 56.30
N ASN N 105 10.35 1.76 57.60
CA ASN N 105 9.57 2.67 58.43
C ASN N 105 10.34 3.95 58.71
N ARG N 106 10.20 4.94 57.83
CA ARG N 106 10.85 6.23 58.00
C ARG N 106 9.94 7.17 58.77
N ASN N 107 10.31 8.44 58.83
CA ASN N 107 9.50 9.45 59.49
C ASN N 107 8.26 9.79 58.65
N LEU N 108 7.08 9.63 59.24
CA LEU N 108 5.85 9.89 58.51
C LEU N 108 5.57 11.37 58.31
N SER N 109 6.29 12.24 59.02
CA SER N 109 6.10 13.68 58.82
C SER N 109 6.74 14.13 57.51
N GLU N 110 8.05 13.94 57.37
CA GLU N 110 8.83 14.49 56.27
C GLU N 110 8.64 13.73 54.96
N ILE N 111 7.87 12.64 54.95
CA ILE N 111 7.57 11.95 53.71
C ILE N 111 6.72 12.84 52.81
N TRP N 112 5.70 13.46 53.39
CA TRP N 112 4.83 14.35 52.63
C TRP N 112 5.38 15.76 52.50
N ASP N 113 6.39 16.13 53.30
CA ASP N 113 6.85 17.51 53.30
C ASP N 113 7.82 17.78 52.15
N ASN N 114 8.97 17.12 52.16
CA ASN N 114 10.04 17.36 51.18
C ASN N 114 10.49 16.02 50.64
N MET N 115 9.79 15.52 49.61
CA MET N 115 10.07 14.26 48.93
C MET N 115 9.25 14.24 47.66
N THR N 116 9.79 13.63 46.62
CA THR N 116 9.03 13.35 45.42
C THR N 116 8.55 11.91 45.46
N TRP N 117 7.55 11.61 44.63
CA TRP N 117 7.02 10.25 44.58
C TRP N 117 8.00 9.28 43.94
N LEU N 118 8.97 9.77 43.16
CA LEU N 118 10.06 8.92 42.69
C LEU N 118 10.95 8.49 43.85
N GLN N 119 11.29 9.43 44.75
CA GLN N 119 12.21 9.12 45.83
C GLN N 119 11.59 8.16 46.83
N TRP N 120 10.28 8.23 47.03
CA TRP N 120 9.63 7.27 47.89
C TRP N 120 9.59 5.89 47.24
N ASP N 121 9.49 5.84 45.91
CA ASP N 121 9.40 4.56 45.22
C ASP N 121 10.69 3.77 45.32
N LYS N 122 11.83 4.45 45.43
CA LYS N 122 13.07 3.75 45.71
C LYS N 122 13.13 3.24 47.14
N GLU N 123 12.37 3.86 48.06
CA GLU N 123 12.47 3.53 49.47
C GLU N 123 11.84 2.19 49.82
N ILE N 124 11.01 1.61 48.94
CA ILE N 124 10.65 0.20 49.05
C ILE N 124 11.02 -0.50 47.76
N SER N 125 11.79 -1.57 47.88
CA SER N 125 12.33 -2.25 46.72
C SER N 125 11.54 -3.49 46.37
N ASN N 126 11.51 -4.46 47.29
CA ASN N 126 10.86 -5.73 47.06
C ASN N 126 9.69 -5.95 48.02
N TYR N 127 9.35 -4.96 48.83
CA TYR N 127 8.19 -5.07 49.68
C TYR N 127 6.90 -4.77 48.94
N THR N 128 6.98 -4.19 47.74
CA THR N 128 5.79 -3.93 46.94
C THR N 128 5.15 -5.23 46.49
N GLN N 129 5.97 -6.25 46.21
CA GLN N 129 5.43 -7.54 45.80
C GLN N 129 4.72 -8.26 46.94
N ILE N 130 5.13 -8.00 48.19
CA ILE N 130 4.47 -8.65 49.33
C ILE N 130 3.45 -7.74 50.01
N ILE N 131 3.45 -6.44 49.70
CA ILE N 131 2.32 -5.60 50.10
C ILE N 131 1.08 -6.01 49.33
N TYR N 132 1.25 -6.33 48.05
CA TYR N 132 0.11 -6.71 47.20
C TYR N 132 -0.44 -8.06 47.58
N GLY N 133 0.41 -8.97 48.06
CA GLY N 133 -0.04 -10.30 48.43
C GLY N 133 -0.94 -10.34 49.65
N LEU N 134 -0.84 -9.35 50.53
CA LEU N 134 -1.74 -9.31 51.67
C LEU N 134 -3.10 -8.76 51.27
N LEU N 135 -3.12 -7.78 50.35
CA LEU N 135 -4.37 -7.15 49.96
C LEU N 135 -5.25 -8.10 49.15
N GLU N 136 -4.66 -9.09 48.49
CA GLU N 136 -5.46 -10.11 47.84
C GLU N 136 -6.11 -11.04 48.86
N GLU N 137 -5.40 -11.33 49.95
CA GLU N 137 -5.91 -12.22 50.98
C GLU N 137 -6.78 -11.51 52.00
N SER N 138 -6.49 -10.25 52.32
CA SER N 138 -7.28 -9.52 53.30
C SER N 138 -8.69 -9.24 52.80
N GLN N 139 -8.85 -9.08 51.49
CA GLN N 139 -10.20 -9.01 50.92
C GLN N 139 -10.86 -10.37 50.92
N ASN N 140 -10.08 -11.42 50.64
CA ASN N 140 -10.64 -12.77 50.70
C ASN N 140 -10.91 -13.20 52.13
N GLN N 141 -10.15 -12.68 53.09
CA GLN N 141 -10.54 -12.82 54.49
C GLN N 141 -11.81 -12.03 54.78
N GLN N 142 -11.90 -10.81 54.26
CA GLN N 142 -13.11 -10.02 54.35
C GLN N 142 -14.24 -10.64 53.53
N GLU N 143 -13.92 -11.42 52.51
CA GLU N 143 -14.94 -12.20 51.82
C GLU N 143 -15.44 -13.34 52.70
N LYS N 144 -14.56 -13.91 53.52
CA LYS N 144 -14.95 -14.93 54.49
C LYS N 144 -15.38 -14.32 55.81
N ASN N 145 -15.44 -13.00 55.91
CA ASN N 145 -15.93 -12.30 57.08
C ASN N 145 -17.32 -11.71 56.90
N GLU N 146 -17.58 -11.07 55.77
CA GLU N 146 -18.91 -10.52 55.51
C GLU N 146 -19.94 -11.61 55.23
N GLN N 147 -19.51 -12.78 54.77
CA GLN N 147 -20.40 -13.90 54.54
C GLN N 147 -20.40 -14.89 55.70
N ASP N 148 -19.88 -14.49 56.86
CA ASP N 148 -19.88 -15.31 58.06
C ASP N 148 -20.58 -14.62 59.22
N LEU N 149 -21.47 -13.68 58.94
CA LEU N 149 -22.18 -12.94 59.97
C LEU N 149 -23.60 -13.45 60.13
N VAL O 7 -9.16 -8.66 28.94
CA VAL O 7 -9.90 -7.91 27.93
C VAL O 7 -9.66 -8.51 26.56
N PHE O 8 -8.61 -9.30 26.42
CA PHE O 8 -8.08 -9.69 25.13
C PHE O 8 -8.92 -10.81 24.50
N LEU O 9 -8.51 -11.23 23.29
CA LEU O 9 -9.21 -12.26 22.54
C LEU O 9 -8.52 -13.62 22.60
N GLY O 10 -7.19 -13.64 22.66
CA GLY O 10 -6.47 -14.88 22.93
C GLY O 10 -6.12 -14.96 24.40
N PHE O 11 -7.03 -14.43 25.23
CA PHE O 11 -6.78 -14.23 26.65
C PHE O 11 -6.99 -15.53 27.43
N LEU O 12 -8.09 -16.22 27.18
CA LEU O 12 -8.35 -17.52 27.78
C LEU O 12 -8.32 -18.60 26.71
N GLY O 13 -7.13 -19.10 26.42
CA GLY O 13 -6.96 -20.35 25.71
C GLY O 13 -6.41 -21.37 26.68
N ALA O 14 -6.81 -21.22 27.94
CA ALA O 14 -6.44 -22.13 29.02
C ALA O 14 -7.66 -22.88 29.54
N ALA O 15 -8.52 -23.31 28.62
CA ALA O 15 -9.70 -24.09 28.98
C ALA O 15 -9.24 -25.49 29.31
N GLY O 16 -8.91 -25.71 30.57
CA GLY O 16 -8.42 -26.99 31.01
C GLY O 16 -9.53 -27.98 31.29
N SER O 17 -9.45 -28.66 32.43
CA SER O 17 -10.44 -29.68 32.79
C SER O 17 -11.22 -29.30 34.05
N THR O 18 -10.55 -29.03 35.16
CA THR O 18 -11.25 -28.80 36.41
C THR O 18 -11.77 -27.37 36.45
N MET O 19 -13.09 -27.23 36.62
CA MET O 19 -13.70 -25.92 36.84
C MET O 19 -13.19 -25.30 38.14
N GLY O 20 -12.94 -26.13 39.15
CA GLY O 20 -12.36 -25.63 40.38
C GLY O 20 -10.94 -25.12 40.19
N ALA O 21 -10.20 -25.70 39.25
CA ALA O 21 -8.90 -25.15 38.91
C ALA O 21 -9.02 -24.04 37.88
N ALA O 22 -10.07 -24.06 37.05
CA ALA O 22 -10.27 -22.99 36.08
C ALA O 22 -10.71 -21.70 36.77
N SER O 23 -11.55 -21.82 37.81
CA SER O 23 -11.90 -20.67 38.62
C SER O 23 -10.71 -20.15 39.42
N MET O 24 -9.73 -21.00 39.70
CA MET O 24 -8.50 -20.54 40.34
C MET O 24 -7.69 -19.66 39.41
N THR O 25 -7.54 -20.07 38.15
CA THR O 25 -6.84 -19.27 37.15
C THR O 25 -7.77 -18.33 36.41
N LEU O 26 -9.01 -18.19 36.87
CA LEU O 26 -9.90 -17.17 36.30
C LEU O 26 -9.45 -15.78 36.70
N THR O 27 -8.82 -15.63 37.87
CA THR O 27 -8.43 -14.33 38.40
C THR O 27 -6.96 -14.01 38.18
N VAL O 28 -6.10 -15.02 37.99
CA VAL O 28 -4.67 -14.79 37.88
C VAL O 28 -4.31 -14.20 36.53
N GLN O 29 -5.20 -14.28 35.54
CA GLN O 29 -4.94 -13.74 34.22
C GLN O 29 -5.08 -12.22 34.21
N ARG O 46 18.07 -12.04 5.91
CA ARG O 46 16.65 -11.86 6.19
C ARG O 46 16.02 -10.90 5.21
N ALA O 47 15.46 -11.44 4.13
CA ALA O 47 14.79 -10.58 3.15
C ALA O 47 13.53 -11.22 2.57
N PRO O 48 12.39 -11.18 3.27
CA PRO O 48 11.13 -11.61 2.64
C PRO O 48 10.40 -10.44 2.00
N GLU O 49 11.04 -9.27 1.98
CA GLU O 49 10.39 -7.98 1.70
C GLU O 49 9.78 -7.86 0.31
N ALA O 50 10.64 -7.84 -0.72
CA ALA O 50 10.31 -7.41 -2.08
C ALA O 50 9.63 -6.03 -2.08
N GLN O 51 10.18 -5.13 -1.26
CA GLN O 51 9.77 -3.72 -1.15
C GLN O 51 8.31 -3.55 -0.73
N GLN O 52 7.79 -4.55 -0.03
CA GLN O 52 6.38 -4.55 0.38
C GLN O 52 6.24 -4.99 1.81
N HIS O 53 7.35 -5.03 2.55
CA HIS O 53 7.29 -5.49 3.94
C HIS O 53 6.92 -4.35 4.87
N LEU O 54 6.87 -3.12 4.36
CA LEU O 54 6.31 -2.04 5.16
C LEU O 54 4.81 -1.92 4.88
N LEU O 55 4.33 -2.64 3.87
CA LEU O 55 2.90 -2.65 3.60
C LEU O 55 2.23 -3.85 4.24
N LYS O 56 3.00 -4.91 4.52
CA LYS O 56 2.43 -6.03 5.27
C LYS O 56 2.26 -5.68 6.73
N LEU O 57 3.18 -4.86 7.26
CA LEU O 57 3.16 -4.58 8.69
C LEU O 57 2.26 -3.40 9.01
N THR O 58 1.94 -2.58 8.00
CA THR O 58 1.01 -1.48 8.20
C THR O 58 -0.43 -1.96 8.11
N VAL O 59 -0.72 -2.78 7.09
CA VAL O 59 -2.08 -3.26 6.85
C VAL O 59 -2.54 -4.21 7.94
N TRP O 60 -1.69 -5.18 8.29
CA TRP O 60 -2.03 -6.07 9.39
C TRP O 60 -1.78 -5.44 10.75
N GLY O 61 -1.26 -4.23 10.81
CA GLY O 61 -1.25 -3.49 12.04
C GLY O 61 -2.66 -3.03 12.37
N ILE O 62 -3.43 -2.72 11.33
CA ILE O 62 -4.81 -2.30 11.51
C ILE O 62 -5.68 -3.47 11.98
N LYS O 63 -5.38 -4.66 11.46
CA LYS O 63 -6.15 -5.84 11.85
C LYS O 63 -5.89 -6.21 13.31
N GLN O 64 -4.71 -5.84 13.83
CA GLN O 64 -4.43 -6.06 15.24
C GLN O 64 -4.89 -4.88 16.08
N LEU O 65 -5.45 -3.86 15.43
CA LEU O 65 -6.01 -2.74 16.17
C LEU O 65 -7.53 -2.74 16.08
N GLN O 66 -8.09 -3.29 15.01
CA GLN O 66 -9.53 -3.46 14.94
C GLN O 66 -9.98 -4.64 15.79
N ALA O 67 -9.03 -5.49 16.18
CA ALA O 67 -9.36 -6.62 17.05
C ALA O 67 -9.20 -6.24 18.51
N ARG O 68 -8.22 -5.40 18.82
CA ARG O 68 -8.01 -4.98 20.20
C ARG O 68 -9.02 -3.96 20.67
N VAL O 69 -9.43 -3.03 19.81
CA VAL O 69 -10.38 -1.99 20.18
C VAL O 69 -11.77 -2.56 20.37
N LEU O 70 -12.19 -3.46 19.47
CA LEU O 70 -13.44 -4.20 19.66
C LEU O 70 -13.39 -5.10 20.90
N ALA O 71 -12.23 -5.64 21.25
CA ALA O 71 -12.09 -6.37 22.50
C ALA O 71 -12.20 -5.47 23.73
N VAL O 72 -11.95 -4.18 23.57
CA VAL O 72 -12.22 -3.25 24.67
C VAL O 72 -13.70 -2.98 24.77
N GLU O 73 -14.36 -2.76 23.64
CA GLU O 73 -15.77 -2.42 23.64
C GLU O 73 -16.67 -3.61 23.90
N ARG O 74 -16.12 -4.82 23.92
CA ARG O 74 -16.85 -5.95 24.46
C ARG O 74 -16.73 -6.00 25.97
N TYR O 75 -15.62 -5.53 26.52
CA TYR O 75 -15.47 -5.47 27.96
C TYR O 75 -16.37 -4.40 28.55
N LEU O 76 -16.50 -3.25 27.88
CA LEU O 76 -17.36 -2.19 28.39
C LEU O 76 -18.82 -2.49 28.17
N ARG O 77 -19.16 -3.27 27.15
CA ARG O 77 -20.53 -3.72 26.98
C ARG O 77 -20.92 -4.73 28.05
N ASP O 78 -19.95 -5.43 28.62
CA ASP O 78 -20.26 -6.41 29.66
C ASP O 78 -20.14 -5.85 31.07
N GLN O 79 -19.37 -4.78 31.26
CA GLN O 79 -19.36 -4.15 32.58
C GLN O 79 -20.65 -3.39 32.86
N GLN O 80 -21.39 -3.01 31.83
CA GLN O 80 -22.72 -2.46 32.04
C GLN O 80 -23.74 -3.57 32.32
N LEU O 81 -23.51 -4.76 31.81
CA LEU O 81 -24.40 -5.88 32.08
C LEU O 81 -24.16 -6.45 33.47
N LEU O 82 -22.91 -6.50 33.91
CA LEU O 82 -22.63 -6.81 35.31
C LEU O 82 -23.02 -5.68 36.25
N GLY O 83 -23.14 -4.47 35.74
CA GLY O 83 -23.59 -3.37 36.57
C GLY O 83 -25.07 -3.40 36.85
N ILE O 84 -25.86 -3.89 35.90
CA ILE O 84 -27.29 -4.10 36.14
C ILE O 84 -27.50 -5.19 37.17
N TRP O 85 -26.61 -6.17 37.23
CA TRP O 85 -26.64 -7.17 38.29
C TRP O 85 -25.93 -6.71 39.54
N GLY O 86 -25.47 -5.46 39.59
CA GLY O 86 -24.91 -4.87 40.79
C GLY O 86 -23.44 -5.10 40.99
N CYS O 87 -22.91 -6.20 40.45
CA CYS O 87 -21.53 -6.60 40.67
C CYS O 87 -20.67 -6.22 39.48
N SER O 88 -20.33 -4.93 39.41
CA SER O 88 -19.52 -4.42 38.33
C SER O 88 -18.08 -4.25 38.79
N GLY O 89 -17.15 -4.39 37.86
CA GLY O 89 -15.74 -4.27 38.17
C GLY O 89 -15.18 -5.38 39.04
N LYS O 90 -15.83 -6.53 39.08
CA LYS O 90 -15.41 -7.64 39.93
C LYS O 90 -15.57 -8.93 39.13
N LEU O 91 -14.69 -9.89 39.41
CA LEU O 91 -14.63 -11.11 38.62
C LEU O 91 -15.64 -12.15 39.10
N ILE O 92 -15.52 -12.58 40.35
CA ILE O 92 -16.43 -13.57 40.90
C ILE O 92 -17.57 -12.82 41.57
N CYS O 93 -18.74 -12.85 40.93
CA CYS O 93 -19.93 -12.18 41.43
C CYS O 93 -20.79 -13.19 42.18
N CYS O 94 -20.90 -13.02 43.49
CA CYS O 94 -21.81 -13.80 44.31
C CYS O 94 -23.11 -13.02 44.49
N THR O 95 -24.23 -13.66 44.21
CA THR O 95 -25.53 -13.00 44.18
C THR O 95 -26.43 -13.53 45.29
N ASN O 96 -27.67 -13.05 45.28
CA ASN O 96 -28.65 -13.39 46.30
C ASN O 96 -29.88 -14.06 45.68
N VAL O 97 -29.66 -15.00 44.78
CA VAL O 97 -30.74 -15.78 44.19
C VAL O 97 -30.31 -17.25 44.12
N PRO O 98 -31.15 -18.19 44.58
CA PRO O 98 -30.74 -19.58 44.60
C PRO O 98 -30.88 -20.25 43.24
N TRP O 99 -30.44 -21.51 43.19
CA TRP O 99 -30.52 -22.32 42.00
C TRP O 99 -31.94 -22.87 41.82
N ASN O 100 -32.11 -23.84 40.92
CA ASN O 100 -33.40 -24.47 40.74
C ASN O 100 -33.16 -25.95 40.45
N SER O 101 -34.21 -26.63 40.02
CA SER O 101 -34.11 -28.03 39.61
C SER O 101 -34.05 -28.20 38.11
N SER O 102 -34.58 -27.23 37.36
CA SER O 102 -34.54 -27.30 35.90
C SER O 102 -33.15 -27.00 35.34
N TRP O 103 -32.31 -26.31 36.11
CA TRP O 103 -31.02 -25.86 35.60
C TRP O 103 -29.91 -26.84 35.97
N SER O 104 -30.08 -28.10 35.54
CA SER O 104 -29.12 -29.19 35.66
C SER O 104 -28.71 -29.42 37.12
N ASN O 105 -29.70 -29.86 37.90
CA ASN O 105 -29.55 -30.01 39.35
C ASN O 105 -28.63 -31.19 39.68
N ARG O 106 -27.32 -30.92 39.59
CA ARG O 106 -26.31 -31.90 39.93
C ARG O 106 -25.97 -31.80 41.41
N ASN O 107 -24.86 -32.41 41.83
CA ASN O 107 -24.52 -32.59 43.23
C ASN O 107 -23.32 -31.76 43.67
N LEU O 108 -22.94 -30.74 42.89
CA LEU O 108 -21.85 -29.79 43.17
C LEU O 108 -20.50 -30.48 43.33
N SER O 109 -20.34 -31.68 42.76
CA SER O 109 -19.05 -32.34 42.72
C SER O 109 -18.76 -32.75 41.28
N GLU O 110 -19.81 -33.14 40.57
CA GLU O 110 -19.67 -33.53 39.17
C GLU O 110 -19.61 -32.32 38.26
N ILE O 111 -20.02 -31.15 38.73
CA ILE O 111 -20.00 -29.93 37.92
C ILE O 111 -19.03 -28.90 38.51
N TRP O 112 -18.14 -29.31 39.39
CA TRP O 112 -17.16 -28.37 39.91
C TRP O 112 -15.74 -28.88 40.00
N ASP O 113 -15.52 -30.19 40.00
CA ASP O 113 -14.16 -30.71 40.09
C ASP O 113 -13.77 -31.57 38.90
N ASN O 114 -14.72 -32.29 38.29
CA ASN O 114 -14.47 -33.01 37.05
C ASN O 114 -15.57 -32.66 36.04
N MET O 115 -15.41 -31.49 35.41
CA MET O 115 -16.21 -31.03 34.30
C MET O 115 -15.55 -29.78 33.71
N THR O 116 -15.33 -29.76 32.40
CA THR O 116 -14.79 -28.55 31.82
C THR O 116 -15.91 -27.53 31.63
N TRP O 117 -15.49 -26.26 31.53
CA TRP O 117 -16.46 -25.16 31.43
C TRP O 117 -17.26 -25.25 30.15
N LEU O 118 -16.64 -25.74 29.06
CA LEU O 118 -17.34 -25.91 27.80
C LEU O 118 -18.42 -26.97 27.91
N GLN O 119 -18.17 -28.04 28.66
CA GLN O 119 -19.21 -29.01 28.90
C GLN O 119 -20.29 -28.45 29.83
N TRP O 120 -19.89 -27.58 30.75
CA TRP O 120 -20.88 -26.96 31.62
C TRP O 120 -21.68 -25.88 30.89
N ASP O 121 -21.04 -25.16 29.98
CA ASP O 121 -21.74 -24.14 29.20
C ASP O 121 -22.72 -24.76 28.22
N LYS O 122 -22.40 -25.95 27.70
CA LYS O 122 -23.32 -26.64 26.80
C LYS O 122 -24.54 -27.18 27.53
N GLU O 123 -24.44 -27.36 28.85
CA GLU O 123 -25.57 -27.92 29.59
C GLU O 123 -26.64 -26.87 29.87
N ILE O 124 -26.23 -25.73 30.40
CA ILE O 124 -27.18 -24.73 30.88
C ILE O 124 -27.47 -23.68 29.82
N SER O 125 -27.11 -23.99 28.57
CA SER O 125 -27.33 -23.05 27.47
C SER O 125 -28.80 -22.84 27.17
N ASN O 126 -29.67 -23.79 27.54
CA ASN O 126 -31.10 -23.59 27.38
C ASN O 126 -31.66 -22.57 28.36
N TYR O 127 -30.95 -22.29 29.45
CA TYR O 127 -31.48 -21.44 30.51
C TYR O 127 -30.66 -20.19 30.79
N THR O 128 -29.60 -19.93 30.02
CA THR O 128 -28.79 -18.75 30.25
C THR O 128 -29.57 -17.48 29.94
N GLN O 129 -30.44 -17.51 28.92
CA GLN O 129 -31.34 -16.39 28.70
C GLN O 129 -32.47 -16.35 29.73
N ILE O 130 -32.71 -17.44 30.46
CA ILE O 130 -33.75 -17.46 31.48
C ILE O 130 -33.19 -17.09 32.85
N ILE O 131 -31.91 -17.38 33.11
CA ILE O 131 -31.29 -16.96 34.35
C ILE O 131 -31.11 -15.44 34.37
N TYR O 132 -30.77 -14.86 33.22
CA TYR O 132 -30.42 -13.44 33.15
C TYR O 132 -31.61 -12.53 33.40
N GLY O 133 -32.83 -13.02 33.16
CA GLY O 133 -34.00 -12.20 33.42
C GLY O 133 -34.25 -11.98 34.91
N LEU O 134 -34.28 -13.09 35.67
CA LEU O 134 -34.52 -12.99 37.10
C LEU O 134 -33.33 -12.41 37.85
N LEU O 135 -32.11 -12.62 37.34
CA LEU O 135 -30.94 -12.06 38.00
C LEU O 135 -30.88 -10.54 37.88
N GLU O 136 -31.51 -9.97 36.86
CA GLU O 136 -31.72 -8.53 36.84
C GLU O 136 -32.73 -8.11 37.91
N GLU O 137 -33.80 -8.91 38.08
CA GLU O 137 -34.84 -8.57 39.04
C GLU O 137 -34.36 -8.68 40.47
N SER O 138 -33.35 -9.52 40.74
CA SER O 138 -32.83 -9.66 42.09
C SER O 138 -32.00 -8.46 42.52
N GLN O 139 -31.56 -7.62 41.58
CA GLN O 139 -30.90 -6.38 41.95
C GLN O 139 -31.92 -5.26 42.13
N ASN O 140 -32.99 -5.28 41.34
CA ASN O 140 -34.03 -4.27 41.47
C ASN O 140 -34.77 -4.39 42.80
N GLN O 141 -34.84 -5.59 43.36
CA GLN O 141 -35.37 -5.74 44.71
C GLN O 141 -34.40 -5.20 45.74
N GLN O 142 -33.09 -5.38 45.51
CA GLN O 142 -32.09 -4.75 46.36
C GLN O 142 -31.94 -3.27 46.09
N GLU O 143 -32.54 -2.76 45.01
CA GLU O 143 -32.64 -1.33 44.78
C GLU O 143 -33.91 -0.73 45.35
N LYS O 144 -34.83 -1.57 45.85
CA LYS O 144 -36.04 -1.06 46.49
C LYS O 144 -35.78 -0.63 47.93
N ASN O 145 -34.80 -1.23 48.58
CA ASN O 145 -34.46 -0.90 49.96
C ASN O 145 -33.36 0.16 50.02
N GLU O 146 -33.58 1.27 49.32
CA GLU O 146 -32.62 2.36 49.26
C GLU O 146 -33.32 3.71 49.30
C1 NAG P . -33.63 45.23 9.89
C2 NAG P . -33.85 45.57 11.36
C3 NAG P . -34.58 46.92 11.48
C4 NAG P . -33.91 48.01 10.65
C5 NAG P . -33.58 47.53 9.23
C6 NAG P . -32.69 48.47 8.45
C7 NAG P . -34.14 43.82 13.04
C8 NAG P . -35.06 42.77 13.60
N2 NAG P . -34.61 44.52 12.01
O3 NAG P . -34.62 47.30 12.84
O4 NAG P . -34.86 49.08 10.53
O5 NAG P . -32.89 46.27 9.28
O6 NAG P . -31.40 48.57 9.04
O7 NAG P . -33.02 44.02 13.51
C1 NAG P . -34.39 50.38 10.98
C2 NAG P . -35.64 51.23 11.28
C3 NAG P . -35.21 52.61 11.78
C4 NAG P . -34.23 52.51 12.94
C5 NAG P . -33.06 51.60 12.55
C6 NAG P . -32.08 51.37 13.68
C7 NAG P . -37.53 50.55 9.87
C8 NAG P . -38.28 50.82 8.60
N2 NAG P . -36.47 51.35 10.10
O3 NAG P . -36.36 53.33 12.20
O4 NAG P . -33.73 53.79 13.28
O5 NAG P . -33.56 50.32 12.15
O6 NAG P . -30.91 52.16 13.53
O7 NAG P . -37.86 49.67 10.64
C1 NAG Q . -26.51 40.62 -21.38
C2 NAG Q . -25.52 41.68 -21.85
C3 NAG Q . -26.22 43.03 -21.96
C4 NAG Q . -27.48 42.95 -22.81
C5 NAG Q . -28.36 41.79 -22.33
C6 NAG Q . -29.53 41.48 -23.22
C7 NAG Q . -23.12 41.82 -21.36
C8 NAG Q . -22.08 41.91 -20.30
N2 NAG Q . -24.39 41.76 -20.94
O3 NAG Q . -25.29 43.98 -22.48
O4 NAG Q . -28.20 44.17 -22.63
O5 NAG Q . -27.60 40.57 -22.27
O6 NAG Q . -29.85 40.10 -23.19
O7 NAG Q . -22.83 41.80 -22.55
C1 NAG Q . -28.56 45.03 -23.78
C2 NAG Q . -27.31 45.51 -24.57
C3 NAG Q . -27.72 46.27 -25.84
C4 NAG Q . -28.73 45.47 -26.66
C5 NAG Q . -29.92 45.09 -25.79
C6 NAG Q . -30.94 44.25 -26.52
C7 NAG Q . -26.64 47.48 -23.15
C8 NAG Q . -25.49 48.06 -22.39
N2 NAG Q . -26.39 46.30 -23.76
O3 NAG Q . -26.57 46.54 -26.63
O4 NAG Q . -29.18 46.25 -27.76
O5 NAG Q . -29.46 44.32 -24.67
O6 NAG Q . -31.80 43.57 -25.61
O7 NAG Q . -27.72 48.05 -23.21
C1 NAG R . -24.59 19.61 -11.63
C2 NAG R . -23.22 20.10 -12.09
C3 NAG R . -22.91 19.56 -13.47
C4 NAG R . -23.08 18.04 -13.52
C5 NAG R . -24.43 17.62 -12.94
C6 NAG R . -24.55 16.13 -12.77
C7 NAG R . -22.10 22.23 -11.68
C8 NAG R . -22.20 23.71 -11.73
N2 NAG R . -23.18 21.55 -12.08
O3 NAG R . -21.58 19.91 -13.82
O4 NAG R . -23.02 17.64 -14.89
O5 NAG R . -24.60 18.21 -11.64
O6 NAG R . -23.30 15.54 -12.46
O7 NAG R . -21.09 21.66 -11.27
C1 NAG R . -21.85 16.84 -15.19
C2 NAG R . -22.27 15.78 -16.19
C3 NAG R . -21.08 14.90 -16.54
C4 NAG R . -19.91 15.75 -17.03
C5 NAG R . -19.59 16.87 -16.04
C6 NAG R . -18.57 17.85 -16.56
C7 NAG R . -24.34 14.49 -16.47
C8 NAG R . -25.40 13.68 -15.77
N2 NAG R . -23.37 14.98 -15.69
O3 NAG R . -21.46 13.95 -17.54
O4 NAG R . -18.75 14.92 -17.13
O5 NAG R . -20.79 17.63 -15.75
O6 NAG R . -18.92 19.18 -16.25
O7 NAG R . -24.36 14.68 -17.68
C1 BMA R . -18.40 14.64 -18.49
C2 BMA R . -16.89 14.49 -18.52
C3 BMA R . -16.40 13.89 -19.82
C4 BMA R . -17.21 12.66 -20.22
C5 BMA R . -18.69 13.00 -20.24
C6 BMA R . -19.58 11.81 -20.60
O2 BMA R . -16.49 13.55 -17.53
O3 BMA R . -15.05 13.53 -19.70
O4 BMA R . -16.81 12.22 -21.51
O5 BMA R . -19.05 13.46 -18.92
O6 BMA R . -18.97 10.62 -20.12
C1 MAN R . -14.28 14.32 -20.63
C2 MAN R . -12.89 13.63 -20.78
C3 MAN R . -12.12 13.84 -19.51
C4 MAN R . -11.91 15.33 -19.29
C5 MAN R . -13.28 15.97 -19.05
C6 MAN R . -13.22 17.48 -18.92
O2 MAN R . -12.11 14.30 -21.76
O3 MAN R . -10.87 13.19 -19.56
O4 MAN R . -11.08 15.56 -18.18
O5 MAN R . -14.16 15.68 -20.18
O6 MAN R . -11.92 17.84 -18.48
C1 MAN R . -12.27 13.71 -23.06
C2 MAN R . -10.89 13.77 -23.71
C3 MAN R . -10.46 15.23 -23.89
C4 MAN R . -11.55 16.06 -24.60
C5 MAN R . -12.92 15.87 -23.90
C6 MAN R . -14.07 16.51 -24.63
O2 MAN R . -10.92 13.22 -25.03
O3 MAN R . -9.24 15.34 -24.59
O4 MAN R . -11.20 17.43 -24.56
O5 MAN R . -13.19 14.45 -23.80
O6 MAN R . -15.20 16.51 -23.78
C1 NAG S . 32.04 10.14 7.65
C2 NAG S . 32.40 8.84 6.97
C3 NAG S . 32.83 9.10 5.53
C4 NAG S . 31.80 9.92 4.77
C5 NAG S . 31.35 11.15 5.57
C6 NAG S . 30.13 11.79 4.98
C7 NAG S . 33.48 6.79 7.73
C8 NAG S . 34.60 6.20 8.53
N2 NAG S . 33.42 8.13 7.71
O3 NAG S . 33.03 7.85 4.87
O4 NAG S . 32.41 10.38 3.57
O5 NAG S . 31.01 10.79 6.92
O6 NAG S . 29.29 10.83 4.36
O7 NAG S . 32.68 6.09 7.13
C1 NAG S . 31.82 9.76 2.40
C2 NAG S . 32.04 10.73 1.25
C3 NAG S . 31.40 10.17 -0.01
C4 NAG S . 31.94 8.78 -0.30
C5 NAG S . 31.86 7.87 0.93
C6 NAG S . 32.61 6.57 0.75
C7 NAG S . 32.22 13.17 1.33
C8 NAG S . 31.55 14.46 1.69
N2 NAG S . 31.52 12.06 1.55
O3 NAG S . 31.66 11.05 -1.09
O4 NAG S . 31.15 8.17 -1.32
O5 NAG S . 32.42 8.51 2.08
O6 NAG S . 33.79 6.57 1.54
O7 NAG S . 33.35 13.14 0.86
C1 BMA S . 31.82 8.16 -2.59
C2 BMA S . 31.30 6.94 -3.34
C3 BMA S . 31.68 7.00 -4.82
C4 BMA S . 31.38 8.35 -5.44
C5 BMA S . 32.03 9.46 -4.62
C6 BMA S . 31.68 10.84 -5.14
O2 BMA S . 29.89 6.92 -3.31
O3 BMA S . 30.99 5.99 -5.52
O4 BMA S . 31.90 8.39 -6.75
O5 BMA S . 31.54 9.37 -3.29
O6 BMA S . 31.98 11.80 -4.13
C1 MAN S . 31.94 5.07 -6.08
C2 MAN S . 31.17 4.14 -7.07
C3 MAN S . 30.37 3.11 -6.30
C4 MAN S . 31.31 2.31 -5.41
C5 MAN S . 31.87 3.27 -4.36
C6 MAN S . 32.81 2.61 -3.39
O2 MAN S . 32.07 3.35 -7.82
O3 MAN S . 29.65 2.25 -7.15
O4 MAN S . 30.61 1.26 -4.79
O5 MAN S . 32.61 4.32 -5.03
O6 MAN S . 32.32 1.31 -3.11
C1 MAN S . 32.39 4.00 -9.06
C2 MAN S . 32.54 2.88 -10.11
C3 MAN S . 33.71 1.99 -9.72
C4 MAN S . 35.00 2.82 -9.52
C5 MAN S . 34.73 3.93 -8.49
C6 MAN S . 35.88 4.88 -8.32
O2 MAN S . 32.87 3.43 -11.38
O3 MAN S . 33.94 0.97 -10.68
O4 MAN S . 36.02 1.98 -9.04
O5 MAN S . 33.60 4.71 -8.94
O6 MAN S . 35.61 5.73 -7.21
C1 NAG T . -1.34 -27.72 -10.15
C2 NAG T . -2.10 -27.16 -11.33
C3 NAG T . -1.16 -26.96 -12.50
C4 NAG T . 0.03 -26.10 -12.10
C5 NAG T . 0.68 -26.61 -10.81
C6 NAG T . 1.69 -25.64 -10.23
C7 NAG T . -4.40 -27.49 -12.06
C8 NAG T . -5.46 -28.48 -12.43
N2 NAG T . -3.23 -28.00 -11.70
O3 NAG T . -1.90 -26.35 -13.55
O4 NAG T . 1.03 -26.15 -13.11
O5 NAG T . -0.30 -26.83 -9.78
O6 NAG T . 1.14 -24.34 -10.07
O7 NAG T . -4.61 -26.29 -12.10
C1 NAG T . 0.98 -24.96 -13.93
C2 NAG T . 2.38 -24.48 -14.29
C3 NAG T . 2.29 -23.28 -15.23
C4 NAG T . 1.41 -23.58 -16.44
C5 NAG T . 0.05 -24.11 -15.97
C6 NAG T . -0.85 -24.53 -17.09
C7 NAG T . 4.45 -24.22 -13.00
C8 NAG T . 5.05 -23.80 -11.68
N2 NAG T . 3.13 -24.12 -13.09
O3 NAG T . 3.60 -22.90 -15.66
O4 NAG T . 1.18 -22.39 -17.17
O5 NAG T . 0.24 -25.24 -15.13
O6 NAG T . -2.22 -24.27 -16.79
O7 NAG T . 5.13 -24.62 -13.93
C1 BMA T . 1.87 -22.37 -18.44
C2 BMA T . 1.60 -20.97 -19.00
C3 BMA T . 2.48 -20.70 -20.20
C4 BMA T . 3.95 -20.96 -19.88
C5 BMA T . 4.09 -22.43 -19.47
C6 BMA T . 5.51 -22.82 -19.11
O2 BMA T . 1.95 -20.00 -18.03
O3 BMA T . 2.30 -19.37 -20.66
O4 BMA T . 4.76 -20.70 -21.01
O5 BMA T . 3.27 -22.65 -18.30
O6 BMA T . 6.06 -21.79 -18.30
C1 MAN T . 1.76 -19.46 -21.98
C2 MAN T . 1.83 -18.06 -22.62
C3 MAN T . 0.82 -17.16 -21.95
C4 MAN T . -0.58 -17.73 -22.17
C5 MAN T . -0.67 -19.09 -21.48
C6 MAN T . -1.97 -19.82 -21.75
O2 MAN T . 1.40 -18.11 -23.98
O3 MAN T . 0.89 -15.83 -22.45
O4 MAN T . -1.54 -16.85 -21.63
O5 MAN T . 0.40 -19.97 -21.97
O6 MAN T . -2.95 -18.86 -22.15
C1 MAN T . 2.53 -18.21 -24.87
C2 MAN T . 2.21 -17.37 -26.10
C3 MAN T . 1.05 -18.01 -26.85
C4 MAN T . 1.36 -19.48 -27.19
C5 MAN T . 1.70 -20.25 -25.91
C6 MAN T . 2.16 -21.65 -26.19
O2 MAN T . 3.28 -17.36 -27.02
O3 MAN T . 0.72 -17.29 -28.03
O4 MAN T . 0.24 -20.07 -27.81
O5 MAN T . 2.77 -19.56 -25.21
O6 MAN T . 1.46 -22.53 -25.31
C1 NAG U . -52.64 38.45 1.12
C2 NAG U . -53.52 39.28 2.09
C3 NAG U . -53.77 38.49 3.39
C4 NAG U . -54.34 37.11 3.10
C5 NAG U . -53.38 36.36 2.19
C6 NAG U . -53.90 35.00 1.77
C7 NAG U . -53.52 41.75 2.35
C8 NAG U . -54.96 41.73 1.93
N2 NAG U . -52.91 40.56 2.42
O3 NAG U . -54.67 39.22 4.22
O4 NAG U . -54.50 36.39 4.31
O5 NAG U . -53.19 37.11 0.97
O6 NAG U . -54.40 35.01 0.45
O7 NAG U . -52.95 42.79 2.64
C1 NAG V . -46.06 33.78 -17.56
C2 NAG V . -46.56 34.30 -18.91
C3 NAG V . -47.44 35.53 -18.69
C4 NAG V . -48.57 35.21 -17.71
C5 NAG V . -48.02 34.58 -16.43
C6 NAG V . -49.11 34.06 -15.52
C7 NAG V . -45.06 33.82 -20.78
C8 NAG V . -43.89 34.30 -21.60
N2 NAG V . -45.44 34.62 -19.80
O3 NAG V . -47.98 35.95 -19.93
O4 NAG V . -49.27 36.39 -17.37
O5 NAG V . -47.17 33.46 -16.73
O6 NAG V . -49.05 32.65 -15.39
O7 NAG V . -45.61 32.75 -21.01
C1 NAG W . -29.29 45.13 -17.73
C2 NAG W . -27.90 45.06 -18.38
C3 NAG W . -27.53 46.41 -18.98
C4 NAG W . -28.60 46.87 -19.96
C5 NAG W . -29.96 46.89 -19.27
C6 NAG W . -31.09 47.22 -20.21
C7 NAG W . -26.55 43.35 -17.25
C8 NAG W . -25.49 43.09 -16.24
N2 NAG W . -26.89 44.63 -17.43
O3 NAG W . -26.27 46.30 -19.65
O4 NAG W . -28.28 48.18 -20.44
O5 NAG W . -30.25 45.61 -18.71
O6 NAG W . -31.76 46.03 -20.65
O7 NAG W . -27.08 42.45 -17.89
C1 NAG X . -32.40 17.11 -10.91
C2 NAG X . -31.19 16.22 -10.64
C3 NAG X . -31.54 14.75 -10.87
C4 NAG X . -32.76 14.35 -10.04
C5 NAG X . -33.92 15.28 -10.37
C6 NAG X . -35.14 15.02 -9.51
C7 NAG X . -28.82 16.82 -11.03
C8 NAG X . -28.60 16.66 -9.55
N2 NAG X . -30.07 16.61 -11.48
O3 NAG X . -30.43 13.94 -10.52
O4 NAG X . -33.13 13.01 -10.34
O5 NAG X . -33.53 16.64 -10.13
O6 NAG X . -36.01 16.14 -9.51
O7 NAG X . -27.91 17.12 -11.79
C1 NAG Y . -46.21 15.47 24.19
C2 NAG Y . -45.85 14.23 25.05
C3 NAG Y . -47.12 13.51 25.51
C4 NAG Y . -48.08 14.49 26.20
C5 NAG Y . -48.40 15.64 25.25
C6 NAG Y . -49.28 16.69 25.88
C7 NAG Y . -44.12 12.51 24.89
C8 NAG Y . -43.35 11.60 23.98
N2 NAG Y . -45.00 13.31 24.30
O3 NAG Y . -46.79 12.46 26.41
O4 NAG Y . -49.27 13.82 26.57
O5 NAG Y . -47.17 16.29 24.88
O6 NAG Y . -49.30 16.58 27.30
O7 NAG Y . -43.95 12.50 26.11
C1 NAG Z . -39.01 33.74 10.94
C2 NAG Z . -38.89 35.17 11.47
C3 NAG Z . -39.01 35.18 13.00
C4 NAG Z . -40.27 34.45 13.45
C5 NAG Z . -40.31 33.06 12.84
C6 NAG Z . -41.57 32.29 13.16
C7 NAG Z . -37.55 36.61 10.01
C8 NAG Z . -36.18 37.16 9.74
N2 NAG Z . -37.65 35.78 11.06
O3 NAG Z . -39.05 36.53 13.46
O4 NAG Z . -40.29 34.34 14.87
O5 NAG Z . -40.23 33.15 11.41
O6 NAG Z . -41.43 30.92 12.82
O7 NAG Z . -38.52 36.90 9.33
C1 NAG AA . 31.87 17.68 9.62
C2 NAG AA . 30.80 17.50 8.55
C3 NAG AA . 30.42 18.84 7.96
C4 NAG AA . 29.96 19.80 9.06
C5 NAG AA . 31.04 19.93 10.12
C6 NAG AA . 30.61 20.74 11.31
C7 NAG AA . 30.73 15.37 7.30
C8 NAG AA . 29.57 14.97 8.18
N2 NAG AA . 31.26 16.59 7.52
O3 NAG AA . 29.37 18.65 7.01
O4 NAG AA . 29.66 21.09 8.51
O5 NAG AA . 31.42 18.63 10.61
O6 NAG AA . 31.23 22.02 11.32
O7 NAG AA . 31.15 14.63 6.41
C1 NAG BA . 53.85 3.48 11.47
C2 NAG BA . 54.65 4.52 12.30
C3 NAG BA . 56.03 3.95 12.64
C4 NAG BA . 55.91 2.58 13.31
C5 NAG BA . 55.06 1.65 12.45
C6 NAG BA . 54.80 0.31 13.11
C7 NAG BA . 53.89 6.75 11.57
C8 NAG BA . 54.25 7.98 10.78
N2 NAG BA . 54.81 5.78 11.58
O3 NAG BA . 56.70 4.85 13.52
O4 NAG BA . 57.20 2.01 13.47
O5 NAG BA . 53.78 2.25 12.21
O6 NAG BA . 53.53 -0.21 12.71
O7 NAG BA . 52.82 6.64 12.16
C1 NAG CA . 11.42 23.54 41.36
C2 NAG CA . 9.89 23.46 41.16
C3 NAG CA . 9.17 24.30 42.22
C4 NAG CA . 9.66 23.98 43.63
C5 NAG CA . 11.18 24.09 43.70
C6 NAG CA . 11.74 23.70 45.04
C7 NAG CA . 8.42 23.46 39.19
C8 NAG CA . 8.20 24.02 37.83
N2 NAG CA . 9.52 23.90 39.83
O3 NAG CA . 7.77 24.07 42.15
O4 NAG CA . 9.10 24.90 44.56
O5 NAG CA . 11.75 23.20 42.73
O6 NAG CA . 11.43 24.69 46.02
O7 NAG CA . 7.67 22.64 39.70
C1 NAG DA . 57.87 11.88 17.14
C2 NAG DA . 58.53 13.19 16.70
C3 NAG DA . 59.99 12.95 16.32
C4 NAG DA . 60.73 12.25 17.44
C5 NAG DA . 59.99 10.96 17.83
C6 NAG DA . 60.61 10.27 19.03
C7 NAG DA . 57.05 14.91 15.75
C8 NAG DA . 56.37 15.40 14.51
N2 NAG DA . 57.80 13.81 15.60
O3 NAG DA . 60.61 14.20 16.03
O4 NAG DA . 62.05 11.94 17.04
O5 NAG DA . 58.64 11.27 18.19
O6 NAG DA . 59.64 10.07 20.05
O7 NAG DA . 56.92 15.47 16.83
C1 NAG EA . 37.73 2.62 41.20
C2 NAG EA . 36.93 1.99 42.33
C3 NAG EA . 37.66 2.18 43.65
C4 NAG EA . 39.07 1.60 43.57
C5 NAG EA . 39.82 2.20 42.37
C6 NAG EA . 41.14 1.52 42.13
C7 NAG EA . 34.51 1.82 42.62
C8 NAG EA . 33.20 2.57 42.66
N2 NAG EA . 35.59 2.56 42.39
O3 NAG EA . 36.94 1.53 44.68
O4 NAG EA . 39.79 1.89 44.75
O5 NAG EA . 39.05 2.03 41.17
O6 NAG EA . 41.02 0.11 42.24
O7 NAG EA . 34.57 0.61 42.79
C1 NAG FA . 40.43 17.73 3.12
C2 NAG FA . 41.06 19.04 3.59
C3 NAG FA . 40.16 20.21 3.22
C4 NAG FA . 39.84 20.20 1.73
C5 NAG FA . 39.27 18.85 1.31
C6 NAG FA . 39.08 18.71 -0.18
C7 NAG FA . 42.52 18.72 5.53
C8 NAG FA . 42.61 18.74 7.02
N2 NAG FA . 41.32 19.02 5.01
O3 NAG FA . 40.81 21.43 3.57
O4 NAG FA . 38.89 21.22 1.44
O5 NAG FA . 40.18 17.80 1.70
O6 NAG FA . 39.97 17.76 -0.73
O7 NAG FA . 43.48 18.43 4.82
C1 NAG GA . 48.77 15.28 2.08
C2 NAG GA . 48.44 15.58 0.63
C3 NAG GA . 49.68 15.49 -0.23
C4 NAG GA . 50.78 16.41 0.31
C5 NAG GA . 51.05 16.11 1.78
C6 NAG GA . 52.00 17.08 2.43
C7 NAG GA . 46.12 15.02 0.05
C8 NAG GA . 45.19 13.98 -0.50
N2 NAG GA . 47.41 14.68 0.13
O3 NAG GA . 49.37 15.86 -1.57
O4 NAG GA . 51.98 16.25 -0.43
O5 NAG GA . 49.82 16.18 2.53
O6 NAG GA . 51.33 18.20 2.97
O7 NAG GA . 45.72 16.13 0.40
C1 NAG HA . 54.66 2.39 17.71
C2 NAG HA . 55.91 3.13 18.22
C3 NAG HA . 57.15 2.49 17.62
C4 NAG HA . 57.18 1.00 17.90
C5 NAG HA . 55.86 0.33 17.47
C6 NAG HA . 55.78 -1.12 17.88
C7 NAG HA . 56.21 5.49 18.77
C8 NAG HA . 56.09 6.91 18.29
N2 NAG HA . 55.85 4.55 17.90
O3 NAG HA . 58.31 3.12 18.16
O4 NAG HA . 58.26 0.40 17.18
O5 NAG HA . 54.75 1.01 18.07
O6 NAG HA . 54.93 -1.28 19.01
O7 NAG HA . 56.61 5.21 19.90
C1 NAG IA . 52.06 22.66 19.67
C2 NAG IA . 51.53 23.54 20.80
C3 NAG IA . 52.59 23.73 21.88
C4 NAG IA . 53.12 22.40 22.37
C5 NAG IA . 53.66 21.61 21.18
C6 NAG IA . 54.14 20.22 21.57
C7 NAG IA . 50.08 25.54 20.81
C8 NAG IA . 49.78 26.85 20.14
N2 NAG IA . 51.10 24.84 20.28
O3 NAG IA . 52.03 24.45 22.98
O4 NAG IA . 54.15 22.59 23.33
O5 NAG IA . 52.62 21.43 20.22
O6 NAG IA . 54.32 19.39 20.43
O7 NAG IA . 49.45 25.14 21.78
C1 NAG JA . -26.89 -44.07 7.66
C2 NAG JA . -28.03 -43.69 8.59
C3 NAG JA . -28.84 -44.92 8.99
C4 NAG JA . -29.31 -45.67 7.75
C5 NAG JA . -28.13 -46.00 6.86
C6 NAG JA . -28.53 -46.64 5.55
C7 NAG JA . -27.57 -41.68 9.93
C8 NAG JA . -27.00 -41.15 11.22
N2 NAG JA . -27.52 -43.00 9.78
O3 NAG JA . -29.97 -44.52 9.76
O4 NAG JA . -29.97 -46.88 8.13
O5 NAG JA . -27.42 -44.80 6.53
O6 NAG JA . -28.50 -45.69 4.50
O7 NAG JA . -28.06 -40.94 9.08
C1 NAG KA . 5.97 -35.70 -15.99
C2 NAG KA . 6.73 -36.97 -15.58
C3 NAG KA . 8.06 -36.59 -14.94
C4 NAG KA . 8.87 -35.69 -15.86
C5 NAG KA . 8.04 -34.47 -16.27
C6 NAG KA . 8.74 -33.61 -17.31
C7 NAG KA . 5.15 -38.79 -15.10
C8 NAG KA . 4.41 -39.52 -14.04
N2 NAG KA . 5.93 -37.78 -14.68
O3 NAG KA . 8.79 -37.78 -14.66
O4 NAG KA . 10.04 -35.24 -15.18
O5 NAG KA . 6.80 -34.91 -16.86
O6 NAG KA . 7.83 -32.68 -17.88
O7 NAG KA . 5.06 -39.08 -16.29
C1 NAG LA . 3.36 -39.49 -22.19
C2 NAG LA . 4.66 -38.80 -22.59
C3 NAG LA . 4.99 -39.10 -24.05
C4 NAG LA . 5.02 -40.61 -24.30
C5 NAG LA . 3.71 -41.24 -23.82
C6 NAG LA . 3.72 -42.75 -23.90
C7 NAG LA . 5.15 -36.77 -21.30
C8 NAG LA . 4.99 -35.29 -21.22
N2 NAG LA . 4.60 -37.36 -22.37
O3 NAG LA . 6.24 -38.53 -24.39
O4 NAG LA . 5.20 -40.88 -25.68
O5 NAG LA . 3.45 -40.90 -22.45
O6 NAG LA . 4.35 -43.32 -22.77
O7 NAG LA . 5.74 -37.41 -20.43
C1 NAG MA . -16.77 -46.53 -19.60
C2 NAG MA . -17.20 -47.94 -19.98
C3 NAG MA . -18.06 -47.89 -21.24
C4 NAG MA . -19.20 -46.90 -21.09
C5 NAG MA . -18.71 -45.54 -20.59
C6 NAG MA . -19.83 -44.58 -20.24
C7 NAG MA . -16.13 -50.14 -19.93
C8 NAG MA . -14.86 -50.91 -20.16
N2 NAG MA . -16.07 -48.83 -20.16
O3 NAG MA . -18.56 -49.18 -21.56
O4 NAG MA . -19.86 -46.73 -22.34
O5 NAG MA . -17.92 -45.70 -19.40
O6 NAG MA . -19.34 -43.45 -19.54
O7 NAG MA . -17.16 -50.69 -19.56
C1 NAG NA . -0.06 -54.42 -8.96
C2 NAG NA . 0.04 -54.79 -7.47
C3 NAG NA . -0.11 -56.30 -7.30
C4 NAG NA . -1.37 -56.82 -7.99
C5 NAG NA . -1.38 -56.38 -9.45
C6 NAG NA . -2.65 -56.76 -10.18
C7 NAG NA . 1.42 -53.97 -5.61
C8 NAG NA . 2.78 -53.51 -5.20
N2 NAG NA . 1.28 -54.33 -6.90
O3 NAG NA . -0.15 -56.63 -5.92
O4 NAG NA . -1.41 -58.24 -7.93
O5 NAG NA . -1.27 -54.95 -9.53
O6 NAG NA . -2.91 -55.88 -11.26
O7 NAG NA . 0.48 -54.03 -4.82
C1 NAG OA . 3.67 -32.34 -5.83
C2 NAG OA . 3.91 -30.83 -5.73
C3 NAG OA . 5.39 -30.54 -5.48
C4 NAG OA . 5.90 -31.30 -4.27
C5 NAG OA . 5.62 -32.79 -4.45
C6 NAG OA . 5.99 -33.61 -3.23
C7 NAG OA . 2.68 -29.04 -6.93
C8 NAG OA . 2.28 -28.50 -5.59
N2 NAG OA . 3.45 -30.14 -6.93
O3 NAG OA . 5.58 -29.14 -5.29
O4 NAG OA . 7.31 -31.10 -4.13
O5 NAG OA . 4.22 -33.00 -4.67
O6 NAG OA . 4.88 -33.75 -2.35
O7 NAG OA . 2.33 -28.51 -7.98
C1 NAG PA . -12.23 -43.96 -23.02
C2 NAG PA . -11.96 -45.40 -22.55
C3 NAG PA . -12.83 -46.40 -23.30
C4 NAG PA . -14.29 -45.98 -23.32
C5 NAG PA . -14.42 -44.53 -23.79
C6 NAG PA . -15.83 -44.01 -23.73
C7 NAG PA . -9.59 -45.40 -21.84
C8 NAG PA . -8.20 -45.88 -22.18
N2 NAG PA . -10.56 -45.76 -22.70
O3 NAG PA . -12.69 -47.69 -22.72
O4 NAG PA . -15.03 -46.82 -24.20
O5 NAG PA . -13.63 -43.69 -22.95
O6 NAG PA . -15.85 -42.60 -23.63
O7 NAG PA . -9.80 -44.72 -20.85
C1 NAG QA . -4.32 -32.43 31.28
C2 NAG QA . -4.07 -31.59 32.55
C3 NAG QA . -3.13 -32.32 33.51
C4 NAG QA . -3.61 -33.73 33.80
C5 NAG QA . -3.79 -34.47 32.48
C6 NAG QA . -4.35 -35.87 32.67
C7 NAG QA . -4.32 -29.23 31.92
C8 NAG QA . -3.59 -27.95 31.59
N2 NAG QA . -3.55 -30.28 32.21
O3 NAG QA . -3.05 -31.58 34.73
O4 NAG QA . -2.66 -34.42 34.60
O5 NAG QA . -4.73 -33.76 31.66
O6 NAG QA . -5.70 -35.83 33.13
O7 NAG QA . -5.55 -29.30 31.90
C1 NAG RA . -10.87 -53.69 -17.24
C2 NAG RA . -10.10 -53.70 -18.56
C3 NAG RA . -10.24 -55.06 -19.25
C4 NAG RA . -9.83 -56.18 -18.30
C5 NAG RA . -10.63 -56.08 -17.01
C6 NAG RA . -10.21 -57.10 -15.97
C7 NAG RA . -10.05 -51.41 -19.48
C8 NAG RA . -10.68 -50.46 -20.45
N2 NAG RA . -10.59 -52.64 -19.44
O3 NAG RA . -9.41 -55.08 -20.41
O4 NAG RA . -10.07 -57.44 -18.91
O5 NAG RA . -10.42 -54.78 -16.42
O6 NAG RA . -10.55 -56.67 -14.65
O7 NAG RA . -9.10 -51.10 -18.78
#